data_1OFD
#
_entry.id   1OFD
#
_cell.length_a   125.017
_cell.length_b   149.665
_cell.length_c   195.926
_cell.angle_alpha   90.00
_cell.angle_beta   90.00
_cell.angle_gamma   90.00
#
_symmetry.space_group_name_H-M   'P 21 21 21'
#
loop_
_entity.id
_entity.type
_entity.pdbx_description
1 polymer 'FERREDOXIN-DEPENDENT GLUTAMATE SYNTHASE 2'
2 non-polymer 'FLAVIN MONONUCLEOTIDE'
3 non-polymer 'FE3-S4 CLUSTER'
4 non-polymer '2-OXOGLUTARIC ACID'
5 water water
#
_entity_poly.entity_id   1
_entity_poly.type   'polypeptide(L)'
_entity_poly.pdbx_seq_one_letter_code
;CGVGFIANLRGKPDHTLVEQALKALGCMEHRGGCSADNDSGDGAGVMTAIPRELLAQWFNTRNLPMPDGDRLGVGMVFLP
QEPSAREVARAYVEEVVRLEKLTVLGWREVPVNSDVLGIQAKNNQPHIEQILVTCPEGCAGDELDRRLYIARSIIGKKLA
EDFYVCSFSCRTIVYKGMVRSIILGEFYLDLKNPGYTSNFAVYHRRFSTNTMPKWPLAQPMRLLGHNGEINTLLGNINWM
AAREKELEVSGWTKAELEALTPIVNQANSDSYNLDSALELLVRTGRSPLEAAMILVPEAYKNQPALKDYPEISDFHDYYS
GLQEPWDGPALLVFSDGKIVGAGLDRNGLRPARYCITKDDYIVLGSEAGVVDLPEVDIVEKGRLAPGQMIAVDLAEQKIL
KNYQIKQQAAQKYPYGEWIKIQRQTVASDSFAEKTLFNDAQTVLQQQAAFGYTAEDVEMVVVPMASQGKEPTFCMGDDTP
LAVLSHKPRLLYDYFKQRFAQVTNPPIDPLRENLVMSLAMFLGKRGNLLEPKAESARTIKLRSPLVNEVELQAIKTGQLQ
VAEVSTLYDLDGVNSLEDALTNLVKTAIATVQAGAEILVLTDRPNGAILTENQSFIPPLLAVGAVHHHLIRAGLRLKASL
IVDTAQCWSTHHFACLVGYGASAICPYLALESVRQWWLDEKTQKLMENGRLDRIDLPTALKNYRQSVEAGLFKILSKMGI
SLLASYHGAQIFEAIGLGAELVEYAFAGTTSRVGGLTIADVAGEVMVFHGMAFPEMAKKLENFGFVNYRPGGEYHMNSPE
MSKSLHKAVAAYKVGGNGNNGEAYDHYELYRQYLKDRPVTALRDLLDFNADQPAISLEEVESVESIVKRFCTGGMSLGAL
SREAHETLAIAMNRLGAKSNSGEGGEDVVRYLTLDDVDSEGNSPTLPHLHGLQNGDTANSAIKQIASGRFGVTPEYLMSG
KQLEIKMAQGAKPGEGGQLPGKKVSEYIAMLRRSKPGVTLISPPPHHDIYSIEDLAQLIYDLHQINPEAQVSVKLVAEIG
IGTIAAGVAKANADIIQISGHDGGTGASPLSSIKHAGSPWELGVTEVHRVLMENQLRDRVLLRADGGLKTGWDVVMAALM
GAEEYGFGSIAMIAEGCIMARVCHTNNCPVGVATQQERLRQRFKGVPGQVVNFFYFIAEEVRSLLAHLGYRSLDDIIGRT
DLLKVRSDVQLSKTQNLTLDCLLNLPDTKQNRQWLNHEPVHSNGPVLDDDILADPDIQEAINHQTTATKTYRLVNTDRTV
GTRLSGAIAKKYGNNGFEGNITLNFQGAAGQSFGAFNLDGMTLHLQGEANDYVGKGMNGGEIVIVPHPQASFAPEDNVII
GNTCLYGATGGNLYANGRAGERFAVRNSVGKAVIEGAGDHCCEYMTGGVIVVLGPVGRNVGAGMTGGLAYFLDEVGDLPE
KINPEIITLQRITASKGEEQLKSLITAHVEHTGSPKGKAILANWSDYLGKFWQAVPPSEKDSPEANNDVSLTGEKTLTSV
;
_entity_poly.pdbx_strand_id   A,B
#
loop_
_chem_comp.id
_chem_comp.type
_chem_comp.name
_chem_comp.formula
AKG non-polymer '2-OXOGLUTARIC ACID' 'C5 H6 O5'
F3S non-polymer 'FE3-S4 CLUSTER' 'Fe3 S4'
FMN non-polymer 'FLAVIN MONONUCLEOTIDE' 'C17 H21 N4 O9 P'
#
# COMPACT_ATOMS: atom_id res chain seq x y z
N CYS A 1 -54.16 1.86 26.25
CA CYS A 1 -54.38 1.88 27.73
C CYS A 1 -54.65 3.30 28.20
N GLY A 2 -55.36 3.44 29.31
CA GLY A 2 -55.48 4.71 30.00
C GLY A 2 -54.84 4.59 31.38
N VAL A 3 -54.21 5.65 31.87
CA VAL A 3 -53.49 5.59 33.15
C VAL A 3 -53.48 6.96 33.84
N GLY A 4 -53.32 6.98 35.15
CA GLY A 4 -53.22 8.26 35.83
C GLY A 4 -53.08 8.11 37.33
N PHE A 5 -53.05 9.23 38.02
CA PHE A 5 -53.02 9.23 39.48
C PHE A 5 -53.79 10.38 40.08
N ILE A 6 -54.16 10.19 41.34
CA ILE A 6 -54.82 11.22 42.12
C ILE A 6 -54.11 11.26 43.45
N ALA A 7 -53.88 12.47 43.96
CA ALA A 7 -53.27 12.61 45.28
C ALA A 7 -53.90 13.69 46.12
N ASN A 8 -54.25 13.30 47.35
CA ASN A 8 -54.70 14.21 48.39
C ASN A 8 -53.52 14.60 49.29
N LEU A 9 -53.02 15.83 49.14
CA LEU A 9 -51.82 16.23 49.87
C LEU A 9 -52.12 16.67 51.28
N ARG A 10 -53.15 17.51 51.43
CA ARG A 10 -53.38 18.24 52.67
C ARG A 10 -54.54 17.72 53.52
N GLY A 11 -55.54 17.11 52.88
CA GLY A 11 -56.68 16.59 53.62
C GLY A 11 -56.40 15.25 54.26
N LYS A 12 -57.25 14.84 55.21
CA LYS A 12 -57.15 13.52 55.82
C LYS A 12 -57.47 12.46 54.75
N PRO A 13 -56.80 11.30 54.79
CA PRO A 13 -57.08 10.20 53.86
C PRO A 13 -58.53 9.73 53.91
N ASP A 14 -59.16 9.63 52.74
CA ASP A 14 -60.60 9.40 52.69
C ASP A 14 -61.03 8.41 51.60
N HIS A 15 -62.32 8.09 51.59
CA HIS A 15 -62.87 7.19 50.60
C HIS A 15 -63.15 7.89 49.27
N THR A 16 -63.42 9.20 49.33
CA THR A 16 -63.72 9.99 48.13
C THR A 16 -62.71 9.82 47.02
N LEU A 17 -61.42 9.89 47.36
CA LEU A 17 -60.33 9.73 46.41
C LEU A 17 -60.41 8.36 45.71
N VAL A 18 -60.77 7.33 46.45
CA VAL A 18 -60.89 5.98 45.88
C VAL A 18 -62.04 5.89 44.86
N GLU A 19 -63.19 6.46 45.23
CA GLU A 19 -64.36 6.60 44.34
C GLU A 19 -63.99 7.37 43.07
N GLN A 20 -63.25 8.47 43.25
CA GLN A 20 -62.78 9.28 42.14
C GLN A 20 -61.89 8.48 41.21
N ALA A 21 -61.00 7.66 41.76
CA ALA A 21 -60.11 6.82 40.95
C ALA A 21 -60.93 5.83 40.11
N LEU A 22 -61.97 5.25 40.72
CA LEU A 22 -62.83 4.31 40.01
C LEU A 22 -63.62 4.98 38.89
N LYS A 23 -64.11 6.18 39.15
CA LYS A 23 -64.78 7.01 38.15
C LYS A 23 -63.82 7.35 37.02
N ALA A 24 -62.59 7.76 37.36
CA ALA A 24 -61.58 8.10 36.35
C ALA A 24 -61.28 6.89 35.44
N LEU A 25 -61.12 5.72 36.05
CA LEU A 25 -60.98 4.47 35.31
C LEU A 25 -62.13 4.30 34.31
N GLY A 26 -63.35 4.59 34.77
CA GLY A 26 -64.54 4.49 33.94
C GLY A 26 -64.53 5.42 32.73
N CYS A 27 -63.98 6.62 32.91
CA CYS A 27 -63.86 7.56 31.80
C CYS A 27 -62.80 7.13 30.79
N MET A 28 -61.98 6.15 31.15
CA MET A 28 -60.96 5.67 30.22
C MET A 28 -61.26 4.32 29.55
N GLU A 29 -62.51 3.89 29.62
CA GLU A 29 -62.92 2.60 29.08
C GLU A 29 -62.56 2.43 27.59
N HIS A 30 -62.82 3.47 26.79
CA HIS A 30 -62.52 3.46 25.36
C HIS A 30 -61.04 3.31 25.05
N ARG A 31 -60.16 3.52 26.05
CA ARG A 31 -58.72 3.34 25.88
C ARG A 31 -58.26 1.91 26.13
N GLY A 32 -59.16 1.08 26.65
CA GLY A 32 -58.88 -0.34 26.88
C GLY A 32 -59.65 -1.26 25.94
N GLY A 33 -59.42 -2.56 26.07
CA GLY A 33 -60.08 -3.53 25.21
C GLY A 33 -60.77 -4.62 26.03
N CYS A 34 -61.46 -5.51 25.33
CA CYS A 34 -62.15 -6.63 25.97
C CYS A 34 -61.79 -7.96 25.31
N SER A 35 -61.98 -9.06 26.05
CA SER A 35 -61.73 -10.42 25.55
C SER A 35 -62.78 -10.83 24.52
N ALA A 36 -62.73 -12.09 24.07
CA ALA A 36 -63.62 -12.57 23.01
C ALA A 36 -65.10 -12.62 23.43
N ASP A 37 -65.34 -12.73 24.73
CA ASP A 37 -66.71 -12.73 25.23
C ASP A 37 -67.32 -11.31 25.26
N ASN A 38 -66.52 -10.31 24.88
CA ASN A 38 -66.99 -8.92 24.78
C ASN A 38 -67.54 -8.42 26.12
N ASP A 39 -66.98 -8.96 27.19
CA ASP A 39 -67.50 -8.74 28.54
C ASP A 39 -66.32 -8.66 29.51
N SER A 40 -65.52 -9.72 29.59
CA SER A 40 -64.28 -9.67 30.37
C SER A 40 -63.35 -8.58 29.80
N GLY A 41 -62.64 -7.87 30.68
CA GLY A 41 -61.73 -6.82 30.27
C GLY A 41 -60.30 -7.32 30.09
N ASP A 42 -59.53 -6.57 29.28
CA ASP A 42 -58.10 -6.78 29.16
C ASP A 42 -57.35 -6.44 30.43
N GLY A 43 -58.02 -5.75 31.36
CA GLY A 43 -57.37 -5.37 32.60
C GLY A 43 -57.80 -4.01 33.09
N ALA A 44 -58.04 -3.92 34.40
CA ALA A 44 -58.24 -2.65 35.09
C ALA A 44 -57.70 -2.83 36.49
N GLY A 45 -57.11 -1.78 37.04
CA GLY A 45 -56.56 -1.87 38.38
C GLY A 45 -56.28 -0.53 39.01
N VAL A 46 -56.07 -0.57 40.32
CA VAL A 46 -55.73 0.61 41.09
C VAL A 46 -54.63 0.22 42.09
N MET A 47 -53.66 1.09 42.28
CA MET A 47 -52.72 0.96 43.39
C MET A 47 -53.08 2.03 44.39
N THR A 48 -53.12 1.68 45.67
CA THR A 48 -53.39 2.69 46.71
C THR A 48 -52.47 2.49 47.90
N ALA A 49 -52.65 3.35 48.92
CA ALA A 49 -51.99 3.12 50.20
C ALA A 49 -52.66 1.91 50.83
N ILE A 50 -52.02 1.34 51.86
CA ILE A 50 -52.62 0.21 52.56
C ILE A 50 -53.90 0.69 53.25
N PRO A 51 -55.04 0.02 53.05
CA PRO A 51 -56.30 0.43 53.69
C PRO A 51 -56.31 -0.01 55.15
N ARG A 52 -55.66 0.78 56.00
CA ARG A 52 -55.42 0.40 57.40
C ARG A 52 -56.73 0.19 58.18
N GLU A 53 -57.68 1.09 57.97
CA GLU A 53 -58.98 1.04 58.66
C GLU A 53 -59.73 -0.24 58.32
N LEU A 54 -59.62 -0.68 57.07
CA LEU A 54 -60.24 -1.92 56.61
C LEU A 54 -59.59 -3.17 57.23
N LEU A 55 -58.27 -3.25 57.17
CA LEU A 55 -57.50 -4.36 57.75
C LEU A 55 -57.62 -4.48 59.28
N ALA A 56 -57.87 -3.36 59.94
CA ALA A 56 -58.11 -3.35 61.39
C ALA A 56 -59.22 -4.31 61.83
N GLN A 57 -60.25 -4.46 61.01
CA GLN A 57 -61.35 -5.39 61.30
C GLN A 57 -60.88 -6.85 61.37
N TRP A 58 -59.96 -7.21 60.47
CA TRP A 58 -59.33 -8.53 60.48
C TRP A 58 -58.56 -8.77 61.78
N PHE A 59 -57.77 -7.78 62.21
CA PHE A 59 -57.05 -7.88 63.47
C PHE A 59 -57.98 -7.96 64.68
N ASN A 60 -59.06 -7.20 64.63
CA ASN A 60 -60.07 -7.19 65.68
C ASN A 60 -60.76 -8.54 65.89
N THR A 61 -61.18 -9.13 64.77
CA THR A 61 -61.84 -10.43 64.77
C THR A 61 -60.94 -11.50 65.42
N ARG A 62 -59.63 -11.36 65.23
CA ARG A 62 -58.65 -12.29 65.75
C ARG A 62 -58.06 -11.95 67.12
N ASN A 63 -58.55 -10.87 67.74
CA ASN A 63 -57.99 -10.37 69.00
C ASN A 63 -56.47 -10.17 68.90
N LEU A 64 -56.03 -9.68 67.75
CA LEU A 64 -54.61 -9.52 67.48
C LEU A 64 -54.21 -8.06 67.51
N PRO A 65 -53.03 -7.76 68.07
CA PRO A 65 -52.51 -6.39 67.99
C PRO A 65 -52.10 -6.05 66.56
N MET A 66 -52.50 -4.87 66.11
CA MET A 66 -52.15 -4.39 64.79
C MET A 66 -50.86 -3.56 64.86
N PRO A 67 -49.85 -3.96 64.10
CA PRO A 67 -48.57 -3.22 64.08
C PRO A 67 -48.77 -1.84 63.46
N ASP A 68 -47.87 -0.91 63.77
CA ASP A 68 -47.84 0.41 63.15
C ASP A 68 -47.77 0.26 61.64
N GLY A 69 -48.22 1.28 60.90
CA GLY A 69 -48.36 1.22 59.45
C GLY A 69 -47.12 0.81 58.70
N ASP A 70 -45.99 1.41 59.07
CA ASP A 70 -44.72 1.08 58.42
C ASP A 70 -44.14 -0.24 58.91
N ARG A 71 -44.83 -0.92 59.83
CA ARG A 71 -44.38 -2.23 60.31
C ARG A 71 -45.20 -3.43 59.82
N LEU A 72 -46.31 -3.15 59.12
CA LEU A 72 -47.21 -4.21 58.63
C LEU A 72 -47.03 -4.43 57.13
N GLY A 73 -46.48 -5.58 56.76
CA GLY A 73 -46.35 -5.93 55.36
C GLY A 73 -47.63 -6.59 54.87
N VAL A 74 -48.12 -6.23 53.70
CA VAL A 74 -49.32 -6.84 53.14
C VAL A 74 -49.01 -7.33 51.74
N GLY A 75 -49.30 -8.61 51.50
CA GLY A 75 -49.12 -9.21 50.18
C GLY A 75 -50.45 -9.54 49.57
N MET A 76 -50.72 -9.00 48.39
CA MET A 76 -51.93 -9.28 47.65
C MET A 76 -51.58 -10.41 46.68
N VAL A 77 -52.17 -11.60 46.88
CA VAL A 77 -51.71 -12.80 46.18
C VAL A 77 -52.84 -13.47 45.39
N PHE A 78 -52.56 -13.77 44.12
CA PHE A 78 -53.43 -14.62 43.32
C PHE A 78 -52.95 -16.05 43.53
N LEU A 79 -53.86 -16.94 43.97
CA LEU A 79 -53.53 -18.33 44.29
C LEU A 79 -54.37 -19.32 43.47
N PRO A 80 -53.93 -20.58 43.36
CA PRO A 80 -54.72 -21.60 42.68
C PRO A 80 -56.11 -21.76 43.28
N GLN A 81 -57.11 -21.98 42.43
CA GLN A 81 -58.46 -22.30 42.88
C GLN A 81 -58.55 -23.68 43.52
N GLU A 82 -57.88 -24.67 42.94
CA GLU A 82 -57.97 -26.04 43.46
C GLU A 82 -57.34 -26.11 44.86
N PRO A 83 -58.14 -26.47 45.87
CA PRO A 83 -57.70 -26.41 47.27
C PRO A 83 -56.35 -27.05 47.60
N SER A 84 -56.04 -28.24 47.06
CA SER A 84 -54.77 -28.87 47.41
C SER A 84 -53.61 -28.09 46.79
N ALA A 85 -53.78 -27.63 45.55
CA ALA A 85 -52.77 -26.78 44.91
C ALA A 85 -52.62 -25.43 45.63
N ARG A 86 -53.74 -24.88 46.09
CA ARG A 86 -53.76 -23.61 46.81
C ARG A 86 -52.92 -23.67 48.10
N GLU A 87 -52.96 -24.82 48.77
CA GLU A 87 -52.23 -24.98 50.02
C GLU A 87 -50.72 -25.16 49.80
N VAL A 88 -50.34 -25.83 48.71
CA VAL A 88 -48.92 -25.93 48.35
C VAL A 88 -48.38 -24.52 48.05
N ALA A 89 -49.17 -23.71 47.36
CA ALA A 89 -48.77 -22.35 47.03
C ALA A 89 -48.63 -21.46 48.27
N ARG A 90 -49.64 -21.52 49.14
CA ARG A 90 -49.62 -20.80 50.41
C ARG A 90 -48.39 -21.15 51.26
N ALA A 91 -48.10 -22.45 51.36
CA ALA A 91 -46.97 -22.94 52.14
C ALA A 91 -45.67 -22.38 51.56
N TYR A 92 -45.59 -22.25 50.25
CA TYR A 92 -44.39 -21.70 49.61
C TYR A 92 -44.21 -20.22 49.92
N VAL A 93 -45.27 -19.43 49.80
CA VAL A 93 -45.22 -18.00 50.18
C VAL A 93 -44.72 -17.85 51.63
N GLU A 94 -45.33 -18.58 52.55
CA GLU A 94 -44.90 -18.53 53.96
C GLU A 94 -43.44 -18.96 54.17
N GLU A 95 -43.02 -19.99 53.44
CA GLU A 95 -41.65 -20.47 53.50
C GLU A 95 -40.62 -19.38 53.13
N VAL A 96 -40.84 -18.68 52.02
CA VAL A 96 -39.88 -17.63 51.68
C VAL A 96 -39.96 -16.39 52.60
N VAL A 97 -41.16 -16.03 53.05
CA VAL A 97 -41.34 -14.96 54.05
C VAL A 97 -40.49 -15.24 55.32
N ARG A 98 -40.52 -16.50 55.78
CA ARG A 98 -39.72 -16.92 56.94
C ARG A 98 -38.21 -16.87 56.68
N LEU A 99 -37.80 -17.18 55.46
CA LEU A 99 -36.39 -17.13 55.06
C LEU A 99 -35.87 -15.68 55.06
N GLU A 100 -36.76 -14.71 54.91
CA GLU A 100 -36.41 -13.29 55.07
C GLU A 100 -36.51 -12.79 56.52
N LYS A 101 -36.63 -13.74 57.45
CA LYS A 101 -36.74 -13.48 58.90
C LYS A 101 -38.00 -12.71 59.29
N LEU A 102 -39.03 -12.78 58.45
CA LEU A 102 -40.30 -12.15 58.78
C LEU A 102 -41.27 -13.18 59.36
N THR A 103 -42.29 -12.67 60.05
CA THR A 103 -43.31 -13.49 60.71
C THR A 103 -44.65 -13.39 59.97
N VAL A 104 -45.26 -14.54 59.70
CA VAL A 104 -46.61 -14.55 59.11
C VAL A 104 -47.66 -14.42 60.22
N LEU A 105 -48.43 -13.35 60.16
CA LEU A 105 -49.55 -13.13 61.10
C LEU A 105 -50.78 -13.94 60.74
N GLY A 106 -50.98 -14.17 59.45
CA GLY A 106 -52.19 -14.84 58.98
C GLY A 106 -52.52 -14.42 57.58
N TRP A 107 -53.68 -14.86 57.08
CA TRP A 107 -54.16 -14.52 55.75
C TRP A 107 -55.57 -13.94 55.83
N ARG A 108 -55.88 -13.04 54.93
CA ARG A 108 -57.22 -12.46 54.81
C ARG A 108 -57.84 -12.90 53.49
N GLU A 109 -59.01 -13.55 53.53
CA GLU A 109 -59.74 -13.81 52.28
C GLU A 109 -60.29 -12.48 51.73
N VAL A 110 -59.90 -12.12 50.52
CA VAL A 110 -60.39 -10.89 49.89
C VAL A 110 -61.85 -11.07 49.41
N PRO A 111 -62.76 -10.21 49.87
CA PRO A 111 -64.18 -10.33 49.52
C PRO A 111 -64.43 -9.90 48.08
N VAL A 112 -64.96 -10.82 47.29
CA VAL A 112 -65.21 -10.55 45.89
C VAL A 112 -66.60 -11.00 45.49
N ASN A 113 -67.10 -10.46 44.39
CA ASN A 113 -68.33 -10.95 43.76
C ASN A 113 -68.02 -11.46 42.35
N SER A 114 -67.74 -12.76 42.24
CA SER A 114 -67.39 -13.40 40.96
C SER A 114 -68.51 -13.38 39.92
N ASP A 115 -69.75 -13.14 40.36
CA ASP A 115 -70.88 -13.14 39.43
C ASP A 115 -70.96 -11.88 38.55
N VAL A 116 -70.14 -10.87 38.82
CA VAL A 116 -70.12 -9.68 37.95
C VAL A 116 -69.13 -9.84 36.81
N LEU A 117 -68.28 -10.86 36.88
CA LEU A 117 -67.22 -11.07 35.90
C LEU A 117 -67.75 -11.57 34.56
N GLY A 118 -67.04 -11.26 33.48
CA GLY A 118 -67.34 -11.87 32.18
C GLY A 118 -67.00 -13.35 32.24
N ILE A 119 -67.54 -14.14 31.31
CA ILE A 119 -67.35 -15.60 31.36
C ILE A 119 -65.86 -16.07 31.30
N GLN A 120 -65.06 -15.51 30.40
CA GLN A 120 -63.66 -15.90 30.33
C GLN A 120 -62.89 -15.56 31.62
N ALA A 121 -63.01 -14.32 32.11
CA ALA A 121 -62.38 -13.93 33.38
C ALA A 121 -62.87 -14.75 34.57
N LYS A 122 -64.16 -15.09 34.57
CA LYS A 122 -64.76 -15.94 35.60
C LYS A 122 -64.13 -17.34 35.59
N ASN A 123 -63.94 -17.89 34.39
CA ASN A 123 -63.33 -19.21 34.21
C ASN A 123 -61.88 -19.23 34.70
N ASN A 124 -61.20 -18.08 34.49
CA ASN A 124 -59.77 -17.74 34.70
C ASN A 124 -59.42 -17.34 36.12
N GLN A 125 -60.43 -16.97 36.90
CA GLN A 125 -60.18 -16.22 38.13
C GLN A 125 -59.32 -16.98 39.15
N PRO A 126 -58.21 -16.40 39.60
CA PRO A 126 -57.46 -17.00 40.72
C PRO A 126 -58.18 -16.86 42.06
N HIS A 127 -57.73 -17.63 43.04
CA HIS A 127 -58.19 -17.41 44.40
C HIS A 127 -57.38 -16.30 45.06
N ILE A 128 -58.07 -15.27 45.55
CA ILE A 128 -57.39 -14.04 45.95
C ILE A 128 -57.39 -13.84 47.46
N GLU A 129 -56.19 -13.72 48.03
CA GLU A 129 -56.04 -13.55 49.47
C GLU A 129 -54.91 -12.57 49.73
N GLN A 130 -54.94 -11.96 50.92
CA GLN A 130 -53.84 -11.11 51.37
C GLN A 130 -53.09 -11.82 52.50
N ILE A 131 -51.76 -11.81 52.45
CA ILE A 131 -50.94 -12.29 53.57
C ILE A 131 -50.50 -11.10 54.42
N LEU A 132 -50.68 -11.23 55.73
CA LEU A 132 -50.22 -10.19 56.65
C LEU A 132 -48.94 -10.62 57.39
N VAL A 133 -47.95 -9.72 57.40
CA VAL A 133 -46.59 -10.05 57.82
C VAL A 133 -45.95 -8.92 58.67
N THR A 134 -45.04 -9.27 59.59
CA THR A 134 -44.25 -8.29 60.36
C THR A 134 -42.82 -8.76 60.59
N CYS A 135 -41.96 -7.82 61.00
CA CYS A 135 -40.59 -8.15 61.34
C CYS A 135 -40.36 -8.08 62.85
N PRO A 136 -40.05 -9.23 63.49
CA PRO A 136 -39.88 -9.27 64.95
C PRO A 136 -38.61 -8.55 65.42
N GLU A 137 -37.62 -8.43 64.53
CA GLU A 137 -36.42 -7.64 64.80
C GLU A 137 -36.68 -6.14 64.76
N GLY A 138 -37.85 -5.74 64.27
CA GLY A 138 -38.25 -4.34 64.26
C GLY A 138 -38.00 -3.56 62.98
N CYS A 139 -37.74 -4.25 61.86
CA CYS A 139 -37.61 -3.54 60.59
C CYS A 139 -38.92 -2.92 60.22
N ALA A 140 -38.83 -1.84 59.44
CA ALA A 140 -39.99 -1.05 59.08
C ALA A 140 -39.64 -0.31 57.80
N GLY A 141 -40.65 0.31 57.19
CA GLY A 141 -40.43 1.24 56.10
C GLY A 141 -39.57 0.68 54.98
N ASP A 142 -38.48 1.40 54.68
CA ASP A 142 -37.60 1.04 53.56
C ASP A 142 -37.05 -0.38 53.68
N GLU A 143 -36.57 -0.76 54.85
CA GLU A 143 -35.91 -2.07 54.99
C GLU A 143 -36.92 -3.21 54.88
N LEU A 144 -38.11 -2.99 55.44
CA LEU A 144 -39.18 -3.97 55.32
C LEU A 144 -39.60 -4.15 53.86
N ASP A 145 -39.74 -3.05 53.11
CA ASP A 145 -40.14 -3.16 51.71
C ASP A 145 -39.03 -3.79 50.88
N ARG A 146 -37.79 -3.59 51.32
CA ARG A 146 -36.65 -4.20 50.67
C ARG A 146 -36.67 -5.73 50.79
N ARG A 147 -37.04 -6.22 51.97
CA ARG A 147 -37.07 -7.66 52.23
C ARG A 147 -38.26 -8.32 51.57
N LEU A 148 -39.36 -7.58 51.49
CA LEU A 148 -40.56 -8.01 50.79
C LEU A 148 -40.30 -8.05 49.28
N TYR A 149 -39.50 -7.09 48.79
CA TYR A 149 -39.08 -7.08 47.39
C TYR A 149 -38.28 -8.34 47.08
N ILE A 150 -37.34 -8.69 47.95
CA ILE A 150 -36.56 -9.93 47.82
C ILE A 150 -37.46 -11.17 47.84
N ALA A 151 -38.41 -11.19 48.78
CA ALA A 151 -39.39 -12.28 48.91
C ALA A 151 -40.21 -12.40 47.63
N ARG A 152 -40.73 -11.27 47.14
CA ARG A 152 -41.46 -11.24 45.88
C ARG A 152 -40.65 -11.82 44.71
N SER A 153 -39.36 -11.47 44.67
CA SER A 153 -38.51 -11.92 43.58
C SER A 153 -38.32 -13.44 43.62
N ILE A 154 -38.16 -14.00 44.82
CA ILE A 154 -38.03 -15.45 44.99
C ILE A 154 -39.34 -16.18 44.68
N ILE A 155 -40.45 -15.70 45.21
CA ILE A 155 -41.77 -16.27 44.94
C ILE A 155 -42.08 -16.22 43.44
N GLY A 156 -41.58 -15.19 42.77
CA GLY A 156 -41.77 -14.99 41.35
C GLY A 156 -41.07 -15.97 40.41
N LYS A 157 -40.18 -16.80 40.95
CA LYS A 157 -39.55 -17.90 40.18
C LYS A 157 -40.59 -18.96 39.78
N LYS A 158 -41.71 -18.98 40.51
CA LYS A 158 -42.78 -19.92 40.25
C LYS A 158 -44.00 -19.25 39.62
N LEU A 159 -43.79 -18.08 39.00
CA LEU A 159 -44.86 -17.36 38.34
C LEU A 159 -45.75 -18.32 37.52
N ALA A 160 -47.07 -18.15 37.66
CA ALA A 160 -48.04 -18.86 36.83
C ALA A 160 -49.27 -17.99 36.72
N GLU A 161 -50.20 -18.33 35.82
CA GLU A 161 -51.41 -17.52 35.65
C GLU A 161 -52.20 -17.58 36.96
N ASP A 162 -51.75 -18.53 37.77
CA ASP A 162 -52.42 -19.08 38.92
C ASP A 162 -51.74 -18.75 40.25
N PHE A 163 -50.54 -18.19 40.18
CA PHE A 163 -49.68 -18.01 41.34
C PHE A 163 -48.81 -16.80 41.08
N TYR A 164 -49.25 -15.67 41.63
CA TYR A 164 -48.65 -14.39 41.31
C TYR A 164 -48.92 -13.43 42.44
N VAL A 165 -47.87 -12.73 42.87
CA VAL A 165 -47.99 -11.70 43.88
C VAL A 165 -48.13 -10.34 43.20
N CYS A 166 -49.30 -9.72 43.36
CA CYS A 166 -49.59 -8.41 42.77
C CYS A 166 -48.78 -7.29 43.42
N SER A 167 -48.62 -7.39 44.73
CA SER A 167 -47.89 -6.40 45.50
C SER A 167 -47.54 -7.01 46.85
N PHE A 168 -46.41 -6.60 47.40
CA PHE A 168 -45.96 -7.05 48.71
C PHE A 168 -45.13 -5.91 49.29
N SER A 169 -45.78 -5.14 50.17
CA SER A 169 -45.27 -3.87 50.65
C SER A 169 -45.96 -3.48 51.96
N CYS A 170 -45.29 -2.64 52.74
CA CYS A 170 -45.91 -2.00 53.89
C CYS A 170 -46.44 -0.59 53.58
N ARG A 171 -46.44 -0.22 52.29
CA ARG A 171 -46.86 1.14 51.92
C ARG A 171 -47.89 1.18 50.80
N THR A 172 -47.90 0.15 49.96
CA THR A 172 -48.70 0.16 48.74
C THR A 172 -49.42 -1.19 48.57
N ILE A 173 -50.55 -1.16 47.88
CA ILE A 173 -51.25 -2.40 47.52
C ILE A 173 -51.96 -2.22 46.17
N VAL A 174 -52.02 -3.30 45.40
CA VAL A 174 -52.64 -3.26 44.09
C VAL A 174 -53.86 -4.18 44.04
N TYR A 175 -55.02 -3.61 43.67
CA TYR A 175 -56.23 -4.39 43.39
C TYR A 175 -56.42 -4.36 41.88
N LYS A 176 -56.28 -5.49 41.20
CA LYS A 176 -56.42 -5.51 39.74
C LYS A 176 -57.14 -6.75 39.23
N GLY A 177 -57.71 -6.67 38.04
CA GLY A 177 -58.32 -7.85 37.45
C GLY A 177 -58.70 -7.70 35.98
N MET A 178 -59.18 -8.82 35.42
CA MET A 178 -59.56 -8.91 34.01
C MET A 178 -61.01 -8.45 33.81
N VAL A 179 -61.19 -7.14 34.04
CA VAL A 179 -62.51 -6.53 34.14
C VAL A 179 -62.57 -5.23 33.37
N ARG A 180 -63.77 -4.88 32.91
CA ARG A 180 -64.03 -3.51 32.45
C ARG A 180 -63.98 -2.55 33.65
N SER A 181 -63.72 -1.27 33.37
CA SER A 181 -63.46 -0.28 34.44
C SER A 181 -64.55 -0.23 35.50
N ILE A 182 -65.80 -0.16 35.08
CA ILE A 182 -66.90 -0.05 36.04
C ILE A 182 -67.16 -1.36 36.79
N ILE A 183 -66.54 -2.44 36.33
CA ILE A 183 -66.68 -3.74 37.00
C ILE A 183 -65.70 -3.92 38.18
N LEU A 184 -64.58 -3.19 38.15
CA LEU A 184 -63.49 -3.38 39.14
C LEU A 184 -63.99 -3.25 40.59
N GLY A 185 -64.69 -2.16 40.87
CA GLY A 185 -65.27 -1.93 42.18
C GLY A 185 -66.49 -2.79 42.48
N GLU A 186 -67.10 -3.40 41.47
CA GLU A 186 -68.20 -4.32 41.72
C GLU A 186 -67.64 -5.71 42.03
N PHE A 187 -66.45 -6.02 41.51
CA PHE A 187 -65.80 -7.30 41.79
C PHE A 187 -65.14 -7.27 43.18
N TYR A 188 -64.27 -6.30 43.43
CA TYR A 188 -63.65 -6.15 44.73
C TYR A 188 -64.53 -5.34 45.68
N LEU A 189 -65.24 -6.04 46.57
CA LEU A 189 -66.07 -5.37 47.59
C LEU A 189 -65.28 -4.34 48.43
N ASP A 190 -63.99 -4.61 48.68
CA ASP A 190 -63.14 -3.67 49.44
C ASP A 190 -63.17 -2.27 48.86
N LEU A 191 -63.15 -2.18 47.53
CA LEU A 191 -63.09 -0.88 46.86
C LEU A 191 -64.33 -0.02 47.01
N LYS A 192 -65.48 -0.64 47.30
CA LYS A 192 -66.71 0.11 47.57
C LYS A 192 -67.01 0.19 49.06
N ASN A 193 -66.13 -0.36 49.89
CA ASN A 193 -66.22 -0.22 51.36
C ASN A 193 -65.81 1.18 51.78
N PRO A 194 -66.73 1.94 52.38
CA PRO A 194 -66.44 3.32 52.80
C PRO A 194 -65.27 3.41 53.80
N GLY A 195 -64.94 2.28 54.43
CA GLY A 195 -63.75 2.18 55.26
C GLY A 195 -62.43 2.10 54.51
N TYR A 196 -62.48 1.95 53.18
CA TYR A 196 -61.28 1.99 52.35
C TYR A 196 -60.93 3.44 52.04
N THR A 197 -59.78 3.88 52.59
CA THR A 197 -59.30 5.25 52.40
C THR A 197 -57.84 5.22 51.96
N SER A 198 -57.40 6.27 51.27
CA SER A 198 -56.03 6.36 50.75
C SER A 198 -55.75 7.78 50.34
N ASN A 199 -54.52 8.23 50.57
CA ASN A 199 -54.11 9.56 50.12
C ASN A 199 -53.68 9.61 48.66
N PHE A 200 -53.60 8.46 48.01
CA PHE A 200 -53.28 8.45 46.59
C PHE A 200 -53.88 7.23 45.90
N ALA A 201 -53.98 7.32 44.57
CA ALA A 201 -54.27 6.16 43.74
C ALA A 201 -53.56 6.33 42.38
N VAL A 202 -53.02 5.22 41.88
CA VAL A 202 -52.55 5.07 40.51
C VAL A 202 -53.53 4.10 39.84
N TYR A 203 -54.22 4.50 38.77
CA TYR A 203 -55.19 3.63 38.11
C TYR A 203 -54.76 3.30 36.67
N HIS A 204 -55.18 2.15 36.16
CA HIS A 204 -54.77 1.74 34.81
C HIS A 204 -55.88 0.92 34.17
N ARG A 205 -56.23 1.23 32.91
CA ARG A 205 -57.15 0.41 32.11
C ARG A 205 -56.39 -0.11 30.89
N ARG A 206 -56.32 -1.43 30.73
CA ARG A 206 -55.42 -2.06 29.76
C ARG A 206 -56.06 -2.29 28.39
N PHE A 207 -55.29 -2.11 27.31
CA PHE A 207 -55.68 -2.57 25.99
C PHE A 207 -54.67 -3.64 25.58
N SER A 208 -55.12 -4.88 25.45
CA SER A 208 -54.21 -5.94 25.00
C SER A 208 -54.46 -6.37 23.54
N THR A 209 -53.48 -7.03 22.93
CA THR A 209 -53.60 -7.48 21.53
C THR A 209 -54.01 -8.94 21.42
N ASN A 210 -54.73 -9.43 22.41
CA ASN A 210 -55.28 -10.75 22.32
C ASN A 210 -56.58 -10.82 23.10
N THR A 211 -57.17 -11.99 23.09
CA THR A 211 -58.55 -12.14 23.45
C THR A 211 -58.62 -13.17 24.60
N MET A 212 -57.45 -13.43 25.18
CA MET A 212 -57.28 -14.48 26.18
C MET A 212 -56.65 -13.91 27.46
N PRO A 213 -57.50 -13.39 28.35
CA PRO A 213 -57.05 -12.62 29.50
C PRO A 213 -56.28 -13.49 30.49
N LYS A 214 -55.16 -12.99 31.02
CA LYS A 214 -54.45 -13.64 32.11
C LYS A 214 -54.31 -12.63 33.27
N TRP A 215 -54.80 -12.99 34.46
CA TRP A 215 -54.95 -12.03 35.57
C TRP A 215 -53.68 -11.28 36.00
N PRO A 216 -52.54 -11.96 36.08
CA PRO A 216 -51.28 -11.28 36.41
C PRO A 216 -50.89 -10.11 35.46
N LEU A 217 -51.47 -10.09 34.26
CA LEU A 217 -51.07 -9.13 33.25
C LEU A 217 -51.88 -7.84 33.28
N ALA A 218 -52.88 -7.76 34.16
CA ALA A 218 -53.52 -6.46 34.40
C ALA A 218 -52.47 -5.54 35.06
N GLN A 219 -52.72 -4.23 35.02
CA GLN A 219 -51.86 -3.26 35.70
C GLN A 219 -52.73 -2.42 36.64
N PRO A 220 -52.14 -1.66 37.58
CA PRO A 220 -50.70 -1.52 37.81
C PRO A 220 -49.94 -2.79 38.18
N MET A 221 -48.64 -2.72 37.98
CA MET A 221 -47.72 -3.72 38.50
C MET A 221 -47.30 -3.34 39.92
N ARG A 222 -46.08 -3.69 40.33
CA ARG A 222 -45.70 -3.46 41.74
C ARG A 222 -45.37 -2.00 42.00
N LEU A 223 -44.73 -1.36 41.03
CA LEU A 223 -44.37 0.04 41.14
C LEU A 223 -45.07 0.91 40.10
N LEU A 224 -45.29 0.34 38.92
CA LEU A 224 -45.56 1.14 37.72
C LEU A 224 -46.84 0.73 37.02
N GLY A 225 -47.59 1.73 36.56
CA GLY A 225 -48.57 1.56 35.48
C GLY A 225 -48.02 2.14 34.19
N HIS A 226 -48.14 1.39 33.09
CA HIS A 226 -47.43 1.73 31.87
C HIS A 226 -48.41 1.80 30.69
N ASN A 227 -48.48 2.96 30.05
CA ASN A 227 -49.15 3.09 28.76
C ASN A 227 -48.09 3.37 27.70
N GLY A 228 -47.96 2.45 26.75
CA GLY A 228 -47.02 2.62 25.66
C GLY A 228 -46.48 1.29 25.18
N GLU A 229 -45.35 1.36 24.47
CA GLU A 229 -44.80 0.19 23.80
C GLU A 229 -43.29 0.36 23.71
N ILE A 230 -42.54 -0.60 24.25
CA ILE A 230 -41.08 -0.55 24.19
C ILE A 230 -40.57 -1.11 22.85
N ASN A 231 -39.95 -0.25 22.05
CA ASN A 231 -39.58 -0.63 20.69
C ASN A 231 -38.15 -1.15 20.56
N THR A 232 -37.42 -1.21 21.67
CA THR A 232 -36.03 -1.69 21.67
C THR A 232 -35.87 -2.87 22.66
N LEU A 233 -36.99 -3.52 22.98
CA LEU A 233 -37.04 -4.44 24.13
C LEU A 233 -36.02 -5.58 24.12
N LEU A 234 -35.83 -6.23 22.98
CA LEU A 234 -34.93 -7.38 22.93
C LEU A 234 -33.53 -6.91 23.33
N GLY A 235 -33.15 -5.73 22.84
CA GLY A 235 -31.88 -5.13 23.18
C GLY A 235 -31.78 -4.75 24.64
N ASN A 236 -32.82 -4.09 25.15
CA ASN A 236 -32.86 -3.62 26.54
C ASN A 236 -32.72 -4.82 27.48
N ILE A 237 -33.44 -5.89 27.16
CA ILE A 237 -33.36 -7.14 27.91
C ILE A 237 -31.96 -7.73 27.89
N ASN A 238 -31.37 -7.83 26.70
CA ASN A 238 -30.05 -8.43 26.56
C ASN A 238 -28.97 -7.67 27.33
N TRP A 239 -28.97 -6.33 27.19
CA TRP A 239 -28.03 -5.51 27.96
C TRP A 239 -28.22 -5.64 29.48
N MET A 240 -29.47 -5.62 29.94
CA MET A 240 -29.74 -5.69 31.39
C MET A 240 -29.38 -7.06 31.99
N ALA A 241 -29.75 -8.12 31.28
CA ALA A 241 -29.41 -9.49 31.68
C ALA A 241 -27.89 -9.69 31.80
N ALA A 242 -27.13 -9.09 30.90
CA ALA A 242 -25.67 -9.15 30.95
C ALA A 242 -25.09 -8.50 32.22
N ARG A 243 -25.85 -7.60 32.84
CA ARG A 243 -25.46 -6.99 34.11
C ARG A 243 -25.66 -7.88 35.33
N GLU A 244 -26.50 -8.91 35.20
CA GLU A 244 -27.06 -9.64 36.32
C GLU A 244 -26.07 -10.39 37.20
N LYS A 245 -25.08 -11.06 36.58
CA LYS A 245 -24.12 -11.85 37.33
C LYS A 245 -23.14 -10.99 38.15
N GLU A 246 -22.95 -9.74 37.72
CA GLU A 246 -21.98 -8.84 38.33
C GLU A 246 -22.58 -7.71 39.20
N LEU A 247 -23.87 -7.79 39.49
CA LEU A 247 -24.52 -6.77 40.34
C LEU A 247 -23.79 -6.57 41.68
N GLU A 248 -23.61 -5.30 42.05
CA GLU A 248 -22.93 -4.93 43.30
C GLU A 248 -23.38 -3.53 43.73
N VAL A 249 -23.84 -3.40 44.97
CA VAL A 249 -24.22 -2.10 45.57
C VAL A 249 -23.97 -2.16 47.04
N SER A 250 -23.61 -1.02 47.62
CA SER A 250 -23.54 -0.92 49.08
C SER A 250 -24.95 -1.12 49.64
N GLY A 251 -25.04 -1.80 50.78
CA GLY A 251 -26.31 -2.06 51.42
C GLY A 251 -26.94 -3.40 51.06
N TRP A 252 -26.26 -4.17 50.19
CA TRP A 252 -26.79 -5.44 49.67
C TRP A 252 -25.69 -6.50 49.64
N THR A 253 -26.04 -7.72 50.02
CA THR A 253 -25.10 -8.84 49.90
C THR A 253 -25.20 -9.45 48.51
N LYS A 254 -24.15 -10.16 48.11
CA LYS A 254 -24.16 -10.87 46.83
C LYS A 254 -25.34 -11.86 46.74
N ALA A 255 -25.66 -12.51 47.87
CA ALA A 255 -26.73 -13.50 47.94
C ALA A 255 -28.13 -12.89 47.81
N GLU A 256 -28.32 -11.71 48.40
CA GLU A 256 -29.59 -10.99 48.24
C GLU A 256 -29.78 -10.56 46.79
N LEU A 257 -28.70 -10.09 46.15
CA LEU A 257 -28.77 -9.67 44.75
C LEU A 257 -29.03 -10.86 43.82
N GLU A 258 -28.39 -12.00 44.13
CA GLU A 258 -28.61 -13.26 43.43
C GLU A 258 -30.08 -13.70 43.52
N ALA A 259 -30.72 -13.45 44.65
CA ALA A 259 -32.13 -13.78 44.84
C ALA A 259 -33.05 -13.02 43.87
N LEU A 260 -32.66 -11.80 43.54
CA LEU A 260 -33.40 -10.96 42.58
C LEU A 260 -33.32 -11.54 41.17
N THR A 261 -32.21 -12.25 40.95
CA THR A 261 -31.85 -13.00 39.75
C THR A 261 -32.43 -12.45 38.51
N PRO A 262 -33.07 -13.28 37.65
CA PRO A 262 -33.54 -12.76 36.37
C PRO A 262 -34.36 -11.51 36.68
N ILE A 263 -33.74 -10.34 36.50
CA ILE A 263 -34.43 -9.08 36.63
C ILE A 263 -35.35 -8.96 35.43
N VAL A 264 -34.85 -9.42 34.27
CA VAL A 264 -35.54 -9.28 32.98
C VAL A 264 -35.66 -10.65 32.32
N ASN A 265 -36.66 -10.83 31.44
CA ASN A 265 -36.90 -12.09 30.73
C ASN A 265 -37.68 -11.80 29.44
N GLN A 266 -37.20 -12.29 28.29
CA GLN A 266 -37.92 -12.02 27.03
C GLN A 266 -39.27 -12.71 26.88
N ALA A 267 -39.53 -13.71 27.74
CA ALA A 267 -40.83 -14.36 27.82
C ALA A 267 -41.91 -13.40 28.33
N ASN A 268 -41.49 -12.39 29.08
CA ASN A 268 -42.41 -11.44 29.69
C ASN A 268 -42.62 -10.15 28.90
N SER A 269 -43.74 -9.51 29.18
CA SER A 269 -44.13 -8.29 28.47
C SER A 269 -43.15 -7.18 28.72
N ASP A 270 -43.15 -6.20 27.81
CA ASP A 270 -42.42 -4.98 28.04
C ASP A 270 -42.75 -4.32 29.39
N SER A 271 -44.03 -4.28 29.75
CA SER A 271 -44.47 -3.65 31.00
C SER A 271 -43.92 -4.35 32.24
N TYR A 272 -43.97 -5.68 32.25
CA TYR A 272 -43.41 -6.47 33.34
C TYR A 272 -41.91 -6.22 33.51
N ASN A 273 -41.18 -6.22 32.40
CA ASN A 273 -39.74 -6.03 32.43
C ASN A 273 -39.35 -4.62 32.90
N LEU A 274 -40.12 -3.62 32.46
CA LEU A 274 -39.87 -2.25 32.86
C LEU A 274 -40.10 -2.05 34.35
N ASP A 275 -41.22 -2.57 34.85
CA ASP A 275 -41.54 -2.51 36.26
C ASP A 275 -40.38 -3.14 37.04
N SER A 276 -39.93 -4.29 36.57
CA SER A 276 -38.89 -5.02 37.26
C SER A 276 -37.56 -4.26 37.28
N ALA A 277 -37.15 -3.74 36.13
CA ALA A 277 -35.86 -3.05 36.05
C ALA A 277 -35.90 -1.78 36.89
N LEU A 278 -37.02 -1.09 36.81
CA LEU A 278 -37.21 0.16 37.52
C LEU A 278 -37.23 -0.07 39.03
N GLU A 279 -37.86 -1.17 39.47
CA GLU A 279 -37.83 -1.50 40.90
C GLU A 279 -36.45 -1.88 41.40
N LEU A 280 -35.67 -2.59 40.58
CA LEU A 280 -34.29 -2.87 40.94
C LEU A 280 -33.54 -1.56 41.23
N LEU A 281 -33.75 -0.55 40.37
CA LEU A 281 -33.11 0.76 40.58
C LEU A 281 -33.61 1.43 41.86
N VAL A 282 -34.93 1.35 42.09
CA VAL A 282 -35.52 1.97 43.29
C VAL A 282 -35.00 1.33 44.57
N ARG A 283 -35.04 0.01 44.63
CA ARG A 283 -34.72 -0.71 45.86
C ARG A 283 -33.23 -0.76 46.19
N THR A 284 -32.38 -0.37 45.23
CA THR A 284 -30.95 -0.26 45.49
C THR A 284 -30.50 1.17 45.78
N GLY A 285 -31.45 2.08 45.95
CA GLY A 285 -31.16 3.40 46.47
C GLY A 285 -31.53 4.64 45.65
N ARG A 286 -32.38 4.49 44.65
CA ARG A 286 -32.88 5.67 43.92
C ARG A 286 -34.38 5.84 44.14
N SER A 287 -34.86 7.08 44.05
CA SER A 287 -36.28 7.32 43.96
C SER A 287 -36.79 6.81 42.60
N PRO A 288 -38.08 6.54 42.47
CA PRO A 288 -38.63 6.11 41.17
C PRO A 288 -38.47 7.16 40.09
N LEU A 289 -38.42 8.42 40.50
CA LEU A 289 -38.16 9.50 39.55
C LEU A 289 -36.77 9.36 38.93
N GLU A 290 -35.75 9.17 39.77
CA GLU A 290 -34.38 9.03 39.26
C GLU A 290 -34.24 7.76 38.43
N ALA A 291 -34.86 6.67 38.88
CA ALA A 291 -34.88 5.42 38.10
C ALA A 291 -35.39 5.64 36.66
N ALA A 292 -36.51 6.34 36.53
CA ALA A 292 -37.12 6.61 35.21
C ALA A 292 -36.23 7.50 34.37
N MET A 293 -35.57 8.48 35.00
CA MET A 293 -34.62 9.37 34.30
C MET A 293 -33.49 8.59 33.61
N ILE A 294 -33.05 7.50 34.25
CA ILE A 294 -31.97 6.65 33.72
C ILE A 294 -32.47 5.67 32.65
N LEU A 295 -33.59 5.00 32.93
CA LEU A 295 -34.13 4.04 31.95
C LEU A 295 -34.82 4.70 30.75
N VAL A 296 -35.45 5.85 30.97
CA VAL A 296 -36.20 6.54 29.92
C VAL A 296 -35.81 8.02 29.92
N PRO A 297 -34.56 8.28 29.54
CA PRO A 297 -34.00 9.64 29.62
C PRO A 297 -34.59 10.58 28.58
N GLU A 298 -34.73 11.82 29.01
CA GLU A 298 -35.09 12.97 28.16
C GLU A 298 -34.16 13.12 26.97
N ALA A 299 -34.69 13.62 25.85
CA ALA A 299 -33.85 14.11 24.75
C ALA A 299 -33.27 15.48 25.17
N TYR A 300 -32.16 15.42 25.90
CA TYR A 300 -31.56 16.58 26.57
C TYR A 300 -30.69 17.47 25.68
N LYS A 301 -30.19 16.94 24.57
CA LYS A 301 -29.37 17.73 23.64
C LYS A 301 -30.22 18.78 22.96
N ASN A 302 -29.61 19.93 22.64
CA ASN A 302 -30.30 21.00 21.90
C ASN A 302 -31.62 21.39 22.58
N GLN A 303 -31.59 21.42 23.92
CA GLN A 303 -32.74 21.78 24.71
C GLN A 303 -32.46 23.14 25.39
N PRO A 304 -32.97 24.22 24.78
CA PRO A 304 -32.85 25.56 25.38
C PRO A 304 -33.39 25.61 26.82
N ALA A 305 -34.40 24.80 27.13
CA ALA A 305 -34.99 24.77 28.48
C ALA A 305 -34.03 24.30 29.59
N LEU A 306 -32.88 23.77 29.17
CA LEU A 306 -31.87 23.21 30.10
C LEU A 306 -30.66 24.13 30.27
N LYS A 307 -30.74 25.32 29.69
CA LYS A 307 -29.66 26.32 29.74
C LYS A 307 -29.20 26.65 31.17
N ASP A 308 -30.15 26.80 32.07
CA ASP A 308 -29.86 27.15 33.47
C ASP A 308 -29.74 25.91 34.35
N TYR A 309 -29.71 24.72 33.73
CA TYR A 309 -29.56 23.47 34.47
C TYR A 309 -28.40 22.60 33.93
N PRO A 310 -27.17 23.11 33.97
CA PRO A 310 -26.01 22.34 33.49
C PRO A 310 -25.87 20.97 34.14
N GLU A 311 -26.25 20.82 35.40
CA GLU A 311 -26.13 19.56 36.12
C GLU A 311 -27.06 18.48 35.55
N ILE A 312 -28.22 18.88 35.02
CA ILE A 312 -29.12 17.90 34.40
C ILE A 312 -28.53 17.36 33.10
N SER A 313 -28.00 18.25 32.28
CA SER A 313 -27.27 17.84 31.09
C SER A 313 -26.07 16.93 31.41
N ASP A 314 -25.34 17.24 32.50
CA ASP A 314 -24.23 16.41 32.96
C ASP A 314 -24.67 14.98 33.34
N PHE A 315 -25.81 14.88 34.04
CA PHE A 315 -26.39 13.60 34.48
C PHE A 315 -26.61 12.71 33.26
N HIS A 316 -27.28 13.26 32.26
CA HIS A 316 -27.60 12.49 31.08
C HIS A 316 -26.38 12.23 30.21
N ASP A 317 -25.49 13.20 30.15
CA ASP A 317 -24.17 13.02 29.53
C ASP A 317 -23.48 11.78 30.12
N TYR A 318 -23.54 11.63 31.44
CA TYR A 318 -22.92 10.48 32.11
C TYR A 318 -23.68 9.18 31.81
N TYR A 319 -24.99 9.18 32.02
CA TYR A 319 -25.76 7.93 31.91
C TYR A 319 -25.88 7.43 30.47
N SER A 320 -25.76 8.36 29.52
CA SER A 320 -25.70 8.02 28.10
C SER A 320 -24.65 6.94 27.84
N GLY A 321 -23.57 6.97 28.63
CA GLY A 321 -22.47 6.02 28.47
C GLY A 321 -22.71 4.67 29.14
N LEU A 322 -23.70 4.62 30.03
CA LEU A 322 -23.92 3.47 30.89
C LEU A 322 -25.17 2.69 30.51
N GLN A 323 -26.21 3.41 30.12
CA GLN A 323 -27.55 2.85 29.94
C GLN A 323 -28.24 3.47 28.73
N GLU A 324 -28.55 2.63 27.74
CA GLU A 324 -29.34 3.05 26.57
C GLU A 324 -30.83 3.19 26.96
N PRO A 325 -31.56 4.08 26.32
CA PRO A 325 -33.01 4.20 26.60
C PRO A 325 -33.81 2.91 26.31
N TRP A 326 -34.77 2.65 27.19
CA TRP A 326 -35.86 1.74 26.89
C TRP A 326 -36.88 2.60 26.14
N ASP A 327 -36.74 2.65 24.83
CA ASP A 327 -37.42 3.66 24.01
C ASP A 327 -38.82 3.22 23.57
N GLY A 328 -39.55 4.12 22.93
CA GLY A 328 -40.92 3.86 22.52
C GLY A 328 -41.91 4.73 23.30
N PRO A 329 -43.15 4.87 22.83
CA PRO A 329 -44.12 5.75 23.52
C PRO A 329 -44.30 5.30 24.97
N ALA A 330 -44.42 6.27 25.88
CA ALA A 330 -44.65 5.90 27.27
C ALA A 330 -45.20 7.04 28.09
N LEU A 331 -46.28 6.73 28.80
CA LEU A 331 -46.60 7.43 30.01
C LEU A 331 -46.45 6.41 31.13
N LEU A 332 -45.57 6.76 32.06
CA LEU A 332 -45.29 5.95 33.23
C LEU A 332 -45.90 6.64 34.43
N VAL A 333 -46.65 5.88 35.23
CA VAL A 333 -47.19 6.40 36.48
C VAL A 333 -46.78 5.43 37.57
N PHE A 334 -46.22 5.97 38.63
CA PHE A 334 -45.61 5.08 39.59
C PHE A 334 -45.71 5.61 40.99
N SER A 335 -45.57 4.69 41.94
CA SER A 335 -45.46 5.05 43.32
C SER A 335 -44.71 4.04 44.16
N ASP A 336 -43.93 4.66 45.05
CA ASP A 336 -43.24 4.15 46.21
C ASP A 336 -44.09 3.93 47.46
N GLY A 337 -45.27 4.55 47.49
CA GLY A 337 -45.97 4.82 48.73
C GLY A 337 -45.43 6.05 49.46
N LYS A 338 -44.30 6.56 48.97
CA LYS A 338 -43.65 7.78 49.50
C LYS A 338 -43.76 8.95 48.54
N ILE A 339 -43.43 8.67 47.29
CA ILE A 339 -43.65 9.55 46.15
C ILE A 339 -44.70 8.91 45.24
N VAL A 340 -45.49 9.74 44.56
CA VAL A 340 -46.32 9.27 43.45
C VAL A 340 -46.08 10.24 42.29
N GLY A 341 -45.84 9.71 41.10
CA GLY A 341 -45.44 10.60 40.02
C GLY A 341 -45.67 9.99 38.68
N ALA A 342 -45.25 10.74 37.66
CA ALA A 342 -45.48 10.39 36.27
C ALA A 342 -44.39 10.99 35.38
N GLY A 343 -44.12 10.34 34.24
CA GLY A 343 -43.17 10.84 33.28
C GLY A 343 -43.45 10.32 31.89
N LEU A 344 -43.07 11.11 30.89
CA LEU A 344 -43.24 10.69 29.50
C LEU A 344 -41.92 10.24 28.89
N ASP A 345 -42.03 9.49 27.79
CA ASP A 345 -40.88 9.15 26.95
C ASP A 345 -40.29 10.42 26.32
N ARG A 346 -39.12 10.26 25.70
CA ARG A 346 -38.36 11.40 25.17
C ARG A 346 -39.12 12.21 24.12
N ASN A 347 -40.09 11.57 23.48
CA ASN A 347 -40.87 12.22 22.41
C ASN A 347 -42.30 12.57 22.79
N GLY A 348 -42.70 12.27 24.02
CA GLY A 348 -44.05 12.55 24.51
C GLY A 348 -45.13 11.92 23.63
N LEU A 349 -44.99 10.63 23.36
CA LEU A 349 -45.92 9.96 22.44
C LEU A 349 -47.18 9.39 23.12
N ARG A 350 -47.36 9.68 24.41
CA ARG A 350 -48.64 9.44 25.07
C ARG A 350 -49.07 10.76 25.71
N PRO A 351 -50.37 11.04 25.78
CA PRO A 351 -50.83 12.26 26.43
C PRO A 351 -50.80 12.16 27.95
N ALA A 352 -50.47 13.26 28.62
CA ALA A 352 -50.60 13.35 30.06
C ALA A 352 -51.06 14.75 30.46
N ARG A 353 -52.31 14.83 30.95
CA ARG A 353 -52.90 16.09 31.38
C ARG A 353 -53.09 16.11 32.91
N TYR A 354 -52.96 17.28 33.51
CA TYR A 354 -53.16 17.39 34.96
C TYR A 354 -53.84 18.67 35.42
N CYS A 355 -54.31 18.56 36.65
CA CYS A 355 -55.21 19.48 37.30
C CYS A 355 -54.72 19.68 38.71
N ILE A 356 -54.55 20.94 39.19
CA ILE A 356 -54.25 21.15 40.62
C ILE A 356 -55.24 22.14 41.25
N THR A 357 -55.74 21.80 42.45
CA THR A 357 -56.68 22.67 43.16
C THR A 357 -55.98 23.63 44.13
N LYS A 358 -56.77 24.55 44.66
CA LYS A 358 -56.31 25.52 45.66
C LYS A 358 -55.70 24.83 46.90
N ASP A 359 -56.05 23.56 47.10
CA ASP A 359 -55.58 22.80 48.26
C ASP A 359 -54.46 21.83 47.91
N ASP A 360 -53.91 21.99 46.70
CA ASP A 360 -52.84 21.12 46.20
C ASP A 360 -53.30 19.67 45.99
N TYR A 361 -54.61 19.48 45.85
CA TYR A 361 -55.16 18.22 45.39
C TYR A 361 -54.81 18.13 43.91
N ILE A 362 -54.35 16.97 43.45
CA ILE A 362 -53.89 16.87 42.07
C ILE A 362 -54.42 15.63 41.39
N VAL A 363 -54.81 15.81 40.13
CA VAL A 363 -55.34 14.73 39.30
C VAL A 363 -54.51 14.75 38.01
N LEU A 364 -53.95 13.61 37.63
CA LEU A 364 -53.24 13.48 36.35
C LEU A 364 -53.76 12.24 35.62
N GLY A 365 -53.85 12.31 34.30
CA GLY A 365 -54.30 11.16 33.53
C GLY A 365 -54.06 11.32 32.05
N SER A 366 -54.31 10.23 31.30
CA SER A 366 -54.27 10.25 29.84
C SER A 366 -55.21 11.29 29.22
N GLU A 367 -56.30 11.62 29.91
CA GLU A 367 -57.25 12.63 29.43
C GLU A 367 -57.61 13.63 30.53
N ALA A 368 -57.87 14.87 30.13
CA ALA A 368 -58.26 15.92 31.07
C ALA A 368 -59.67 15.81 31.65
N GLY A 369 -60.65 15.35 30.88
CA GLY A 369 -61.99 15.32 31.49
C GLY A 369 -62.36 14.64 32.84
N VAL A 370 -61.43 14.05 33.57
CA VAL A 370 -61.76 12.77 34.24
C VAL A 370 -62.22 12.69 35.72
N VAL A 371 -61.96 13.73 36.50
CA VAL A 371 -62.47 13.78 37.86
C VAL A 371 -63.27 15.07 37.96
N ASP A 372 -64.50 15.01 38.45
CA ASP A 372 -65.21 16.26 38.61
C ASP A 372 -64.86 16.97 39.92
N LEU A 373 -63.97 17.94 39.75
CA LEU A 373 -63.60 18.88 40.78
C LEU A 373 -64.40 20.15 40.52
N PRO A 374 -64.71 20.88 41.59
CA PRO A 374 -65.37 22.19 41.43
C PRO A 374 -64.49 23.10 40.58
N GLU A 375 -64.98 23.43 39.39
CA GLU A 375 -64.21 24.15 38.40
C GLU A 375 -63.62 25.44 38.98
N VAL A 376 -64.34 26.05 39.93
CA VAL A 376 -63.90 27.27 40.60
C VAL A 376 -62.61 27.14 41.43
N ASP A 377 -62.32 25.98 42.00
CA ASP A 377 -61.09 25.92 42.80
C ASP A 377 -59.90 25.25 42.17
N ILE A 378 -59.98 25.06 40.85
CA ILE A 378 -58.80 24.65 40.11
C ILE A 378 -57.92 25.87 39.89
N VAL A 379 -56.64 25.70 40.20
CA VAL A 379 -55.69 26.79 40.26
C VAL A 379 -54.70 26.68 39.08
N GLU A 380 -54.59 25.47 38.52
CA GLU A 380 -53.76 25.21 37.35
C GLU A 380 -54.29 24.04 36.51
N LYS A 381 -54.25 24.21 35.19
CA LYS A 381 -54.42 23.10 34.26
C LYS A 381 -53.16 23.01 33.42
N GLY A 382 -52.51 21.84 33.47
CA GLY A 382 -51.22 21.64 32.85
C GLY A 382 -51.12 20.35 32.08
N ARG A 383 -49.91 20.07 31.59
CA ARG A 383 -49.60 18.86 30.83
C ARG A 383 -48.12 18.56 30.97
N LEU A 384 -47.78 17.31 30.67
CA LEU A 384 -46.39 16.93 30.50
C LEU A 384 -45.98 17.08 29.05
N ALA A 385 -44.94 17.87 28.81
CA ALA A 385 -44.34 17.95 27.49
C ALA A 385 -43.33 16.78 27.35
N PRO A 386 -42.70 16.62 26.19
CA PRO A 386 -41.80 15.47 25.95
C PRO A 386 -40.72 15.39 27.03
N GLY A 387 -40.51 14.19 27.59
CA GLY A 387 -39.49 13.95 28.60
C GLY A 387 -39.80 14.43 30.01
N GLN A 388 -40.90 15.17 30.17
CA GLN A 388 -41.19 15.83 31.46
C GLN A 388 -41.77 14.87 32.50
N MET A 389 -41.64 15.28 33.76
CA MET A 389 -42.18 14.55 34.91
C MET A 389 -42.88 15.50 35.85
N ILE A 390 -43.76 14.95 36.68
CA ILE A 390 -44.36 15.68 37.78
C ILE A 390 -44.55 14.66 38.91
N ALA A 391 -44.45 15.12 40.15
CA ALA A 391 -44.58 14.18 41.28
C ALA A 391 -45.12 14.83 42.52
N VAL A 392 -45.41 13.98 43.50
CA VAL A 392 -45.91 14.41 44.79
C VAL A 392 -45.07 13.73 45.89
N ASP A 393 -44.62 14.52 46.84
CA ASP A 393 -43.99 13.96 48.02
C ASP A 393 -45.07 13.92 49.08
N LEU A 394 -45.57 12.72 49.37
CA LEU A 394 -46.70 12.54 50.29
C LEU A 394 -46.44 13.04 51.72
N ALA A 395 -45.35 12.59 52.34
CA ALA A 395 -44.97 13.07 53.67
C ALA A 395 -44.71 14.59 53.72
N GLU A 396 -44.06 15.15 52.70
CA GLU A 396 -43.78 16.59 52.70
C GLU A 396 -45.00 17.43 52.27
N GLN A 397 -46.02 16.76 51.70
CA GLN A 397 -47.22 17.43 51.17
C GLN A 397 -46.81 18.49 50.12
N LYS A 398 -46.10 18.04 49.09
CA LYS A 398 -45.50 18.95 48.13
C LYS A 398 -45.66 18.39 46.74
N ILE A 399 -45.99 19.27 45.80
CA ILE A 399 -46.00 18.92 44.38
C ILE A 399 -44.64 19.31 43.82
N LEU A 400 -44.01 18.36 43.15
CA LEU A 400 -42.69 18.59 42.57
C LEU A 400 -42.81 18.67 41.05
N LYS A 401 -42.34 19.78 40.49
CA LYS A 401 -42.41 20.05 39.06
C LYS A 401 -41.13 19.58 38.34
N ASN A 402 -41.24 19.42 37.04
CA ASN A 402 -40.21 18.84 36.17
C ASN A 402 -38.73 19.13 36.51
N TYR A 403 -38.29 20.37 36.40
CA TYR A 403 -36.85 20.59 36.54
C TYR A 403 -36.38 20.57 38.00
N GLN A 404 -37.29 20.86 38.94
CA GLN A 404 -37.01 20.64 40.36
C GLN A 404 -36.68 19.17 40.64
N ILE A 405 -37.47 18.27 40.07
CA ILE A 405 -37.25 16.83 40.24
C ILE A 405 -35.88 16.43 39.69
N LYS A 406 -35.61 16.85 38.47
CA LYS A 406 -34.43 16.39 37.75
C LYS A 406 -33.13 16.98 38.31
N GLN A 407 -33.18 18.25 38.74
CA GLN A 407 -32.05 18.92 39.34
C GLN A 407 -31.63 18.25 40.66
N GLN A 408 -32.61 17.86 41.48
CA GLN A 408 -32.35 17.19 42.74
C GLN A 408 -31.62 15.86 42.52
N ALA A 409 -32.06 15.08 41.53
CA ALA A 409 -31.37 13.84 41.19
C ALA A 409 -29.96 14.12 40.66
N ALA A 410 -29.85 15.13 39.80
CA ALA A 410 -28.61 15.47 39.10
C ALA A 410 -27.49 16.01 40.00
N GLN A 411 -27.90 16.68 41.07
CA GLN A 411 -26.93 17.26 41.98
C GLN A 411 -26.33 16.29 43.02
N LYS A 412 -26.71 15.01 42.95
CA LYS A 412 -26.20 14.02 43.90
C LYS A 412 -24.71 13.69 43.72
N TYR A 413 -24.20 13.81 42.49
CA TYR A 413 -22.81 13.46 42.18
C TYR A 413 -22.23 14.50 41.21
N PRO A 414 -20.90 14.65 41.20
CA PRO A 414 -20.25 15.57 40.26
C PRO A 414 -20.04 14.92 38.88
N TYR A 415 -21.16 14.53 38.28
CA TYR A 415 -21.15 13.84 36.99
C TYR A 415 -20.24 14.49 35.92
N GLY A 416 -20.36 15.81 35.75
CA GLY A 416 -19.61 16.54 34.75
C GLY A 416 -18.11 16.57 34.98
N GLU A 417 -17.70 16.76 36.23
CA GLU A 417 -16.28 16.66 36.61
C GLU A 417 -15.73 15.28 36.23
N TRP A 418 -16.50 14.24 36.52
CA TRP A 418 -16.11 12.87 36.19
C TRP A 418 -15.85 12.71 34.70
N ILE A 419 -16.78 13.22 33.88
CA ILE A 419 -16.68 13.14 32.43
C ILE A 419 -15.45 13.88 31.95
N LYS A 420 -15.22 15.09 32.49
CA LYS A 420 -14.08 15.91 32.09
C LYS A 420 -12.76 15.15 32.26
N ILE A 421 -12.60 14.48 33.38
CA ILE A 421 -11.35 13.80 33.68
C ILE A 421 -11.23 12.42 32.97
N GLN A 422 -12.33 11.68 32.91
CA GLN A 422 -12.29 10.28 32.51
C GLN A 422 -12.56 9.98 31.03
N ARG A 423 -13.41 10.79 30.39
CA ARG A 423 -13.85 10.53 29.01
C ARG A 423 -12.89 11.03 27.94
N GLN A 424 -12.66 10.18 26.93
CA GLN A 424 -11.92 10.54 25.72
C GLN A 424 -12.87 10.57 24.55
N THR A 425 -12.84 11.64 23.77
CA THR A 425 -13.65 11.71 22.57
C THR A 425 -12.76 11.55 21.32
N VAL A 426 -13.18 10.68 20.41
CA VAL A 426 -12.50 10.53 19.12
C VAL A 426 -13.42 10.98 17.98
N ALA A 427 -12.98 12.01 17.25
CA ALA A 427 -13.69 12.48 16.06
C ALA A 427 -12.70 13.19 15.14
N SER A 428 -12.92 13.07 13.84
CA SER A 428 -12.06 13.76 12.88
C SER A 428 -12.86 14.26 11.69
N ASP A 429 -12.71 15.55 11.40
CA ASP A 429 -13.35 16.12 10.23
C ASP A 429 -12.58 15.75 8.97
N SER A 430 -11.28 15.49 9.11
CA SER A 430 -10.47 15.11 7.97
C SER A 430 -10.47 13.61 7.76
N PHE A 431 -10.39 13.21 6.49
CA PHE A 431 -10.22 11.82 6.12
C PHE A 431 -8.76 11.64 5.68
N ALA A 432 -8.35 10.39 5.49
CA ALA A 432 -7.11 10.11 4.79
C ALA A 432 -7.41 10.16 3.28
N GLU A 433 -6.59 10.91 2.57
CA GLU A 433 -6.74 11.06 1.12
C GLU A 433 -5.85 10.11 0.32
N LYS A 434 -4.71 9.72 0.90
CA LYS A 434 -3.83 8.74 0.28
C LYS A 434 -4.56 7.40 0.11
N THR A 435 -4.42 6.79 -1.05
CA THR A 435 -5.10 5.53 -1.33
C THR A 435 -4.46 4.39 -0.54
N LEU A 436 -5.28 3.44 -0.12
CA LEU A 436 -4.81 2.20 0.46
C LEU A 436 -3.95 1.40 -0.53
N PHE A 437 -4.41 1.31 -1.78
CA PHE A 437 -3.73 0.52 -2.81
C PHE A 437 -3.26 1.39 -3.97
N ASN A 438 -2.31 0.86 -4.74
CA ASN A 438 -1.75 1.60 -5.86
C ASN A 438 -2.22 1.08 -7.22
N ASP A 439 -2.48 -0.22 -7.30
CA ASP A 439 -3.00 -0.80 -8.52
C ASP A 439 -4.52 -0.78 -8.43
N ALA A 440 -5.17 -0.20 -9.44
CA ALA A 440 -6.62 -0.30 -9.54
C ALA A 440 -7.02 -1.76 -9.77
N GLN A 441 -6.06 -2.58 -10.18
CA GLN A 441 -6.26 -4.03 -10.31
C GLN A 441 -6.49 -4.67 -8.92
N THR A 442 -5.76 -4.20 -7.92
CA THR A 442 -5.91 -4.65 -6.54
C THR A 442 -7.28 -4.25 -6.01
N VAL A 443 -7.63 -2.98 -6.19
CA VAL A 443 -8.93 -2.47 -5.74
C VAL A 443 -10.08 -3.30 -6.31
N LEU A 444 -10.06 -3.52 -7.62
CA LEU A 444 -11.10 -4.29 -8.30
C LEU A 444 -11.20 -5.74 -7.81
N GLN A 445 -10.04 -6.37 -7.60
CA GLN A 445 -10.01 -7.75 -7.13
C GLN A 445 -10.53 -7.87 -5.70
N GLN A 446 -10.17 -6.92 -4.84
CA GLN A 446 -10.66 -6.91 -3.47
C GLN A 446 -12.16 -6.65 -3.46
N GLN A 447 -12.61 -5.74 -4.33
CA GLN A 447 -14.05 -5.46 -4.47
C GLN A 447 -14.84 -6.73 -4.83
N ALA A 448 -14.37 -7.41 -5.87
CA ALA A 448 -15.03 -8.63 -6.33
C ALA A 448 -15.10 -9.68 -5.22
N ALA A 449 -13.99 -9.90 -4.54
CA ALA A 449 -13.87 -10.96 -3.52
C ALA A 449 -14.74 -10.71 -2.32
N PHE A 450 -14.86 -9.44 -1.94
CA PHE A 450 -15.72 -9.10 -0.82
C PHE A 450 -17.19 -8.83 -1.21
N GLY A 451 -17.56 -9.13 -2.46
CA GLY A 451 -18.97 -9.11 -2.85
C GLY A 451 -19.53 -7.85 -3.50
N TYR A 452 -18.65 -6.91 -3.84
CA TYR A 452 -19.04 -5.72 -4.59
C TYR A 452 -19.40 -6.12 -6.01
N THR A 453 -20.46 -5.53 -6.51
CA THR A 453 -21.03 -5.86 -7.80
C THR A 453 -21.09 -4.51 -8.55
N ALA A 454 -21.14 -4.52 -9.88
CA ALA A 454 -21.12 -3.25 -10.63
C ALA A 454 -22.16 -2.23 -10.17
N GLU A 455 -23.39 -2.68 -9.91
CA GLU A 455 -24.45 -1.80 -9.43
C GLU A 455 -24.17 -1.29 -8.02
N ASP A 456 -23.47 -2.08 -7.21
CA ASP A 456 -23.11 -1.67 -5.86
C ASP A 456 -22.31 -0.37 -5.89
N VAL A 457 -21.27 -0.32 -6.69
CA VAL A 457 -20.48 0.90 -6.75
C VAL A 457 -21.16 1.97 -7.60
N GLU A 458 -21.76 1.59 -8.72
CA GLU A 458 -22.29 2.55 -9.67
C GLU A 458 -23.62 3.18 -9.26
N MET A 459 -24.50 2.37 -8.68
CA MET A 459 -25.84 2.82 -8.30
C MET A 459 -25.95 3.17 -6.82
N VAL A 460 -24.95 2.77 -6.02
CA VAL A 460 -25.06 2.95 -4.56
C VAL A 460 -23.92 3.81 -4.00
N VAL A 461 -22.68 3.31 -4.02
CA VAL A 461 -21.54 4.06 -3.47
C VAL A 461 -21.30 5.42 -4.15
N VAL A 462 -21.24 5.42 -5.48
CA VAL A 462 -20.98 6.66 -6.23
C VAL A 462 -22.00 7.81 -5.98
N PRO A 463 -23.30 7.53 -6.07
CA PRO A 463 -24.33 8.53 -5.73
C PRO A 463 -24.21 9.06 -4.28
N MET A 464 -23.94 8.17 -3.32
CA MET A 464 -23.66 8.59 -1.93
C MET A 464 -22.50 9.60 -1.83
N ALA A 465 -21.40 9.32 -2.50
CA ALA A 465 -20.23 10.22 -2.53
C ALA A 465 -20.41 11.48 -3.38
N SER A 466 -21.14 11.36 -4.48
CA SER A 466 -21.32 12.50 -5.38
C SER A 466 -22.48 13.42 -4.98
N GLN A 467 -23.50 12.86 -4.34
CA GLN A 467 -24.69 13.64 -3.96
C GLN A 467 -24.86 13.88 -2.47
N GLY A 468 -24.25 13.03 -1.65
CA GLY A 468 -24.43 13.12 -0.22
C GLY A 468 -25.77 12.57 0.25
N LYS A 469 -26.43 11.77 -0.58
CA LYS A 469 -27.60 11.01 -0.09
C LYS A 469 -27.67 9.64 -0.72
N GLU A 470 -28.26 8.69 0.00
CA GLU A 470 -28.55 7.37 -0.55
C GLU A 470 -29.51 7.55 -1.74
N PRO A 471 -29.45 6.65 -2.73
CA PRO A 471 -30.23 6.85 -3.95
C PRO A 471 -31.74 6.53 -3.83
N THR A 472 -32.53 7.27 -4.59
CA THR A 472 -33.96 7.04 -4.76
C THR A 472 -34.18 6.22 -6.02
N PHE A 473 -35.18 5.34 -5.99
CA PHE A 473 -35.58 4.58 -7.18
C PHE A 473 -37.13 4.47 -7.19
N CYS A 474 -37.67 3.48 -7.88
CA CYS A 474 -39.11 3.38 -8.08
C CYS A 474 -39.46 1.94 -8.39
N MET A 475 -40.76 1.64 -8.48
CA MET A 475 -41.24 0.28 -8.64
C MET A 475 -40.78 -0.68 -7.52
N GLY A 476 -41.29 -1.91 -7.54
CA GLY A 476 -41.06 -2.81 -6.41
C GLY A 476 -39.83 -3.69 -6.53
N ASP A 477 -39.51 -4.40 -5.44
CA ASP A 477 -38.49 -5.44 -5.51
C ASP A 477 -39.03 -6.70 -6.14
N ASP A 478 -38.80 -6.68 -7.43
CA ASP A 478 -39.18 -7.61 -8.46
C ASP A 478 -38.44 -8.94 -8.52
N THR A 479 -37.47 -9.14 -7.64
CA THR A 479 -36.48 -10.21 -7.79
C THR A 479 -36.67 -11.34 -6.78
N PRO A 480 -36.09 -12.52 -7.04
CA PRO A 480 -36.15 -13.62 -6.07
C PRO A 480 -35.64 -13.18 -4.69
N LEU A 481 -36.25 -13.70 -3.61
CA LEU A 481 -35.64 -13.63 -2.27
C LEU A 481 -34.18 -14.10 -2.35
N ALA A 482 -33.28 -13.53 -1.54
CA ALA A 482 -31.87 -13.92 -1.57
C ALA A 482 -31.68 -15.43 -1.47
N VAL A 483 -32.43 -16.08 -0.56
CA VAL A 483 -32.31 -17.53 -0.39
C VAL A 483 -32.76 -18.35 -1.62
N LEU A 484 -33.66 -17.77 -2.44
CA LEU A 484 -34.17 -18.47 -3.63
C LEU A 484 -33.34 -18.17 -4.87
N SER A 485 -32.54 -17.12 -4.79
CA SER A 485 -31.78 -16.65 -5.94
C SER A 485 -30.72 -17.65 -6.42
N HIS A 486 -30.49 -17.66 -7.72
CA HIS A 486 -29.38 -18.38 -8.31
C HIS A 486 -28.11 -17.50 -8.34
N LYS A 487 -28.28 -16.21 -8.07
CA LYS A 487 -27.16 -15.26 -8.00
C LYS A 487 -26.55 -15.21 -6.60
N PRO A 488 -25.23 -14.98 -6.51
CA PRO A 488 -24.60 -14.82 -5.19
C PRO A 488 -25.07 -13.52 -4.53
N ARG A 489 -25.28 -13.57 -3.23
CA ARG A 489 -25.72 -12.41 -2.46
C ARG A 489 -24.91 -12.40 -1.18
N LEU A 490 -25.08 -11.34 -0.41
CA LEU A 490 -24.40 -11.11 0.86
C LEU A 490 -25.30 -11.56 1.99
N LEU A 491 -24.67 -11.91 3.11
CA LEU A 491 -25.42 -12.31 4.28
C LEU A 491 -26.44 -11.24 4.70
N TYR A 492 -26.08 -9.97 4.53
CA TYR A 492 -26.99 -8.85 4.79
C TYR A 492 -28.34 -8.96 4.09
N ASP A 493 -28.34 -9.54 2.89
CA ASP A 493 -29.57 -9.57 2.08
C ASP A 493 -30.66 -10.51 2.62
N TYR A 494 -30.27 -11.36 3.56
CA TYR A 494 -31.19 -12.31 4.20
C TYR A 494 -31.91 -11.70 5.40
N PHE A 495 -31.53 -10.47 5.75
CA PHE A 495 -32.14 -9.73 6.85
C PHE A 495 -33.02 -8.59 6.34
N LYS A 496 -34.29 -8.61 6.75
CA LYS A 496 -35.24 -7.54 6.46
C LYS A 496 -35.43 -6.64 7.68
N GLN A 497 -35.39 -5.33 7.46
CA GLN A 497 -35.65 -4.36 8.51
C GLN A 497 -37.07 -4.50 9.05
N ARG A 498 -37.19 -4.47 10.38
CA ARG A 498 -38.51 -4.34 11.01
C ARG A 498 -38.84 -2.86 11.17
N PHE A 499 -40.11 -2.54 11.40
CA PHE A 499 -40.60 -1.17 11.43
C PHE A 499 -41.87 -1.07 12.28
N ALA A 500 -42.22 0.16 12.64
CA ALA A 500 -43.37 0.41 13.49
C ALA A 500 -44.66 0.58 12.66
N GLN A 501 -45.78 0.04 13.16
CA GLN A 501 -47.10 0.25 12.55
C GLN A 501 -48.17 -0.03 13.58
N VAL A 502 -48.96 1.01 13.84
CA VAL A 502 -50.11 0.99 14.74
C VAL A 502 -49.76 0.97 16.23
N THR A 503 -49.06 -0.08 16.68
CA THR A 503 -48.80 -0.26 18.13
C THR A 503 -47.72 0.69 18.66
N ASN A 504 -46.89 1.21 17.75
CA ASN A 504 -46.03 2.35 18.05
C ASN A 504 -45.72 3.04 16.72
N PRO A 505 -45.41 4.34 16.77
CA PRO A 505 -45.21 5.10 15.53
C PRO A 505 -43.74 5.21 15.13
N PRO A 506 -43.50 5.31 13.83
CA PRO A 506 -42.20 5.77 13.35
C PRO A 506 -42.00 7.23 13.78
N ILE A 507 -40.75 7.72 13.79
CA ILE A 507 -40.50 9.15 13.97
C ILE A 507 -39.91 9.72 12.69
N ASP A 508 -39.87 11.05 12.60
CA ASP A 508 -39.40 11.72 11.40
C ASP A 508 -37.91 12.07 11.54
N PRO A 509 -37.05 11.38 10.78
CA PRO A 509 -35.59 11.55 10.92
C PRO A 509 -35.04 12.90 10.40
N LEU A 510 -35.85 13.65 9.66
CA LEU A 510 -35.47 14.97 9.16
C LEU A 510 -36.03 16.05 10.05
N ARG A 511 -37.37 16.15 10.11
CA ARG A 511 -38.05 17.20 10.86
C ARG A 511 -37.76 17.13 12.37
N GLU A 512 -37.62 15.91 12.89
CA GLU A 512 -37.38 15.67 14.33
C GLU A 512 -36.03 14.99 14.60
N ASN A 513 -35.08 15.21 13.70
CA ASN A 513 -33.69 14.83 13.91
C ASN A 513 -33.12 15.26 15.27
N LEU A 514 -33.57 16.41 15.79
CA LEU A 514 -32.98 16.99 17.02
C LEU A 514 -33.06 16.08 18.26
N VAL A 515 -33.93 15.08 18.16
CA VAL A 515 -34.26 14.15 19.22
C VAL A 515 -33.39 12.85 19.12
N MET A 516 -32.76 12.67 17.95
CA MET A 516 -31.96 11.48 17.65
C MET A 516 -30.46 11.69 17.82
N SER A 517 -29.69 10.60 17.93
CA SER A 517 -28.23 10.69 18.01
C SER A 517 -27.57 9.40 17.60
N LEU A 518 -26.49 9.54 16.86
CA LEU A 518 -25.66 8.39 16.45
C LEU A 518 -24.44 8.14 17.35
N ALA A 519 -24.36 8.87 18.48
CA ALA A 519 -23.23 8.74 19.39
C ALA A 519 -23.07 7.30 19.90
N MET A 520 -21.82 6.90 20.11
CA MET A 520 -21.54 5.56 20.64
C MET A 520 -20.40 5.61 21.64
N PHE A 521 -20.37 4.64 22.56
CA PHE A 521 -19.36 4.59 23.62
C PHE A 521 -18.64 3.26 23.58
N LEU A 522 -17.32 3.35 23.67
CA LEU A 522 -16.43 2.20 23.56
C LEU A 522 -15.79 1.84 24.90
N GLY A 523 -15.80 0.56 25.22
CA GLY A 523 -15.09 0.06 26.38
C GLY A 523 -16.05 -0.61 27.34
N LYS A 524 -15.57 -0.87 28.55
CA LYS A 524 -16.41 -1.55 29.52
C LYS A 524 -17.56 -0.68 30.03
N ARG A 525 -18.70 -1.32 30.31
CA ARG A 525 -19.89 -0.61 30.75
C ARG A 525 -19.88 -0.65 32.25
N GLY A 526 -20.05 0.51 32.88
CA GLY A 526 -19.93 0.63 34.32
C GLY A 526 -21.09 0.08 35.15
N ASN A 527 -20.86 -0.05 36.45
CA ASN A 527 -21.87 -0.41 37.43
C ASN A 527 -23.04 0.57 37.36
N LEU A 528 -24.19 0.08 36.92
CA LEU A 528 -25.38 0.93 36.82
C LEU A 528 -25.91 1.37 38.18
N LEU A 529 -25.70 0.56 39.21
CA LEU A 529 -26.32 0.79 40.51
C LEU A 529 -25.53 1.75 41.41
N GLU A 530 -24.21 1.81 41.19
CA GLU A 530 -23.32 2.61 42.03
C GLU A 530 -22.51 3.54 41.16
N PRO A 531 -22.92 4.81 41.09
CA PRO A 531 -22.22 5.80 40.28
C PRO A 531 -20.81 6.07 40.79
N LYS A 532 -19.83 5.99 39.90
CA LYS A 532 -18.46 6.34 40.22
C LYS A 532 -17.71 6.91 39.02
N ALA A 533 -16.68 7.72 39.32
CA ALA A 533 -15.81 8.32 38.32
C ALA A 533 -15.32 7.30 37.28
N GLU A 534 -14.84 6.14 37.74
CA GLU A 534 -14.34 5.05 36.87
C GLU A 534 -15.24 4.75 35.69
N SER A 535 -16.56 4.83 35.90
CA SER A 535 -17.54 4.42 34.91
C SER A 535 -17.65 5.39 33.73
N ALA A 536 -17.07 6.57 33.89
CA ALA A 536 -17.03 7.57 32.82
C ALA A 536 -15.80 7.37 31.93
N ARG A 537 -14.93 6.43 32.29
CA ARG A 537 -13.76 6.11 31.47
C ARG A 537 -14.25 5.34 30.26
N THR A 538 -14.21 6.00 29.11
CA THR A 538 -14.78 5.49 27.87
C THR A 538 -14.17 6.25 26.70
N ILE A 539 -14.40 5.77 25.48
CA ILE A 539 -14.09 6.56 24.31
C ILE A 539 -15.42 6.87 23.63
N LYS A 540 -15.78 8.15 23.56
CA LYS A 540 -17.01 8.54 22.89
C LYS A 540 -16.75 8.85 21.42
N LEU A 541 -17.62 8.30 20.56
CA LEU A 541 -17.65 8.55 19.13
C LEU A 541 -18.87 9.40 18.82
N ARG A 542 -18.78 10.32 17.86
CA ARG A 542 -19.99 11.05 17.50
C ARG A 542 -20.82 10.30 16.44
N SER A 543 -20.21 9.26 15.88
CA SER A 543 -20.79 8.46 14.80
C SER A 543 -20.12 7.09 14.77
N PRO A 544 -20.87 6.06 14.37
CA PRO A 544 -20.35 4.69 14.27
C PRO A 544 -19.42 4.48 13.08
N LEU A 545 -19.48 5.37 12.10
CA LEU A 545 -18.59 5.27 10.95
C LEU A 545 -17.25 5.87 11.32
N VAL A 546 -16.27 5.00 11.53
CA VAL A 546 -14.93 5.47 11.86
C VAL A 546 -14.05 5.47 10.61
N ASN A 547 -13.47 6.62 10.29
CA ASN A 547 -12.59 6.70 9.14
C ASN A 547 -11.18 6.29 9.56
N GLU A 548 -10.22 6.26 8.62
CA GLU A 548 -8.89 5.73 8.90
C GLU A 548 -8.19 6.53 10.00
N VAL A 549 -8.38 7.85 9.98
CA VAL A 549 -7.84 8.73 11.03
C VAL A 549 -8.43 8.38 12.40
N GLU A 550 -9.75 8.22 12.47
CA GLU A 550 -10.44 7.89 13.72
C GLU A 550 -10.07 6.49 14.23
N LEU A 551 -9.99 5.52 13.31
CA LEU A 551 -9.58 4.17 13.69
C LEU A 551 -8.20 4.14 14.34
N GLN A 552 -7.25 4.89 13.79
CA GLN A 552 -5.89 4.93 14.34
C GLN A 552 -5.92 5.58 15.74
N ALA A 553 -6.70 6.64 15.88
CA ALA A 553 -6.87 7.36 17.14
C ALA A 553 -7.46 6.45 18.22
N ILE A 554 -8.38 5.58 17.85
CA ILE A 554 -8.94 4.60 18.78
C ILE A 554 -7.83 3.61 19.22
N LYS A 555 -7.07 3.10 18.26
CA LYS A 555 -6.01 2.12 18.49
C LYS A 555 -4.95 2.63 19.45
N THR A 556 -4.67 3.93 19.37
CA THR A 556 -3.81 4.59 20.34
C THR A 556 -4.50 4.53 21.69
N GLY A 557 -5.65 5.20 21.73
CA GLY A 557 -6.33 5.74 22.90
C GLY A 557 -6.04 5.21 24.28
N GLN A 558 -6.83 5.66 25.26
CA GLN A 558 -6.60 5.32 26.67
C GLN A 558 -7.04 3.90 27.04
N LEU A 559 -7.78 3.23 26.16
CA LEU A 559 -8.27 1.88 26.44
C LEU A 559 -7.39 0.81 25.80
N GLN A 560 -7.41 -0.40 26.35
CA GLN A 560 -6.62 -1.51 25.81
C GLN A 560 -7.31 -2.02 24.54
N VAL A 561 -6.60 -2.02 23.41
CA VAL A 561 -7.20 -2.41 22.14
C VAL A 561 -6.53 -3.66 21.60
N ALA A 562 -7.32 -4.55 21.02
CA ALA A 562 -6.77 -5.75 20.42
C ALA A 562 -7.38 -6.03 19.07
N GLU A 563 -6.53 -6.43 18.13
CA GLU A 563 -6.94 -6.78 16.79
C GLU A 563 -7.26 -8.26 16.74
N VAL A 564 -8.37 -8.61 16.11
CA VAL A 564 -8.78 -10.00 15.96
C VAL A 564 -9.12 -10.29 14.50
N SER A 565 -8.44 -11.27 13.91
CA SER A 565 -8.55 -11.62 12.49
C SER A 565 -9.83 -12.39 12.17
N THR A 566 -10.50 -11.99 11.08
CA THR A 566 -11.63 -12.75 10.57
C THR A 566 -11.26 -13.50 9.30
N LEU A 567 -9.98 -13.50 8.96
CA LEU A 567 -9.50 -14.29 7.82
C LEU A 567 -9.10 -15.68 8.28
N TYR A 568 -9.04 -16.62 7.33
CA TYR A 568 -8.50 -17.95 7.58
C TYR A 568 -7.97 -18.57 6.29
N ASP A 569 -7.04 -19.51 6.45
CA ASP A 569 -6.39 -20.17 5.31
C ASP A 569 -7.29 -21.22 4.69
N LEU A 570 -7.30 -21.28 3.36
CA LEU A 570 -7.99 -22.36 2.65
C LEU A 570 -7.01 -23.49 2.43
N ASP A 571 -6.83 -24.31 3.47
CA ASP A 571 -5.83 -25.38 3.42
C ASP A 571 -6.43 -26.78 3.28
N GLY A 572 -7.73 -26.83 2.98
CA GLY A 572 -8.46 -28.09 2.86
C GLY A 572 -8.63 -28.78 4.20
N VAL A 573 -8.71 -27.97 5.26
CA VAL A 573 -8.84 -28.47 6.63
C VAL A 573 -9.71 -27.48 7.39
N ASN A 574 -9.34 -26.20 7.35
CA ASN A 574 -10.19 -25.12 7.84
C ASN A 574 -11.51 -25.02 7.06
N SER A 575 -12.57 -24.71 7.79
CA SER A 575 -13.88 -24.42 7.22
C SER A 575 -14.32 -23.14 7.89
N LEU A 576 -15.38 -22.51 7.36
CA LEU A 576 -15.94 -21.33 8.01
C LEU A 576 -16.35 -21.68 9.45
N GLU A 577 -16.90 -22.88 9.66
CA GLU A 577 -17.36 -23.26 10.99
C GLU A 577 -16.25 -23.32 12.04
N ASP A 578 -15.10 -23.93 11.74
CA ASP A 578 -14.07 -23.90 12.77
C ASP A 578 -13.32 -22.58 12.82
N ALA A 579 -13.30 -21.84 11.71
CA ALA A 579 -12.78 -20.47 11.74
C ALA A 579 -13.62 -19.61 12.68
N LEU A 580 -14.93 -19.81 12.67
CA LEU A 580 -15.86 -19.16 13.58
C LEU A 580 -15.62 -19.59 15.03
N THR A 581 -15.42 -20.88 15.24
CA THR A 581 -15.11 -21.43 16.57
C THR A 581 -13.84 -20.79 17.14
N ASN A 582 -12.80 -20.73 16.32
CA ASN A 582 -11.55 -20.08 16.69
C ASN A 582 -11.68 -18.58 16.99
N LEU A 583 -12.52 -17.91 16.19
CA LEU A 583 -12.75 -16.49 16.32
C LEU A 583 -13.33 -16.22 17.69
N VAL A 584 -14.40 -16.93 18.00
CA VAL A 584 -15.13 -16.76 19.25
C VAL A 584 -14.22 -17.04 20.47
N LYS A 585 -13.45 -18.12 20.39
CA LYS A 585 -12.56 -18.51 21.47
C LYS A 585 -11.45 -17.46 21.66
N THR A 586 -10.91 -16.97 20.55
CA THR A 586 -9.93 -15.88 20.56
C THR A 586 -10.49 -14.62 21.22
N ALA A 587 -11.69 -14.23 20.81
CA ALA A 587 -12.33 -13.04 21.33
C ALA A 587 -12.50 -13.14 22.85
N ILE A 588 -13.06 -14.25 23.31
CA ILE A 588 -13.20 -14.51 24.77
C ILE A 588 -11.86 -14.40 25.50
N ALA A 589 -10.84 -15.11 25.02
CA ALA A 589 -9.52 -15.09 25.62
C ALA A 589 -8.95 -13.68 25.65
N THR A 590 -9.06 -12.98 24.52
CA THR A 590 -8.60 -11.61 24.39
C THR A 590 -9.29 -10.66 25.39
N VAL A 591 -10.60 -10.83 25.55
CA VAL A 591 -11.36 -10.07 26.55
C VAL A 591 -10.92 -10.46 27.96
N GLN A 592 -10.69 -11.74 28.21
CA GLN A 592 -10.20 -12.21 29.51
C GLN A 592 -8.82 -11.64 29.87
N ALA A 593 -8.00 -11.35 28.86
CA ALA A 593 -6.65 -10.79 29.04
C ALA A 593 -6.65 -9.26 29.24
N GLY A 594 -7.82 -8.64 29.13
CA GLY A 594 -7.97 -7.23 29.49
C GLY A 594 -8.30 -6.26 28.38
N ALA A 595 -8.48 -6.78 27.16
CA ALA A 595 -8.89 -5.92 26.05
C ALA A 595 -10.28 -5.34 26.33
N GLU A 596 -10.39 -4.01 26.14
CA GLU A 596 -11.65 -3.30 26.31
C GLU A 596 -12.27 -2.92 24.94
N ILE A 597 -11.49 -3.08 23.88
CA ILE A 597 -11.99 -2.88 22.52
C ILE A 597 -11.41 -3.97 21.62
N LEU A 598 -12.28 -4.69 20.93
CA LEU A 598 -11.86 -5.70 19.95
C LEU A 598 -12.11 -5.18 18.55
N VAL A 599 -11.06 -5.13 17.73
CA VAL A 599 -11.22 -4.75 16.34
C VAL A 599 -11.24 -6.03 15.50
N LEU A 600 -12.42 -6.35 14.96
CA LEU A 600 -12.59 -7.54 14.15
C LEU A 600 -12.30 -7.15 12.72
N THR A 601 -11.19 -7.64 12.18
CA THR A 601 -10.67 -7.15 10.89
C THR A 601 -10.47 -8.23 9.85
N ASP A 602 -10.85 -7.93 8.60
CA ASP A 602 -10.48 -8.78 7.47
C ASP A 602 -9.25 -8.25 6.71
N ARG A 603 -8.52 -7.38 7.37
CA ARG A 603 -7.21 -6.92 6.92
C ARG A 603 -6.17 -6.97 8.08
N PRO A 604 -5.98 -8.15 8.68
CA PRO A 604 -5.03 -8.28 9.80
C PRO A 604 -3.60 -7.97 9.38
N ASN A 605 -2.87 -7.34 10.29
CA ASN A 605 -1.49 -6.88 10.06
C ASN A 605 -1.36 -5.93 8.86
N GLY A 606 -2.49 -5.33 8.47
CA GLY A 606 -2.60 -4.51 7.28
C GLY A 606 -2.36 -5.29 5.99
N ALA A 607 -2.63 -6.60 6.02
CA ALA A 607 -2.44 -7.43 4.84
C ALA A 607 -3.75 -7.73 4.14
N ILE A 608 -3.70 -7.76 2.81
CA ILE A 608 -4.84 -7.96 1.91
C ILE A 608 -5.28 -9.42 1.86
N LEU A 609 -6.57 -9.67 1.59
CA LEU A 609 -7.06 -11.03 1.35
C LEU A 609 -6.38 -11.62 0.12
N THR A 610 -5.86 -12.83 0.23
CA THR A 610 -5.29 -13.51 -0.95
C THR A 610 -6.16 -14.66 -1.44
N GLU A 611 -5.80 -15.20 -2.59
CA GLU A 611 -6.47 -16.34 -3.19
C GLU A 611 -6.42 -17.59 -2.31
N ASN A 612 -5.44 -17.65 -1.41
CA ASN A 612 -5.27 -18.79 -0.50
C ASN A 612 -6.03 -18.64 0.82
N GLN A 613 -6.83 -17.58 0.94
CA GLN A 613 -7.59 -17.32 2.15
C GLN A 613 -9.05 -17.03 1.85
N SER A 614 -9.90 -17.20 2.85
CA SER A 614 -11.24 -16.66 2.77
C SER A 614 -11.52 -15.86 4.04
N PHE A 615 -12.76 -15.43 4.20
CA PHE A 615 -13.11 -14.57 5.32
C PHE A 615 -14.46 -14.95 5.92
N ILE A 616 -14.60 -14.67 7.20
CA ILE A 616 -15.88 -14.70 7.88
C ILE A 616 -16.61 -13.38 7.57
N PRO A 617 -17.77 -13.45 6.91
CA PRO A 617 -18.55 -12.23 6.63
C PRO A 617 -18.71 -11.43 7.90
N PRO A 618 -18.45 -10.12 7.86
CA PRO A 618 -18.44 -9.29 9.07
C PRO A 618 -19.72 -9.38 9.92
N LEU A 619 -20.89 -9.53 9.30
CA LEU A 619 -22.13 -9.63 10.08
C LEU A 619 -22.17 -10.94 10.88
N LEU A 620 -21.65 -12.00 10.28
CA LEU A 620 -21.56 -13.29 10.94
C LEU A 620 -20.55 -13.22 12.08
N ALA A 621 -19.41 -12.59 11.83
CA ALA A 621 -18.34 -12.45 12.83
C ALA A 621 -18.82 -11.66 14.04
N VAL A 622 -19.46 -10.51 13.80
CA VAL A 622 -19.85 -9.64 14.90
C VAL A 622 -20.97 -10.26 15.73
N GLY A 623 -21.95 -10.88 15.05
CA GLY A 623 -23.08 -11.51 15.71
C GLY A 623 -22.60 -12.65 16.60
N ALA A 624 -21.72 -13.46 16.05
CA ALA A 624 -21.12 -14.56 16.79
C ALA A 624 -20.34 -14.07 18.00
N VAL A 625 -19.46 -13.08 17.85
CA VAL A 625 -18.72 -12.65 19.04
C VAL A 625 -19.61 -11.92 20.06
N HIS A 626 -20.56 -11.14 19.59
CA HIS A 626 -21.56 -10.51 20.45
C HIS A 626 -22.27 -11.56 21.32
N HIS A 627 -22.87 -12.56 20.69
CA HIS A 627 -23.61 -13.55 21.46
C HIS A 627 -22.75 -14.49 22.27
N HIS A 628 -21.58 -14.85 21.77
CA HIS A 628 -20.72 -15.75 22.53
C HIS A 628 -20.09 -15.06 23.75
N LEU A 629 -19.80 -13.78 23.65
CA LEU A 629 -19.40 -12.95 24.79
C LEU A 629 -20.54 -12.85 25.83
N ILE A 630 -21.78 -12.73 25.35
CA ILE A 630 -22.94 -12.74 26.25
C ILE A 630 -22.97 -14.05 27.00
N ARG A 631 -22.85 -15.15 26.25
CA ARG A 631 -22.86 -16.49 26.84
C ARG A 631 -21.69 -16.71 27.82
N ALA A 632 -20.55 -16.06 27.58
CA ALA A 632 -19.37 -16.14 28.44
C ALA A 632 -19.43 -15.22 29.67
N GLY A 633 -20.44 -14.37 29.74
CA GLY A 633 -20.55 -13.38 30.82
C GLY A 633 -19.56 -12.24 30.72
N LEU A 634 -19.08 -11.99 29.50
CA LEU A 634 -18.03 -11.00 29.25
C LEU A 634 -18.46 -9.80 28.40
N ARG A 635 -19.74 -9.74 28.01
CA ARG A 635 -20.20 -8.73 27.05
C ARG A 635 -19.98 -7.27 27.51
N LEU A 636 -20.06 -7.01 28.80
CA LEU A 636 -19.95 -5.63 29.27
C LEU A 636 -18.49 -5.23 29.55
N LYS A 637 -17.57 -6.13 29.23
CA LYS A 637 -16.13 -5.89 29.43
C LYS A 637 -15.49 -5.16 28.26
N ALA A 638 -16.14 -5.19 27.08
CA ALA A 638 -15.53 -4.66 25.86
C ALA A 638 -16.56 -4.22 24.81
N SER A 639 -16.11 -3.40 23.87
CA SER A 639 -16.89 -3.02 22.72
C SER A 639 -16.27 -3.63 21.48
N LEU A 640 -17.08 -3.78 20.43
CA LEU A 640 -16.64 -4.43 19.19
C LEU A 640 -16.56 -3.40 18.09
N ILE A 641 -15.45 -3.37 17.35
CA ILE A 641 -15.38 -2.56 16.15
C ILE A 641 -15.18 -3.49 14.96
N VAL A 642 -15.98 -3.31 13.91
CA VAL A 642 -15.81 -4.10 12.70
C VAL A 642 -14.99 -3.31 11.69
N ASP A 643 -13.86 -3.90 11.31
CA ASP A 643 -12.96 -3.28 10.35
C ASP A 643 -13.01 -4.15 9.09
N THR A 644 -13.87 -3.76 8.17
CA THR A 644 -14.27 -4.67 7.10
C THR A 644 -14.41 -4.05 5.74
N ALA A 645 -13.99 -4.84 4.75
CA ALA A 645 -14.21 -4.55 3.34
C ALA A 645 -15.67 -4.76 2.91
N GLN A 646 -16.37 -5.68 3.58
CA GLN A 646 -17.76 -6.01 3.21
C GLN A 646 -18.80 -5.15 3.96
N CYS A 647 -18.79 -3.85 3.66
CA CYS A 647 -19.75 -2.91 4.24
C CYS A 647 -19.70 -1.62 3.44
N TRP A 648 -20.82 -1.25 2.82
CA TRP A 648 -20.89 -0.01 2.04
C TRP A 648 -22.24 0.66 2.00
N SER A 649 -23.31 -0.13 2.14
CA SER A 649 -24.63 0.45 2.14
C SER A 649 -25.13 0.77 3.54
N THR A 650 -26.14 1.63 3.55
CA THR A 650 -26.90 2.03 4.71
C THR A 650 -27.43 0.79 5.53
N HIS A 651 -28.01 -0.19 4.83
CA HIS A 651 -28.47 -1.44 5.42
C HIS A 651 -27.34 -2.22 6.08
N HIS A 652 -26.14 -2.18 5.49
CA HIS A 652 -24.99 -2.91 6.04
C HIS A 652 -24.62 -2.39 7.42
N PHE A 653 -24.50 -1.07 7.53
CA PHE A 653 -24.08 -0.45 8.78
C PHE A 653 -25.11 -0.73 9.86
N ALA A 654 -26.40 -0.65 9.51
CA ALA A 654 -27.48 -0.97 10.43
C ALA A 654 -27.47 -2.41 10.95
N CYS A 655 -27.25 -3.38 10.04
CA CYS A 655 -27.19 -4.80 10.44
C CYS A 655 -26.05 -5.00 11.42
N LEU A 656 -24.89 -4.43 11.07
CA LEU A 656 -23.71 -4.58 11.92
C LEU A 656 -23.95 -4.05 13.35
N VAL A 657 -24.48 -2.84 13.46
CA VAL A 657 -24.78 -2.29 14.78
C VAL A 657 -25.90 -3.07 15.51
N GLY A 658 -26.96 -3.42 14.77
CA GLY A 658 -28.08 -4.20 15.29
C GLY A 658 -27.66 -5.51 15.95
N TYR A 659 -26.58 -6.08 15.43
CA TYR A 659 -26.05 -7.32 15.97
C TYR A 659 -24.74 -7.18 16.77
N GLY A 660 -24.46 -5.99 17.30
CA GLY A 660 -23.38 -5.92 18.29
C GLY A 660 -22.23 -4.97 18.05
N ALA A 661 -22.09 -4.41 16.84
CA ALA A 661 -20.99 -3.47 16.57
C ALA A 661 -21.24 -2.11 17.18
N SER A 662 -20.26 -1.58 17.90
CA SER A 662 -20.33 -0.21 18.40
C SER A 662 -19.95 0.81 17.31
N ALA A 663 -19.09 0.37 16.39
CA ALA A 663 -18.57 1.21 15.31
C ALA A 663 -18.04 0.34 14.17
N ILE A 664 -17.97 0.93 12.97
CA ILE A 664 -17.51 0.27 11.74
C ILE A 664 -16.48 1.15 11.01
N CYS A 665 -15.34 0.57 10.62
CA CYS A 665 -14.47 1.19 9.63
C CYS A 665 -14.65 0.49 8.29
N PRO A 666 -15.36 1.13 7.38
CA PRO A 666 -15.68 0.50 6.10
C PRO A 666 -14.56 0.85 5.13
N TYR A 667 -13.39 0.24 5.35
CA TYR A 667 -12.17 0.68 4.67
C TYR A 667 -12.19 0.53 3.16
N LEU A 668 -12.78 -0.55 2.64
CA LEU A 668 -12.86 -0.71 1.18
C LEU A 668 -13.91 0.23 0.57
N ALA A 669 -14.92 0.60 1.35
CA ALA A 669 -15.95 1.52 0.84
C ALA A 669 -15.32 2.89 0.66
N LEU A 670 -14.57 3.34 1.67
CA LEU A 670 -13.81 4.58 1.58
C LEU A 670 -12.81 4.53 0.42
N GLU A 671 -12.12 3.39 0.29
CA GLU A 671 -11.17 3.23 -0.80
C GLU A 671 -11.89 3.26 -2.16
N SER A 672 -13.08 2.67 -2.23
CA SER A 672 -13.91 2.73 -3.43
C SER A 672 -14.23 4.17 -3.85
N VAL A 673 -14.53 5.02 -2.87
CA VAL A 673 -14.81 6.44 -3.10
C VAL A 673 -13.54 7.12 -3.61
N ARG A 674 -12.42 6.87 -2.93
CA ARG A 674 -11.14 7.43 -3.37
C ARG A 674 -10.85 7.07 -4.83
N GLN A 675 -11.04 5.81 -5.18
CA GLN A 675 -10.68 5.32 -6.51
C GLN A 675 -11.63 5.79 -7.60
N TRP A 676 -12.88 6.02 -7.23
CA TRP A 676 -13.85 6.59 -8.16
C TRP A 676 -13.46 8.03 -8.48
N TRP A 677 -13.20 8.82 -7.43
CA TRP A 677 -12.76 10.21 -7.60
C TRP A 677 -11.46 10.29 -8.38
N LEU A 678 -10.49 9.45 -8.00
CA LEU A 678 -9.26 9.26 -8.76
C LEU A 678 -9.50 8.16 -9.77
N ASP A 679 -10.20 8.51 -10.84
CA ASP A 679 -10.36 7.67 -12.01
C ASP A 679 -10.36 8.71 -13.09
N GLU A 680 -9.49 8.56 -14.08
CA GLU A 680 -9.41 9.56 -15.14
C GLU A 680 -10.77 9.83 -15.82
N LYS A 681 -11.61 8.79 -15.94
CA LYS A 681 -12.95 8.93 -16.49
C LYS A 681 -13.79 9.90 -15.67
N THR A 682 -13.68 9.79 -14.35
CA THR A 682 -14.32 10.70 -13.42
C THR A 682 -13.71 12.10 -13.46
N GLN A 683 -12.38 12.16 -13.51
CA GLN A 683 -11.67 13.43 -13.53
C GLN A 683 -11.98 14.15 -14.83
N LYS A 684 -12.02 13.37 -15.91
CA LYS A 684 -12.34 13.89 -17.25
C LYS A 684 -13.81 14.35 -17.34
N LEU A 685 -14.71 13.60 -16.73
CA LEU A 685 -16.13 13.98 -16.65
C LEU A 685 -16.23 15.34 -15.97
N MET A 686 -15.67 15.44 -14.76
CA MET A 686 -15.75 16.65 -13.93
C MET A 686 -15.40 17.94 -14.69
N GLU A 687 -14.41 17.87 -15.58
CA GLU A 687 -14.14 18.97 -16.51
C GLU A 687 -15.36 19.40 -17.35
N ASN A 688 -16.52 18.73 -17.16
CA ASN A 688 -17.79 19.05 -17.87
C ASN A 688 -19.11 18.42 -17.31
N GLY A 689 -19.24 17.09 -17.39
CA GLY A 689 -20.52 16.39 -17.19
C GLY A 689 -20.94 15.84 -15.83
N ARG A 690 -20.02 15.76 -14.88
CA ARG A 690 -20.40 15.49 -13.49
C ARG A 690 -20.10 16.75 -12.68
N LEU A 691 -20.86 16.99 -11.61
CA LEU A 691 -20.56 18.06 -10.67
C LEU A 691 -19.12 17.95 -10.15
N ASP A 692 -18.27 18.84 -10.67
CA ASP A 692 -16.93 19.13 -10.15
C ASP A 692 -17.19 20.27 -9.18
N ARG A 693 -17.78 19.89 -8.06
CA ARG A 693 -18.10 20.81 -6.98
C ARG A 693 -17.54 19.96 -5.88
N ILE A 694 -16.73 18.99 -6.32
CA ILE A 694 -16.35 17.90 -5.46
C ILE A 694 -14.87 17.62 -5.61
N ASP A 695 -14.14 18.07 -4.60
CA ASP A 695 -12.78 17.62 -4.37
C ASP A 695 -12.90 16.32 -3.58
N LEU A 696 -11.78 15.66 -3.33
CA LEU A 696 -11.79 14.38 -2.62
C LEU A 696 -12.38 14.44 -1.19
N PRO A 697 -11.97 15.42 -0.37
CA PRO A 697 -12.53 15.53 0.99
C PRO A 697 -14.06 15.69 0.97
N THR A 698 -14.61 16.33 -0.05
CA THR A 698 -16.08 16.46 -0.15
C THR A 698 -16.75 15.15 -0.51
N ALA A 699 -16.17 14.41 -1.45
CA ALA A 699 -16.68 13.10 -1.82
C ALA A 699 -16.74 12.17 -0.61
N LEU A 700 -15.65 12.14 0.16
CA LEU A 700 -15.60 11.32 1.37
C LEU A 700 -16.60 11.78 2.43
N LYS A 701 -16.67 13.09 2.65
CA LYS A 701 -17.64 13.66 3.59
C LYS A 701 -19.07 13.32 3.17
N ASN A 702 -19.34 13.43 1.87
CA ASN A 702 -20.67 13.12 1.33
C ASN A 702 -21.00 11.69 1.61
N TYR A 703 -20.04 10.79 1.37
CA TYR A 703 -20.27 9.37 1.63
C TYR A 703 -20.69 9.14 3.08
N ARG A 704 -19.93 9.68 4.02
CA ARG A 704 -20.25 9.52 5.43
C ARG A 704 -21.59 10.15 5.80
N GLN A 705 -21.87 11.34 5.25
CA GLN A 705 -23.16 12.01 5.51
C GLN A 705 -24.32 11.13 5.01
N SER A 706 -24.12 10.47 3.87
CA SER A 706 -25.13 9.56 3.31
C SER A 706 -25.45 8.41 4.25
N VAL A 707 -24.40 7.82 4.83
CA VAL A 707 -24.52 6.70 5.77
C VAL A 707 -25.24 7.13 7.07
N GLU A 708 -24.78 8.26 7.63
CA GLU A 708 -25.41 8.82 8.83
C GLU A 708 -26.90 9.13 8.65
N ALA A 709 -27.24 9.82 7.57
CA ALA A 709 -28.64 10.08 7.20
C ALA A 709 -29.43 8.77 7.05
N GLY A 710 -28.81 7.78 6.41
CA GLY A 710 -29.43 6.48 6.19
C GLY A 710 -29.66 5.74 7.50
N LEU A 711 -28.75 5.92 8.46
CA LEU A 711 -28.94 5.31 9.77
C LEU A 711 -30.08 5.96 10.55
N PHE A 712 -30.18 7.29 10.50
CA PHE A 712 -31.29 8.00 11.14
C PHE A 712 -32.61 7.51 10.54
N LYS A 713 -32.62 7.35 9.20
CA LYS A 713 -33.79 6.82 8.52
C LYS A 713 -34.19 5.43 9.05
N ILE A 714 -33.23 4.51 9.10
CA ILE A 714 -33.55 3.12 9.51
C ILE A 714 -34.09 3.06 10.98
N LEU A 715 -33.42 3.76 11.88
CA LEU A 715 -33.84 3.90 13.28
C LEU A 715 -35.26 4.42 13.38
N SER A 716 -35.52 5.51 12.65
CA SER A 716 -36.82 6.19 12.69
C SER A 716 -37.97 5.31 12.19
N LYS A 717 -37.66 4.36 11.31
CA LYS A 717 -38.68 3.42 10.81
C LYS A 717 -39.35 2.69 11.96
N MET A 718 -38.59 2.43 13.03
CA MET A 718 -39.10 1.73 14.23
C MET A 718 -39.47 2.69 15.38
N GLY A 719 -39.24 3.98 15.17
CA GLY A 719 -39.47 5.00 16.19
C GLY A 719 -38.32 5.14 17.20
N ILE A 720 -37.13 4.67 16.84
CA ILE A 720 -35.97 4.67 17.73
C ILE A 720 -35.13 5.93 17.54
N SER A 721 -34.79 6.62 18.63
CA SER A 721 -33.99 7.86 18.58
C SER A 721 -32.46 7.64 18.63
N LEU A 722 -32.00 6.77 19.52
CA LEU A 722 -30.56 6.65 19.75
C LEU A 722 -30.02 5.37 19.16
N LEU A 723 -28.92 5.51 18.40
CA LEU A 723 -28.15 4.33 17.98
C LEU A 723 -27.75 3.43 19.14
N ALA A 724 -27.48 4.02 20.31
CA ALA A 724 -27.24 3.25 21.53
C ALA A 724 -28.36 2.24 21.90
N SER A 725 -29.63 2.61 21.64
CA SER A 725 -30.75 1.69 21.87
C SER A 725 -30.88 0.65 20.75
N TYR A 726 -30.62 1.08 19.52
CA TYR A 726 -30.67 0.20 18.36
C TYR A 726 -29.59 -0.87 18.40
N HIS A 727 -28.43 -0.50 18.96
CA HIS A 727 -27.23 -1.35 19.13
C HIS A 727 -27.55 -2.75 19.71
N GLY A 728 -28.13 -2.87 20.88
CA GLY A 728 -28.41 -4.28 21.23
C GLY A 728 -29.50 -5.06 20.47
N ALA A 729 -30.29 -4.33 19.71
CA ALA A 729 -31.69 -4.69 19.56
C ALA A 729 -31.74 -5.47 18.29
N GLN A 730 -32.72 -6.24 18.00
CA GLN A 730 -32.22 -6.90 16.76
C GLN A 730 -33.30 -6.64 15.78
N ILE A 731 -33.33 -5.41 15.26
CA ILE A 731 -34.55 -4.88 14.61
C ILE A 731 -34.65 -5.37 13.16
N PHE A 732 -34.67 -6.70 13.04
CA PHE A 732 -34.69 -7.38 11.75
C PHE A 732 -35.49 -8.66 11.88
N GLU A 733 -35.86 -9.18 10.71
CA GLU A 733 -36.37 -10.52 10.55
C GLU A 733 -35.46 -11.17 9.51
N ALA A 734 -35.06 -12.40 9.76
CA ALA A 734 -34.25 -13.13 8.79
C ALA A 734 -35.15 -14.00 7.92
N ILE A 735 -34.83 -14.03 6.62
CA ILE A 735 -35.57 -14.87 5.68
C ILE A 735 -34.55 -15.77 4.97
N GLY A 736 -34.59 -17.06 5.29
CA GLY A 736 -33.72 -18.01 4.64
C GLY A 736 -32.48 -18.44 5.39
N LEU A 737 -32.39 -18.15 6.69
CA LEU A 737 -31.32 -18.66 7.57
C LEU A 737 -31.78 -19.79 8.50
N GLY A 738 -31.03 -20.89 8.49
CA GLY A 738 -31.35 -22.08 9.28
C GLY A 738 -31.19 -21.83 10.78
N ALA A 739 -31.81 -22.69 11.58
CA ALA A 739 -31.93 -22.46 13.02
C ALA A 739 -30.56 -22.46 13.71
N GLU A 740 -29.70 -23.37 13.25
CA GLU A 740 -28.37 -23.52 13.83
C GLU A 740 -27.54 -22.25 13.67
N LEU A 741 -27.52 -21.70 12.45
CA LEU A 741 -26.85 -20.43 12.18
C LEU A 741 -27.44 -19.27 12.99
N VAL A 742 -28.78 -19.19 13.01
CA VAL A 742 -29.43 -18.13 13.74
C VAL A 742 -29.07 -18.20 15.22
N GLU A 743 -29.06 -19.40 15.79
CA GLU A 743 -28.70 -19.59 17.20
C GLU A 743 -27.23 -19.20 17.50
N TYR A 744 -26.34 -19.45 16.54
CA TYR A 744 -24.92 -19.21 16.75
C TYR A 744 -24.60 -17.71 16.83
N ALA A 745 -25.20 -16.93 15.93
CA ALA A 745 -24.80 -15.54 15.74
C ALA A 745 -25.91 -14.49 15.79
N PHE A 746 -27.16 -14.92 15.67
CA PHE A 746 -28.27 -13.97 15.63
C PHE A 746 -29.41 -14.36 16.57
N ALA A 747 -29.06 -14.98 17.70
CA ALA A 747 -30.02 -15.58 18.64
C ALA A 747 -31.16 -14.62 18.99
N GLY A 748 -32.39 -15.12 18.91
CA GLY A 748 -33.57 -14.31 19.16
C GLY A 748 -34.18 -13.67 17.91
N THR A 749 -33.48 -13.72 16.78
CA THR A 749 -34.06 -13.25 15.51
C THR A 749 -35.04 -14.26 14.96
N THR A 750 -36.25 -13.83 14.60
CA THR A 750 -37.12 -14.78 13.87
C THR A 750 -36.65 -15.07 12.44
N SER A 751 -36.75 -16.34 12.09
CA SER A 751 -36.31 -16.84 10.80
C SER A 751 -37.20 -18.03 10.53
N ARG A 752 -38.36 -17.73 9.94
CA ARG A 752 -39.48 -18.67 9.92
C ARG A 752 -39.45 -19.71 8.83
N VAL A 753 -38.51 -19.56 7.92
CA VAL A 753 -38.47 -20.42 6.75
C VAL A 753 -37.25 -21.37 6.73
N GLY A 754 -36.51 -21.42 7.83
CA GLY A 754 -35.31 -22.25 7.88
C GLY A 754 -34.29 -21.77 6.85
N GLY A 755 -33.46 -22.69 6.35
CA GLY A 755 -32.56 -22.35 5.27
C GLY A 755 -31.08 -22.58 5.53
N LEU A 756 -30.27 -21.55 5.27
CA LEU A 756 -28.82 -21.65 5.21
C LEU A 756 -28.18 -22.25 6.46
N THR A 757 -27.28 -23.21 6.26
CA THR A 757 -26.34 -23.64 7.28
C THR A 757 -25.07 -22.78 7.18
N ILE A 758 -24.18 -22.93 8.16
CA ILE A 758 -22.87 -22.27 8.12
C ILE A 758 -22.12 -22.64 6.82
N ALA A 759 -22.14 -23.92 6.46
CA ALA A 759 -21.51 -24.38 5.22
C ALA A 759 -22.10 -23.71 3.97
N ASP A 760 -23.42 -23.50 3.96
CA ASP A 760 -24.06 -22.81 2.85
C ASP A 760 -23.58 -21.36 2.72
N VAL A 761 -23.41 -20.65 3.84
CA VAL A 761 -22.89 -19.28 3.72
C VAL A 761 -21.45 -19.25 3.18
N ALA A 762 -20.63 -20.21 3.60
CA ALA A 762 -19.28 -20.36 3.06
C ALA A 762 -19.30 -20.64 1.56
N GLY A 763 -20.23 -21.48 1.09
CA GLY A 763 -20.37 -21.75 -0.33
C GLY A 763 -20.64 -20.45 -1.11
N GLU A 764 -21.48 -19.61 -0.54
CA GLU A 764 -21.81 -18.32 -1.12
C GLU A 764 -20.63 -17.38 -1.22
N VAL A 765 -19.88 -17.22 -0.13
CA VAL A 765 -18.68 -16.38 -0.19
C VAL A 765 -17.66 -16.91 -1.22
N MET A 766 -17.58 -18.24 -1.34
CA MET A 766 -16.67 -18.87 -2.32
C MET A 766 -17.06 -18.60 -3.79
N VAL A 767 -18.35 -18.35 -4.06
CA VAL A 767 -18.75 -17.94 -5.40
C VAL A 767 -18.05 -16.62 -5.74
N PHE A 768 -18.09 -15.65 -4.82
CA PHE A 768 -17.37 -14.38 -5.01
C PHE A 768 -15.85 -14.57 -5.07
N HIS A 769 -15.33 -15.50 -4.25
CA HIS A 769 -13.90 -15.83 -4.31
C HIS A 769 -13.49 -16.28 -5.71
N GLY A 770 -14.33 -17.13 -6.31
CA GLY A 770 -14.07 -17.65 -7.65
C GLY A 770 -14.17 -16.61 -8.75
N MET A 771 -15.02 -15.61 -8.55
CA MET A 771 -15.15 -14.49 -9.49
C MET A 771 -13.91 -13.58 -9.42
N ALA A 772 -13.28 -13.52 -8.25
CA ALA A 772 -12.12 -12.66 -8.03
C ALA A 772 -10.76 -13.29 -8.38
N PHE A 773 -10.58 -14.57 -8.05
CA PHE A 773 -9.25 -15.20 -8.09
C PHE A 773 -9.13 -16.34 -9.13
N LYS A 778 -11.53 -7.54 -15.54
CA LYS A 778 -11.52 -6.21 -16.17
C LYS A 778 -12.47 -5.22 -15.46
N LYS A 779 -13.62 -5.74 -15.05
CA LYS A 779 -14.65 -4.96 -14.36
C LYS A 779 -15.49 -5.89 -13.49
N LEU A 780 -16.17 -5.32 -12.50
CA LEU A 780 -17.06 -6.11 -11.65
C LEU A 780 -18.25 -6.61 -12.48
N GLU A 781 -18.79 -7.77 -12.11
CA GLU A 781 -19.98 -8.28 -12.76
C GLU A 781 -21.20 -7.42 -12.43
N ASN A 782 -22.01 -7.15 -13.45
CA ASN A 782 -23.30 -6.50 -13.26
C ASN A 782 -24.39 -7.56 -13.28
N PHE A 783 -25.01 -7.78 -12.12
CA PHE A 783 -26.09 -8.74 -12.01
C PHE A 783 -27.40 -8.05 -12.31
N GLY A 784 -28.48 -8.79 -12.27
CA GLY A 784 -29.70 -8.17 -12.76
C GLY A 784 -30.38 -7.16 -11.84
N PHE A 785 -29.75 -6.78 -10.73
CA PHE A 785 -30.51 -6.49 -9.49
C PHE A 785 -31.49 -5.32 -9.51
N VAL A 786 -31.05 -4.15 -10.00
CA VAL A 786 -31.86 -2.93 -9.95
C VAL A 786 -32.83 -2.77 -11.14
N ASN A 787 -32.32 -3.02 -12.34
CA ASN A 787 -33.06 -2.92 -13.60
C ASN A 787 -32.81 -4.25 -14.33
N TYR A 788 -33.81 -4.77 -15.04
CA TYR A 788 -33.66 -5.99 -15.83
C TYR A 788 -32.50 -5.86 -16.81
N ARG A 789 -31.70 -6.93 -16.92
CA ARG A 789 -30.61 -7.08 -17.89
C ARG A 789 -30.82 -8.44 -18.52
N PRO A 790 -30.48 -8.61 -19.80
CA PRO A 790 -30.55 -9.91 -20.46
C PRO A 790 -30.05 -11.13 -19.66
N GLY A 791 -28.77 -11.20 -19.28
CA GLY A 791 -28.31 -12.37 -18.53
C GLY A 791 -28.33 -12.32 -17.01
N GLY A 792 -29.04 -11.34 -16.45
CA GLY A 792 -28.97 -11.07 -15.02
C GLY A 792 -30.02 -11.71 -14.14
N GLU A 793 -30.10 -11.21 -12.91
CA GLU A 793 -31.14 -11.64 -11.99
C GLU A 793 -32.49 -11.51 -12.67
N TYR A 794 -33.39 -12.43 -12.33
CA TYR A 794 -34.74 -12.41 -12.84
C TYR A 794 -35.55 -11.27 -12.23
N HIS A 795 -36.36 -10.62 -13.06
CA HIS A 795 -37.33 -9.64 -12.59
C HIS A 795 -38.70 -10.10 -13.07
N MET A 796 -39.69 -10.07 -12.18
CA MET A 796 -41.06 -10.45 -12.52
C MET A 796 -41.69 -9.55 -13.58
N ASN A 797 -41.31 -8.27 -13.55
CA ASN A 797 -41.71 -7.27 -14.54
C ASN A 797 -40.53 -6.87 -15.41
N SER A 798 -40.79 -6.77 -16.71
CA SER A 798 -39.79 -6.32 -17.68
C SER A 798 -40.54 -5.73 -18.88
N PRO A 799 -39.88 -4.86 -19.65
CA PRO A 799 -40.50 -4.24 -20.83
C PRO A 799 -41.16 -5.19 -21.82
N GLU A 800 -40.47 -6.26 -22.23
CA GLU A 800 -41.05 -7.20 -23.19
C GLU A 800 -42.31 -7.91 -22.65
N MET A 801 -42.25 -8.41 -21.42
CA MET A 801 -43.42 -9.01 -20.77
C MET A 801 -44.57 -7.99 -20.79
N SER A 802 -44.24 -6.74 -20.44
CA SER A 802 -45.22 -5.67 -20.34
C SER A 802 -45.90 -5.40 -21.68
N LYS A 803 -45.11 -5.42 -22.75
CA LYS A 803 -45.63 -5.06 -24.07
C LYS A 803 -46.56 -6.13 -24.63
N SER A 804 -46.25 -7.41 -24.40
CA SER A 804 -47.16 -8.46 -24.84
C SER A 804 -48.50 -8.46 -24.07
N LEU A 805 -48.49 -8.12 -22.78
CA LEU A 805 -49.75 -8.05 -22.04
C LEU A 805 -50.64 -6.95 -22.62
N HIS A 806 -50.04 -5.79 -22.88
CA HIS A 806 -50.77 -4.59 -23.26
C HIS A 806 -51.46 -4.76 -24.61
N LYS A 807 -50.78 -5.50 -25.49
CA LYS A 807 -51.31 -5.76 -26.81
C LYS A 807 -52.38 -6.84 -26.78
N ALA A 808 -52.21 -7.84 -25.92
CA ALA A 808 -53.23 -8.87 -25.73
C ALA A 808 -54.55 -8.22 -25.30
N VAL A 809 -54.43 -7.35 -24.32
CA VAL A 809 -55.57 -6.68 -23.71
C VAL A 809 -56.23 -5.59 -24.60
N ALA A 810 -55.43 -4.95 -25.47
CA ALA A 810 -55.95 -3.95 -26.41
C ALA A 810 -56.57 -4.60 -27.65
N ALA A 811 -56.38 -5.90 -27.81
CA ALA A 811 -56.86 -6.64 -28.97
C ALA A 811 -58.32 -7.12 -28.84
N TYR A 812 -58.78 -7.36 -27.61
CA TYR A 812 -60.20 -7.62 -27.26
C TYR A 812 -60.28 -8.43 -25.97
N ASP A 825 -51.78 -15.94 -29.30
CA ASP A 825 -52.20 -14.61 -28.90
C ASP A 825 -50.99 -13.90 -28.29
N HIS A 826 -51.13 -12.60 -28.08
CA HIS A 826 -50.18 -11.86 -27.27
C HIS A 826 -50.18 -12.36 -25.81
N TYR A 827 -51.33 -12.85 -25.34
CA TYR A 827 -51.47 -13.30 -23.94
C TYR A 827 -50.73 -14.58 -23.63
N GLU A 828 -50.57 -15.44 -24.63
CA GLU A 828 -49.92 -16.72 -24.44
C GLU A 828 -48.40 -16.53 -24.44
N LEU A 829 -47.93 -15.57 -25.22
CA LEU A 829 -46.52 -15.15 -25.15
C LEU A 829 -46.22 -14.52 -23.78
N TYR A 830 -47.15 -13.69 -23.30
CA TYR A 830 -47.02 -13.07 -21.98
C TYR A 830 -47.05 -14.10 -20.86
N ARG A 831 -47.87 -15.13 -21.07
CA ARG A 831 -48.18 -16.12 -20.06
C ARG A 831 -46.99 -17.05 -19.76
N GLN A 832 -46.19 -17.28 -20.79
CA GLN A 832 -45.01 -18.14 -20.73
C GLN A 832 -43.75 -17.35 -20.34
N TYR A 833 -43.78 -16.02 -20.48
CA TYR A 833 -42.74 -15.21 -19.85
C TYR A 833 -42.76 -15.53 -18.34
N LEU A 834 -43.96 -15.63 -17.77
CA LEU A 834 -44.16 -15.84 -16.34
C LEU A 834 -43.84 -17.25 -15.84
N LYS A 835 -44.11 -18.25 -16.68
CA LYS A 835 -43.95 -19.65 -16.26
C LYS A 835 -42.52 -20.16 -16.43
N ASP A 836 -41.74 -19.45 -17.23
CA ASP A 836 -40.32 -19.79 -17.41
C ASP A 836 -39.46 -19.22 -16.28
N ARG A 837 -40.13 -18.54 -15.34
CA ARG A 837 -39.53 -17.89 -14.19
C ARG A 837 -38.75 -18.91 -13.33
N PRO A 838 -37.60 -18.51 -12.77
CA PRO A 838 -36.96 -19.28 -11.70
C PRO A 838 -37.79 -19.08 -10.42
N VAL A 839 -37.58 -19.90 -9.40
CA VAL A 839 -38.26 -19.68 -8.13
C VAL A 839 -37.96 -18.24 -7.63
N THR A 840 -39.00 -17.51 -7.24
CA THR A 840 -38.90 -16.07 -6.93
C THR A 840 -39.55 -15.70 -5.60
N ALA A 841 -40.78 -16.19 -5.37
CA ALA A 841 -41.51 -15.93 -4.14
C ALA A 841 -41.71 -17.23 -3.37
N LEU A 842 -42.02 -17.12 -2.07
CA LEU A 842 -42.30 -18.30 -1.26
C LEU A 842 -43.37 -19.20 -1.87
N ARG A 843 -44.46 -18.60 -2.37
CA ARG A 843 -45.55 -19.40 -2.99
C ARG A 843 -45.10 -20.26 -4.19
N ASP A 844 -43.97 -19.90 -4.80
CA ASP A 844 -43.39 -20.67 -5.91
C ASP A 844 -42.91 -22.06 -5.47
N LEU A 845 -42.73 -22.26 -4.17
CA LEU A 845 -42.29 -23.56 -3.64
C LEU A 845 -43.45 -24.50 -3.37
N LEU A 846 -44.66 -23.97 -3.55
CA LEU A 846 -45.88 -24.73 -3.26
C LEU A 846 -46.63 -25.15 -4.52
N ASP A 847 -47.45 -26.17 -4.36
CA ASP A 847 -48.32 -26.67 -5.41
C ASP A 847 -49.60 -27.14 -4.74
N PHE A 848 -50.61 -27.48 -5.55
CA PHE A 848 -51.91 -27.91 -5.04
C PHE A 848 -51.92 -29.39 -4.75
N ASN A 849 -52.66 -29.77 -3.71
CA ASN A 849 -52.95 -31.17 -3.39
C ASN A 849 -54.46 -31.29 -3.21
N ALA A 850 -55.16 -31.54 -4.30
CA ALA A 850 -56.62 -31.55 -4.29
C ALA A 850 -57.17 -32.66 -3.39
N ASP A 851 -58.21 -32.33 -2.64
CA ASP A 851 -58.96 -33.33 -1.86
C ASP A 851 -60.28 -33.75 -2.52
N GLN A 852 -60.54 -33.27 -3.72
CA GLN A 852 -61.76 -33.59 -4.46
C GLN A 852 -61.49 -33.71 -5.97
N PRO A 853 -62.29 -34.51 -6.70
CA PRO A 853 -62.10 -34.63 -8.16
C PRO A 853 -62.46 -33.31 -8.87
N ALA A 854 -61.80 -33.05 -10.00
CA ALA A 854 -62.12 -31.87 -10.81
C ALA A 854 -63.61 -31.83 -11.18
N ILE A 855 -64.18 -30.63 -11.26
CA ILE A 855 -65.54 -30.46 -11.78
C ILE A 855 -65.51 -29.73 -13.11
N SER A 856 -66.62 -29.71 -13.83
CA SER A 856 -66.68 -28.97 -15.11
C SER A 856 -66.75 -27.46 -14.90
N LEU A 857 -66.14 -26.72 -15.81
CA LEU A 857 -66.04 -25.26 -15.72
C LEU A 857 -67.39 -24.58 -15.54
N GLU A 858 -68.43 -25.11 -16.20
CA GLU A 858 -69.76 -24.49 -16.17
C GLU A 858 -70.38 -24.43 -14.76
N GLU A 859 -69.88 -25.29 -13.85
CA GLU A 859 -70.31 -25.30 -12.46
C GLU A 859 -69.66 -24.19 -11.61
N VAL A 860 -68.57 -23.62 -12.10
CA VAL A 860 -67.80 -22.65 -11.33
C VAL A 860 -68.43 -21.24 -11.40
N GLU A 861 -68.35 -20.50 -10.29
CA GLU A 861 -68.89 -19.13 -10.25
C GLU A 861 -68.36 -18.25 -11.40
N SER A 862 -69.19 -17.30 -11.85
CA SER A 862 -68.87 -16.48 -13.03
C SER A 862 -67.71 -15.53 -12.79
N VAL A 863 -67.13 -15.02 -13.88
CA VAL A 863 -66.08 -14.02 -13.83
C VAL A 863 -66.62 -12.73 -13.18
N GLU A 864 -67.91 -12.48 -13.37
CA GLU A 864 -68.54 -11.27 -12.84
C GLU A 864 -68.51 -11.25 -11.32
N SER A 865 -68.76 -12.42 -10.75
CA SER A 865 -68.66 -12.64 -9.31
C SER A 865 -67.22 -12.52 -8.75
N ILE A 866 -66.24 -13.06 -9.48
CA ILE A 866 -64.85 -13.13 -8.98
C ILE A 866 -64.18 -11.76 -8.96
N VAL A 867 -64.41 -11.04 -10.03
CA VAL A 867 -63.89 -9.70 -10.25
C VAL A 867 -64.31 -8.71 -9.14
N LYS A 868 -65.43 -9.00 -8.48
CA LYS A 868 -65.86 -8.19 -7.32
C LYS A 868 -64.87 -8.20 -6.15
N ARG A 869 -63.94 -9.16 -6.14
CA ARG A 869 -62.98 -9.29 -5.06
C ARG A 869 -61.67 -8.55 -5.37
N PHE A 870 -61.60 -7.96 -6.56
CA PHE A 870 -60.37 -7.33 -7.05
C PHE A 870 -60.37 -5.84 -6.76
N CYS A 871 -59.21 -5.34 -6.34
CA CYS A 871 -58.99 -3.92 -6.07
C CYS A 871 -57.76 -3.48 -6.80
N THR A 872 -57.83 -2.28 -7.31
CA THR A 872 -56.68 -1.70 -7.92
C THR A 872 -55.81 -0.98 -6.85
N GLY A 873 -56.39 -0.47 -5.78
CA GLY A 873 -55.42 -0.02 -4.78
C GLY A 873 -54.63 1.29 -5.02
N GLY A 874 -54.12 1.84 -3.93
CA GLY A 874 -53.93 3.26 -3.82
C GLY A 874 -52.64 3.74 -4.40
N MET A 875 -52.69 4.26 -5.62
CA MET A 875 -51.56 4.93 -6.23
C MET A 875 -51.93 6.39 -6.38
N SER A 876 -51.16 7.28 -5.75
CA SER A 876 -51.60 8.68 -5.64
C SER A 876 -51.76 9.33 -6.99
N LEU A 877 -52.71 10.25 -7.05
CA LEU A 877 -52.77 11.18 -8.16
C LEU A 877 -51.43 11.96 -8.35
N GLY A 878 -50.74 12.45 -7.37
CA GLY A 878 -49.35 12.84 -7.79
C GLY A 878 -48.39 11.84 -8.52
N ALA A 879 -48.26 10.62 -7.99
CA ALA A 879 -47.41 9.59 -8.63
C ALA A 879 -47.85 9.24 -10.07
N LEU A 880 -49.16 9.06 -10.24
CA LEU A 880 -49.80 8.80 -11.53
C LEU A 880 -50.34 10.09 -12.14
N SER A 881 -50.35 10.15 -13.47
CA SER A 881 -51.10 11.15 -14.22
C SER A 881 -52.60 10.96 -13.99
N ARG A 882 -53.36 12.02 -14.15
CA ARG A 882 -54.80 11.91 -13.97
C ARG A 882 -55.39 10.97 -15.03
N GLU A 883 -54.76 10.93 -16.21
CA GLU A 883 -55.16 10.01 -17.28
C GLU A 883 -55.09 8.56 -16.80
N ALA A 884 -53.95 8.15 -16.24
CA ALA A 884 -53.78 6.77 -15.78
C ALA A 884 -54.61 6.48 -14.53
N HIS A 885 -54.68 7.46 -13.64
CA HIS A 885 -55.44 7.33 -12.39
C HIS A 885 -56.96 7.17 -12.65
N GLU A 886 -57.52 8.09 -13.42
CA GLU A 886 -58.95 8.04 -13.74
C GLU A 886 -59.36 6.81 -14.58
N THR A 887 -58.50 6.42 -15.52
CA THR A 887 -58.77 5.26 -16.38
C THR A 887 -58.99 4.01 -15.54
N LEU A 888 -58.14 3.81 -14.54
CA LEU A 888 -58.27 2.69 -13.60
C LEU A 888 -59.61 2.74 -12.85
N ALA A 889 -59.95 3.91 -12.33
CA ALA A 889 -61.19 4.11 -11.60
C ALA A 889 -62.41 3.74 -12.45
N ILE A 890 -62.45 4.24 -13.68
CA ILE A 890 -63.56 3.92 -14.58
C ILE A 890 -63.64 2.41 -14.82
N ALA A 891 -62.50 1.78 -15.05
CA ALA A 891 -62.48 0.33 -15.26
C ALA A 891 -62.99 -0.45 -14.05
N MET A 892 -62.51 -0.13 -12.86
CA MET A 892 -62.94 -0.88 -11.68
C MET A 892 -64.41 -0.69 -11.38
N ASN A 893 -64.91 0.52 -11.58
CA ASN A 893 -66.34 0.78 -11.38
C ASN A 893 -67.24 0.05 -12.38
N ARG A 894 -66.79 -0.04 -13.63
CA ARG A 894 -67.47 -0.82 -14.66
C ARG A 894 -67.60 -2.28 -14.23
N LEU A 895 -66.53 -2.79 -13.59
CA LEU A 895 -66.46 -4.17 -13.14
C LEU A 895 -67.33 -4.47 -11.92
N GLY A 896 -67.69 -3.44 -11.17
CA GLY A 896 -68.30 -3.63 -9.87
C GLY A 896 -67.23 -3.95 -8.84
N ALA A 897 -65.99 -3.63 -9.16
CA ALA A 897 -64.88 -3.83 -8.23
C ALA A 897 -64.55 -2.49 -7.57
N LYS A 898 -63.31 -2.30 -7.14
CA LYS A 898 -62.94 -1.08 -6.43
C LYS A 898 -61.59 -0.57 -6.91
N SER A 899 -61.48 0.75 -7.07
CA SER A 899 -60.19 1.42 -7.14
C SER A 899 -60.00 2.28 -5.88
N ASN A 900 -58.80 2.83 -5.74
CA ASN A 900 -58.37 3.49 -4.50
C ASN A 900 -57.70 4.80 -4.84
N SER A 901 -58.17 5.89 -4.26
CA SER A 901 -57.49 7.16 -4.38
C SER A 901 -56.42 7.05 -3.32
N GLY A 902 -55.24 6.63 -3.70
CA GLY A 902 -54.08 6.80 -2.85
C GLY A 902 -54.06 8.15 -2.14
N GLU A 903 -52.86 8.62 -1.82
CA GLU A 903 -52.75 9.68 -0.83
C GLU A 903 -52.62 11.12 -1.34
N GLY A 904 -53.07 11.38 -2.57
CA GLY A 904 -53.08 12.73 -3.12
C GLY A 904 -54.41 13.46 -3.20
N GLY A 905 -55.40 13.00 -2.44
CA GLY A 905 -56.74 13.52 -2.55
C GLY A 905 -57.40 13.13 -3.86
N GLU A 906 -58.48 13.83 -4.20
CA GLU A 906 -59.24 13.56 -5.42
C GLU A 906 -60.01 14.79 -5.86
N ASP A 907 -59.99 15.02 -7.17
CA ASP A 907 -60.76 16.07 -7.79
C ASP A 907 -62.26 15.77 -7.66
N VAL A 908 -63.00 16.76 -7.14
CA VAL A 908 -64.45 16.68 -6.90
C VAL A 908 -65.25 16.40 -8.19
N VAL A 909 -64.73 16.82 -9.34
CA VAL A 909 -65.46 16.60 -10.61
C VAL A 909 -65.75 15.10 -10.85
N ARG A 910 -64.95 14.26 -10.22
CA ARG A 910 -65.03 12.81 -10.37
C ARG A 910 -66.13 12.13 -9.57
N TYR A 911 -66.75 12.88 -8.66
CA TYR A 911 -67.78 12.34 -7.79
C TYR A 911 -69.07 12.09 -8.58
N LEU A 912 -69.20 12.72 -9.73
CA LEU A 912 -70.42 12.64 -10.54
C LEU A 912 -70.31 11.61 -11.68
N THR A 913 -71.40 10.91 -11.97
CA THR A 913 -71.45 9.95 -13.07
C THR A 913 -71.44 10.68 -14.41
N LEU A 914 -70.75 10.11 -15.40
CA LEU A 914 -70.64 10.74 -16.70
C LEU A 914 -71.97 10.71 -17.46
N ASP A 915 -72.35 11.88 -17.97
CA ASP A 915 -73.63 12.16 -18.61
C ASP A 915 -73.52 12.50 -20.07
N ASP A 916 -72.31 12.89 -20.46
CA ASP A 916 -72.13 13.69 -21.66
C ASP A 916 -71.14 13.04 -22.63
N VAL A 917 -71.11 11.71 -22.62
CA VAL A 917 -70.24 10.97 -23.52
C VAL A 917 -70.86 10.97 -24.92
N ASP A 918 -70.07 11.41 -25.90
CA ASP A 918 -70.47 11.35 -27.30
C ASP A 918 -70.30 9.96 -27.93
N SER A 919 -70.63 9.82 -29.21
CA SER A 919 -70.58 8.52 -29.88
C SER A 919 -69.17 7.99 -30.16
N GLU A 920 -68.17 8.86 -30.06
CA GLU A 920 -66.77 8.44 -30.19
C GLU A 920 -66.12 8.08 -28.84
N GLY A 921 -66.91 8.12 -27.77
CA GLY A 921 -66.43 7.78 -26.44
C GLY A 921 -65.71 8.90 -25.69
N ASN A 922 -65.93 10.13 -26.10
CA ASN A 922 -65.31 11.30 -25.47
C ASN A 922 -66.29 12.09 -24.62
N SER A 923 -65.79 12.65 -23.51
CA SER A 923 -66.63 13.46 -22.63
C SER A 923 -65.99 14.82 -22.39
N PRO A 924 -66.73 15.89 -22.63
CA PRO A 924 -66.25 17.25 -22.34
C PRO A 924 -65.89 17.47 -20.87
N THR A 925 -66.47 16.69 -19.96
CA THR A 925 -66.13 16.71 -18.54
C THR A 925 -64.72 16.18 -18.25
N LEU A 926 -64.30 15.10 -18.92
CA LEU A 926 -62.97 14.53 -18.72
C LEU A 926 -62.37 14.30 -20.10
N PRO A 927 -61.99 15.40 -20.77
CA PRO A 927 -61.69 15.35 -22.21
C PRO A 927 -60.35 14.69 -22.54
N HIS A 928 -59.50 14.54 -21.52
CA HIS A 928 -58.19 13.87 -21.63
C HIS A 928 -58.27 12.33 -21.62
N LEU A 929 -59.46 11.79 -21.40
CA LEU A 929 -59.69 10.34 -21.40
C LEU A 929 -60.29 9.84 -22.72
N HIS A 930 -60.25 8.52 -22.91
CA HIS A 930 -60.71 7.90 -24.16
C HIS A 930 -61.54 6.66 -23.87
N GLY A 931 -62.40 6.29 -24.82
CA GLY A 931 -63.13 5.05 -24.75
C GLY A 931 -64.15 5.01 -23.62
N LEU A 932 -64.80 6.14 -23.37
CA LEU A 932 -65.78 6.26 -22.30
C LEU A 932 -67.18 5.85 -22.74
N GLN A 933 -68.06 5.67 -21.77
CA GLN A 933 -69.50 5.44 -22.01
C GLN A 933 -70.33 6.10 -20.91
N ASN A 934 -71.57 6.45 -21.24
CA ASN A 934 -72.46 7.21 -20.34
C ASN A 934 -72.63 6.71 -18.88
N GLY A 935 -72.79 5.42 -18.64
CA GLY A 935 -72.74 5.03 -17.21
C GLY A 935 -71.48 5.28 -16.35
N ASP A 936 -70.37 5.67 -16.98
CA ASP A 936 -69.05 5.65 -16.30
C ASP A 936 -68.89 6.64 -15.15
N THR A 937 -68.08 6.26 -14.17
CA THR A 937 -67.67 7.20 -13.15
C THR A 937 -66.24 6.95 -12.75
N ALA A 938 -65.49 8.04 -12.60
CA ALA A 938 -64.09 7.96 -12.17
C ALA A 938 -63.95 8.10 -10.65
N ASN A 939 -65.07 8.08 -9.92
CA ASN A 939 -65.00 8.17 -8.44
C ASN A 939 -64.25 6.96 -7.85
N SER A 940 -63.21 7.21 -7.03
CA SER A 940 -62.50 6.14 -6.31
C SER A 940 -63.43 5.60 -5.20
N ALA A 941 -63.73 4.30 -5.26
CA ALA A 941 -64.56 3.62 -4.28
C ALA A 941 -63.92 3.67 -2.90
N ILE A 942 -62.60 3.48 -2.86
CA ILE A 942 -61.83 3.58 -1.63
C ILE A 942 -61.15 4.95 -1.59
N LYS A 943 -61.39 5.70 -0.51
CA LYS A 943 -60.64 6.94 -0.26
C LYS A 943 -59.61 6.73 0.83
N GLN A 944 -58.38 7.15 0.58
CA GLN A 944 -57.29 6.89 1.49
C GLN A 944 -57.01 8.04 2.45
N ILE A 945 -56.70 7.65 3.68
CA ILE A 945 -56.26 8.58 4.73
C ILE A 945 -54.84 8.20 5.10
N ALA A 946 -53.89 9.03 4.68
CA ALA A 946 -52.48 8.81 4.96
C ALA A 946 -51.92 9.92 5.86
N SER A 947 -50.66 9.77 6.29
CA SER A 947 -50.08 10.65 7.31
C SER A 947 -50.06 12.13 6.89
N GLY A 948 -49.98 12.39 5.57
CA GLY A 948 -49.96 13.76 5.07
C GLY A 948 -51.34 14.44 5.01
N ARG A 949 -52.37 13.61 5.01
CA ARG A 949 -53.79 14.08 4.92
C ARG A 949 -54.10 14.98 3.72
N PHE A 950 -53.35 14.83 2.62
CA PHE A 950 -53.51 15.74 1.50
C PHE A 950 -54.94 15.69 0.94
N GLY A 951 -55.44 14.51 0.66
CA GLY A 951 -56.84 14.49 0.23
C GLY A 951 -57.95 15.16 1.07
N VAL A 952 -57.68 15.29 2.36
CA VAL A 952 -58.66 14.80 3.33
C VAL A 952 -59.65 15.83 3.83
N THR A 953 -60.81 15.81 3.16
CA THR A 953 -61.84 16.81 3.27
C THR A 953 -63.17 16.07 3.59
N PRO A 954 -64.17 16.71 4.22
CA PRO A 954 -65.42 16.00 4.53
C PRO A 954 -66.08 15.42 3.27
N GLU A 955 -66.17 16.21 2.20
CA GLU A 955 -66.79 15.76 0.98
C GLU A 955 -66.04 14.54 0.41
N TYR A 956 -64.71 14.58 0.48
CA TYR A 956 -63.87 13.47 0.02
C TYR A 956 -64.22 12.22 0.79
N LEU A 957 -64.30 12.33 2.12
CA LEU A 957 -64.65 11.19 2.95
C LEU A 957 -66.05 10.65 2.74
N MET A 958 -67.02 11.51 2.43
CA MET A 958 -68.40 11.08 2.13
C MET A 958 -68.53 10.43 0.74
N SER A 959 -67.54 10.64 -0.12
CA SER A 959 -67.60 10.13 -1.50
C SER A 959 -67.10 8.69 -1.60
N GLY A 960 -66.42 8.22 -0.55
CA GLY A 960 -65.95 6.86 -0.48
C GLY A 960 -66.99 5.83 -0.05
N LYS A 961 -67.00 4.69 -0.74
CA LYS A 961 -67.70 3.48 -0.28
C LYS A 961 -66.89 2.92 0.89
N GLN A 962 -65.57 3.09 0.83
CA GLN A 962 -64.68 2.59 1.84
C GLN A 962 -63.63 3.63 2.11
N LEU A 963 -63.08 3.58 3.31
CA LEU A 963 -62.03 4.49 3.74
C LEU A 963 -60.86 3.64 4.23
N GLU A 964 -59.67 3.92 3.73
CA GLU A 964 -58.48 3.14 4.07
C GLU A 964 -57.47 4.00 4.84
N ILE A 965 -57.10 3.57 6.05
CA ILE A 965 -56.02 4.20 6.81
C ILE A 965 -54.72 3.50 6.39
N LYS A 966 -53.85 4.25 5.74
CA LYS A 966 -52.62 3.71 5.20
C LYS A 966 -51.54 3.89 6.23
N MET A 967 -51.16 2.80 6.87
CA MET A 967 -50.08 2.86 7.86
C MET A 967 -48.70 2.69 7.20
N ALA A 968 -48.66 1.92 6.12
CA ALA A 968 -47.37 1.58 5.48
C ALA A 968 -47.63 0.96 4.14
N GLN A 969 -46.68 1.16 3.22
CA GLN A 969 -46.69 0.47 1.94
C GLN A 969 -45.43 -0.39 1.85
N GLY A 970 -45.52 -1.46 1.06
CA GLY A 970 -44.49 -2.48 1.01
C GLY A 970 -43.12 -2.00 0.59
N ALA A 971 -43.10 -1.01 -0.30
CA ALA A 971 -41.83 -0.50 -0.82
C ALA A 971 -41.04 0.26 0.25
N LYS A 972 -41.73 0.96 1.14
CA LYS A 972 -41.00 1.73 2.15
C LYS A 972 -41.70 1.79 3.51
N PRO A 973 -41.85 0.65 4.18
CA PRO A 973 -42.68 0.59 5.39
C PRO A 973 -42.21 1.48 6.57
N GLY A 974 -40.96 1.77 6.80
CA GLY A 974 -40.88 2.73 7.94
C GLY A 974 -41.26 4.24 7.77
N GLU A 975 -41.78 4.61 6.60
CA GLU A 975 -41.60 6.00 6.13
C GLU A 975 -42.88 6.57 5.58
N GLY A 976 -42.87 7.88 5.34
CA GLY A 976 -44.03 8.54 4.75
C GLY A 976 -43.99 8.53 3.23
N GLY A 977 -45.13 8.84 2.60
CA GLY A 977 -45.14 9.01 1.16
C GLY A 977 -44.16 10.07 0.71
N GLN A 978 -43.87 10.05 -0.59
CA GLN A 978 -42.82 10.84 -1.16
C GLN A 978 -43.29 11.29 -2.54
N LEU A 979 -43.38 12.61 -2.80
CA LEU A 979 -43.64 13.10 -4.15
C LEU A 979 -42.62 14.17 -4.49
N PRO A 980 -41.73 13.88 -5.45
CA PRO A 980 -40.72 14.85 -5.88
C PRO A 980 -41.36 16.18 -6.29
N GLY A 981 -40.73 17.29 -5.94
CA GLY A 981 -41.23 18.62 -6.24
C GLY A 981 -41.59 18.82 -7.71
N LYS A 982 -40.77 18.29 -8.61
CA LYS A 982 -41.03 18.39 -10.05
C LYS A 982 -42.41 17.87 -10.47
N LYS A 983 -42.95 16.91 -9.73
CA LYS A 983 -44.27 16.36 -10.01
C LYS A 983 -45.40 17.11 -9.28
N VAL A 984 -45.06 18.12 -8.47
CA VAL A 984 -46.11 18.93 -7.82
C VAL A 984 -46.51 20.11 -8.71
N SER A 985 -47.34 19.80 -9.69
CA SER A 985 -47.84 20.79 -10.63
C SER A 985 -48.83 21.71 -9.89
N GLU A 986 -49.32 22.73 -10.58
CA GLU A 986 -50.37 23.59 -10.01
C GLU A 986 -51.61 22.77 -9.72
N TYR A 987 -51.93 21.83 -10.61
CA TYR A 987 -53.05 20.92 -10.38
C TYR A 987 -52.90 20.10 -9.09
N ILE A 988 -51.73 19.46 -8.89
CA ILE A 988 -51.45 18.67 -7.69
C ILE A 988 -51.49 19.54 -6.43
N ALA A 989 -50.89 20.74 -6.52
CA ALA A 989 -50.86 21.66 -5.39
C ALA A 989 -52.26 22.08 -4.97
N MET A 990 -53.14 22.29 -5.94
CA MET A 990 -54.56 22.58 -5.69
C MET A 990 -55.24 21.43 -4.95
N LEU A 991 -55.12 20.21 -5.46
CA LEU A 991 -55.74 19.05 -4.82
C LEU A 991 -55.25 18.89 -3.37
N ARG A 992 -53.96 19.10 -3.19
CA ARG A 992 -53.33 18.83 -1.90
C ARG A 992 -53.30 20.05 -0.95
N ARG A 993 -53.72 21.20 -1.46
CA ARG A 993 -53.60 22.49 -0.76
C ARG A 993 -52.17 22.72 -0.23
N SER A 994 -51.21 22.64 -1.15
CA SER A 994 -49.79 22.81 -0.82
C SER A 994 -49.20 23.75 -1.87
N LYS A 995 -47.88 23.93 -1.85
CA LYS A 995 -47.26 24.95 -2.69
C LYS A 995 -46.71 24.32 -3.99
N PRO A 996 -47.01 24.91 -5.15
CA PRO A 996 -46.61 24.33 -6.43
C PRO A 996 -45.20 23.71 -6.56
N GLY A 997 -44.10 24.38 -6.33
CA GLY A 997 -42.88 23.64 -6.68
C GLY A 997 -42.29 22.65 -5.66
N VAL A 998 -43.02 22.42 -4.58
CA VAL A 998 -42.37 21.96 -3.36
C VAL A 998 -42.48 20.45 -3.11
N THR A 999 -41.34 19.80 -2.94
CA THR A 999 -41.29 18.38 -2.59
C THR A 999 -42.13 18.08 -1.35
N LEU A 1000 -43.02 17.09 -1.47
CA LEU A 1000 -43.81 16.60 -0.36
C LEU A 1000 -43.29 15.27 0.20
N ILE A 1001 -42.58 15.34 1.32
CA ILE A 1001 -42.24 14.17 2.11
C ILE A 1001 -43.18 14.15 3.30
N SER A 1002 -44.10 13.19 3.27
CA SER A 1002 -45.15 13.10 4.28
C SER A 1002 -44.50 12.64 5.58
N PRO A 1003 -45.13 12.94 6.73
CA PRO A 1003 -44.58 12.46 8.02
C PRO A 1003 -44.61 10.93 8.01
N PRO A 1004 -43.57 10.26 8.50
CA PRO A 1004 -43.62 8.79 8.70
C PRO A 1004 -44.86 8.34 9.51
N PRO A 1005 -45.14 8.87 10.69
CA PRO A 1005 -46.33 8.44 11.41
C PRO A 1005 -47.56 9.28 11.05
N HIS A 1006 -48.75 8.75 11.30
CA HIS A 1006 -49.95 9.56 11.48
C HIS A 1006 -49.75 10.22 12.85
N HIS A 1007 -49.83 11.55 12.95
CA HIS A 1007 -49.58 12.17 14.25
C HIS A 1007 -50.77 12.03 15.20
N ASP A 1008 -51.73 11.35 14.61
CA ASP A 1008 -53.01 10.89 15.08
C ASP A 1008 -52.99 9.51 15.75
N ILE A 1009 -51.91 8.80 15.53
CA ILE A 1009 -51.85 7.36 15.87
C ILE A 1009 -50.50 6.98 16.44
N TYR A 1010 -50.40 6.99 17.77
CA TYR A 1010 -49.16 6.64 18.45
C TYR A 1010 -49.31 5.34 19.24
N SER A 1011 -50.47 4.70 19.09
CA SER A 1011 -50.78 3.50 19.87
C SER A 1011 -52.02 2.81 19.25
N ILE A 1012 -52.32 1.60 19.70
CA ILE A 1012 -53.55 0.93 19.24
C ILE A 1012 -54.83 1.72 19.59
N GLU A 1013 -54.92 2.28 20.79
CA GLU A 1013 -56.12 3.04 21.18
C GLU A 1013 -56.29 4.30 20.33
N ASP A 1014 -55.18 4.87 19.84
CA ASP A 1014 -55.24 6.06 19.00
C ASP A 1014 -55.76 5.65 17.61
N LEU A 1015 -55.35 4.47 17.13
CA LEU A 1015 -55.91 3.92 15.89
C LEU A 1015 -57.42 3.71 16.05
N ALA A 1016 -57.83 3.19 17.21
CA ALA A 1016 -59.24 2.95 17.46
C ALA A 1016 -59.98 4.29 17.42
N GLN A 1017 -59.34 5.34 17.91
CA GLN A 1017 -59.92 6.67 17.83
C GLN A 1017 -60.07 7.14 16.37
N LEU A 1018 -59.05 6.97 15.53
CA LEU A 1018 -59.21 7.37 14.11
C LEU A 1018 -60.30 6.56 13.42
N ILE A 1019 -60.34 5.26 13.64
CA ILE A 1019 -61.42 4.44 13.05
C ILE A 1019 -62.81 4.95 13.52
N TYR A 1020 -62.91 5.25 14.80
CA TYR A 1020 -64.11 5.88 15.36
C TYR A 1020 -64.46 7.19 14.65
N ASP A 1021 -63.46 8.06 14.43
CA ASP A 1021 -63.67 9.33 13.74
C ASP A 1021 -64.23 9.11 12.32
N LEU A 1022 -63.72 8.10 11.63
CA LEU A 1022 -64.18 7.78 10.26
C LEU A 1022 -65.60 7.17 10.25
N HIS A 1023 -65.86 6.22 11.15
CA HIS A 1023 -67.22 5.69 11.33
C HIS A 1023 -68.18 6.83 11.78
N GLN A 1024 -67.65 7.81 12.50
CA GLN A 1024 -68.45 8.96 12.93
C GLN A 1024 -68.94 9.79 11.72
N ILE A 1025 -68.01 10.21 10.87
CA ILE A 1025 -68.37 11.07 9.75
C ILE A 1025 -69.20 10.32 8.71
N ASN A 1026 -68.83 9.06 8.45
CA ASN A 1026 -69.46 8.26 7.42
C ASN A 1026 -69.78 6.87 7.98
N PRO A 1027 -70.90 6.73 8.70
CA PRO A 1027 -71.22 5.47 9.37
C PRO A 1027 -71.48 4.32 8.38
N GLU A 1028 -71.78 4.62 7.11
CA GLU A 1028 -71.96 3.60 6.09
C GLU A 1028 -70.67 3.05 5.46
N ALA A 1029 -69.54 3.70 5.68
CA ALA A 1029 -68.31 3.25 5.02
C ALA A 1029 -67.53 2.25 5.86
N GLN A 1030 -67.10 1.15 5.22
CA GLN A 1030 -66.20 0.23 5.89
C GLN A 1030 -64.82 0.87 5.99
N VAL A 1031 -64.14 0.64 7.11
CA VAL A 1031 -62.82 1.22 7.31
C VAL A 1031 -61.77 0.14 7.18
N SER A 1032 -60.82 0.32 6.28
CA SER A 1032 -59.70 -0.62 6.26
C SER A 1032 -58.44 -0.01 6.84
N VAL A 1033 -57.53 -0.88 7.27
CA VAL A 1033 -56.21 -0.52 7.78
C VAL A 1033 -55.19 -1.30 6.95
N LYS A 1034 -54.33 -0.54 6.27
CA LYS A 1034 -53.30 -1.10 5.39
C LYS A 1034 -52.01 -1.21 6.18
N LEU A 1035 -51.57 -2.45 6.32
CA LEU A 1035 -50.35 -2.82 7.02
C LEU A 1035 -49.36 -3.46 6.07
N VAL A 1036 -48.10 -3.54 6.49
CA VAL A 1036 -47.10 -4.27 5.70
C VAL A 1036 -46.61 -5.53 6.42
N ALA A 1037 -46.44 -6.61 5.66
CA ALA A 1037 -45.99 -7.88 6.23
C ALA A 1037 -44.65 -7.74 6.94
N GLU A 1038 -44.60 -8.28 8.15
CA GLU A 1038 -43.38 -8.48 8.92
C GLU A 1038 -43.80 -9.29 10.13
N ILE A 1039 -42.88 -10.05 10.72
CA ILE A 1039 -43.17 -10.76 11.98
C ILE A 1039 -43.74 -9.73 12.98
N GLY A 1040 -44.78 -10.10 13.71
CA GLY A 1040 -45.46 -9.16 14.61
C GLY A 1040 -46.77 -8.59 14.06
N ILE A 1041 -46.96 -8.68 12.74
CA ILE A 1041 -48.21 -8.21 12.12
C ILE A 1041 -49.44 -8.94 12.68
N GLY A 1042 -49.28 -10.22 13.04
CA GLY A 1042 -50.42 -10.99 13.54
C GLY A 1042 -51.02 -10.37 14.80
N THR A 1043 -50.16 -10.11 15.77
CA THR A 1043 -50.46 -9.43 17.02
C THR A 1043 -51.06 -8.05 16.77
N ILE A 1044 -50.38 -7.27 15.94
CA ILE A 1044 -50.88 -5.98 15.50
C ILE A 1044 -52.30 -6.07 14.93
N ALA A 1045 -52.53 -7.07 14.08
CA ALA A 1045 -53.82 -7.22 13.41
C ALA A 1045 -54.95 -7.56 14.38
N ALA A 1046 -54.63 -8.37 15.41
CA ALA A 1046 -55.59 -8.65 16.48
C ALA A 1046 -56.01 -7.36 17.17
N GLY A 1047 -55.04 -6.51 17.50
CA GLY A 1047 -55.34 -5.18 18.00
C GLY A 1047 -56.26 -4.40 17.05
N VAL A 1048 -55.93 -4.38 15.76
CA VAL A 1048 -56.72 -3.64 14.76
C VAL A 1048 -58.18 -4.11 14.72
N ALA A 1049 -58.37 -5.41 14.80
CA ALA A 1049 -59.71 -5.99 14.88
C ALA A 1049 -60.47 -5.55 16.15
N LYS A 1050 -59.77 -5.53 17.29
CA LYS A 1050 -60.36 -5.05 18.55
C LYS A 1050 -60.67 -3.54 18.49
N ALA A 1051 -59.98 -2.86 17.59
CA ALA A 1051 -60.12 -1.42 17.39
C ALA A 1051 -61.28 -1.09 16.44
N ASN A 1052 -62.06 -2.09 16.04
CA ASN A 1052 -63.29 -1.91 15.24
C ASN A 1052 -63.13 -1.65 13.74
N ALA A 1053 -61.95 -1.96 13.19
CA ALA A 1053 -61.74 -1.97 11.75
C ALA A 1053 -62.65 -2.99 11.09
N ASP A 1054 -63.04 -2.72 9.85
CA ASP A 1054 -63.86 -3.63 9.05
C ASP A 1054 -63.01 -4.51 8.15
N ILE A 1055 -61.86 -3.98 7.75
CA ILE A 1055 -60.96 -4.65 6.80
C ILE A 1055 -59.50 -4.44 7.19
N ILE A 1056 -58.68 -5.45 6.92
CA ILE A 1056 -57.24 -5.31 7.05
C ILE A 1056 -56.59 -5.71 5.74
N GLN A 1057 -55.79 -4.79 5.21
CA GLN A 1057 -54.95 -5.05 4.06
C GLN A 1057 -53.55 -5.44 4.50
N ILE A 1058 -53.08 -6.58 4.01
CA ILE A 1058 -51.69 -6.98 4.18
C ILE A 1058 -50.91 -6.74 2.86
N SER A 1059 -49.98 -5.80 2.86
CA SER A 1059 -49.10 -5.55 1.69
C SER A 1059 -47.75 -6.24 1.80
N GLY A 1060 -47.33 -6.86 0.70
CA GLY A 1060 -46.04 -7.53 0.62
C GLY A 1060 -44.89 -6.59 0.35
N HIS A 1061 -43.67 -7.00 0.76
CA HIS A 1061 -42.42 -6.25 0.56
C HIS A 1061 -42.18 -5.91 -0.90
N ASP A 1062 -42.94 -6.62 -1.70
CA ASP A 1062 -42.95 -6.67 -3.15
C ASP A 1062 -43.44 -5.46 -3.97
N GLY A 1063 -44.35 -4.71 -3.37
CA GLY A 1063 -45.23 -3.82 -4.11
C GLY A 1063 -44.53 -2.63 -4.71
N GLY A 1064 -45.19 -2.07 -5.72
CA GLY A 1064 -44.66 -0.94 -6.46
C GLY A 1064 -44.70 0.37 -5.70
N THR A 1065 -44.10 1.38 -6.32
CA THR A 1065 -44.02 2.74 -5.77
C THR A 1065 -43.58 3.72 -6.85
N GLY A 1066 -44.02 4.97 -6.74
CA GLY A 1066 -43.56 5.97 -7.70
C GLY A 1066 -42.26 6.63 -7.29
N ALA A 1067 -41.85 6.41 -6.04
CA ALA A 1067 -40.58 6.95 -5.52
C ALA A 1067 -40.34 6.43 -4.11
N SER A 1068 -39.19 5.77 -3.90
CA SER A 1068 -38.79 5.27 -2.57
C SER A 1068 -37.27 5.16 -2.56
N PRO A 1069 -36.67 5.19 -1.37
CA PRO A 1069 -35.24 4.88 -1.27
C PRO A 1069 -34.99 3.47 -1.80
N LEU A 1070 -33.93 3.28 -2.57
CA LEU A 1070 -33.58 1.96 -3.10
C LEU A 1070 -33.30 0.96 -1.97
N SER A 1071 -32.68 1.43 -0.89
CA SER A 1071 -32.45 0.57 0.27
C SER A 1071 -33.75 0.03 0.84
N SER A 1072 -34.78 0.87 0.89
CA SER A 1072 -36.07 0.48 1.44
C SER A 1072 -36.77 -0.52 0.55
N ILE A 1073 -36.69 -0.28 -0.76
CA ILE A 1073 -37.23 -1.24 -1.74
C ILE A 1073 -36.59 -2.64 -1.57
N LYS A 1074 -35.28 -2.67 -1.32
CA LYS A 1074 -34.56 -3.94 -1.26
C LYS A 1074 -34.54 -4.60 0.14
N HIS A 1075 -34.71 -3.80 1.19
CA HIS A 1075 -34.38 -4.29 2.54
C HIS A 1075 -35.43 -4.17 3.66
N ALA A 1076 -36.57 -3.55 3.41
CA ALA A 1076 -37.55 -3.37 4.49
C ALA A 1076 -38.90 -3.92 4.07
N GLY A 1077 -39.42 -4.85 4.88
CA GLY A 1077 -40.68 -5.51 4.62
C GLY A 1077 -40.51 -6.98 4.26
N SER A 1078 -41.53 -7.78 4.57
CA SER A 1078 -41.49 -9.23 4.35
C SER A 1078 -42.53 -9.68 3.31
N PRO A 1079 -42.41 -10.92 2.80
CA PRO A 1079 -43.38 -11.46 1.84
C PRO A 1079 -44.80 -11.46 2.36
N TRP A 1080 -45.76 -11.21 1.48
CA TRP A 1080 -47.16 -11.30 1.89
C TRP A 1080 -47.58 -12.69 2.32
N GLU A 1081 -46.95 -13.74 1.76
CA GLU A 1081 -47.30 -15.11 2.18
C GLU A 1081 -47.16 -15.24 3.69
N LEU A 1082 -46.08 -14.70 4.23
CA LEU A 1082 -45.87 -14.70 5.66
C LEU A 1082 -46.86 -13.81 6.39
N GLY A 1083 -47.18 -12.65 5.80
CA GLY A 1083 -48.06 -11.70 6.44
C GLY A 1083 -49.50 -12.16 6.52
N VAL A 1084 -50.05 -12.64 5.39
CA VAL A 1084 -51.47 -13.02 5.27
C VAL A 1084 -51.74 -14.21 6.16
N THR A 1085 -50.85 -15.16 6.03
CA THR A 1085 -50.86 -16.36 6.80
C THR A 1085 -50.78 -16.09 8.35
N GLU A 1086 -49.84 -15.24 8.78
CA GLU A 1086 -49.73 -14.86 10.20
C GLU A 1086 -50.99 -14.12 10.70
N VAL A 1087 -51.48 -13.19 9.92
CA VAL A 1087 -52.69 -12.47 10.33
C VAL A 1087 -53.91 -13.41 10.40
N HIS A 1088 -54.09 -14.23 9.37
CA HIS A 1088 -55.20 -15.19 9.35
C HIS A 1088 -55.16 -16.11 10.57
N ARG A 1089 -54.01 -16.71 10.81
CA ARG A 1089 -53.82 -17.61 11.96
C ARG A 1089 -54.14 -16.92 13.28
N VAL A 1090 -53.49 -15.77 13.53
CA VAL A 1090 -53.67 -15.06 14.80
C VAL A 1090 -55.10 -14.62 15.05
N LEU A 1091 -55.77 -14.12 14.02
CA LEU A 1091 -57.19 -13.72 14.13
C LEU A 1091 -58.08 -14.91 14.45
N MET A 1092 -57.88 -16.02 13.75
CA MET A 1092 -58.67 -17.23 13.99
C MET A 1092 -58.45 -17.73 15.41
N GLU A 1093 -57.20 -17.75 15.86
CA GLU A 1093 -56.90 -18.29 17.19
C GLU A 1093 -57.46 -17.41 18.30
N ASN A 1094 -57.57 -16.11 18.05
CA ASN A 1094 -58.20 -15.19 19.00
C ASN A 1094 -59.72 -15.07 18.83
N GLN A 1095 -60.32 -15.83 17.91
CA GLN A 1095 -61.76 -15.75 17.63
C GLN A 1095 -62.17 -14.33 17.21
N LEU A 1096 -61.32 -13.71 16.38
CA LEU A 1096 -61.54 -12.36 15.88
C LEU A 1096 -61.70 -12.37 14.34
N ARG A 1097 -61.60 -13.55 13.72
CA ARG A 1097 -61.49 -13.62 12.26
C ARG A 1097 -62.73 -13.08 11.52
N ASP A 1098 -63.90 -13.25 12.12
CA ASP A 1098 -65.15 -12.77 11.53
C ASP A 1098 -65.27 -11.24 11.57
N ARG A 1099 -64.46 -10.58 12.42
CA ARG A 1099 -64.53 -9.12 12.57
C ARG A 1099 -64.03 -8.33 11.38
N VAL A 1100 -63.14 -8.94 10.59
CA VAL A 1100 -62.50 -8.23 9.49
C VAL A 1100 -62.43 -9.08 8.21
N LEU A 1101 -62.59 -8.42 7.07
CA LEU A 1101 -62.22 -8.97 5.76
C LEU A 1101 -60.72 -8.75 5.51
N LEU A 1102 -60.03 -9.77 4.99
CA LEU A 1102 -58.58 -9.64 4.68
C LEU A 1102 -58.32 -9.45 3.19
N ARG A 1103 -57.54 -8.42 2.89
CA ARG A 1103 -57.16 -8.10 1.51
C ARG A 1103 -55.65 -8.26 1.43
N ALA A 1104 -55.13 -8.69 0.28
CA ALA A 1104 -53.69 -8.85 0.09
C ALA A 1104 -53.19 -8.22 -1.20
N ASP A 1105 -51.98 -7.67 -1.17
CA ASP A 1105 -51.31 -7.22 -2.39
C ASP A 1105 -49.80 -7.35 -2.29
N GLY A 1106 -49.12 -7.16 -3.42
CA GLY A 1106 -47.69 -7.25 -3.55
C GLY A 1106 -47.34 -8.28 -4.62
N GLY A 1107 -47.13 -7.83 -5.87
CA GLY A 1107 -46.72 -8.71 -6.94
C GLY A 1107 -47.80 -9.67 -7.45
N LEU A 1108 -49.07 -9.32 -7.23
CA LEU A 1108 -50.16 -10.15 -7.74
C LEU A 1108 -50.32 -9.85 -9.23
N LYS A 1109 -50.40 -10.88 -10.05
CA LYS A 1109 -50.48 -10.69 -11.49
C LYS A 1109 -51.50 -11.59 -12.13
N THR A 1110 -51.73 -12.74 -11.50
CA THR A 1110 -52.21 -13.91 -12.18
C THR A 1110 -53.32 -14.59 -11.34
N GLY A 1111 -54.26 -15.27 -11.99
CA GLY A 1111 -55.24 -16.12 -11.31
C GLY A 1111 -54.62 -17.09 -10.31
N TRP A 1112 -53.46 -17.63 -10.65
CA TRP A 1112 -52.75 -18.55 -9.76
C TRP A 1112 -52.29 -17.83 -8.49
N ASP A 1113 -51.82 -16.59 -8.63
CA ASP A 1113 -51.43 -15.75 -7.49
C ASP A 1113 -52.65 -15.54 -6.58
N VAL A 1114 -53.79 -15.27 -7.20
CA VAL A 1114 -55.03 -15.02 -6.48
C VAL A 1114 -55.44 -16.27 -5.67
N VAL A 1115 -55.39 -17.43 -6.32
CA VAL A 1115 -55.77 -18.69 -5.67
C VAL A 1115 -54.83 -19.01 -4.49
N MET A 1116 -53.53 -18.77 -4.67
CA MET A 1116 -52.55 -18.89 -3.60
C MET A 1116 -52.87 -17.94 -2.43
N ALA A 1117 -53.15 -16.67 -2.74
CA ALA A 1117 -53.52 -15.70 -1.71
C ALA A 1117 -54.82 -16.12 -1.02
N ALA A 1118 -55.79 -16.63 -1.80
CA ALA A 1118 -57.02 -17.13 -1.21
C ALA A 1118 -56.78 -18.27 -0.23
N LEU A 1119 -56.01 -19.27 -0.64
CA LEU A 1119 -55.73 -20.44 0.21
C LEU A 1119 -55.09 -20.04 1.55
N MET A 1120 -54.27 -18.99 1.50
CA MET A 1120 -53.56 -18.46 2.68
C MET A 1120 -54.41 -17.55 3.58
N GLY A 1121 -55.64 -17.26 3.13
CA GLY A 1121 -56.64 -16.60 3.96
C GLY A 1121 -57.15 -15.24 3.47
N ALA A 1122 -56.63 -14.78 2.32
CA ALA A 1122 -57.06 -13.50 1.74
C ALA A 1122 -58.39 -13.64 1.01
N GLU A 1123 -59.32 -12.71 1.27
CA GLU A 1123 -60.64 -12.71 0.63
C GLU A 1123 -60.73 -11.74 -0.54
N GLU A 1124 -59.81 -10.80 -0.59
CA GLU A 1124 -59.76 -9.81 -1.66
C GLU A 1124 -58.32 -9.58 -2.07
N TYR A 1125 -58.13 -9.05 -3.28
CA TYR A 1125 -56.83 -9.09 -3.97
C TYR A 1125 -56.57 -7.73 -4.64
N GLY A 1126 -55.43 -7.14 -4.30
CA GLY A 1126 -55.04 -5.83 -4.81
C GLY A 1126 -53.94 -5.91 -5.87
N PHE A 1127 -54.00 -4.98 -6.81
CA PHE A 1127 -53.17 -4.96 -8.01
C PHE A 1127 -52.74 -3.52 -8.28
N GLY A 1128 -51.42 -3.27 -8.26
CA GLY A 1128 -50.92 -1.95 -8.61
C GLY A 1128 -50.14 -1.94 -9.92
N SER A 1129 -48.86 -2.35 -9.84
CA SER A 1129 -47.97 -2.37 -11.01
C SER A 1129 -48.61 -3.03 -12.21
N ILE A 1130 -49.21 -4.21 -12.01
CA ILE A 1130 -49.79 -4.95 -13.14
C ILE A 1130 -50.93 -4.19 -13.84
N ALA A 1131 -51.72 -3.48 -13.03
CA ALA A 1131 -52.82 -2.66 -13.56
C ALA A 1131 -52.29 -1.53 -14.42
N MET A 1132 -51.17 -0.93 -13.98
CA MET A 1132 -50.49 0.13 -14.76
C MET A 1132 -49.98 -0.42 -16.09
N ILE A 1133 -49.43 -1.64 -16.07
CA ILE A 1133 -49.00 -2.27 -17.30
C ILE A 1133 -50.18 -2.47 -18.27
N ALA A 1134 -51.32 -2.91 -17.75
CA ALA A 1134 -52.50 -3.10 -18.57
C ALA A 1134 -52.92 -1.80 -19.28
N GLU A 1135 -52.56 -0.68 -18.66
CA GLU A 1135 -52.78 0.68 -19.16
C GLU A 1135 -51.65 1.21 -20.03
N GLY A 1136 -50.60 0.41 -20.27
CA GLY A 1136 -49.53 0.84 -21.15
C GLY A 1136 -48.16 1.10 -20.53
N CYS A 1137 -48.02 0.94 -19.23
CA CYS A 1137 -46.71 1.02 -18.57
C CYS A 1137 -45.75 0.01 -19.23
N ILE A 1138 -44.55 0.46 -19.57
CA ILE A 1138 -43.54 -0.40 -20.20
C ILE A 1138 -42.34 -0.68 -19.26
N MET A 1139 -42.56 -0.51 -17.96
CA MET A 1139 -41.53 -0.77 -16.97
C MET A 1139 -40.21 -0.04 -17.27
N ALA A 1140 -40.31 1.23 -17.67
CA ALA A 1140 -39.12 2.08 -17.86
C ALA A 1140 -38.41 2.32 -16.52
N ARG A 1141 -39.16 2.24 -15.41
CA ARG A 1141 -38.62 2.48 -14.07
C ARG A 1141 -37.95 3.85 -13.95
N VAL A 1142 -38.65 4.87 -14.45
CA VAL A 1142 -38.24 6.25 -14.27
C VAL A 1142 -39.39 7.07 -13.63
N CYS A 1143 -40.20 6.42 -12.80
CA CYS A 1143 -41.41 7.04 -12.24
C CYS A 1143 -41.08 8.25 -11.36
N HIS A 1144 -39.97 8.17 -10.65
CA HIS A 1144 -39.58 9.19 -9.66
C HIS A 1144 -38.96 10.41 -10.36
N THR A 1145 -38.77 10.27 -11.67
CA THR A 1145 -38.05 11.15 -12.56
C THR A 1145 -38.95 12.17 -13.30
N ASN A 1146 -40.25 11.87 -13.34
CA ASN A 1146 -41.25 12.65 -14.09
C ASN A 1146 -41.18 12.52 -15.62
N ASN A 1147 -40.31 11.63 -16.10
CA ASN A 1147 -40.08 11.45 -17.54
C ASN A 1147 -40.69 10.18 -18.12
N CYS A 1148 -41.69 9.62 -17.45
CA CYS A 1148 -42.38 8.44 -17.96
C CYS A 1148 -42.70 8.55 -19.46
N PRO A 1149 -42.12 7.66 -20.28
CA PRO A 1149 -42.25 7.77 -21.74
C PRO A 1149 -43.66 7.54 -22.29
N VAL A 1150 -44.56 7.10 -21.43
CA VAL A 1150 -45.80 6.50 -21.85
C VAL A 1150 -46.97 7.24 -21.17
N GLY A 1151 -46.62 8.31 -20.47
CA GLY A 1151 -47.57 9.22 -19.85
C GLY A 1151 -48.35 8.66 -18.68
N VAL A 1152 -47.76 7.66 -18.00
CA VAL A 1152 -48.41 7.04 -16.86
C VAL A 1152 -48.00 7.64 -15.50
N ALA A 1153 -46.69 7.72 -15.23
CA ALA A 1153 -46.19 8.17 -13.93
C ALA A 1153 -45.50 9.53 -14.04
N THR A 1154 -46.16 10.44 -14.75
CA THR A 1154 -45.61 11.78 -14.99
C THR A 1154 -46.72 12.82 -14.95
N GLN A 1155 -46.33 14.03 -14.56
CA GLN A 1155 -47.23 15.18 -14.64
C GLN A 1155 -46.94 16.08 -15.84
N GLN A 1156 -45.94 15.74 -16.66
CA GLN A 1156 -45.63 16.58 -17.81
C GLN A 1156 -46.78 16.51 -18.82
N GLU A 1157 -47.37 17.67 -19.14
CA GLU A 1157 -48.53 17.71 -20.02
C GLU A 1157 -48.26 17.03 -21.36
N ARG A 1158 -47.06 17.22 -21.89
CA ARG A 1158 -46.73 16.70 -23.21
C ARG A 1158 -46.39 15.19 -23.24
N LEU A 1159 -46.07 14.63 -22.08
CA LEU A 1159 -45.92 13.17 -21.95
C LEU A 1159 -47.27 12.52 -21.65
N ARG A 1160 -48.09 13.19 -20.85
CA ARG A 1160 -49.47 12.77 -20.59
C ARG A 1160 -50.29 12.60 -21.86
N GLN A 1161 -50.08 13.49 -22.83
CA GLN A 1161 -50.73 13.38 -24.14
C GLN A 1161 -50.42 12.07 -24.91
N ARG A 1162 -49.33 11.39 -24.54
CA ARG A 1162 -48.96 10.09 -25.12
C ARG A 1162 -49.75 8.92 -24.50
N PHE A 1163 -50.39 9.15 -23.35
CA PHE A 1163 -51.17 8.11 -22.71
C PHE A 1163 -52.23 7.57 -23.67
N LYS A 1164 -52.05 6.31 -24.02
CA LYS A 1164 -53.08 5.52 -24.66
C LYS A 1164 -53.45 4.66 -23.47
N GLY A 1165 -54.61 4.06 -23.52
CA GLY A 1165 -55.10 3.47 -22.30
C GLY A 1165 -56.56 3.85 -22.30
N VAL A 1166 -57.39 2.82 -22.27
CA VAL A 1166 -58.83 2.98 -22.23
C VAL A 1166 -59.32 2.02 -21.16
N PRO A 1167 -60.36 2.40 -20.44
CA PRO A 1167 -60.84 1.59 -19.32
C PRO A 1167 -61.13 0.16 -19.75
N GLY A 1168 -61.59 -0.03 -20.98
CA GLY A 1168 -61.94 -1.33 -21.52
C GLY A 1168 -60.82 -2.35 -21.51
N GLN A 1169 -59.59 -1.87 -21.70
CA GLN A 1169 -58.39 -2.72 -21.66
C GLN A 1169 -58.14 -3.25 -20.26
N VAL A 1170 -58.35 -2.42 -19.23
CA VAL A 1170 -58.09 -2.94 -17.89
C VAL A 1170 -59.23 -3.83 -17.42
N VAL A 1171 -60.46 -3.52 -17.84
CA VAL A 1171 -61.58 -4.44 -17.69
C VAL A 1171 -61.24 -5.83 -18.25
N ASN A 1172 -60.75 -5.87 -19.50
CA ASN A 1172 -60.35 -7.10 -20.16
C ASN A 1172 -59.27 -7.85 -19.37
N PHE A 1173 -58.28 -7.12 -18.85
CA PHE A 1173 -57.22 -7.74 -18.06
C PHE A 1173 -57.83 -8.52 -16.90
N PHE A 1174 -58.73 -7.90 -16.16
CA PHE A 1174 -59.27 -8.51 -14.97
C PHE A 1174 -60.20 -9.69 -15.27
N TYR A 1175 -60.86 -9.64 -16.43
CA TYR A 1175 -61.62 -10.80 -16.88
C TYR A 1175 -60.66 -11.97 -17.22
N PHE A 1176 -59.53 -11.70 -17.85
CA PHE A 1176 -58.51 -12.74 -18.08
C PHE A 1176 -58.09 -13.45 -16.77
N ILE A 1177 -57.79 -12.67 -15.73
CA ILE A 1177 -57.32 -13.23 -14.44
C ILE A 1177 -58.44 -14.05 -13.78
N ALA A 1178 -59.65 -13.52 -13.82
CA ALA A 1178 -60.83 -14.19 -13.23
C ALA A 1178 -61.11 -15.53 -13.94
N GLU A 1179 -60.94 -15.57 -15.26
CA GLU A 1179 -61.10 -16.81 -16.01
C GLU A 1179 -60.07 -17.86 -15.56
N GLU A 1180 -58.83 -17.41 -15.34
CA GLU A 1180 -57.79 -18.26 -14.78
C GLU A 1180 -58.18 -18.79 -13.40
N VAL A 1181 -58.73 -17.91 -12.56
CA VAL A 1181 -59.25 -18.35 -11.26
C VAL A 1181 -60.30 -19.47 -11.44
N ARG A 1182 -61.20 -19.33 -12.41
CA ARG A 1182 -62.24 -20.34 -12.63
C ARG A 1182 -61.67 -21.70 -13.02
N SER A 1183 -60.65 -21.71 -13.88
CA SER A 1183 -60.04 -22.96 -14.31
C SER A 1183 -59.40 -23.66 -13.12
N LEU A 1184 -58.80 -22.89 -12.22
CA LEU A 1184 -58.15 -23.43 -11.02
C LEU A 1184 -59.16 -24.01 -10.01
N LEU A 1185 -60.26 -23.27 -9.77
CA LEU A 1185 -61.37 -23.78 -8.95
C LEU A 1185 -61.90 -25.10 -9.49
N ALA A 1186 -62.15 -25.16 -10.80
CA ALA A 1186 -62.68 -26.36 -11.44
C ALA A 1186 -61.73 -27.53 -11.22
N HIS A 1187 -60.43 -27.28 -11.40
CA HIS A 1187 -59.42 -28.28 -11.14
C HIS A 1187 -59.47 -28.79 -9.69
N LEU A 1188 -59.68 -27.88 -8.73
CA LEU A 1188 -59.71 -28.24 -7.32
C LEU A 1188 -61.03 -28.88 -6.88
N GLY A 1189 -62.05 -28.76 -7.73
CA GLY A 1189 -63.36 -29.35 -7.50
C GLY A 1189 -64.30 -28.48 -6.66
N TYR A 1190 -64.01 -27.18 -6.60
CA TYR A 1190 -64.85 -26.24 -5.86
C TYR A 1190 -65.51 -25.20 -6.79
N ARG A 1191 -66.74 -24.81 -6.45
CA ARG A 1191 -67.52 -23.91 -7.29
C ARG A 1191 -67.16 -22.42 -7.10
N SER A 1192 -66.50 -22.11 -6.00
CA SER A 1192 -66.40 -20.73 -5.55
C SER A 1192 -65.17 -20.45 -4.72
N LEU A 1193 -64.60 -19.26 -4.90
CA LEU A 1193 -63.52 -18.76 -4.06
C LEU A 1193 -63.89 -18.84 -2.58
N ASP A 1194 -65.17 -18.60 -2.28
CA ASP A 1194 -65.69 -18.71 -0.93
C ASP A 1194 -65.44 -20.08 -0.30
N ASP A 1195 -65.41 -21.13 -1.11
CA ASP A 1195 -65.21 -22.49 -0.61
C ASP A 1195 -63.78 -22.82 -0.26
N ILE A 1196 -62.82 -22.05 -0.80
CA ILE A 1196 -61.41 -22.39 -0.64
C ILE A 1196 -60.57 -21.43 0.24
N ILE A 1197 -61.10 -20.26 0.55
CA ILE A 1197 -60.32 -19.30 1.36
C ILE A 1197 -59.90 -19.97 2.67
N GLY A 1198 -58.60 -19.89 2.96
CA GLY A 1198 -58.02 -20.48 4.17
C GLY A 1198 -57.78 -21.98 4.15
N ARG A 1199 -58.05 -22.64 3.04
CA ARG A 1199 -57.88 -24.11 2.95
C ARG A 1199 -56.42 -24.50 2.68
N THR A 1200 -55.55 -24.22 3.64
CA THR A 1200 -54.12 -24.43 3.48
C THR A 1200 -53.76 -25.93 3.44
N ASP A 1201 -54.70 -26.76 3.90
CA ASP A 1201 -54.60 -28.20 3.69
C ASP A 1201 -54.57 -28.61 2.19
N LEU A 1202 -54.97 -27.71 1.29
CA LEU A 1202 -54.89 -28.02 -0.15
C LEU A 1202 -53.52 -27.65 -0.75
N LEU A 1203 -52.59 -27.27 0.11
CA LEU A 1203 -51.24 -26.95 -0.30
C LEU A 1203 -50.24 -28.03 0.08
N LYS A 1204 -49.24 -28.22 -0.79
CA LYS A 1204 -48.13 -29.13 -0.55
C LYS A 1204 -46.86 -28.51 -1.11
N VAL A 1205 -45.72 -29.00 -0.65
CA VAL A 1205 -44.44 -28.54 -1.15
C VAL A 1205 -44.16 -29.20 -2.51
N ARG A 1206 -43.78 -28.37 -3.49
CA ARG A 1206 -43.39 -28.85 -4.83
C ARG A 1206 -42.15 -29.73 -4.79
N SER A 1207 -42.20 -30.87 -5.47
CA SER A 1207 -41.08 -31.81 -5.47
C SER A 1207 -40.06 -31.58 -6.60
N ASP A 1208 -40.40 -30.73 -7.56
CA ASP A 1208 -39.55 -30.55 -8.74
C ASP A 1208 -38.63 -29.32 -8.61
N VAL A 1209 -38.46 -28.85 -7.38
CA VAL A 1209 -37.73 -27.63 -7.08
C VAL A 1209 -36.47 -27.95 -6.28
N GLN A 1210 -35.32 -27.54 -6.79
CA GLN A 1210 -34.07 -27.68 -6.07
C GLN A 1210 -33.44 -26.30 -5.98
N LEU A 1211 -33.19 -25.84 -4.75
CA LEU A 1211 -32.63 -24.53 -4.53
C LEU A 1211 -31.13 -24.57 -4.71
N SER A 1212 -30.59 -23.47 -5.21
CA SER A 1212 -29.17 -23.31 -5.49
C SER A 1212 -28.29 -23.32 -4.23
N LYS A 1213 -28.69 -22.52 -3.25
CA LYS A 1213 -27.87 -22.22 -2.07
C LYS A 1213 -28.07 -23.14 -0.86
N THR A 1214 -29.24 -23.75 -0.74
CA THR A 1214 -29.56 -24.64 0.37
C THR A 1214 -30.35 -25.84 -0.07
N GLN A 1215 -30.37 -26.86 0.79
CA GLN A 1215 -31.17 -28.07 0.56
C GLN A 1215 -32.66 -27.73 0.42
N ASN A 1216 -33.23 -27.07 1.42
CA ASN A 1216 -34.67 -26.78 1.42
C ASN A 1216 -35.05 -25.71 2.42
N LEU A 1217 -36.24 -25.17 2.26
CA LEU A 1217 -36.83 -24.29 3.25
C LEU A 1217 -37.78 -25.09 4.16
N THR A 1218 -38.12 -24.53 5.32
CA THR A 1218 -39.13 -25.10 6.22
C THR A 1218 -40.41 -24.27 6.02
N LEU A 1219 -41.51 -24.92 5.65
CA LEU A 1219 -42.71 -24.14 5.31
C LEU A 1219 -43.94 -24.39 6.20
N ASP A 1220 -43.73 -24.88 7.43
CA ASP A 1220 -44.83 -24.97 8.40
C ASP A 1220 -45.57 -23.66 8.56
N CYS A 1221 -44.83 -22.55 8.54
CA CYS A 1221 -45.41 -21.22 8.67
C CYS A 1221 -46.54 -20.98 7.68
N LEU A 1222 -46.46 -21.61 6.52
CA LEU A 1222 -47.50 -21.46 5.50
C LEU A 1222 -48.51 -22.61 5.49
N LEU A 1223 -48.09 -23.78 5.95
CA LEU A 1223 -48.95 -24.95 5.88
C LEU A 1223 -49.79 -25.17 7.15
N ASN A 1224 -49.23 -24.81 8.31
CA ASN A 1224 -49.88 -25.10 9.58
C ASN A 1224 -50.81 -23.95 10.00
N LEU A 1225 -51.97 -23.90 9.36
CA LEU A 1225 -53.02 -22.94 9.70
C LEU A 1225 -54.23 -23.70 10.26
N PRO A 1226 -55.12 -23.04 11.01
CA PRO A 1226 -56.24 -23.76 11.63
C PRO A 1226 -57.12 -24.39 10.56
N ASP A 1227 -57.66 -25.56 10.89
CA ASP A 1227 -58.52 -26.32 9.99
C ASP A 1227 -59.74 -25.46 9.65
N THR A 1228 -60.17 -25.54 8.40
CA THR A 1228 -61.17 -24.62 7.89
C THR A 1228 -62.10 -25.40 6.92
N LYS A 1229 -61.95 -26.72 6.91
CA LYS A 1229 -62.84 -27.62 6.17
C LYS A 1229 -64.30 -27.46 6.56
N GLN A 1230 -64.53 -27.41 7.86
CA GLN A 1230 -65.87 -27.47 8.40
C GLN A 1230 -66.30 -26.13 8.98
N ASN A 1231 -65.36 -25.44 9.60
CA ASN A 1231 -65.67 -24.17 10.23
C ASN A 1231 -65.33 -22.97 9.34
N ARG A 1232 -66.36 -22.32 8.83
CA ARG A 1232 -66.20 -21.31 7.79
C ARG A 1232 -67.04 -20.08 8.08
N GLN A 1233 -67.63 -20.02 9.27
CA GLN A 1233 -68.56 -18.93 9.58
C GLN A 1233 -67.84 -17.56 9.68
N TRP A 1234 -66.51 -17.59 9.85
CA TRP A 1234 -65.68 -16.38 9.91
C TRP A 1234 -65.69 -15.61 8.58
N LEU A 1235 -66.14 -16.26 7.51
CA LEU A 1235 -66.36 -15.61 6.20
C LEU A 1235 -67.56 -14.62 6.20
N ASN A 1236 -68.44 -14.77 7.18
CA ASN A 1236 -69.62 -13.92 7.28
C ASN A 1236 -69.29 -12.66 8.12
N HIS A 1237 -69.26 -11.51 7.46
CA HIS A 1237 -68.94 -10.24 8.14
C HIS A 1237 -70.15 -9.33 8.25
N GLU A 1238 -70.18 -8.54 9.32
CA GLU A 1238 -71.22 -7.54 9.47
C GLU A 1238 -70.96 -6.45 8.40
N PRO A 1239 -72.01 -5.83 7.84
CA PRO A 1239 -71.83 -4.83 6.77
C PRO A 1239 -70.79 -3.74 7.09
N VAL A 1240 -70.94 -3.05 8.22
CA VAL A 1240 -69.98 -2.08 8.71
C VAL A 1240 -70.18 -2.03 10.21
N HIS A 1241 -69.08 -1.99 10.97
CA HIS A 1241 -69.14 -1.90 12.43
C HIS A 1241 -69.61 -0.51 12.91
N SER A 1242 -70.39 -0.51 13.98
CA SER A 1242 -70.97 0.71 14.56
C SER A 1242 -70.08 1.32 15.66
N ASN A 1243 -70.20 2.64 15.84
CA ASN A 1243 -69.63 3.33 16.97
C ASN A 1243 -70.45 3.13 18.25
N GLY A 1244 -71.64 2.56 18.13
CA GLY A 1244 -72.61 2.59 19.23
C GLY A 1244 -73.30 3.95 19.36
N PRO A 1245 -74.13 4.12 20.41
CA PRO A 1245 -74.88 5.37 20.60
C PRO A 1245 -73.93 6.53 20.81
N VAL A 1246 -74.21 7.63 20.13
CA VAL A 1246 -73.28 8.74 20.11
C VAL A 1246 -74.08 10.05 20.26
N LEU A 1247 -73.52 11.02 20.99
CA LEU A 1247 -74.22 12.31 21.20
C LEU A 1247 -74.73 12.94 19.91
N ASP A 1248 -73.93 12.86 18.82
CA ASP A 1248 -74.34 13.42 17.52
C ASP A 1248 -75.66 12.80 17.02
N ASP A 1249 -75.97 11.57 17.44
CA ASP A 1249 -77.23 10.94 17.05
C ASP A 1249 -78.45 11.71 17.63
N ASP A 1250 -78.31 12.18 18.87
CA ASP A 1250 -79.30 13.00 19.53
C ASP A 1250 -79.40 14.38 18.89
N ILE A 1251 -78.26 14.97 18.56
CA ILE A 1251 -78.25 16.25 17.83
C ILE A 1251 -78.98 16.08 16.49
N LEU A 1252 -78.59 15.09 15.70
CA LEU A 1252 -79.23 14.83 14.40
C LEU A 1252 -80.70 14.43 14.44
N ALA A 1253 -81.13 13.85 15.55
CA ALA A 1253 -82.52 13.45 15.69
C ALA A 1253 -83.42 14.66 15.97
N ASP A 1254 -82.82 15.76 16.45
CA ASP A 1254 -83.57 16.97 16.79
C ASP A 1254 -84.20 17.58 15.55
N PRO A 1255 -85.52 17.72 15.55
CA PRO A 1255 -86.24 18.31 14.40
C PRO A 1255 -85.73 19.69 13.96
N ASP A 1256 -85.27 20.53 14.88
CA ASP A 1256 -84.72 21.83 14.49
C ASP A 1256 -83.41 21.69 13.72
N ILE A 1257 -82.63 20.64 14.03
CA ILE A 1257 -81.37 20.36 13.35
C ILE A 1257 -81.65 19.81 11.96
N GLN A 1258 -82.60 18.89 11.88
CA GLN A 1258 -83.01 18.34 10.61
C GLN A 1258 -83.49 19.46 9.68
N GLU A 1259 -84.28 20.39 10.22
CA GLU A 1259 -84.77 21.55 9.48
C GLU A 1259 -83.61 22.43 9.00
N ALA A 1260 -82.66 22.73 9.88
CA ALA A 1260 -81.50 23.53 9.51
C ALA A 1260 -80.68 22.86 8.39
N ILE A 1261 -80.49 21.55 8.43
CA ILE A 1261 -79.75 20.85 7.37
C ILE A 1261 -80.51 20.91 6.04
N ASN A 1262 -81.79 20.55 6.07
CA ASN A 1262 -82.59 20.36 4.87
C ASN A 1262 -83.16 21.63 4.26
N HIS A 1263 -83.40 22.64 5.11
CA HIS A 1263 -83.97 23.90 4.65
C HIS A 1263 -82.99 25.06 4.77
N GLN A 1264 -81.80 24.80 5.31
CA GLN A 1264 -80.70 25.78 5.37
C GLN A 1264 -81.08 26.98 6.25
N THR A 1265 -81.74 26.64 7.34
CA THR A 1265 -82.26 27.56 8.34
C THR A 1265 -81.16 27.75 9.40
N THR A 1266 -81.39 28.66 10.33
CA THR A 1266 -80.52 28.87 11.46
C THR A 1266 -81.02 28.05 12.66
N ALA A 1267 -80.10 27.37 13.34
CA ALA A 1267 -80.46 26.63 14.56
C ALA A 1267 -79.36 26.73 15.63
N THR A 1268 -79.79 26.67 16.88
CA THR A 1268 -78.89 26.71 18.03
C THR A 1268 -79.33 25.68 19.05
N LYS A 1269 -78.37 24.94 19.59
CA LYS A 1269 -78.63 23.93 20.61
C LYS A 1269 -77.49 23.99 21.65
N THR A 1270 -77.77 23.53 22.86
CA THR A 1270 -76.81 23.56 23.95
C THR A 1270 -76.80 22.19 24.65
N TYR A 1271 -75.60 21.67 24.92
CA TYR A 1271 -75.47 20.34 25.54
C TYR A 1271 -74.33 20.28 26.59
N ARG A 1272 -74.52 19.44 27.59
CA ARG A 1272 -73.44 19.08 28.52
C ARG A 1272 -72.55 17.99 27.86
N LEU A 1273 -71.24 18.11 28.05
CA LEU A 1273 -70.26 17.16 27.49
C LEU A 1273 -69.45 16.47 28.58
N VAL A 1274 -69.02 15.23 28.30
CA VAL A 1274 -68.00 14.55 29.12
C VAL A 1274 -66.92 13.96 28.20
N ASN A 1275 -65.81 13.52 28.79
CA ASN A 1275 -64.64 13.11 27.97
C ASN A 1275 -64.94 11.91 27.07
N THR A 1276 -65.97 11.15 27.44
CA THR A 1276 -66.36 9.97 26.66
C THR A 1276 -67.19 10.36 25.44
N ASP A 1277 -67.48 11.65 25.31
CA ASP A 1277 -68.13 12.21 24.14
C ASP A 1277 -67.05 12.62 23.15
N ARG A 1278 -66.78 11.72 22.20
CA ARG A 1278 -65.69 11.85 21.23
C ARG A 1278 -66.20 12.28 19.86
N THR A 1279 -65.36 13.01 19.13
CA THR A 1279 -65.65 13.40 17.74
C THR A 1279 -66.99 14.15 17.64
N VAL A 1280 -67.24 15.06 18.57
CA VAL A 1280 -68.55 15.73 18.50
C VAL A 1280 -68.62 16.78 17.40
N GLY A 1281 -69.77 16.81 16.72
CA GLY A 1281 -70.01 17.68 15.57
C GLY A 1281 -69.74 16.99 14.23
N THR A 1282 -68.91 15.96 14.25
CA THR A 1282 -68.39 15.34 13.04
C THR A 1282 -69.44 14.56 12.25
N ARG A 1283 -70.37 13.91 12.94
CA ARG A 1283 -71.44 13.20 12.25
C ARG A 1283 -72.41 14.17 11.54
N LEU A 1284 -72.67 15.29 12.18
CA LEU A 1284 -73.41 16.39 11.55
C LEU A 1284 -72.67 16.94 10.33
N SER A 1285 -71.34 17.09 10.43
CA SER A 1285 -70.56 17.57 9.29
C SER A 1285 -70.71 16.64 8.10
N GLY A 1286 -70.59 15.35 8.33
CA GLY A 1286 -70.77 14.36 7.29
C GLY A 1286 -72.14 14.41 6.61
N ALA A 1287 -73.17 14.63 7.42
CA ALA A 1287 -74.54 14.73 6.93
C ALA A 1287 -74.69 15.93 6.00
N ILE A 1288 -74.12 17.07 6.41
CA ILE A 1288 -74.14 18.26 5.58
C ILE A 1288 -73.32 18.02 4.32
N ALA A 1289 -72.09 17.52 4.48
CA ALA A 1289 -71.22 17.26 3.32
C ALA A 1289 -71.82 16.29 2.31
N LYS A 1290 -72.53 15.27 2.80
CA LYS A 1290 -73.17 14.29 1.94
C LYS A 1290 -74.22 14.99 1.06
N LYS A 1291 -74.90 15.99 1.61
CA LYS A 1291 -75.96 16.69 0.89
C LYS A 1291 -75.43 17.84 0.04
N TYR A 1292 -74.43 18.58 0.56
CA TYR A 1292 -74.06 19.87 -0.03
C TYR A 1292 -72.59 20.01 -0.48
N GLY A 1293 -71.78 18.98 -0.24
CA GLY A 1293 -70.35 19.09 -0.41
C GLY A 1293 -69.75 19.95 0.68
N ASN A 1294 -68.52 20.41 0.47
CA ASN A 1294 -67.79 21.20 1.48
C ASN A 1294 -68.31 22.64 1.58
N ASN A 1295 -68.83 23.16 0.47
CA ASN A 1295 -69.09 24.58 0.34
C ASN A 1295 -70.51 24.96 -0.07
N GLY A 1296 -71.40 23.99 -0.18
CA GLY A 1296 -72.75 24.28 -0.67
C GLY A 1296 -73.76 24.77 0.36
N PHE A 1297 -73.59 24.34 1.60
CA PHE A 1297 -74.50 24.67 2.71
C PHE A 1297 -74.60 26.17 2.97
N GLU A 1298 -75.84 26.68 3.06
CA GLU A 1298 -76.09 28.10 3.33
C GLU A 1298 -76.78 28.32 4.68
N GLY A 1299 -76.99 27.23 5.43
CA GLY A 1299 -77.57 27.32 6.75
C GLY A 1299 -76.55 27.71 7.79
N ASN A 1300 -76.97 27.67 9.04
CA ASN A 1300 -76.13 28.14 10.13
C ASN A 1300 -76.51 27.37 11.39
N ILE A 1301 -75.63 26.48 11.84
CA ILE A 1301 -75.89 25.72 13.06
C ILE A 1301 -74.86 26.07 14.12
N THR A 1302 -75.34 26.49 15.27
CA THR A 1302 -74.47 26.75 16.42
C THR A 1302 -74.74 25.70 17.47
N LEU A 1303 -73.68 24.98 17.85
CA LEU A 1303 -73.75 24.05 18.96
C LEU A 1303 -72.92 24.58 20.13
N ASN A 1304 -73.56 24.73 21.29
CA ASN A 1304 -72.89 25.17 22.50
C ASN A 1304 -72.70 23.95 23.43
N PHE A 1305 -71.47 23.76 23.91
CA PHE A 1305 -71.18 22.66 24.84
C PHE A 1305 -70.56 23.17 26.15
N GLN A 1306 -70.77 22.41 27.23
CA GLN A 1306 -70.15 22.69 28.53
C GLN A 1306 -69.55 21.39 29.09
N GLY A 1307 -68.28 21.45 29.50
CA GLY A 1307 -67.62 20.29 30.10
C GLY A 1307 -66.24 20.02 29.52
N ALA A 1308 -65.77 18.78 29.69
CA ALA A 1308 -64.52 18.33 29.05
C ALA A 1308 -64.83 17.49 27.82
N ALA A 1309 -64.46 18.00 26.65
CA ALA A 1309 -64.69 17.28 25.40
C ALA A 1309 -63.69 16.13 25.24
N GLY A 1310 -64.16 14.99 24.75
CA GLY A 1310 -63.25 13.92 24.35
C GLY A 1310 -62.46 14.21 23.09
N GLN A 1311 -61.60 13.25 22.72
CA GLN A 1311 -60.77 13.32 21.49
C GLN A 1311 -61.57 13.78 20.28
N SER A 1312 -60.92 14.55 19.40
CA SER A 1312 -61.44 14.90 18.07
C SER A 1312 -62.67 15.83 18.07
N PHE A 1313 -62.73 16.73 19.04
CA PHE A 1313 -63.79 17.72 19.11
C PHE A 1313 -63.77 18.60 17.85
N GLY A 1314 -64.90 18.64 17.15
CA GLY A 1314 -65.01 19.43 15.95
C GLY A 1314 -64.23 18.94 14.76
N ALA A 1315 -63.86 17.66 14.74
CA ALA A 1315 -63.18 17.10 13.57
C ALA A 1315 -64.02 17.27 12.31
N PHE A 1316 -63.34 17.57 11.21
CA PHE A 1316 -63.97 17.74 9.89
C PHE A 1316 -65.08 18.79 9.87
N ASN A 1317 -64.95 19.80 10.73
CA ASN A 1317 -65.91 20.91 10.77
C ASN A 1317 -66.08 21.58 9.43
N LEU A 1318 -67.29 22.06 9.12
CA LEU A 1318 -67.58 22.73 7.86
C LEU A 1318 -68.14 24.13 8.06
N ASP A 1319 -68.07 24.94 7.00
CA ASP A 1319 -68.76 26.24 7.00
C ASP A 1319 -70.24 26.05 7.35
N GLY A 1320 -70.77 26.94 8.17
CA GLY A 1320 -72.16 26.84 8.60
C GLY A 1320 -72.30 26.15 9.94
N MET A 1321 -71.18 25.65 10.46
CA MET A 1321 -71.12 25.04 11.78
C MET A 1321 -70.26 25.88 12.71
N THR A 1322 -70.85 26.35 13.80
CA THR A 1322 -70.10 27.02 14.86
C THR A 1322 -70.20 26.16 16.12
N LEU A 1323 -69.03 25.75 16.63
CA LEU A 1323 -68.94 24.99 17.86
C LEU A 1323 -68.35 25.83 18.99
N HIS A 1324 -69.12 26.03 20.05
CA HIS A 1324 -68.67 26.73 21.24
C HIS A 1324 -68.51 25.74 22.37
N LEU A 1325 -67.34 25.75 23.01
CA LEU A 1325 -67.09 24.87 24.15
C LEU A 1325 -66.58 25.68 25.34
N GLN A 1326 -67.29 25.55 26.47
CA GLN A 1326 -66.86 26.14 27.73
C GLN A 1326 -66.36 24.99 28.62
N GLY A 1327 -65.05 24.97 28.86
CA GLY A 1327 -64.42 23.94 29.66
C GLY A 1327 -63.02 23.68 29.16
N GLU A 1328 -62.82 22.52 28.51
CA GLU A 1328 -61.52 22.15 27.95
C GLU A 1328 -61.70 20.95 27.01
N ALA A 1329 -60.71 20.73 26.15
CA ALA A 1329 -60.76 19.61 25.23
C ALA A 1329 -59.49 18.76 25.26
N ASN A 1330 -59.67 17.50 24.89
CA ASN A 1330 -58.55 16.57 24.71
C ASN A 1330 -57.87 16.67 23.32
N ASP A 1331 -57.28 15.60 22.81
CA ASP A 1331 -56.42 15.77 21.61
C ASP A 1331 -57.21 15.98 20.30
N TYR A 1332 -56.53 16.45 19.25
CA TYR A 1332 -57.09 16.47 17.89
C TYR A 1332 -58.29 17.41 17.69
N VAL A 1333 -58.35 18.51 18.44
CA VAL A 1333 -59.42 19.49 18.24
C VAL A 1333 -59.36 19.99 16.78
N GLY A 1334 -60.49 20.01 16.10
CA GLY A 1334 -60.52 20.42 14.70
C GLY A 1334 -59.67 19.63 13.71
N LYS A 1335 -59.41 18.34 14.01
CA LYS A 1335 -58.75 17.41 13.09
C LYS A 1335 -59.45 17.44 11.74
N GLY A 1336 -58.69 17.70 10.67
CA GLY A 1336 -59.25 17.80 9.31
C GLY A 1336 -60.35 18.84 9.13
N MET A 1337 -60.36 19.86 9.98
CA MET A 1337 -61.32 20.97 9.87
C MET A 1337 -61.28 21.55 8.47
N ASN A 1338 -62.46 21.85 7.91
CA ASN A 1338 -62.54 22.39 6.55
C ASN A 1338 -63.16 23.79 6.49
N GLY A 1339 -63.93 24.13 7.51
CA GLY A 1339 -64.63 25.41 7.54
C GLY A 1339 -65.29 25.61 8.89
N GLY A 1340 -66.04 26.70 9.01
CA GLY A 1340 -66.70 27.05 10.26
C GLY A 1340 -65.77 27.58 11.32
N GLU A 1341 -66.25 27.60 12.56
CA GLU A 1341 -65.54 28.17 13.68
C GLU A 1341 -65.64 27.25 14.89
N ILE A 1342 -64.51 27.02 15.55
CA ILE A 1342 -64.49 26.34 16.85
C ILE A 1342 -63.94 27.33 17.88
N VAL A 1343 -64.67 27.48 18.98
CA VAL A 1343 -64.30 28.44 20.02
C VAL A 1343 -64.29 27.70 21.34
N ILE A 1344 -63.14 27.71 22.00
CA ILE A 1344 -62.95 27.03 23.26
C ILE A 1344 -62.49 28.01 24.34
N VAL A 1345 -63.26 28.09 25.44
CA VAL A 1345 -62.97 28.98 26.57
C VAL A 1345 -63.12 28.22 27.89
N PRO A 1346 -62.42 28.67 28.94
CA PRO A 1346 -62.56 28.07 30.26
C PRO A 1346 -63.95 28.34 30.84
N HIS A 1347 -64.29 27.68 31.94
CA HIS A 1347 -65.57 27.89 32.60
C HIS A 1347 -65.57 29.33 33.13
N PRO A 1348 -66.72 30.00 33.20
CA PRO A 1348 -66.77 31.40 33.66
C PRO A 1348 -66.22 31.52 35.06
N GLN A 1349 -66.42 30.47 35.85
CA GLN A 1349 -66.04 30.45 37.27
C GLN A 1349 -64.54 30.19 37.45
N ALA A 1350 -63.87 29.75 36.36
CA ALA A 1350 -62.43 29.52 36.42
C ALA A 1350 -61.78 30.79 36.93
N SER A 1351 -60.87 30.64 37.88
CA SER A 1351 -60.20 31.78 38.51
C SER A 1351 -58.77 32.07 37.97
N PHE A 1352 -58.13 31.07 37.39
CA PHE A 1352 -56.77 31.19 36.85
C PHE A 1352 -56.72 32.06 35.60
N ALA A 1353 -55.53 32.55 35.28
CA ALA A 1353 -55.31 33.33 34.06
C ALA A 1353 -55.31 32.34 32.88
N PRO A 1354 -56.29 32.47 31.97
CA PRO A 1354 -56.45 31.47 30.90
C PRO A 1354 -55.18 31.24 30.03
N GLU A 1355 -54.43 32.30 29.77
CA GLU A 1355 -53.24 32.24 28.94
C GLU A 1355 -52.10 31.41 29.57
N ASP A 1356 -52.17 31.18 30.88
CA ASP A 1356 -51.14 30.40 31.56
C ASP A 1356 -51.49 28.91 31.70
N ASN A 1357 -52.62 28.51 31.12
CA ASN A 1357 -53.19 27.19 31.32
C ASN A 1357 -53.60 26.43 30.06
N VAL A 1358 -53.43 25.11 30.12
CA VAL A 1358 -53.77 24.22 29.01
C VAL A 1358 -55.28 24.13 28.89
N ILE A 1359 -55.76 24.20 27.65
CA ILE A 1359 -57.18 24.04 27.38
C ILE A 1359 -57.42 23.06 26.24
N ILE A 1360 -56.39 22.79 25.46
CA ILE A 1360 -56.51 21.96 24.30
C ILE A 1360 -55.26 21.04 24.18
N GLY A 1361 -55.36 19.89 23.49
CA GLY A 1361 -54.32 18.89 23.50
C GLY A 1361 -53.37 18.86 22.31
N ASN A 1362 -53.02 17.65 21.90
CA ASN A 1362 -51.99 17.41 20.87
C ASN A 1362 -52.60 17.32 19.49
N THR A 1363 -51.83 17.70 18.48
CA THR A 1363 -52.17 17.42 17.08
C THR A 1363 -53.50 18.08 16.69
N CYS A 1364 -53.79 19.22 17.31
CA CYS A 1364 -54.96 20.01 16.92
C CYS A 1364 -54.78 20.56 15.50
N LEU A 1365 -55.88 20.69 14.75
CA LEU A 1365 -55.90 21.14 13.35
C LEU A 1365 -55.12 20.27 12.35
N TYR A 1366 -54.86 19.01 12.71
CA TYR A 1366 -54.09 18.10 11.87
C TYR A 1366 -54.69 18.05 10.48
N GLY A 1367 -53.91 18.45 9.46
CA GLY A 1367 -54.40 18.43 8.08
C GLY A 1367 -55.58 19.35 7.72
N ALA A 1368 -55.79 20.42 8.48
CA ALA A 1368 -56.95 21.30 8.28
C ALA A 1368 -56.90 21.97 6.90
N THR A 1369 -58.05 22.00 6.23
CA THR A 1369 -58.16 22.62 4.89
C THR A 1369 -58.96 23.92 4.87
N GLY A 1370 -59.25 24.46 6.06
CA GLY A 1370 -60.06 25.68 6.16
C GLY A 1370 -60.52 25.80 7.59
N GLY A 1371 -61.40 26.77 7.88
CA GLY A 1371 -61.93 26.95 9.22
C GLY A 1371 -61.09 27.83 10.12
N ASN A 1372 -61.68 28.24 11.24
CA ASN A 1372 -61.02 29.10 12.24
C ASN A 1372 -61.23 28.52 13.64
N LEU A 1373 -60.13 28.35 14.37
CA LEU A 1373 -60.19 27.92 15.76
C LEU A 1373 -59.71 29.04 16.67
N TYR A 1374 -60.45 29.30 17.75
CA TYR A 1374 -60.05 30.30 18.75
C TYR A 1374 -60.10 29.62 20.10
N ALA A 1375 -58.94 29.51 20.73
CA ALA A 1375 -58.83 28.82 22.04
C ALA A 1375 -58.18 29.75 23.04
N ASN A 1376 -58.91 30.04 24.13
CA ASN A 1376 -58.46 30.95 25.18
C ASN A 1376 -57.64 30.16 26.20
N GLY A 1377 -56.42 29.81 25.79
CA GLY A 1377 -55.54 28.95 26.56
C GLY A 1377 -54.50 28.25 25.67
N ARG A 1378 -53.74 27.36 26.28
CA ARG A 1378 -52.59 26.74 25.63
C ARG A 1378 -52.91 25.37 25.01
N ALA A 1379 -52.13 24.99 23.99
CA ALA A 1379 -52.23 23.67 23.35
C ALA A 1379 -51.00 22.81 23.68
N GLY A 1380 -51.04 21.55 23.26
CA GLY A 1380 -49.92 20.63 23.46
C GLY A 1380 -49.02 20.65 22.23
N GLU A 1381 -48.44 19.50 21.88
CA GLU A 1381 -47.55 19.48 20.71
C GLU A 1381 -48.25 19.40 19.38
N ARG A 1382 -47.48 19.77 18.36
CA ARG A 1382 -47.87 19.57 16.98
C ARG A 1382 -49.12 20.37 16.67
N PHE A 1383 -49.23 21.55 17.28
CA PHE A 1383 -50.35 22.42 16.95
C PHE A 1383 -50.28 22.80 15.49
N ALA A 1384 -51.40 22.62 14.80
CA ALA A 1384 -51.52 22.86 13.35
C ALA A 1384 -50.55 22.00 12.52
N VAL A 1385 -50.25 20.78 12.97
CA VAL A 1385 -49.16 19.92 12.41
C VAL A 1385 -48.78 20.06 10.92
N ARG A 1386 -49.77 19.62 10.12
CA ARG A 1386 -49.86 19.57 8.65
C ARG A 1386 -51.03 20.47 8.18
N ASN A 1387 -51.14 21.65 8.76
CA ASN A 1387 -52.13 22.63 8.36
C ASN A 1387 -51.99 23.07 6.90
N SER A 1388 -53.08 23.04 6.14
CA SER A 1388 -53.05 23.43 4.72
C SER A 1388 -53.71 24.79 4.55
N VAL A 1389 -54.82 25.01 5.26
CA VAL A 1389 -55.47 26.33 5.19
C VAL A 1389 -56.21 26.78 6.44
N GLY A 1390 -56.08 26.05 7.55
CA GLY A 1390 -56.76 26.46 8.77
C GLY A 1390 -56.18 27.76 9.37
N LYS A 1391 -57.03 28.53 10.05
CA LYS A 1391 -56.56 29.66 10.82
C LYS A 1391 -56.85 29.44 12.31
N ALA A 1392 -56.00 29.97 13.18
CA ALA A 1392 -56.20 29.81 14.61
C ALA A 1392 -55.52 30.89 15.41
N VAL A 1393 -56.08 31.17 16.57
CA VAL A 1393 -55.44 31.95 17.61
C VAL A 1393 -55.52 31.12 18.90
N ILE A 1394 -54.36 30.88 19.50
CA ILE A 1394 -54.21 30.17 20.76
C ILE A 1394 -53.23 30.97 21.61
N GLU A 1395 -53.08 30.57 22.87
CA GLU A 1395 -52.31 31.40 23.78
C GLU A 1395 -51.01 30.72 24.27
N GLY A 1396 -50.56 29.68 23.56
CA GLY A 1396 -49.29 29.03 23.85
C GLY A 1396 -49.34 27.59 23.37
N ALA A 1397 -48.20 26.92 23.27
CA ALA A 1397 -48.16 25.57 22.74
C ALA A 1397 -46.93 24.80 23.22
N GLY A 1398 -46.97 23.49 23.06
CA GLY A 1398 -45.80 22.64 23.30
C GLY A 1398 -44.85 22.66 22.11
N ASP A 1399 -44.19 21.54 21.88
CA ASP A 1399 -43.20 21.40 20.81
C ASP A 1399 -43.84 21.31 19.41
N HIS A 1400 -43.04 21.60 18.39
CA HIS A 1400 -43.36 21.31 16.99
C HIS A 1400 -44.56 22.07 16.46
N CYS A 1401 -44.80 23.28 16.97
CA CYS A 1401 -45.86 24.10 16.45
C CYS A 1401 -45.70 24.26 14.93
N CYS A 1402 -46.80 24.17 14.19
CA CYS A 1402 -46.83 24.32 12.72
C CYS A 1402 -45.95 23.35 11.93
N GLU A 1403 -45.66 22.19 12.51
CA GLU A 1403 -44.79 21.20 11.86
C GLU A 1403 -44.95 20.96 10.33
N TYR A 1404 -46.05 20.57 9.79
CA TYR A 1404 -45.79 20.39 8.33
C TYR A 1404 -46.65 21.34 7.51
N MET A 1405 -46.78 22.56 8.04
CA MET A 1405 -47.75 23.52 7.55
C MET A 1405 -47.42 23.97 6.14
N THR A 1406 -48.45 23.99 5.27
CA THR A 1406 -48.26 24.48 3.90
C THR A 1406 -49.09 25.71 3.56
N GLY A 1407 -49.93 26.14 4.50
CA GLY A 1407 -50.77 27.31 4.27
C GLY A 1407 -51.58 27.65 5.51
N GLY A 1408 -52.46 28.64 5.39
CA GLY A 1408 -53.20 29.17 6.52
C GLY A 1408 -52.41 30.17 7.34
N VAL A 1409 -52.95 30.49 8.52
CA VAL A 1409 -52.39 31.54 9.39
C VAL A 1409 -52.57 31.12 10.85
N ILE A 1410 -51.47 31.06 11.58
CA ILE A 1410 -51.49 30.67 12.98
C ILE A 1410 -50.92 31.78 13.88
N VAL A 1411 -51.66 32.10 14.95
CA VAL A 1411 -51.26 33.14 15.90
C VAL A 1411 -51.19 32.50 17.30
N VAL A 1412 -50.03 32.60 17.93
CA VAL A 1412 -49.78 32.04 19.25
C VAL A 1412 -49.40 33.18 20.20
N LEU A 1413 -50.29 33.45 21.15
CA LEU A 1413 -50.13 34.56 22.07
C LEU A 1413 -49.42 34.20 23.37
N GLY A 1414 -48.47 33.27 23.32
CA GLY A 1414 -47.76 32.86 24.52
C GLY A 1414 -46.59 31.94 24.21
N PRO A 1415 -45.83 31.55 25.22
CA PRO A 1415 -44.67 30.65 25.01
C PRO A 1415 -44.99 29.38 24.22
N VAL A 1416 -43.98 28.89 23.51
CA VAL A 1416 -44.08 27.78 22.60
C VAL A 1416 -42.85 26.88 22.90
N GLY A 1417 -42.97 25.58 22.63
CA GLY A 1417 -41.85 24.65 22.77
C GLY A 1417 -40.89 24.69 21.61
N ARG A 1418 -39.92 23.78 21.60
CA ARG A 1418 -38.87 23.80 20.58
C ARG A 1418 -39.28 23.15 19.24
N ASN A 1419 -38.41 23.19 18.25
CA ASN A 1419 -38.69 22.65 16.92
C ASN A 1419 -39.83 23.33 16.16
N VAL A 1420 -39.94 24.65 16.32
CA VAL A 1420 -40.99 25.43 15.64
C VAL A 1420 -40.74 25.48 14.14
N GLY A 1421 -41.80 25.19 13.37
CA GLY A 1421 -41.75 25.30 11.91
C GLY A 1421 -40.96 24.26 11.12
N ALA A 1422 -40.67 23.13 11.75
CA ALA A 1422 -40.01 22.03 11.07
C ALA A 1422 -40.86 21.59 9.89
N GLY A 1423 -40.27 21.55 8.69
CA GLY A 1423 -41.02 21.18 7.49
C GLY A 1423 -42.13 22.14 7.03
N MET A 1424 -42.17 23.34 7.61
CA MET A 1424 -43.17 24.34 7.26
C MET A 1424 -42.76 25.05 5.99
N THR A 1425 -43.59 24.87 4.98
CA THR A 1425 -43.25 25.17 3.61
C THR A 1425 -44.15 26.29 3.00
N GLY A 1426 -45.16 26.68 3.76
CA GLY A 1426 -46.09 27.71 3.34
C GLY A 1426 -46.96 28.18 4.49
N GLY A 1427 -47.77 29.22 4.24
CA GLY A 1427 -48.56 29.84 5.28
C GLY A 1427 -47.73 30.79 6.14
N LEU A 1428 -48.37 31.47 7.08
CA LEU A 1428 -47.69 32.37 8.00
C LEU A 1428 -48.05 32.07 9.45
N ALA A 1429 -47.10 32.30 10.35
CA ALA A 1429 -47.42 32.18 11.76
C ALA A 1429 -46.86 33.36 12.52
N TYR A 1430 -47.52 33.71 13.61
CA TYR A 1430 -47.11 34.84 14.43
C TYR A 1430 -46.98 34.39 15.87
N PHE A 1431 -45.83 34.71 16.48
CA PHE A 1431 -45.53 34.26 17.84
C PHE A 1431 -45.23 35.45 18.73
N LEU A 1432 -46.01 35.59 19.79
CA LEU A 1432 -45.74 36.63 20.79
C LEU A 1432 -44.64 36.10 21.67
N ASP A 1433 -43.49 36.78 21.69
CA ASP A 1433 -42.42 36.32 22.56
C ASP A 1433 -41.87 37.37 23.50
N GLU A 1434 -42.45 37.37 24.69
CA GLU A 1434 -42.18 38.33 25.73
C GLU A 1434 -40.94 37.96 26.54
N VAL A 1435 -40.50 36.72 26.41
CA VAL A 1435 -39.26 36.27 27.07
C VAL A 1435 -38.03 36.65 26.24
N GLY A 1436 -38.07 36.32 24.95
CA GLY A 1436 -37.00 36.68 24.03
C GLY A 1436 -36.17 35.50 23.57
N ASP A 1437 -36.61 34.28 23.92
CA ASP A 1437 -35.86 33.07 23.57
C ASP A 1437 -36.45 32.29 22.38
N LEU A 1438 -37.45 32.85 21.71
CA LEU A 1438 -38.00 32.19 20.53
C LEU A 1438 -36.98 31.84 19.43
N PRO A 1439 -36.08 32.74 19.04
CA PRO A 1439 -35.09 32.39 18.01
C PRO A 1439 -34.34 31.07 18.28
N GLU A 1440 -34.07 30.76 19.54
CA GLU A 1440 -33.42 29.50 19.93
C GLU A 1440 -34.30 28.24 19.72
N LYS A 1441 -35.62 28.43 19.59
CA LYS A 1441 -36.58 27.32 19.54
C LYS A 1441 -37.10 26.99 18.13
N ILE A 1442 -36.60 27.72 17.15
CA ILE A 1442 -37.01 27.56 15.77
C ILE A 1442 -36.25 26.37 15.21
N ASN A 1443 -36.90 25.63 14.32
CA ASN A 1443 -36.19 24.75 13.40
C ASN A 1443 -35.80 25.61 12.21
N PRO A 1444 -34.51 25.81 12.00
CA PRO A 1444 -34.01 26.72 10.96
C PRO A 1444 -33.88 26.12 9.57
N GLU A 1445 -34.38 24.90 9.35
CA GLU A 1445 -34.26 24.29 8.02
C GLU A 1445 -34.97 25.10 6.92
N ILE A 1446 -36.11 25.72 7.21
CA ILE A 1446 -36.91 26.37 6.13
C ILE A 1446 -37.38 27.79 6.46
N ILE A 1447 -38.00 27.97 7.62
CA ILE A 1447 -38.56 29.27 7.95
C ILE A 1447 -37.53 30.28 8.42
N THR A 1448 -37.86 31.54 8.14
CA THR A 1448 -37.15 32.71 8.61
C THR A 1448 -38.06 33.41 9.63
N LEU A 1449 -37.47 33.95 10.69
CA LEU A 1449 -38.18 34.74 11.68
C LEU A 1449 -37.89 36.24 11.45
N GLN A 1450 -38.92 37.07 11.47
CA GLN A 1450 -38.74 38.51 11.26
C GLN A 1450 -39.73 39.30 12.11
N ARG A 1451 -39.33 40.50 12.49
CA ARG A 1451 -40.22 41.43 13.16
C ARG A 1451 -41.25 41.89 12.14
N ILE A 1452 -42.44 42.29 12.59
CA ILE A 1452 -43.48 42.73 11.65
C ILE A 1452 -43.20 44.13 11.09
N THR A 1453 -42.92 44.16 9.78
CA THR A 1453 -42.58 45.37 9.04
C THR A 1453 -43.68 45.76 8.04
N ALA A 1454 -44.30 44.76 7.44
CA ALA A 1454 -45.35 44.99 6.44
C ALA A 1454 -46.67 45.41 7.09
N SER A 1455 -47.25 46.50 6.63
CA SER A 1455 -48.53 46.94 7.20
C SER A 1455 -49.61 45.87 7.02
N LYS A 1456 -49.57 45.11 5.93
CA LYS A 1456 -50.54 44.04 5.72
C LYS A 1456 -50.43 42.91 6.74
N GLY A 1457 -49.20 42.61 7.17
CA GLY A 1457 -48.96 41.63 8.21
C GLY A 1457 -49.52 42.07 9.55
N GLU A 1458 -49.25 43.33 9.91
CA GLU A 1458 -49.81 43.93 11.13
C GLU A 1458 -51.33 43.87 11.14
N GLU A 1459 -51.96 44.22 10.02
CA GLU A 1459 -53.42 44.22 9.96
C GLU A 1459 -54.00 42.79 10.00
N GLN A 1460 -53.30 41.83 9.39
CA GLN A 1460 -53.72 40.43 9.44
C GLN A 1460 -53.66 39.91 10.89
N LEU A 1461 -52.55 40.18 11.58
CA LEU A 1461 -52.41 39.75 12.97
C LEU A 1461 -53.47 40.42 13.84
N LYS A 1462 -53.61 41.74 13.70
CA LYS A 1462 -54.58 42.53 14.46
C LYS A 1462 -56.03 42.05 14.26
N SER A 1463 -56.38 41.74 13.02
CA SER A 1463 -57.74 41.29 12.73
C SER A 1463 -58.03 39.94 13.40
N LEU A 1464 -57.05 39.04 13.39
CA LEU A 1464 -57.20 37.74 14.03
C LEU A 1464 -57.32 37.86 15.57
N ILE A 1465 -56.48 38.71 16.19
CA ILE A 1465 -56.59 38.93 17.63
C ILE A 1465 -57.91 39.61 17.99
N THR A 1466 -58.37 40.50 17.13
CA THR A 1466 -59.64 41.18 17.33
C THR A 1466 -60.80 40.18 17.27
N ALA A 1467 -60.81 39.32 16.26
CA ALA A 1467 -61.73 38.18 16.19
C ALA A 1467 -61.64 37.31 17.45
N HIS A 1468 -60.42 36.95 17.83
CA HIS A 1468 -60.18 36.12 19.02
C HIS A 1468 -60.82 36.73 20.27
N VAL A 1469 -60.68 38.05 20.44
CA VAL A 1469 -61.30 38.75 21.58
C VAL A 1469 -62.83 38.75 21.51
N GLU A 1470 -63.39 39.01 20.32
CA GLU A 1470 -64.84 39.00 20.16
C GLU A 1470 -65.46 37.63 20.50
N HIS A 1471 -64.82 36.54 20.06
CA HIS A 1471 -65.31 35.18 20.27
C HIS A 1471 -65.13 34.70 21.72
N THR A 1472 -64.00 35.10 22.31
CA THR A 1472 -63.49 34.48 23.51
C THR A 1472 -63.53 35.37 24.77
N GLY A 1473 -63.47 36.69 24.58
CA GLY A 1473 -63.26 37.61 25.70
C GLY A 1473 -61.85 37.55 26.27
N SER A 1474 -60.94 36.89 25.55
CA SER A 1474 -59.57 36.61 26.03
C SER A 1474 -58.93 37.79 26.75
N PRO A 1475 -58.68 37.69 28.07
CA PRO A 1475 -57.96 38.77 28.77
C PRO A 1475 -56.58 39.07 28.17
N LYS A 1476 -55.88 38.05 27.68
CA LYS A 1476 -54.60 38.29 27.07
C LYS A 1476 -54.71 39.09 25.76
N GLY A 1477 -55.62 38.66 24.88
CA GLY A 1477 -55.93 39.40 23.66
C GLY A 1477 -56.28 40.86 23.95
N LYS A 1478 -57.18 41.08 24.91
CA LYS A 1478 -57.56 42.43 25.30
C LYS A 1478 -56.37 43.27 25.69
N ALA A 1479 -55.44 42.68 26.44
CA ALA A 1479 -54.28 43.43 26.90
C ALA A 1479 -53.39 43.81 25.72
N ILE A 1480 -53.23 42.89 24.77
CA ILE A 1480 -52.46 43.17 23.56
C ILE A 1480 -53.10 44.34 22.79
N LEU A 1481 -54.41 44.26 22.57
CA LEU A 1481 -55.14 45.28 21.81
C LEU A 1481 -55.17 46.64 22.50
N ALA A 1482 -55.18 46.65 23.83
CA ALA A 1482 -55.15 47.88 24.63
C ALA A 1482 -53.79 48.56 24.57
N ASN A 1483 -52.74 47.80 24.31
CA ASN A 1483 -51.41 48.37 24.22
C ASN A 1483 -50.71 47.87 22.98
N TRP A 1484 -51.40 48.04 21.85
CA TRP A 1484 -50.98 47.45 20.57
C TRP A 1484 -49.54 47.77 20.23
N SER A 1485 -49.18 49.05 20.37
CA SER A 1485 -47.86 49.56 20.00
C SER A 1485 -46.71 48.95 20.78
N ASP A 1486 -46.94 48.65 22.06
CA ASP A 1486 -45.92 48.03 22.89
C ASP A 1486 -45.72 46.54 22.59
N TYR A 1487 -46.82 45.85 22.30
CA TYR A 1487 -46.78 44.42 22.05
C TYR A 1487 -46.35 44.05 20.62
N LEU A 1488 -46.60 44.95 19.66
CA LEU A 1488 -46.29 44.65 18.25
C LEU A 1488 -44.81 44.24 18.04
N GLY A 1489 -43.92 44.96 18.71
CA GLY A 1489 -42.48 44.74 18.61
C GLY A 1489 -41.98 43.44 19.23
N LYS A 1490 -42.85 42.77 19.99
CA LYS A 1490 -42.47 41.54 20.68
C LYS A 1490 -42.94 40.29 19.94
N PHE A 1491 -43.73 40.49 18.89
CA PHE A 1491 -44.08 39.42 17.96
C PHE A 1491 -42.94 39.08 17.00
N TRP A 1492 -42.81 37.80 16.68
CA TRP A 1492 -42.00 37.36 15.53
C TRP A 1492 -42.95 36.80 14.48
N GLN A 1493 -42.65 37.01 13.21
CA GLN A 1493 -43.41 36.42 12.11
C GLN A 1493 -42.57 35.35 11.42
N ALA A 1494 -43.11 34.14 11.33
CA ALA A 1494 -42.42 33.00 10.70
C ALA A 1494 -42.82 32.94 9.25
N VAL A 1495 -41.82 32.98 8.37
CA VAL A 1495 -42.05 33.12 6.94
C VAL A 1495 -41.27 32.04 6.20
N PRO A 1496 -41.96 31.09 5.56
CA PRO A 1496 -41.31 30.19 4.62
C PRO A 1496 -40.99 30.89 3.29
N PRO A 1497 -39.98 30.40 2.57
CA PRO A 1497 -39.57 30.97 1.28
C PRO A 1497 -40.58 30.82 0.13
N SER A 1498 -41.79 30.34 0.37
CA SER A 1498 -42.88 30.47 -0.59
C SER A 1498 -43.67 31.76 -0.29
N GLU A 1499 -43.58 32.25 0.95
CA GLU A 1499 -44.34 33.44 1.36
C GLU A 1499 -43.53 34.76 1.42
N LYS A 1500 -42.26 34.70 1.03
CA LYS A 1500 -41.32 35.83 1.08
C LYS A 1500 -41.82 37.12 0.41
N ASP A 1501 -42.59 36.96 -0.66
CA ASP A 1501 -43.07 38.10 -1.45
C ASP A 1501 -44.56 38.37 -1.29
N SER A 1502 -45.18 37.72 -0.32
CA SER A 1502 -46.58 38.00 -0.02
C SER A 1502 -46.61 39.40 0.64
N PRO A 1503 -47.68 40.17 0.40
CA PRO A 1503 -47.79 41.51 0.98
C PRO A 1503 -47.75 41.51 2.52
N GLU A 1504 -48.24 40.46 3.17
CA GLU A 1504 -48.22 40.46 4.61
C GLU A 1504 -46.86 40.09 5.22
N ALA A 1505 -45.94 39.61 4.39
CA ALA A 1505 -44.56 39.37 4.84
C ALA A 1505 -43.57 40.41 4.34
N ASN A 1506 -43.90 41.06 3.23
CA ASN A 1506 -42.95 41.97 2.61
C ASN A 1506 -43.57 43.34 2.29
N ASN A 1507 -42.88 44.39 2.74
CA ASN A 1507 -43.17 45.80 2.41
C ASN A 1507 -44.05 46.52 3.43
N CYS B 1 33.44 -4.90 -4.90
CA CYS B 1 33.10 -4.81 -3.44
C CYS B 1 32.70 -3.40 -3.02
N GLY B 2 31.89 -3.30 -1.99
CA GLY B 2 31.50 -2.02 -1.41
C GLY B 2 31.91 -2.03 0.04
N VAL B 3 32.42 -0.89 0.53
CA VAL B 3 32.99 -0.86 1.88
C VAL B 3 32.78 0.51 2.53
N GLY B 4 32.69 0.55 3.85
CA GLY B 4 32.59 1.84 4.52
C GLY B 4 32.63 1.72 6.01
N PHE B 5 32.53 2.85 6.68
CA PHE B 5 32.41 2.89 8.13
C PHE B 5 31.47 3.99 8.61
N ILE B 6 30.92 3.79 9.81
CA ILE B 6 30.10 4.79 10.48
C ILE B 6 30.68 4.92 11.88
N ALA B 7 30.79 6.16 12.37
CA ALA B 7 31.20 6.34 13.76
C ALA B 7 30.37 7.39 14.49
N ASN B 8 30.01 7.03 15.71
CA ASN B 8 29.32 7.89 16.63
C ASN B 8 30.31 8.34 17.70
N LEU B 9 30.81 9.56 17.57
CA LEU B 9 31.89 10.03 18.44
C LEU B 9 31.40 10.55 19.78
N ARG B 10 30.20 11.13 19.78
CA ARG B 10 29.79 11.97 20.90
C ARG B 10 28.50 11.55 21.61
N GLY B 11 27.65 10.77 20.96
CA GLY B 11 26.47 10.24 21.62
C GLY B 11 26.74 8.91 22.31
N LYS B 12 25.78 8.44 23.11
CA LYS B 12 25.87 7.11 23.72
C LYS B 12 25.80 6.05 22.62
N PRO B 13 26.61 4.99 22.71
CA PRO B 13 26.50 3.86 21.78
C PRO B 13 25.06 3.38 21.68
N ASP B 14 24.56 3.23 20.46
CA ASP B 14 23.17 2.86 20.26
C ASP B 14 23.00 1.78 19.18
N HIS B 15 21.77 1.32 19.03
CA HIS B 15 21.44 0.34 18.02
C HIS B 15 21.23 0.98 16.65
N THR B 16 20.88 2.27 16.63
CA THR B 16 20.65 2.98 15.37
C THR B 16 21.82 2.89 14.38
N LEU B 17 23.02 3.10 14.88
CA LEU B 17 24.25 3.00 14.06
C LEU B 17 24.39 1.62 13.38
N VAL B 18 24.03 0.55 14.09
CA VAL B 18 23.99 -0.80 13.53
C VAL B 18 22.93 -0.92 12.43
N GLU B 19 21.74 -0.38 12.67
CA GLU B 19 20.71 -0.37 11.63
C GLU B 19 21.21 0.37 10.39
N GLN B 20 21.87 1.52 10.60
CA GLN B 20 22.43 2.31 9.53
C GLN B 20 23.49 1.55 8.74
N ALA B 21 24.33 0.78 9.43
CA ALA B 21 25.36 -0.02 8.76
C ALA B 21 24.75 -1.12 7.88
N LEU B 22 23.67 -1.75 8.35
CA LEU B 22 22.97 -2.76 7.55
C LEU B 22 22.29 -2.16 6.32
N LYS B 23 21.75 -0.97 6.49
CA LYS B 23 21.10 -0.27 5.39
C LYS B 23 22.12 0.19 4.35
N ALA B 24 23.25 0.73 4.81
CA ALA B 24 24.35 1.12 3.93
C ALA B 24 24.83 -0.09 3.13
N LEU B 25 24.97 -1.23 3.82
CA LEU B 25 25.32 -2.49 3.16
C LEU B 25 24.32 -2.83 2.05
N GLY B 26 23.03 -2.66 2.34
CA GLY B 26 21.98 -2.88 1.35
C GLY B 26 22.13 -1.98 0.12
N CYS B 27 22.60 -0.76 0.34
CA CYS B 27 22.82 0.23 -0.73
C CYS B 27 24.03 -0.10 -1.59
N MET B 28 24.81 -1.09 -1.17
CA MET B 28 26.02 -1.51 -1.87
C MET B 28 25.85 -2.83 -2.62
N GLU B 29 24.64 -3.36 -2.64
CA GLU B 29 24.35 -4.69 -3.22
C GLU B 29 24.92 -4.86 -4.64
N HIS B 30 24.82 -3.82 -5.46
CA HIS B 30 25.27 -3.87 -6.86
C HIS B 30 26.80 -3.89 -6.98
N ARG B 31 27.50 -3.61 -5.90
CA ARG B 31 28.96 -3.67 -5.90
C ARG B 31 29.44 -5.07 -5.51
N GLY B 32 28.49 -5.94 -5.18
CA GLY B 32 28.80 -7.30 -4.78
C GLY B 32 28.31 -8.33 -5.78
N GLY B 33 28.66 -9.59 -5.53
CA GLY B 33 28.22 -10.68 -6.37
C GLY B 33 27.47 -11.80 -5.65
N CYS B 34 26.95 -12.76 -6.43
CA CYS B 34 26.22 -13.90 -5.90
C CYS B 34 26.75 -15.21 -6.48
N SER B 35 26.45 -16.32 -5.79
CA SER B 35 26.87 -17.67 -6.23
C SER B 35 26.03 -18.22 -7.39
N ALA B 36 26.26 -19.48 -7.72
CA ALA B 36 25.59 -20.11 -8.87
C ALA B 36 24.07 -20.20 -8.69
N ASP B 37 23.62 -20.23 -7.44
CA ASP B 37 22.19 -20.32 -7.12
C ASP B 37 21.48 -18.98 -7.28
N ASN B 38 22.25 -17.93 -7.59
CA ASN B 38 21.77 -16.56 -7.74
C ASN B 38 21.09 -16.04 -6.48
N ASP B 39 21.54 -16.53 -5.34
CA ASP B 39 20.84 -16.31 -4.08
C ASP B 39 21.82 -16.16 -2.93
N SER B 40 22.69 -17.15 -2.75
CA SER B 40 23.81 -17.03 -1.82
C SER B 40 24.74 -15.89 -2.29
N GLY B 41 25.24 -15.11 -1.36
CA GLY B 41 26.12 -14.02 -1.73
C GLY B 41 27.59 -14.39 -1.62
N ASP B 42 28.43 -13.68 -2.36
CA ASP B 42 29.87 -13.79 -2.27
C ASP B 42 30.40 -13.31 -0.92
N GLY B 43 29.56 -12.70 -0.10
CA GLY B 43 29.99 -12.22 1.21
C GLY B 43 29.41 -10.89 1.63
N ALA B 44 29.00 -10.79 2.89
CA ALA B 44 28.64 -9.52 3.50
C ALA B 44 28.96 -9.60 4.97
N GLY B 45 29.33 -8.47 5.56
CA GLY B 45 29.76 -8.48 6.94
C GLY B 45 29.87 -7.11 7.56
N VAL B 46 29.92 -7.13 8.89
CA VAL B 46 30.09 -5.92 9.68
C VAL B 46 31.02 -6.22 10.84
N MET B 47 31.94 -5.30 11.09
CA MET B 47 32.72 -5.30 12.32
C MET B 47 32.19 -4.19 13.24
N THR B 48 32.03 -4.50 14.53
CA THR B 48 31.51 -3.52 15.50
C THR B 48 32.35 -3.58 16.76
N ALA B 49 32.02 -2.73 17.74
CA ALA B 49 32.53 -2.94 19.08
C ALA B 49 31.82 -4.15 19.69
N ILE B 50 32.37 -4.66 20.79
CA ILE B 50 31.75 -5.82 21.41
C ILE B 50 30.35 -5.43 21.91
N PRO B 51 29.33 -6.22 21.57
CA PRO B 51 27.96 -5.97 22.04
C PRO B 51 27.76 -6.39 23.49
N ARG B 52 28.23 -5.55 24.41
CA ARG B 52 28.25 -5.88 25.84
C ARG B 52 26.87 -6.17 26.44
N GLU B 53 25.89 -5.30 26.15
CA GLU B 53 24.51 -5.48 26.62
C GLU B 53 23.96 -6.85 26.23
N LEU B 54 24.26 -7.27 25.01
CA LEU B 54 23.83 -8.57 24.50
C LEU B 54 24.46 -9.74 25.24
N LEU B 55 25.78 -9.68 25.43
CA LEU B 55 26.51 -10.76 26.09
C LEU B 55 26.21 -10.85 27.57
N ALA B 56 25.80 -9.73 28.16
CA ALA B 56 25.40 -9.72 29.58
C ALA B 56 24.34 -10.76 29.89
N GLN B 57 23.43 -10.99 28.94
CA GLN B 57 22.38 -11.99 29.15
C GLN B 57 22.97 -13.40 29.33
N TRP B 58 23.99 -13.72 28.53
CA TRP B 58 24.70 -15.00 28.65
C TRP B 58 25.33 -15.16 30.04
N PHE B 59 25.93 -14.09 30.56
CA PHE B 59 26.50 -14.13 31.91
C PHE B 59 25.42 -14.27 32.99
N ASN B 60 24.35 -13.51 32.85
CA ASN B 60 23.23 -13.60 33.79
C ASN B 60 22.62 -15.00 33.90
N THR B 61 22.44 -15.62 32.75
CA THR B 61 21.87 -16.97 32.70
C THR B 61 22.75 -17.96 33.47
N ARG B 62 24.04 -17.68 33.47
CA ARG B 62 25.03 -18.55 34.11
C ARG B 62 25.43 -18.12 35.52
N ASN B 63 24.85 -17.03 36.04
CA ASN B 63 25.20 -16.51 37.37
C ASN B 63 26.70 -16.22 37.45
N LEU B 64 27.21 -15.65 36.35
CA LEU B 64 28.63 -15.41 36.18
C LEU B 64 28.88 -13.91 36.18
N PRO B 65 29.88 -13.45 36.93
CA PRO B 65 30.28 -12.05 36.89
C PRO B 65 30.89 -11.70 35.53
N MET B 66 30.44 -10.60 34.97
CA MET B 66 30.95 -10.15 33.69
C MET B 66 32.19 -9.28 33.90
N PRO B 67 33.30 -9.62 33.24
CA PRO B 67 34.51 -8.80 33.38
C PRO B 67 34.26 -7.47 32.69
N ASP B 68 34.98 -6.44 33.11
CA ASP B 68 34.97 -5.14 32.44
C ASP B 68 35.29 -5.30 30.96
N GLY B 69 34.91 -4.31 30.16
CA GLY B 69 34.99 -4.39 28.71
C GLY B 69 36.36 -4.69 28.13
N ASP B 70 37.38 -4.05 28.70
CA ASP B 70 38.74 -4.23 28.21
C ASP B 70 39.37 -5.51 28.80
N ARG B 71 38.59 -6.26 29.58
CA ARG B 71 39.08 -7.48 30.19
C ARG B 71 38.39 -8.74 29.66
N LEU B 72 37.42 -8.58 28.77
CA LEU B 72 36.67 -9.71 28.24
C LEU B 72 37.02 -9.95 26.78
N GLY B 73 37.75 -11.03 26.51
CA GLY B 73 38.06 -11.42 25.15
C GLY B 73 36.91 -12.21 24.57
N VAL B 74 36.55 -11.88 23.33
CA VAL B 74 35.50 -12.62 22.64
C VAL B 74 36.00 -13.10 21.28
N GLY B 75 35.85 -14.40 21.03
CA GLY B 75 36.20 -14.98 19.73
C GLY B 75 34.96 -15.38 18.97
N MET B 76 34.81 -14.89 17.73
CA MET B 76 33.74 -15.32 16.84
C MET B 76 34.29 -16.44 15.98
N VAL B 77 33.77 -17.65 16.15
CA VAL B 77 34.40 -18.84 15.58
C VAL B 77 33.46 -19.61 14.65
N PHE B 78 33.98 -19.96 13.48
CA PHE B 78 33.33 -20.91 12.57
C PHE B 78 33.90 -22.31 12.88
N LEU B 79 33.02 -23.25 13.25
CA LEU B 79 33.41 -24.63 13.62
C LEU B 79 32.72 -25.67 12.72
N PRO B 80 33.24 -26.92 12.69
CA PRO B 80 32.58 -27.99 11.92
C PRO B 80 31.13 -28.19 12.34
N GLN B 81 30.25 -28.50 11.38
CA GLN B 81 28.89 -28.97 11.70
C GLN B 81 28.84 -30.37 12.38
N GLU B 82 29.64 -31.34 11.93
CA GLU B 82 29.58 -32.70 12.47
C GLU B 82 30.02 -32.65 13.93
N PRO B 83 29.14 -33.02 14.86
CA PRO B 83 29.39 -32.86 16.30
C PRO B 83 30.75 -33.36 16.81
N SER B 84 31.21 -34.54 16.41
CA SER B 84 32.51 -35.02 16.90
C SER B 84 33.70 -34.15 16.41
N ALA B 85 33.75 -33.85 15.11
CA ALA B 85 34.72 -32.90 14.58
C ALA B 85 34.59 -31.54 15.28
N ARG B 86 33.37 -31.13 15.58
CA ARG B 86 33.11 -29.85 16.24
C ARG B 86 33.79 -29.76 17.62
N GLU B 87 33.71 -30.84 18.39
CA GLU B 87 34.31 -30.88 19.72
C GLU B 87 35.84 -30.95 19.66
N VAL B 88 36.39 -31.61 18.65
CA VAL B 88 37.84 -31.64 18.48
C VAL B 88 38.36 -30.22 18.19
N ALA B 89 37.64 -29.47 17.34
CA ALA B 89 38.00 -28.09 17.03
C ALA B 89 37.89 -27.18 18.26
N ARG B 90 36.80 -27.32 18.99
CA ARG B 90 36.56 -26.55 20.21
C ARG B 90 37.66 -26.79 21.22
N ALA B 91 38.00 -28.04 21.43
CA ALA B 91 39.07 -28.41 22.36
C ALA B 91 40.40 -27.78 21.95
N TYR B 92 40.67 -27.71 20.66
CA TYR B 92 41.91 -27.09 20.18
C TYR B 92 41.97 -25.59 20.48
N VAL B 93 40.86 -24.89 20.24
CA VAL B 93 40.76 -23.45 20.52
C VAL B 93 41.07 -23.21 21.99
N GLU B 94 40.42 -23.99 22.86
CA GLU B 94 40.61 -23.87 24.31
C GLU B 94 42.06 -24.19 24.72
N GLU B 95 42.65 -25.23 24.14
CA GLU B 95 44.04 -25.61 24.38
C GLU B 95 44.99 -24.44 24.06
N VAL B 96 44.76 -23.76 22.94
CA VAL B 96 45.67 -22.66 22.62
C VAL B 96 45.44 -21.43 23.51
N VAL B 97 44.18 -21.20 23.86
CA VAL B 97 43.79 -20.11 24.75
C VAL B 97 44.49 -20.28 26.10
N ARG B 98 44.46 -21.50 26.65
CA ARG B 98 45.17 -21.84 27.89
C ARG B 98 46.69 -21.64 27.83
N LEU B 99 47.29 -21.98 26.69
CA LEU B 99 48.72 -21.82 26.51
C LEU B 99 49.18 -20.34 26.52
N GLU B 100 48.25 -19.42 26.27
CA GLU B 100 48.53 -17.99 26.38
C GLU B 100 48.20 -17.44 27.77
N LYS B 101 47.95 -18.37 28.69
CA LYS B 101 47.67 -18.10 30.11
C LYS B 101 46.34 -17.38 30.32
N LEU B 102 45.41 -17.65 29.40
CA LEU B 102 44.04 -17.16 29.50
C LEU B 102 43.08 -18.25 29.99
N THR B 103 41.94 -17.81 30.52
CA THR B 103 40.91 -18.68 31.06
C THR B 103 39.68 -18.65 30.15
N VAL B 104 39.11 -19.83 29.87
CA VAL B 104 37.90 -19.95 29.05
C VAL B 104 36.68 -19.93 29.98
N LEU B 105 35.82 -18.94 29.80
CA LEU B 105 34.64 -18.82 30.64
C LEU B 105 33.51 -19.71 30.14
N GLY B 106 33.50 -19.91 28.83
CA GLY B 106 32.49 -20.71 28.19
C GLY B 106 32.24 -20.27 26.77
N TRP B 107 31.23 -20.89 26.16
CA TRP B 107 30.85 -20.66 24.79
C TRP B 107 29.39 -20.20 24.70
N ARG B 108 29.13 -19.25 23.81
CA ARG B 108 27.77 -18.80 23.49
C ARG B 108 27.40 -19.24 22.08
N GLU B 109 26.27 -19.93 21.95
CA GLU B 109 25.81 -20.31 20.63
C GLU B 109 25.18 -19.08 19.95
N VAL B 110 25.68 -18.74 18.76
CA VAL B 110 25.20 -17.55 18.07
C VAL B 110 23.84 -17.82 17.41
N PRO B 111 22.82 -17.04 17.76
CA PRO B 111 21.46 -17.26 17.24
C PRO B 111 21.35 -16.83 15.77
N VAL B 112 20.99 -17.82 14.95
CA VAL B 112 20.95 -17.65 13.51
C VAL B 112 19.68 -18.28 12.93
N ASN B 113 19.27 -17.74 11.78
CA ASN B 113 18.16 -18.32 11.01
C ASN B 113 18.67 -18.79 9.65
N SER B 114 19.03 -20.08 9.58
CA SER B 114 19.62 -20.69 8.38
C SER B 114 18.65 -20.75 7.22
N ASP B 115 17.37 -20.63 7.53
CA ASP B 115 16.34 -20.70 6.50
C ASP B 115 16.34 -19.52 5.53
N VAL B 116 16.94 -18.40 5.93
CA VAL B 116 17.05 -17.24 5.03
C VAL B 116 18.19 -17.36 4.02
N LEU B 117 19.05 -18.37 4.20
CA LEU B 117 20.24 -18.52 3.36
C LEU B 117 19.92 -19.11 1.98
N GLY B 118 20.77 -18.79 0.99
CA GLY B 118 20.71 -19.43 -0.32
C GLY B 118 21.18 -20.88 -0.18
N ILE B 119 20.75 -21.75 -1.08
CA ILE B 119 21.07 -23.19 -0.96
C ILE B 119 22.57 -23.53 -0.82
N GLN B 120 23.44 -22.87 -1.59
CA GLN B 120 24.88 -23.12 -1.47
C GLN B 120 25.47 -22.65 -0.13
N ALA B 121 25.05 -21.47 0.32
CA ALA B 121 25.50 -20.98 1.63
C ALA B 121 25.01 -21.88 2.76
N LYS B 122 23.78 -22.37 2.61
CA LYS B 122 23.13 -23.22 3.60
C LYS B 122 23.84 -24.58 3.69
N ASN B 123 24.20 -25.14 2.54
CA ASN B 123 24.87 -26.45 2.48
C ASN B 123 26.24 -26.39 3.16
N ASN B 124 26.82 -25.19 3.07
CA ASN B 124 28.16 -24.78 3.41
C ASN B 124 28.35 -24.23 4.84
N GLN B 125 27.25 -23.89 5.49
CA GLN B 125 27.30 -23.06 6.67
C GLN B 125 28.03 -23.80 7.78
N PRO B 126 29.07 -23.19 8.34
CA PRO B 126 29.71 -23.74 9.54
C PRO B 126 28.83 -23.55 10.77
N HIS B 127 29.22 -24.18 11.87
CA HIS B 127 28.53 -23.97 13.13
C HIS B 127 29.16 -22.78 13.85
N ILE B 128 28.34 -21.78 14.17
CA ILE B 128 28.87 -20.49 14.63
C ILE B 128 28.69 -20.32 16.13
N GLU B 129 29.80 -20.20 16.86
CA GLU B 129 29.80 -19.93 18.31
C GLU B 129 30.82 -18.87 18.69
N GLN B 130 30.60 -18.26 19.84
CA GLN B 130 31.52 -17.27 20.42
C GLN B 130 32.17 -17.87 21.64
N ILE B 131 33.49 -17.73 21.75
CA ILE B 131 34.17 -18.10 22.99
C ILE B 131 34.44 -16.85 23.85
N LEU B 132 34.24 -16.98 25.15
CA LEU B 132 34.39 -15.86 26.07
C LEU B 132 35.54 -16.20 27.01
N VAL B 133 36.46 -15.27 27.15
CA VAL B 133 37.80 -15.52 27.68
C VAL B 133 38.23 -14.34 28.58
N THR B 134 39.05 -14.62 29.60
CA THR B 134 39.66 -13.59 30.47
C THR B 134 41.10 -13.94 30.82
N CYS B 135 41.81 -12.98 31.42
CA CYS B 135 43.19 -13.17 31.87
C CYS B 135 43.23 -13.03 33.39
N PRO B 136 43.45 -14.14 34.12
CA PRO B 136 43.42 -14.11 35.59
C PRO B 136 44.57 -13.31 36.19
N GLU B 137 45.63 -13.09 35.40
CA GLU B 137 46.73 -12.22 35.82
C GLU B 137 46.29 -10.76 35.83
N GLY B 138 45.26 -10.46 35.03
CA GLY B 138 44.70 -9.13 34.96
C GLY B 138 45.14 -8.33 33.74
N CYS B 139 45.49 -9.03 32.66
CA CYS B 139 45.70 -8.37 31.38
C CYS B 139 44.44 -7.74 30.86
N ALA B 140 44.62 -6.68 30.09
CA ALA B 140 43.52 -5.92 29.54
C ALA B 140 43.99 -5.25 28.26
N GLY B 141 43.02 -4.74 27.50
CA GLY B 141 43.28 -3.83 26.42
C GLY B 141 44.31 -4.31 25.44
N ASP B 142 45.38 -3.53 25.28
CA ASP B 142 46.42 -3.83 24.29
C ASP B 142 47.04 -5.23 24.49
N GLU B 143 47.44 -5.54 25.73
CA GLU B 143 48.12 -6.81 26.00
C GLU B 143 47.21 -8.03 25.85
N LEU B 144 45.96 -7.88 26.29
CA LEU B 144 44.97 -8.94 26.08
C LEU B 144 44.76 -9.16 24.57
N ASP B 145 44.56 -8.08 23.80
CA ASP B 145 44.42 -8.24 22.34
C ASP B 145 45.67 -8.81 21.67
N ARG B 146 46.84 -8.49 22.22
CA ARG B 146 48.10 -9.04 21.76
C ARG B 146 48.16 -10.58 21.90
N ARG B 147 47.76 -11.06 23.08
CA ARG B 147 47.71 -12.47 23.37
C ARG B 147 46.65 -13.18 22.53
N LEU B 148 45.53 -12.52 22.28
CA LEU B 148 44.49 -13.10 21.41
C LEU B 148 44.96 -13.17 19.95
N TYR B 149 45.76 -12.18 19.55
CA TYR B 149 46.36 -12.16 18.21
C TYR B 149 47.29 -13.37 18.00
N ILE B 150 48.13 -13.64 19.01
CA ILE B 150 48.99 -14.84 19.00
C ILE B 150 48.17 -16.13 18.96
N ALA B 151 47.07 -16.17 19.71
CA ALA B 151 46.14 -17.29 19.73
C ALA B 151 45.53 -17.52 18.37
N ARG B 152 45.03 -16.44 17.75
CA ARG B 152 44.47 -16.55 16.41
C ARG B 152 45.51 -17.06 15.43
N SER B 153 46.76 -16.60 15.56
CA SER B 153 47.77 -17.06 14.60
C SER B 153 48.02 -18.57 14.74
N ILE B 154 48.10 -19.07 15.97
CA ILE B 154 48.30 -20.51 16.21
C ILE B 154 47.10 -21.33 15.74
N ILE B 155 45.88 -20.90 16.09
CA ILE B 155 44.66 -21.57 15.65
C ILE B 155 44.57 -21.58 14.12
N GLY B 156 44.96 -20.46 13.51
CA GLY B 156 44.99 -20.29 12.07
C GLY B 156 45.93 -21.20 11.27
N LYS B 157 46.81 -21.94 11.95
CA LYS B 157 47.62 -22.96 11.29
C LYS B 157 46.76 -24.13 10.80
N LYS B 158 45.55 -24.23 11.34
CA LYS B 158 44.60 -25.32 11.08
C LYS B 158 43.38 -24.85 10.28
N LEU B 159 43.56 -23.75 9.55
CA LEU B 159 42.50 -23.10 8.78
C LEU B 159 41.78 -24.05 7.81
N ALA B 160 40.45 -24.06 7.87
CA ALA B 160 39.61 -24.85 6.96
C ALA B 160 38.34 -24.07 6.69
N GLU B 161 37.62 -24.42 5.63
CA GLU B 161 36.37 -23.73 5.32
C GLU B 161 35.45 -23.80 6.53
N ASP B 162 35.83 -24.72 7.42
CA ASP B 162 35.11 -25.25 8.55
C ASP B 162 35.61 -24.87 9.94
N PHE B 163 36.80 -24.28 9.99
CA PHE B 163 37.49 -24.02 11.26
C PHE B 163 38.25 -22.73 11.06
N TYR B 164 37.67 -21.64 11.52
CA TYR B 164 38.17 -20.32 11.22
C TYR B 164 37.70 -19.36 12.29
N VAL B 165 38.62 -18.51 12.75
CA VAL B 165 38.29 -17.49 13.74
C VAL B 165 38.11 -16.15 13.02
N CYS B 166 36.89 -15.64 13.01
CA CYS B 166 36.59 -14.37 12.33
C CYS B 166 37.25 -13.19 13.03
N SER B 167 37.30 -13.25 14.35
CA SER B 167 37.86 -12.19 15.19
C SER B 167 38.03 -12.73 16.60
N PHE B 168 39.03 -12.22 17.32
CA PHE B 168 39.28 -12.63 18.70
C PHE B 168 39.90 -11.43 19.34
N SER B 169 39.12 -10.74 20.16
CA SER B 169 39.46 -9.40 20.60
C SER B 169 38.60 -9.00 21.80
N CYS B 170 39.15 -8.13 22.64
CA CYS B 170 38.35 -7.50 23.68
C CYS B 170 37.79 -6.15 23.27
N ARG B 171 37.91 -5.79 21.99
CA ARG B 171 37.44 -4.48 21.49
C ARG B 171 36.56 -4.53 20.24
N THR B 172 36.75 -5.57 19.42
CA THR B 172 36.05 -5.68 18.14
C THR B 172 35.50 -7.09 17.91
N ILE B 173 34.46 -7.18 17.07
CA ILE B 173 33.86 -8.46 16.67
C ILE B 173 33.35 -8.37 15.23
N VAL B 174 33.53 -9.44 14.47
CA VAL B 174 33.04 -9.51 13.09
C VAL B 174 31.90 -10.53 12.89
N TYR B 175 30.78 -10.03 12.37
CA TYR B 175 29.63 -10.84 11.98
C TYR B 175 29.58 -10.85 10.45
N LYS B 176 29.91 -11.98 9.84
CA LYS B 176 29.95 -12.03 8.36
C LYS B 176 29.48 -13.40 7.85
N GLY B 177 29.14 -13.44 6.56
CA GLY B 177 28.68 -14.67 5.94
C GLY B 177 28.42 -14.56 4.45
N MET B 178 28.07 -15.71 3.87
CA MET B 178 27.88 -15.84 2.42
C MET B 178 26.45 -15.49 2.02
N VAL B 179 26.16 -14.20 2.16
CA VAL B 179 24.80 -13.69 2.03
C VAL B 179 24.76 -12.40 1.24
N ARG B 180 23.61 -12.11 0.64
CA ARG B 180 23.34 -10.79 0.08
C ARG B 180 23.19 -9.81 1.23
N SER B 181 23.37 -8.52 0.93
CA SER B 181 23.42 -7.46 1.96
C SER B 181 22.23 -7.48 2.92
N ILE B 182 21.02 -7.47 2.36
CA ILE B 182 19.81 -7.46 3.20
C ILE B 182 19.54 -8.78 3.94
N ILE B 183 20.32 -9.81 3.64
CA ILE B 183 20.13 -11.08 4.30
C ILE B 183 20.98 -11.18 5.58
N LEU B 184 22.05 -10.37 5.68
CA LEU B 184 23.01 -10.49 6.80
C LEU B 184 22.34 -10.40 8.16
N GLY B 185 21.53 -9.36 8.34
CA GLY B 185 20.79 -9.16 9.58
C GLY B 185 19.58 -10.05 9.75
N GLU B 186 19.12 -10.71 8.69
CA GLU B 186 18.07 -11.72 8.85
C GLU B 186 18.65 -13.05 9.30
N PHE B 187 19.89 -13.32 8.93
CA PHE B 187 20.55 -14.55 9.32
C PHE B 187 21.09 -14.44 10.73
N TYR B 188 21.76 -13.33 11.05
CA TYR B 188 22.28 -13.13 12.40
C TYR B 188 21.27 -12.37 13.25
N LEU B 189 20.53 -13.11 14.05
CA LEU B 189 19.51 -12.53 14.92
C LEU B 189 20.05 -11.46 15.87
N ASP B 190 21.32 -11.55 16.27
CA ASP B 190 21.95 -10.55 17.14
C ASP B 190 21.88 -9.15 16.53
N LEU B 191 22.13 -9.06 15.21
CA LEU B 191 22.19 -7.81 14.47
C LEU B 191 20.87 -7.03 14.42
N LYS B 192 19.76 -7.75 14.58
CA LYS B 192 18.43 -7.15 14.70
C LYS B 192 17.92 -6.99 16.14
N ASN B 193 18.68 -7.48 17.10
CA ASN B 193 18.36 -7.33 18.52
C ASN B 193 18.62 -5.89 18.96
N PRO B 194 17.61 -5.20 19.49
CA PRO B 194 17.76 -3.78 19.86
C PRO B 194 18.83 -3.57 20.94
N GLY B 195 19.22 -4.63 21.64
CA GLY B 195 20.27 -4.58 22.65
C GLY B 195 21.67 -4.49 22.08
N TYR B 196 21.83 -4.79 20.79
CA TYR B 196 23.12 -4.74 20.12
C TYR B 196 23.45 -3.26 19.82
N THR B 197 24.43 -2.70 20.54
CA THR B 197 24.86 -1.31 20.31
C THR B 197 26.34 -1.27 19.98
N SER B 198 26.78 -0.16 19.39
CA SER B 198 28.16 0.04 18.97
C SER B 198 28.38 1.50 18.60
N ASN B 199 29.50 2.06 19.05
CA ASN B 199 29.95 3.39 18.57
C ASN B 199 30.55 3.41 17.15
N PHE B 200 30.82 2.25 16.56
CA PHE B 200 31.32 2.22 15.18
C PHE B 200 30.90 0.96 14.43
N ALA B 201 30.98 1.04 13.11
CA ALA B 201 30.81 -0.16 12.31
C ALA B 201 31.68 -0.01 11.08
N VAL B 202 32.36 -1.10 10.71
CA VAL B 202 32.98 -1.22 9.40
C VAL B 202 32.19 -2.28 8.64
N TYR B 203 31.77 -1.97 7.42
CA TYR B 203 30.93 -2.90 6.66
C TYR B 203 31.48 -3.20 5.26
N HIS B 204 31.16 -4.39 4.76
CA HIS B 204 31.75 -4.85 3.49
C HIS B 204 30.80 -5.82 2.79
N ARG B 205 30.56 -5.54 1.51
CA ARG B 205 29.87 -6.45 0.60
C ARG B 205 30.86 -6.83 -0.49
N ARG B 206 31.03 -8.13 -0.69
CA ARG B 206 32.07 -8.72 -1.52
C ARG B 206 31.58 -9.13 -2.93
N PHE B 207 32.46 -8.94 -3.92
CA PHE B 207 32.23 -9.47 -5.27
C PHE B 207 33.42 -10.44 -5.51
N SER B 208 33.15 -11.73 -5.62
CA SER B 208 34.22 -12.70 -5.93
C SER B 208 34.15 -13.14 -7.38
N THR B 209 35.23 -13.73 -7.89
CA THR B 209 35.23 -14.20 -9.26
C THR B 209 35.00 -15.71 -9.38
N ASN B 210 34.28 -16.28 -8.41
CA ASN B 210 33.87 -17.65 -8.54
C ASN B 210 32.48 -17.79 -7.93
N THR B 211 31.99 -19.01 -7.94
CA THR B 211 30.59 -19.27 -7.75
C THR B 211 30.46 -20.27 -6.59
N MET B 212 31.56 -20.44 -5.86
CA MET B 212 31.67 -21.44 -4.81
C MET B 212 32.04 -20.76 -3.50
N PRO B 213 31.03 -20.26 -2.77
CA PRO B 213 31.27 -19.44 -1.58
C PRO B 213 31.95 -20.23 -0.45
N LYS B 214 32.97 -19.67 0.16
CA LYS B 214 33.58 -20.21 1.38
C LYS B 214 33.43 -19.16 2.47
N TRP B 215 32.82 -19.55 3.59
CA TRP B 215 32.54 -18.59 4.69
C TRP B 215 33.69 -17.72 5.22
N PRO B 216 34.88 -18.30 5.45
CA PRO B 216 36.01 -17.49 5.95
C PRO B 216 36.44 -16.34 5.03
N LEU B 217 36.07 -16.43 3.74
CA LEU B 217 36.46 -15.45 2.73
C LEU B 217 35.56 -14.19 2.64
N ALA B 218 34.43 -14.17 3.35
CA ALA B 218 33.69 -12.93 3.52
C ALA B 218 34.57 -11.90 4.25
N GLN B 219 34.21 -10.62 4.17
CA GLN B 219 34.88 -9.56 4.93
C GLN B 219 33.87 -8.79 5.78
N PRO B 220 34.27 -7.93 6.73
CA PRO B 220 35.68 -7.65 7.07
C PRO B 220 36.47 -8.83 7.61
N MET B 221 37.79 -8.67 7.60
CA MET B 221 38.66 -9.61 8.28
C MET B 221 38.87 -9.10 9.66
N ARG B 222 40.03 -9.39 10.24
CA ARG B 222 40.23 -9.09 11.65
C ARG B 222 40.45 -7.62 11.92
N LEU B 223 41.07 -6.95 10.97
CA LEU B 223 41.39 -5.55 11.15
C LEU B 223 40.81 -4.74 10.02
N LEU B 224 40.76 -5.36 8.84
CA LEU B 224 40.58 -4.65 7.57
C LEU B 224 39.43 -5.18 6.72
N GLY B 225 38.68 -4.23 6.14
CA GLY B 225 37.84 -4.48 4.98
C GLY B 225 38.53 -3.90 3.75
N HIS B 226 38.63 -4.69 2.68
CA HIS B 226 39.43 -4.33 1.50
C HIS B 226 38.60 -4.37 0.22
N ASN B 227 38.52 -3.24 -0.48
CA ASN B 227 37.97 -3.22 -1.83
C ASN B 227 39.12 -2.93 -2.78
N GLY B 228 39.43 -3.89 -3.64
CA GLY B 228 40.50 -3.69 -4.61
C GLY B 228 41.22 -4.97 -4.98
N GLU B 229 42.41 -4.81 -5.54
CA GLU B 229 43.17 -5.93 -6.09
C GLU B 229 44.66 -5.60 -5.98
N ILE B 230 45.43 -6.48 -5.36
CA ILE B 230 46.88 -6.26 -5.22
C ILE B 230 47.55 -6.82 -6.48
N ASN B 231 48.23 -5.95 -7.22
CA ASN B 231 48.78 -6.35 -8.52
C ASN B 231 50.25 -6.76 -8.45
N THR B 232 50.82 -6.73 -7.24
CA THR B 232 52.23 -7.09 -7.05
C THR B 232 52.37 -8.23 -6.02
N LEU B 233 51.28 -8.98 -5.84
CA LEU B 233 51.17 -9.91 -4.71
C LEU B 233 52.28 -10.95 -4.56
N LEU B 234 52.67 -11.62 -5.64
CA LEU B 234 53.70 -12.66 -5.58
C LEU B 234 55.00 -12.07 -5.02
N GLY B 235 55.34 -10.88 -5.49
CA GLY B 235 56.53 -10.20 -5.01
C GLY B 235 56.37 -9.74 -3.57
N ASN B 236 55.22 -9.13 -3.24
CA ASN B 236 54.97 -8.64 -1.87
C ASN B 236 55.10 -9.79 -0.87
N ILE B 237 54.49 -10.93 -1.22
CA ILE B 237 54.56 -12.13 -0.38
C ILE B 237 55.98 -12.66 -0.23
N ASN B 238 56.70 -12.78 -1.34
CA ASN B 238 58.07 -13.25 -1.30
C ASN B 238 58.98 -12.38 -0.42
N TRP B 239 58.86 -11.05 -0.53
CA TRP B 239 59.70 -10.15 0.28
C TRP B 239 59.31 -10.23 1.76
N MET B 240 58.01 -10.30 2.03
CA MET B 240 57.53 -10.39 3.42
C MET B 240 57.88 -11.73 4.06
N ALA B 241 57.69 -12.82 3.32
CA ALA B 241 58.09 -14.14 3.82
C ALA B 241 59.60 -14.19 4.13
N ALA B 242 60.40 -13.45 3.37
CA ALA B 242 61.85 -13.43 3.57
C ALA B 242 62.27 -12.81 4.92
N ARG B 243 61.42 -11.96 5.47
CA ARG B 243 61.65 -11.34 6.78
C ARG B 243 61.31 -12.25 7.95
N GLU B 244 60.55 -13.31 7.69
CA GLU B 244 59.85 -14.06 8.74
C GLU B 244 60.78 -14.73 9.73
N LYS B 245 61.87 -15.32 9.25
CA LYS B 245 62.78 -16.03 10.15
C LYS B 245 63.51 -15.08 11.12
N GLU B 246 63.82 -13.88 10.65
CA GLU B 246 64.65 -12.94 11.40
C GLU B 246 63.87 -11.82 12.14
N LEU B 247 62.56 -11.97 12.29
CA LEU B 247 61.74 -10.96 12.99
C LEU B 247 62.21 -10.68 14.43
N GLU B 248 62.14 -9.41 14.82
CA GLU B 248 62.66 -8.98 16.11
C GLU B 248 62.08 -7.61 16.45
N VAL B 249 61.46 -7.50 17.62
CA VAL B 249 60.93 -6.23 18.13
C VAL B 249 60.84 -6.25 19.63
N SER B 250 61.19 -5.14 20.26
CA SER B 250 61.09 -5.05 21.72
C SER B 250 59.62 -5.19 22.14
N GLY B 251 59.42 -5.79 23.30
CA GLY B 251 58.08 -6.09 23.78
C GLY B 251 57.60 -7.46 23.31
N TRP B 252 58.37 -8.09 22.41
CA TRP B 252 58.03 -9.40 21.87
C TRP B 252 59.20 -10.38 22.05
N THR B 253 58.92 -11.61 22.47
CA THR B 253 59.98 -12.64 22.48
C THR B 253 60.07 -13.33 21.14
N LYS B 254 61.16 -14.05 20.93
CA LYS B 254 61.38 -14.80 19.69
C LYS B 254 60.33 -15.88 19.46
N ALA B 255 59.95 -16.61 20.51
CA ALA B 255 58.96 -17.68 20.40
C ALA B 255 57.56 -17.14 20.07
N GLU B 256 57.23 -15.96 20.60
CA GLU B 256 55.96 -15.30 20.29
C GLU B 256 55.91 -14.91 18.80
N LEU B 257 57.02 -14.40 18.29
CA LEU B 257 57.13 -14.02 16.88
C LEU B 257 57.07 -15.23 15.97
N GLU B 258 57.71 -16.32 16.40
CA GLU B 258 57.67 -17.58 15.67
C GLU B 258 56.26 -18.15 15.63
N ALA B 259 55.50 -17.98 16.71
CA ALA B 259 54.07 -18.34 16.72
C ALA B 259 53.25 -17.65 15.62
N LEU B 260 53.63 -16.43 15.26
CA LEU B 260 52.90 -15.68 14.21
C LEU B 260 53.18 -16.27 12.83
N THR B 261 54.37 -16.86 12.71
CA THR B 261 54.91 -17.61 11.55
C THR B 261 54.36 -17.17 10.24
N PRO B 262 54.04 -18.10 9.32
CA PRO B 262 53.59 -17.67 8.01
C PRO B 262 52.69 -16.47 8.29
N ILE B 263 53.26 -15.27 8.15
CA ILE B 263 52.46 -14.04 8.13
C ILE B 263 51.72 -14.03 6.80
N VAL B 264 52.41 -14.47 5.77
CA VAL B 264 51.87 -14.46 4.42
C VAL B 264 51.93 -15.85 3.79
N ASN B 265 51.09 -16.08 2.79
CA ASN B 265 50.97 -17.37 2.11
C ASN B 265 50.41 -17.16 0.71
N GLN B 266 51.13 -17.60 -0.32
CA GLN B 266 50.66 -17.43 -1.71
C GLN B 266 49.37 -18.21 -2.01
N ALA B 267 49.03 -19.16 -1.14
CA ALA B 267 47.77 -19.92 -1.27
C ALA B 267 46.55 -19.08 -0.91
N ASN B 268 46.80 -17.99 -0.17
CA ASN B 268 45.73 -17.15 0.36
C ASN B 268 45.53 -15.92 -0.48
N SER B 269 44.34 -15.34 -0.37
CA SER B 269 43.94 -14.23 -1.20
C SER B 269 44.72 -12.99 -0.85
N ASP B 270 44.69 -12.03 -1.76
CA ASP B 270 45.29 -10.73 -1.49
C ASP B 270 44.75 -10.06 -0.22
N SER B 271 43.42 -10.06 -0.01
CA SER B 271 42.85 -9.38 1.17
C SER B 271 43.28 -10.03 2.48
N TYR B 272 43.25 -11.35 2.47
CA TYR B 272 43.73 -12.13 3.60
C TYR B 272 45.17 -11.77 3.99
N ASN B 273 46.07 -11.72 3.01
CA ASN B 273 47.49 -11.43 3.27
C ASN B 273 47.72 -10.01 3.75
N LEU B 274 46.93 -9.09 3.21
CA LEU B 274 47.01 -7.67 3.54
C LEU B 274 46.58 -7.46 4.98
N ASP B 275 45.48 -8.10 5.37
CA ASP B 275 44.99 -8.04 6.73
C ASP B 275 46.06 -8.57 7.67
N SER B 276 46.68 -9.69 7.30
CA SER B 276 47.69 -10.33 8.14
C SER B 276 48.97 -9.48 8.28
N ALA B 277 49.49 -8.97 7.17
CA ALA B 277 50.68 -8.13 7.19
C ALA B 277 50.42 -6.83 7.96
N LEU B 278 49.25 -6.22 7.71
CA LEU B 278 48.87 -5.00 8.42
C LEU B 278 48.73 -5.24 9.93
N GLU B 279 48.12 -6.36 10.32
CA GLU B 279 47.97 -6.66 11.76
C GLU B 279 49.32 -6.88 12.45
N LEU B 280 50.25 -7.51 11.75
CA LEU B 280 51.62 -7.64 12.27
C LEU B 280 52.23 -6.30 12.66
N LEU B 281 52.15 -5.34 11.74
CA LEU B 281 52.60 -3.97 12.00
C LEU B 281 51.87 -3.31 13.17
N VAL B 282 50.54 -3.50 13.21
CA VAL B 282 49.72 -2.94 14.29
C VAL B 282 50.10 -3.52 15.66
N ARG B 283 50.16 -4.84 15.75
CA ARG B 283 50.39 -5.50 17.04
C ARG B 283 51.82 -5.39 17.56
N THR B 284 52.75 -4.98 16.70
CA THR B 284 54.12 -4.77 17.15
C THR B 284 54.46 -3.29 17.37
N GLY B 285 53.45 -2.44 17.41
CA GLY B 285 53.62 -1.09 17.93
C GLY B 285 53.18 0.09 17.06
N ARG B 286 52.47 -0.17 15.97
CA ARG B 286 51.99 0.92 15.10
C ARG B 286 50.47 1.05 15.10
N SER B 287 49.98 2.26 14.88
CA SER B 287 48.53 2.43 14.63
C SER B 287 48.22 1.85 13.25
N PRO B 288 46.98 1.43 13.01
CA PRO B 288 46.61 0.92 11.68
C PRO B 288 46.87 1.94 10.57
N LEU B 289 46.80 3.23 10.90
CA LEU B 289 47.08 4.30 9.95
C LEU B 289 48.54 4.31 9.53
N GLU B 290 49.45 4.22 10.51
CA GLU B 290 50.87 4.14 10.17
C GLU B 290 51.21 2.86 9.41
N ALA B 291 50.65 1.73 9.84
CA ALA B 291 50.82 0.47 9.12
C ALA B 291 50.42 0.60 7.63
N ALA B 292 49.27 1.23 7.34
CA ALA B 292 48.83 1.45 5.96
C ALA B 292 49.75 2.42 5.19
N MET B 293 50.29 3.42 5.88
CA MET B 293 51.25 4.35 5.28
C MET B 293 52.51 3.64 4.81
N ILE B 294 52.89 2.57 5.51
CA ILE B 294 54.07 1.81 5.12
C ILE B 294 53.80 0.79 4.00
N LEU B 295 52.72 0.03 4.11
CA LEU B 295 52.41 -0.98 3.11
C LEU B 295 51.82 -0.39 1.82
N VAL B 296 51.10 0.72 1.94
CA VAL B 296 50.38 1.32 0.80
C VAL B 296 50.69 2.83 0.78
N PRO B 297 51.96 3.18 0.55
CA PRO B 297 52.41 4.57 0.67
C PRO B 297 51.90 5.43 -0.46
N GLU B 298 51.55 6.65 -0.09
CA GLU B 298 51.20 7.73 -1.00
C GLU B 298 52.27 7.94 -2.08
N ALA B 299 51.86 8.42 -3.26
CA ALA B 299 52.82 8.94 -4.23
C ALA B 299 53.22 10.35 -3.80
N TYR B 300 54.29 10.41 -3.02
CA TYR B 300 54.70 11.60 -2.28
C TYR B 300 55.61 12.56 -3.03
N LYS B 301 56.29 12.06 -4.07
CA LYS B 301 57.20 12.89 -4.88
C LYS B 301 56.43 13.91 -5.73
N ASN B 302 57.03 15.09 -5.90
CA ASN B 302 56.42 16.21 -6.64
C ASN B 302 54.98 16.50 -6.22
N GLN B 303 54.73 16.43 -4.91
CA GLN B 303 53.41 16.71 -4.37
C GLN B 303 53.43 18.06 -3.63
N PRO B 304 52.98 19.11 -4.31
CA PRO B 304 52.88 20.45 -3.71
C PRO B 304 52.12 20.46 -2.39
N ALA B 305 51.12 19.58 -2.24
CA ALA B 305 50.37 19.45 -0.99
C ALA B 305 51.25 19.08 0.21
N LEU B 306 52.47 18.60 -0.05
CA LEU B 306 53.39 18.20 1.02
C LEU B 306 54.46 19.25 1.40
N LYS B 307 54.41 20.42 0.75
CA LYS B 307 55.38 21.48 0.99
C LYS B 307 55.54 21.90 2.47
N ASP B 308 54.42 21.97 3.20
CA ASP B 308 54.42 22.32 4.62
C ASP B 308 54.73 21.14 5.54
N TYR B 309 54.91 19.97 4.94
CA TYR B 309 55.05 18.73 5.71
C TYR B 309 56.30 17.95 5.34
N PRO B 310 57.48 18.54 5.55
CA PRO B 310 58.75 17.90 5.15
C PRO B 310 58.96 16.56 5.85
N GLU B 311 58.44 16.40 7.06
CA GLU B 311 58.64 15.15 7.81
C GLU B 311 57.90 13.96 7.18
N ILE B 312 56.78 14.23 6.50
CA ILE B 312 56.05 13.16 5.79
C ILE B 312 56.88 12.66 4.60
N SER B 313 57.46 13.59 3.84
CA SER B 313 58.38 13.23 2.76
C SER B 313 59.60 12.45 3.28
N ASP B 314 60.15 12.84 4.44
CA ASP B 314 61.28 12.11 5.06
C ASP B 314 60.87 10.66 5.40
N PHE B 315 59.70 10.51 6.01
CA PHE B 315 59.13 9.22 6.37
C PHE B 315 59.08 8.26 5.19
N HIS B 316 58.53 8.71 4.07
CA HIS B 316 58.40 7.87 2.88
C HIS B 316 59.74 7.69 2.18
N ASP B 317 60.59 8.72 2.28
CA ASP B 317 61.93 8.65 1.75
C ASP B 317 62.63 7.46 2.41
N TYR B 318 62.47 7.35 3.73
CA TYR B 318 63.02 6.26 4.52
C TYR B 318 62.42 4.90 4.16
N TYR B 319 61.10 4.76 4.34
CA TYR B 319 60.43 3.48 4.07
C TYR B 319 60.52 2.97 2.62
N SER B 320 60.64 3.88 1.66
CA SER B 320 60.77 3.43 0.28
C SER B 320 62.00 2.51 0.10
N GLY B 321 62.98 2.60 1.00
CA GLY B 321 64.13 1.72 0.96
C GLY B 321 63.96 0.40 1.68
N LEU B 322 62.94 0.31 2.53
CA LEU B 322 62.71 -0.83 3.40
C LEU B 322 61.52 -1.67 2.93
N GLN B 323 60.51 -1.00 2.37
CA GLN B 323 59.23 -1.63 2.05
C GLN B 323 58.65 -1.10 0.75
N GLU B 324 58.53 -2.01 -0.21
CA GLU B 324 57.91 -1.73 -1.51
C GLU B 324 56.38 -1.73 -1.39
N PRO B 325 55.67 -0.93 -2.19
CA PRO B 325 54.21 -0.88 -2.06
C PRO B 325 53.56 -2.21 -2.40
N TRP B 326 52.51 -2.52 -1.64
CA TRP B 326 51.57 -3.57 -2.02
C TRP B 326 50.58 -2.80 -2.91
N ASP B 327 50.86 -2.79 -4.21
CA ASP B 327 50.20 -1.86 -5.12
C ASP B 327 48.90 -2.43 -5.68
N GLY B 328 48.15 -1.58 -6.41
CA GLY B 328 46.86 -1.93 -7.00
C GLY B 328 45.76 -1.09 -6.41
N PRO B 329 44.56 -1.08 -7.01
CA PRO B 329 43.49 -0.25 -6.46
C PRO B 329 43.19 -0.70 -5.05
N ALA B 330 42.87 0.25 -4.16
CA ALA B 330 42.49 -0.12 -2.81
C ALA B 330 41.71 0.96 -2.11
N LEU B 331 40.58 0.58 -1.53
CA LEU B 331 40.03 1.32 -0.42
C LEU B 331 40.13 0.35 0.76
N LEU B 332 40.91 0.77 1.75
CA LEU B 332 41.09 0.03 3.00
C LEU B 332 40.27 0.71 4.05
N VAL B 333 39.46 -0.06 4.78
CA VAL B 333 38.74 0.47 5.92
C VAL B 333 39.09 -0.44 7.09
N PHE B 334 39.50 0.14 8.20
CA PHE B 334 40.06 -0.66 9.26
C PHE B 334 39.67 -0.14 10.63
N SER B 335 39.66 -1.05 11.58
CA SER B 335 39.59 -0.65 12.97
C SER B 335 40.29 -1.60 13.89
N ASP B 336 41.05 -0.93 14.75
CA ASP B 336 41.64 -1.30 16.01
C ASP B 336 40.68 -1.56 17.16
N GLY B 337 39.47 -1.04 17.04
CA GLY B 337 38.61 -0.84 18.20
C GLY B 337 38.96 0.44 18.95
N LYS B 338 40.08 1.07 18.61
CA LYS B 338 40.46 2.34 19.22
C LYS B 338 40.37 3.48 18.20
N ILE B 339 40.88 3.19 17.00
CA ILE B 339 40.84 4.07 15.86
C ILE B 339 39.97 3.36 14.83
N VAL B 340 39.16 4.11 14.08
CA VAL B 340 38.56 3.57 12.85
C VAL B 340 38.89 4.53 11.70
N GLY B 341 39.27 4.01 10.54
CA GLY B 341 39.74 4.88 9.47
C GLY B 341 39.70 4.23 8.12
N ALA B 342 40.09 5.00 7.11
CA ALA B 342 40.09 4.53 5.74
C ALA B 342 41.21 5.23 5.00
N GLY B 343 41.75 4.56 3.99
CA GLY B 343 42.75 5.16 3.14
C GLY B 343 42.66 4.55 1.76
N LEU B 344 43.17 5.29 0.78
CA LEU B 344 43.15 4.88 -0.62
C LEU B 344 44.55 4.53 -1.10
N ASP B 345 44.64 3.71 -2.15
CA ASP B 345 45.93 3.42 -2.79
C ASP B 345 46.55 4.71 -3.37
N ARG B 346 47.78 4.63 -3.82
CA ARG B 346 48.52 5.79 -4.27
C ARG B 346 47.86 6.52 -5.46
N ASN B 347 47.01 5.81 -6.20
CA ASN B 347 46.34 6.36 -7.38
C ASN B 347 44.84 6.69 -7.20
N GLY B 348 44.29 6.41 -6.02
CA GLY B 348 42.87 6.63 -5.77
C GLY B 348 41.95 5.88 -6.74
N LEU B 349 42.19 4.58 -6.89
CA LEU B 349 41.47 3.83 -7.92
C LEU B 349 40.17 3.15 -7.43
N ARG B 350 39.81 3.40 -6.17
CA ARG B 350 38.46 3.09 -5.67
C ARG B 350 37.90 4.38 -5.10
N PRO B 351 36.59 4.58 -5.17
CA PRO B 351 35.95 5.76 -4.57
C PRO B 351 35.75 5.64 -3.05
N ALA B 352 35.79 6.79 -2.38
CA ALA B 352 35.50 6.89 -0.96
C ALA B 352 34.91 8.27 -0.73
N ARG B 353 33.63 8.31 -0.40
CA ARG B 353 32.94 9.54 -0.11
C ARG B 353 32.57 9.58 1.36
N TYR B 354 32.56 10.77 1.96
CA TYR B 354 32.16 10.86 3.34
C TYR B 354 31.38 12.10 3.68
N CYS B 355 30.72 12.02 4.82
CA CYS B 355 29.88 13.08 5.32
C CYS B 355 30.01 13.17 6.84
N ILE B 356 30.12 14.40 7.35
CA ILE B 356 30.27 14.66 8.78
C ILE B 356 29.18 15.63 9.23
N THR B 357 28.56 15.33 10.37
CA THR B 357 27.52 16.22 10.92
C THR B 357 28.08 17.21 11.93
N LYS B 358 27.21 18.12 12.37
CA LYS B 358 27.54 19.10 13.40
C LYS B 358 27.89 18.45 14.75
N ASP B 359 27.56 17.17 14.92
CA ASP B 359 27.88 16.42 16.17
C ASP B 359 29.15 15.55 16.03
N ASP B 360 29.89 15.76 14.96
CA ASP B 360 31.03 14.90 14.58
C ASP B 360 30.66 13.42 14.35
N TYR B 361 29.39 13.15 14.03
CA TYR B 361 28.99 11.84 13.49
C TYR B 361 29.56 11.77 12.07
N ILE B 362 30.13 10.64 11.69
CA ILE B 362 30.75 10.51 10.37
C ILE B 362 30.36 9.21 9.65
N VAL B 363 30.14 9.32 8.35
CA VAL B 363 29.78 8.18 7.55
C VAL B 363 30.66 8.26 6.33
N LEU B 364 31.34 7.16 6.02
CA LEU B 364 32.19 7.07 4.84
C LEU B 364 31.82 5.79 4.12
N GLY B 365 31.84 5.82 2.78
CA GLY B 365 31.61 4.64 2.00
C GLY B 365 32.04 4.74 0.55
N SER B 366 31.96 3.60 -0.14
CA SER B 366 32.23 3.53 -1.58
C SER B 366 31.33 4.48 -2.37
N GLU B 367 30.12 4.76 -1.84
CA GLU B 367 29.16 5.65 -2.48
C GLU B 367 28.60 6.68 -1.50
N ALA B 368 28.21 7.87 -1.99
CA ALA B 368 27.59 8.88 -1.11
C ALA B 368 26.08 8.72 -0.84
N GLY B 369 25.36 8.00 -1.67
CA GLY B 369 23.95 7.80 -1.28
C GLY B 369 23.45 7.33 0.12
N VAL B 370 24.31 6.76 0.98
CA VAL B 370 23.93 5.52 1.69
C VAL B 370 23.40 5.50 3.16
N VAL B 371 23.59 6.59 3.91
CA VAL B 371 22.95 6.75 5.22
C VAL B 371 22.14 8.03 5.16
N ASP B 372 20.87 8.00 5.53
CA ASP B 372 20.22 9.31 5.56
C ASP B 372 20.48 10.05 6.87
N LEU B 373 21.21 11.14 6.74
CA LEU B 373 21.43 12.06 7.83
C LEU B 373 20.61 13.28 7.47
N PRO B 374 20.03 13.97 8.47
CA PRO B 374 19.30 15.22 8.18
C PRO B 374 20.23 16.25 7.52
N GLU B 375 19.82 16.79 6.36
CA GLU B 375 20.69 17.68 5.61
C GLU B 375 21.06 18.90 6.44
N VAL B 376 20.11 19.34 7.25
CA VAL B 376 20.26 20.52 8.10
C VAL B 376 21.47 20.42 9.06
N ASP B 377 21.84 19.21 9.45
CA ASP B 377 23.01 19.10 10.35
C ASP B 377 24.31 18.63 9.72
N ILE B 378 24.34 18.57 8.39
CA ILE B 378 25.57 18.23 7.71
C ILE B 378 26.51 19.45 7.59
N VAL B 379 27.74 19.23 8.01
CA VAL B 379 28.76 20.25 8.10
C VAL B 379 29.79 20.14 6.94
N GLU B 380 30.06 18.91 6.49
CA GLU B 380 31.01 18.67 5.38
C GLU B 380 30.53 17.47 4.56
N LYS B 381 30.61 17.60 3.25
CA LYS B 381 30.60 16.45 2.34
C LYS B 381 31.96 16.42 1.62
N GLY B 382 32.71 15.34 1.82
CA GLY B 382 34.06 15.25 1.29
C GLY B 382 34.33 13.93 0.60
N ARG B 383 35.61 13.73 0.27
CA ARG B 383 36.08 12.54 -0.41
C ARG B 383 37.57 12.33 -0.11
N LEU B 384 38.02 11.10 -0.29
CA LEU B 384 39.45 10.82 -0.32
C LEU B 384 40.00 10.96 -1.74
N ALA B 385 41.01 11.83 -1.88
CA ALA B 385 41.75 11.98 -3.12
C ALA B 385 42.87 10.94 -3.08
N PRO B 386 43.64 10.76 -4.17
CA PRO B 386 44.68 9.72 -4.22
C PRO B 386 45.60 9.71 -2.99
N GLY B 387 45.80 8.53 -2.40
CA GLY B 387 46.70 8.35 -1.29
C GLY B 387 46.18 8.86 0.05
N GLN B 388 44.99 9.43 0.07
CA GLN B 388 44.50 10.11 1.29
C GLN B 388 43.91 9.13 2.30
N MET B 389 43.94 9.54 3.57
CA MET B 389 43.29 8.83 4.66
C MET B 389 42.41 9.79 5.47
N ILE B 390 41.51 9.21 6.26
CA ILE B 390 40.71 9.94 7.25
C ILE B 390 40.53 8.97 8.42
N ALA B 391 40.37 9.46 9.65
CA ALA B 391 40.21 8.55 10.79
C ALA B 391 39.43 9.18 11.91
N VAL B 392 39.03 8.34 12.86
CA VAL B 392 38.38 8.78 14.07
C VAL B 392 39.16 8.21 15.25
N ASP B 393 39.43 9.03 16.24
CA ASP B 393 39.97 8.54 17.50
C ASP B 393 38.78 8.44 18.44
N LEU B 394 38.37 7.21 18.74
CA LEU B 394 37.11 6.98 19.44
C LEU B 394 37.17 7.51 20.87
N ALA B 395 38.27 7.23 21.58
CA ALA B 395 38.38 7.72 22.97
C ALA B 395 38.53 9.23 23.04
N GLU B 396 39.29 9.81 22.13
CA GLU B 396 39.50 11.26 22.14
C GLU B 396 38.34 12.02 21.48
N GLN B 397 37.48 11.29 20.78
CA GLN B 397 36.28 11.85 20.14
C GLN B 397 36.70 12.89 19.09
N LYS B 398 37.61 12.49 18.20
CA LYS B 398 38.15 13.41 17.22
C LYS B 398 38.19 12.79 15.84
N ILE B 399 37.90 13.61 14.84
CA ILE B 399 38.08 13.22 13.44
C ILE B 399 39.47 13.73 13.06
N LEU B 400 40.26 12.84 12.49
CA LEU B 400 41.61 13.17 12.06
C LEU B 400 41.63 13.18 10.53
N LYS B 401 42.07 14.30 9.97
CA LYS B 401 42.18 14.42 8.51
C LYS B 401 43.57 14.04 8.02
N ASN B 402 43.64 13.78 6.72
CA ASN B 402 44.80 13.29 6.00
C ASN B 402 46.19 13.69 6.53
N TYR B 403 46.57 14.95 6.37
CA TYR B 403 47.95 15.28 6.74
C TYR B 403 48.20 15.40 8.26
N GLN B 404 47.16 15.62 9.06
CA GLN B 404 47.29 15.50 10.52
C GLN B 404 47.65 14.07 10.93
N ILE B 405 47.02 13.08 10.32
CA ILE B 405 47.34 11.67 10.58
C ILE B 405 48.81 11.36 10.25
N LYS B 406 49.19 11.71 9.03
CA LYS B 406 50.49 11.32 8.52
C LYS B 406 51.63 12.05 9.23
N GLN B 407 51.42 13.33 9.56
CA GLN B 407 52.45 14.13 10.22
C GLN B 407 52.78 13.54 11.59
N GLN B 408 51.74 13.11 12.29
CA GLN B 408 51.89 12.50 13.60
C GLN B 408 52.74 11.25 13.55
N ALA B 409 52.49 10.38 12.57
CA ALA B 409 53.30 9.19 12.38
C ALA B 409 54.75 9.54 12.02
N ALA B 410 54.91 10.52 11.13
CA ALA B 410 56.20 10.89 10.56
C ALA B 410 57.13 11.58 11.55
N GLN B 411 56.54 12.26 12.54
CA GLN B 411 57.35 12.95 13.55
C GLN B 411 57.82 12.05 14.71
N LYS B 412 57.55 10.73 14.63
CA LYS B 412 57.96 9.80 15.67
C LYS B 412 59.48 9.57 15.72
N TYR B 413 60.14 9.67 14.58
CA TYR B 413 61.58 9.44 14.49
C TYR B 413 62.21 10.48 13.53
N PRO B 414 63.51 10.74 13.67
CA PRO B 414 64.19 11.70 12.81
C PRO B 414 64.62 11.06 11.49
N TYR B 415 63.64 10.57 10.73
CA TYR B 415 63.89 9.89 9.46
C TYR B 415 64.84 10.67 8.53
N GLY B 416 64.61 11.97 8.39
CA GLY B 416 65.43 12.82 7.53
C GLY B 416 66.90 12.82 7.91
N GLU B 417 67.17 12.91 9.22
CA GLU B 417 68.52 12.89 9.75
C GLU B 417 69.23 11.57 9.45
N TRP B 418 68.51 10.47 9.70
CA TRP B 418 69.02 9.12 9.45
C TRP B 418 69.46 8.93 8.00
N ILE B 419 68.68 9.46 7.05
CA ILE B 419 69.02 9.34 5.63
C ILE B 419 70.26 10.18 5.28
N LYS B 420 70.25 11.45 5.69
CA LYS B 420 71.34 12.40 5.42
C LYS B 420 72.70 11.83 5.80
N ILE B 421 72.67 11.00 6.83
CA ILE B 421 73.84 10.44 7.46
C ILE B 421 74.28 9.11 6.83
N GLN B 422 73.30 8.24 6.55
CA GLN B 422 73.55 6.83 6.21
C GLN B 422 73.51 6.54 4.71
N ARG B 423 72.66 7.25 3.98
CA ARG B 423 72.40 6.94 2.56
C ARG B 423 73.48 7.48 1.64
N GLN B 424 73.96 6.63 0.73
CA GLN B 424 74.76 7.11 -0.42
C GLN B 424 73.97 7.03 -1.71
N THR B 425 74.00 8.10 -2.49
CA THR B 425 73.36 8.13 -3.80
C THR B 425 74.40 8.03 -4.91
N VAL B 426 74.18 7.10 -5.83
CA VAL B 426 75.01 6.93 -7.02
C VAL B 426 74.19 7.26 -8.26
N ALA B 427 74.61 8.30 -8.98
CA ALA B 427 73.96 8.73 -10.23
C ALA B 427 74.98 9.52 -11.03
N SER B 428 74.97 9.33 -12.34
CA SER B 428 75.91 10.04 -13.21
C SER B 428 75.25 10.41 -14.52
N ASP B 429 75.30 11.70 -14.85
CA ASP B 429 74.84 12.20 -16.13
C ASP B 429 75.88 11.89 -17.23
N SER B 430 77.13 11.67 -16.84
CA SER B 430 78.18 11.33 -17.80
C SER B 430 78.21 9.84 -18.09
N PHE B 431 78.41 9.50 -19.36
CA PHE B 431 78.72 8.14 -19.75
C PHE B 431 80.23 8.02 -19.95
N ALA B 432 80.72 6.79 -20.06
CA ALA B 432 82.08 6.59 -20.55
C ALA B 432 81.98 6.58 -22.07
N GLU B 433 82.81 7.40 -22.71
CA GLU B 433 82.84 7.52 -24.16
C GLU B 433 83.88 6.60 -24.82
N LYS B 434 84.96 6.31 -24.10
CA LYS B 434 85.98 5.34 -24.54
C LYS B 434 85.33 4.01 -24.88
N THR B 435 85.72 3.40 -26.00
CA THR B 435 85.19 2.08 -26.35
C THR B 435 85.80 1.01 -25.46
N LEU B 436 85.00 -0.01 -25.13
CA LEU B 436 85.49 -1.22 -24.48
C LEU B 436 86.53 -1.95 -25.32
N PHE B 437 86.35 -1.91 -26.64
CA PHE B 437 87.13 -2.72 -27.57
C PHE B 437 87.63 -1.85 -28.72
N ASN B 438 88.81 -2.17 -29.23
CA ASN B 438 89.39 -1.42 -30.33
C ASN B 438 89.22 -2.09 -31.69
N ASP B 439 89.06 -3.42 -31.69
CA ASP B 439 88.85 -4.17 -32.93
C ASP B 439 87.35 -4.19 -33.20
N ALA B 440 86.97 -3.85 -34.43
CA ALA B 440 85.57 -3.97 -34.84
C ALA B 440 85.17 -5.45 -34.83
N GLN B 441 86.12 -6.31 -35.23
CA GLN B 441 85.90 -7.75 -35.26
C GLN B 441 85.49 -8.29 -33.88
N THR B 442 86.16 -7.80 -32.83
CA THR B 442 85.87 -8.19 -31.45
C THR B 442 84.42 -7.85 -31.07
N VAL B 443 84.00 -6.63 -31.39
CA VAL B 443 82.63 -6.19 -31.16
C VAL B 443 81.65 -7.20 -31.75
N LEU B 444 81.86 -7.54 -33.02
CA LEU B 444 80.96 -8.40 -33.78
C LEU B 444 80.86 -9.80 -33.20
N GLN B 445 82.01 -10.34 -32.78
CA GLN B 445 82.09 -11.68 -32.24
C GLN B 445 81.38 -11.79 -30.89
N GLN B 446 81.62 -10.82 -30.02
CA GLN B 446 80.97 -10.78 -28.72
C GLN B 446 79.47 -10.64 -28.90
N GLN B 447 79.08 -9.79 -29.85
CA GLN B 447 77.66 -9.60 -30.18
C GLN B 447 77.03 -10.92 -30.61
N ALA B 448 77.64 -11.59 -31.58
CA ALA B 448 77.10 -12.83 -32.11
C ALA B 448 77.01 -13.91 -31.03
N ALA B 449 78.05 -13.97 -30.19
CA ALA B 449 78.16 -14.96 -29.11
C ALA B 449 77.09 -14.79 -28.03
N PHE B 450 76.74 -13.53 -27.75
CA PHE B 450 75.79 -13.25 -26.68
C PHE B 450 74.35 -13.13 -27.21
N GLY B 451 74.16 -13.44 -28.49
CA GLY B 451 72.84 -13.59 -29.04
C GLY B 451 72.29 -12.41 -29.80
N TYR B 452 73.12 -11.38 -30.01
CA TYR B 452 72.70 -10.24 -30.84
C TYR B 452 72.52 -10.70 -32.28
N THR B 453 71.42 -10.28 -32.87
CA THR B 453 71.09 -10.53 -34.26
C THR B 453 71.10 -9.20 -35.03
N ALA B 454 71.20 -9.25 -36.36
CA ALA B 454 71.24 -8.03 -37.17
C ALA B 454 70.06 -7.10 -36.89
N GLU B 455 68.84 -7.66 -36.80
CA GLU B 455 67.64 -6.87 -36.51
C GLU B 455 67.67 -6.32 -35.07
N ASP B 456 68.38 -7.00 -34.18
CA ASP B 456 68.52 -6.51 -32.82
C ASP B 456 69.23 -5.16 -32.82
N VAL B 457 70.35 -5.05 -33.53
CA VAL B 457 71.05 -3.78 -33.51
C VAL B 457 70.39 -2.78 -34.45
N GLU B 458 70.07 -3.21 -35.68
CA GLU B 458 69.57 -2.30 -36.71
C GLU B 458 68.15 -1.79 -36.40
N MET B 459 67.31 -2.66 -35.86
CA MET B 459 65.91 -2.31 -35.65
C MET B 459 65.50 -2.00 -34.22
N VAL B 460 66.35 -2.31 -33.25
CA VAL B 460 66.01 -2.08 -31.85
C VAL B 460 67.02 -1.13 -31.18
N VAL B 461 68.31 -1.51 -31.17
CA VAL B 461 69.33 -0.72 -30.45
C VAL B 461 69.54 0.67 -31.11
N VAL B 462 69.69 0.68 -32.43
CA VAL B 462 69.95 1.92 -33.17
C VAL B 462 68.80 2.95 -33.04
N PRO B 463 67.55 2.57 -33.30
CA PRO B 463 66.41 3.48 -33.07
C PRO B 463 66.37 4.04 -31.64
N MET B 464 66.62 3.20 -30.63
CA MET B 464 66.67 3.65 -29.25
C MET B 464 67.71 4.77 -29.07
N ALA B 465 68.91 4.58 -29.63
CA ALA B 465 70.00 5.56 -29.46
C ALA B 465 69.88 6.79 -30.38
N SER B 466 69.33 6.58 -31.57
CA SER B 466 69.19 7.68 -32.53
C SER B 466 67.96 8.53 -32.25
N GLN B 467 66.88 7.92 -31.77
CA GLN B 467 65.60 8.65 -31.59
C GLN B 467 65.17 8.87 -30.14
N GLY B 468 65.73 8.11 -29.20
CA GLY B 468 65.33 8.22 -27.82
C GLY B 468 64.02 7.55 -27.50
N LYS B 469 63.55 6.68 -28.40
CA LYS B 469 62.32 5.89 -28.18
C LYS B 469 62.49 4.45 -28.68
N GLU B 470 61.92 3.52 -27.95
CA GLU B 470 61.77 2.16 -28.46
C GLU B 470 60.96 2.19 -29.77
N PRO B 471 61.28 1.30 -30.71
CA PRO B 471 60.64 1.33 -32.04
C PRO B 471 59.15 0.95 -32.09
N THR B 472 58.46 1.60 -33.03
CA THR B 472 57.08 1.30 -33.39
C THR B 472 57.07 0.39 -34.63
N PHE B 473 56.11 -0.52 -34.68
CA PHE B 473 55.89 -1.35 -35.86
C PHE B 473 54.39 -1.57 -36.04
N CYS B 474 54.03 -2.60 -36.80
CA CYS B 474 52.65 -2.84 -37.14
C CYS B 474 52.46 -4.31 -37.43
N MET B 475 51.19 -4.71 -37.58
CA MET B 475 50.80 -6.11 -37.77
C MET B 475 51.22 -7.01 -36.61
N GLY B 476 50.76 -8.26 -36.63
CA GLY B 476 50.94 -9.15 -35.50
C GLY B 476 52.24 -9.94 -35.47
N ASP B 477 52.49 -10.59 -34.34
CA ASP B 477 53.55 -11.58 -34.26
C ASP B 477 53.18 -12.87 -34.99
N ASP B 478 53.63 -12.87 -36.23
CA ASP B 478 53.41 -13.81 -37.31
C ASP B 478 54.28 -15.08 -37.22
N THR B 479 55.12 -15.15 -36.19
CA THR B 479 56.22 -16.16 -36.18
C THR B 479 55.99 -17.26 -35.14
N PRO B 480 56.70 -18.38 -35.24
CA PRO B 480 56.57 -19.46 -34.24
C PRO B 480 56.87 -18.99 -32.83
N LEU B 481 56.19 -19.57 -31.84
CA LEU B 481 56.63 -19.45 -30.44
C LEU B 481 58.11 -19.79 -30.37
N ALA B 482 58.84 -19.15 -29.46
CA ALA B 482 60.27 -19.40 -29.31
C ALA B 482 60.58 -20.89 -29.13
N VAL B 483 59.76 -21.58 -28.36
CA VAL B 483 59.98 -23.01 -28.10
C VAL B 483 59.71 -23.87 -29.33
N LEU B 484 58.85 -23.38 -30.23
CA LEU B 484 58.58 -24.10 -31.46
C LEU B 484 59.56 -23.77 -32.58
N SER B 485 60.30 -22.68 -32.43
CA SER B 485 61.16 -22.15 -33.50
C SER B 485 62.31 -23.07 -33.80
N HIS B 486 62.72 -23.11 -35.07
CA HIS B 486 63.96 -23.79 -35.48
C HIS B 486 65.15 -22.83 -35.41
N LYS B 487 64.85 -21.54 -35.26
CA LYS B 487 65.86 -20.50 -35.12
C LYS B 487 66.25 -20.32 -33.65
N PRO B 488 67.49 -19.95 -33.34
CA PRO B 488 67.95 -19.80 -31.96
C PRO B 488 67.40 -18.52 -31.31
N ARG B 489 66.87 -18.63 -30.10
CA ARG B 489 66.29 -17.48 -29.40
C ARG B 489 66.94 -17.30 -28.04
N LEU B 490 66.66 -16.16 -27.41
CA LEU B 490 67.13 -15.89 -26.05
C LEU B 490 66.14 -16.45 -25.02
N LEU B 491 66.64 -16.74 -23.83
CA LEU B 491 65.76 -17.15 -22.73
C LEU B 491 64.61 -16.16 -22.52
N TYR B 492 64.90 -14.87 -22.71
CA TYR B 492 63.91 -13.81 -22.54
C TYR B 492 62.63 -14.06 -23.37
N ASP B 493 62.81 -14.63 -24.56
CA ASP B 493 61.71 -14.76 -25.53
C ASP B 493 60.69 -15.81 -25.12
N TYR B 494 61.02 -16.58 -24.09
CA TYR B 494 60.12 -17.58 -23.52
C TYR B 494 59.18 -16.96 -22.49
N PHE B 495 59.45 -15.72 -22.10
CA PHE B 495 58.64 -15.04 -21.09
C PHE B 495 57.77 -14.01 -21.76
N LYS B 496 56.48 -14.07 -21.45
CA LYS B 496 55.51 -13.09 -21.92
C LYS B 496 55.12 -12.20 -20.76
N GLN B 497 55.09 -10.89 -21.00
CA GLN B 497 54.62 -9.92 -19.99
C GLN B 497 53.16 -10.20 -19.64
N ARG B 498 52.83 -10.15 -18.34
CA ARG B 498 51.44 -10.13 -17.88
C ARG B 498 50.95 -8.68 -17.80
N PHE B 499 49.63 -8.49 -17.79
CA PHE B 499 49.02 -7.16 -17.89
C PHE B 499 47.66 -7.16 -17.21
N ALA B 500 47.17 -5.97 -16.90
CA ALA B 500 45.93 -5.78 -16.18
C ALA B 500 44.74 -5.73 -17.16
N GLN B 501 43.64 -6.39 -16.81
CA GLN B 501 42.37 -6.26 -17.55
C GLN B 501 41.23 -6.58 -16.60
N VAL B 502 40.31 -5.61 -16.51
CA VAL B 502 39.05 -5.71 -15.77
C VAL B 502 39.24 -5.69 -14.25
N THR B 503 39.90 -6.70 -13.69
CA THR B 503 40.00 -6.79 -12.23
C THR B 503 40.86 -5.70 -11.58
N ASN B 504 41.82 -5.18 -12.34
CA ASN B 504 42.52 -3.94 -12.02
C ASN B 504 42.92 -3.26 -13.34
N PRO B 505 43.07 -1.93 -13.33
CA PRO B 505 43.41 -1.18 -14.54
C PRO B 505 44.90 -0.95 -14.74
N PRO B 506 45.32 -0.84 -15.98
CA PRO B 506 46.65 -0.28 -16.26
C PRO B 506 46.66 1.21 -15.90
N ILE B 507 47.85 1.78 -15.78
CA ILE B 507 47.98 3.22 -15.61
C ILE B 507 48.72 3.82 -16.80
N ASP B 508 48.63 5.14 -16.93
CA ASP B 508 49.22 5.83 -18.07
C ASP B 508 50.65 6.26 -17.77
N PRO B 509 51.63 5.66 -18.45
CA PRO B 509 53.05 5.90 -18.15
C PRO B 509 53.54 7.28 -18.63
N LEU B 510 52.74 7.96 -19.45
CA LEU B 510 53.08 9.27 -19.97
C LEU B 510 52.36 10.37 -19.17
N ARG B 511 51.02 10.38 -19.23
CA ARG B 511 50.20 11.39 -18.60
C ARG B 511 50.27 11.37 -17.07
N GLU B 512 50.43 10.18 -16.52
CA GLU B 512 50.47 9.98 -15.06
C GLU B 512 51.82 9.44 -14.61
N ASN B 513 52.87 9.81 -15.36
CA ASN B 513 54.23 9.47 -14.98
C ASN B 513 54.62 9.98 -13.59
N LEU B 514 53.98 11.07 -13.13
CA LEU B 514 54.38 11.71 -11.84
C LEU B 514 54.25 10.80 -10.63
N VAL B 515 53.45 9.77 -10.81
CA VAL B 515 53.10 8.83 -9.76
C VAL B 515 54.09 7.64 -9.74
N MET B 516 54.89 7.53 -10.80
CA MET B 516 55.81 6.41 -10.98
C MET B 516 57.28 6.73 -10.66
N SER B 517 58.07 5.69 -10.38
CA SER B 517 59.51 5.83 -10.10
C SER B 517 60.29 4.57 -10.41
N LEU B 518 61.48 4.76 -10.99
CA LEU B 518 62.43 3.69 -11.28
C LEU B 518 63.60 3.60 -10.26
N ALA B 519 63.53 4.38 -9.18
CA ALA B 519 64.56 4.34 -8.14
C ALA B 519 64.69 2.95 -7.55
N MET B 520 65.92 2.59 -7.17
CA MET B 520 66.19 1.29 -6.55
C MET B 520 67.19 1.44 -5.41
N PHE B 521 67.20 0.44 -4.53
CA PHE B 521 68.00 0.52 -3.31
C PHE B 521 68.88 -0.72 -3.14
N LEU B 522 70.18 -0.50 -3.05
CA LEU B 522 71.14 -1.58 -2.94
C LEU B 522 71.60 -1.79 -1.50
N GLY B 523 71.70 -3.04 -1.10
CA GLY B 523 72.21 -3.38 0.21
C GLY B 523 71.23 -4.25 0.98
N LYS B 524 71.54 -4.45 2.26
CA LYS B 524 70.67 -5.22 3.14
C LYS B 524 69.35 -4.48 3.41
N ARG B 525 68.27 -5.25 3.49
CA ARG B 525 66.92 -4.72 3.71
C ARG B 525 66.70 -4.68 5.21
N GLY B 526 66.38 -3.50 5.75
CA GLY B 526 66.32 -3.28 7.19
C GLY B 526 65.12 -3.83 7.95
N ASN B 527 65.22 -3.78 9.27
CA ASN B 527 64.13 -4.18 10.17
C ASN B 527 62.85 -3.35 9.95
N LEU B 528 61.85 -3.98 9.35
CA LEU B 528 60.55 -3.33 9.10
C LEU B 528 59.80 -2.96 10.38
N LEU B 529 60.00 -3.74 11.45
CA LEU B 529 59.22 -3.59 12.66
C LEU B 529 59.76 -2.55 13.64
N GLU B 530 61.09 -2.38 13.64
CA GLU B 530 61.79 -1.53 14.60
C GLU B 530 62.62 -0.50 13.85
N PRO B 531 62.10 0.71 13.64
CA PRO B 531 62.84 1.73 12.86
C PRO B 531 64.18 2.11 13.50
N LYS B 532 65.24 2.13 12.69
CA LYS B 532 66.60 2.37 13.16
C LYS B 532 67.40 3.10 12.08
N ALA B 533 68.33 3.96 12.51
CA ALA B 533 69.21 4.66 11.58
C ALA B 533 69.96 3.70 10.65
N GLU B 534 70.40 2.56 11.21
CA GLU B 534 71.15 1.56 10.46
C GLU B 534 70.44 1.12 9.18
N SER B 535 69.11 1.13 9.19
CA SER B 535 68.34 0.64 8.04
C SER B 535 68.36 1.59 6.86
N ALA B 536 68.76 2.84 7.11
CA ALA B 536 68.92 3.85 6.06
C ALA B 536 70.25 3.73 5.32
N ARG B 537 71.11 2.83 5.80
CA ARG B 537 72.39 2.56 5.18
C ARG B 537 72.17 1.77 3.91
N THR B 538 72.32 2.45 2.78
CA THR B 538 71.98 1.87 1.49
C THR B 538 72.62 2.68 0.37
N ILE B 539 72.67 2.10 -0.82
CA ILE B 539 73.01 2.85 -2.02
C ILE B 539 71.74 3.03 -2.84
N LYS B 540 71.29 4.27 -2.96
CA LYS B 540 70.13 4.58 -3.78
C LYS B 540 70.57 4.88 -5.20
N LEU B 541 69.88 4.24 -6.15
CA LEU B 541 70.01 4.50 -7.57
C LEU B 541 68.76 5.22 -8.07
N ARG B 542 68.91 6.10 -9.05
CA ARG B 542 67.73 6.76 -9.64
C ARG B 542 67.13 5.93 -10.80
N SER B 543 67.82 4.84 -11.17
CA SER B 543 67.49 4.04 -12.37
C SER B 543 68.22 2.69 -12.31
N PRO B 544 67.57 1.63 -12.79
CA PRO B 544 68.18 0.29 -12.80
C PRO B 544 69.30 0.17 -13.83
N LEU B 545 69.32 1.07 -14.82
CA LEU B 545 70.38 1.05 -15.83
C LEU B 545 71.59 1.76 -15.24
N VAL B 546 72.62 0.99 -14.92
CA VAL B 546 73.85 1.60 -14.46
C VAL B 546 74.87 1.58 -15.59
N ASN B 547 75.35 2.75 -15.96
CA ASN B 547 76.44 2.87 -16.94
C ASN B 547 77.81 2.52 -16.31
N GLU B 548 78.88 2.62 -17.11
CA GLU B 548 80.20 2.23 -16.63
C GLU B 548 80.65 3.07 -15.43
N VAL B 549 80.35 4.37 -15.47
CA VAL B 549 80.76 5.29 -14.41
C VAL B 549 80.01 4.97 -13.12
N GLU B 550 78.71 4.73 -13.24
CA GLU B 550 77.88 4.39 -12.08
C GLU B 550 78.30 3.05 -11.46
N LEU B 551 78.51 2.05 -12.30
CA LEU B 551 78.95 0.73 -11.83
C LEU B 551 80.24 0.81 -11.03
N GLN B 552 81.21 1.57 -11.53
CA GLN B 552 82.48 1.75 -10.83
C GLN B 552 82.26 2.50 -9.50
N ALA B 553 81.39 3.50 -9.51
CA ALA B 553 81.00 4.19 -8.28
C ALA B 553 80.39 3.23 -7.25
N ILE B 554 79.55 2.31 -7.70
CA ILE B 554 79.00 1.31 -6.78
C ILE B 554 80.08 0.39 -6.21
N LYS B 555 80.94 -0.12 -7.08
CA LYS B 555 82.00 -1.05 -6.66
C LYS B 555 82.90 -0.44 -5.58
N THR B 556 83.04 0.88 -5.64
CA THR B 556 83.90 1.67 -4.75
C THR B 556 83.22 2.06 -3.43
N GLY B 557 81.89 2.14 -3.47
CA GLY B 557 81.06 2.75 -2.43
C GLY B 557 81.14 2.23 -1.00
N GLN B 558 80.15 2.61 -0.20
CA GLN B 558 80.18 2.34 1.24
C GLN B 558 79.87 0.90 1.62
N LEU B 559 79.33 0.13 0.68
CA LEU B 559 78.89 -1.26 0.94
C LEU B 559 79.92 -2.30 0.50
N GLN B 560 79.83 -3.51 1.06
CA GLN B 560 80.77 -4.59 0.70
C GLN B 560 80.35 -5.23 -0.61
N VAL B 561 81.16 -5.05 -1.65
CA VAL B 561 80.78 -5.49 -3.00
C VAL B 561 81.58 -6.71 -3.43
N ALA B 562 80.91 -7.69 -4.02
CA ALA B 562 81.60 -8.86 -4.54
C ALA B 562 81.23 -9.14 -5.99
N GLU B 563 82.23 -9.58 -6.74
CA GLU B 563 82.08 -9.97 -8.14
C GLU B 563 81.91 -11.48 -8.22
N VAL B 564 80.92 -11.93 -9.00
CA VAL B 564 80.65 -13.35 -9.17
C VAL B 564 80.49 -13.68 -10.66
N SER B 565 81.36 -14.56 -11.16
CA SER B 565 81.38 -14.89 -12.58
C SER B 565 80.21 -15.78 -12.99
N THR B 566 79.65 -15.49 -14.15
CA THR B 566 78.65 -16.35 -14.76
C THR B 566 79.23 -17.09 -15.97
N LEU B 567 80.55 -17.02 -16.13
CA LEU B 567 81.27 -17.76 -17.17
C LEU B 567 81.68 -19.13 -16.66
N TYR B 568 81.91 -20.08 -17.58
CA TYR B 568 82.50 -21.38 -17.24
C TYR B 568 83.29 -21.97 -18.41
N ASP B 569 84.21 -22.89 -18.13
CA ASP B 569 85.03 -23.48 -19.19
C ASP B 569 84.31 -24.58 -19.95
N LEU B 570 84.60 -24.69 -21.24
CA LEU B 570 84.19 -25.86 -22.00
C LEU B 570 85.32 -26.89 -22.03
N ASP B 571 85.42 -27.64 -20.93
CA ASP B 571 86.47 -28.67 -20.78
C ASP B 571 85.95 -30.09 -21.06
N GLY B 572 84.63 -30.22 -21.18
CA GLY B 572 83.99 -31.51 -21.40
C GLY B 572 83.79 -32.29 -20.11
N VAL B 573 83.40 -31.55 -19.07
CA VAL B 573 83.03 -32.10 -17.76
C VAL B 573 81.99 -31.10 -17.22
N ASN B 574 82.31 -29.80 -17.34
CA ASN B 574 81.37 -28.73 -17.02
C ASN B 574 80.16 -28.74 -17.93
N SER B 575 79.00 -28.49 -17.33
CA SER B 575 77.77 -28.28 -18.07
C SER B 575 77.17 -27.01 -17.50
N LEU B 576 76.14 -26.49 -18.15
CA LEU B 576 75.43 -25.33 -17.62
C LEU B 576 74.87 -25.63 -16.23
N GLU B 577 74.36 -26.85 -16.05
CA GLU B 577 73.72 -27.24 -14.80
C GLU B 577 74.68 -27.16 -13.60
N ASP B 578 75.90 -27.68 -13.73
CA ASP B 578 76.80 -27.59 -12.57
C ASP B 578 77.50 -26.25 -12.44
N ALA B 579 77.61 -25.51 -13.54
CA ALA B 579 78.05 -24.14 -13.46
C ALA B 579 77.02 -23.35 -12.66
N LEU B 580 75.74 -23.69 -12.84
CA LEU B 580 74.65 -23.10 -12.07
C LEU B 580 74.74 -23.46 -10.59
N THR B 581 74.97 -24.74 -10.30
CA THR B 581 75.15 -25.24 -8.92
C THR B 581 76.30 -24.51 -8.25
N ASN B 582 77.38 -24.29 -9.01
CA ASN B 582 78.56 -23.60 -8.51
C ASN B 582 78.31 -22.11 -8.30
N LEU B 583 77.59 -21.49 -9.23
CA LEU B 583 77.19 -20.09 -9.14
C LEU B 583 76.41 -19.85 -7.85
N VAL B 584 75.40 -20.69 -7.66
CA VAL B 584 74.49 -20.58 -6.54
C VAL B 584 75.23 -20.77 -5.21
N LYS B 585 76.12 -21.76 -5.15
CA LYS B 585 76.90 -22.02 -3.95
C LYS B 585 77.86 -20.88 -3.67
N THR B 586 78.45 -20.33 -4.74
CA THR B 586 79.36 -19.21 -4.64
C THR B 586 78.66 -17.97 -4.11
N ALA B 587 77.48 -17.70 -4.66
CA ALA B 587 76.72 -16.52 -4.27
C ALA B 587 76.37 -16.61 -2.80
N ILE B 588 75.94 -17.80 -2.36
CA ILE B 588 75.55 -18.01 -0.96
C ILE B 588 76.73 -17.83 0.02
N ALA B 589 77.89 -18.41 -0.31
CA ALA B 589 79.10 -18.26 0.53
C ALA B 589 79.56 -16.80 0.57
N THR B 590 79.49 -16.12 -0.58
CA THR B 590 79.85 -14.71 -0.65
C THR B 590 78.98 -13.84 0.25
N VAL B 591 77.67 -14.06 0.21
CA VAL B 591 76.73 -13.34 1.08
C VAL B 591 77.01 -13.63 2.58
N GLN B 592 77.32 -14.88 2.91
CA GLN B 592 77.66 -15.25 4.29
C GLN B 592 78.93 -14.57 4.78
N ALA B 593 79.88 -14.38 3.86
CA ALA B 593 81.14 -13.70 4.18
C ALA B 593 80.98 -12.18 4.37
N GLY B 594 79.78 -11.66 4.12
CA GLY B 594 79.48 -10.26 4.37
C GLY B 594 79.21 -9.38 3.16
N ALA B 595 79.15 -9.93 1.95
CA ALA B 595 78.80 -9.12 0.78
C ALA B 595 77.37 -8.60 0.87
N GLU B 596 77.20 -7.30 0.60
CA GLU B 596 75.89 -6.68 0.53
C GLU B 596 75.48 -6.39 -0.92
N ILE B 597 76.43 -6.50 -1.85
CA ILE B 597 76.14 -6.35 -3.28
C ILE B 597 76.90 -7.41 -4.07
N LEU B 598 76.14 -8.20 -4.82
CA LEU B 598 76.69 -9.21 -5.72
C LEU B 598 76.59 -8.70 -7.15
N VAL B 599 77.74 -8.57 -7.82
CA VAL B 599 77.75 -8.28 -9.25
C VAL B 599 77.91 -9.57 -10.07
N LEU B 600 76.81 -10.02 -10.69
CA LEU B 600 76.83 -11.21 -11.55
C LEU B 600 77.25 -10.79 -12.96
N THR B 601 78.45 -11.21 -13.35
CA THR B 601 79.10 -10.71 -14.55
C THR B 601 79.58 -11.79 -15.53
N ASP B 602 79.29 -11.61 -16.81
CA ASP B 602 79.89 -12.45 -17.85
C ASP B 602 81.17 -11.82 -18.47
N ARG B 603 81.72 -10.84 -17.76
CA ARG B 603 83.03 -10.27 -18.06
C ARG B 603 83.91 -10.27 -16.78
N PRO B 604 84.07 -11.44 -16.12
CA PRO B 604 84.90 -11.52 -14.91
C PRO B 604 86.30 -11.00 -15.17
N ASN B 605 86.81 -10.19 -14.25
CA ASN B 605 88.16 -9.63 -14.32
C ASN B 605 88.44 -8.78 -15.58
N GLY B 606 87.38 -8.32 -16.23
CA GLY B 606 87.49 -7.57 -17.48
C GLY B 606 87.89 -8.46 -18.65
N ALA B 607 87.87 -9.77 -18.44
CA ALA B 607 88.18 -10.73 -19.49
C ALA B 607 86.95 -11.12 -20.29
N ILE B 608 87.08 -10.99 -21.60
CA ILE B 608 86.05 -11.27 -22.59
C ILE B 608 85.79 -12.78 -22.74
N LEU B 609 84.56 -13.14 -23.11
CA LEU B 609 84.23 -14.53 -23.42
C LEU B 609 85.10 -15.09 -24.57
N THR B 610 85.78 -16.21 -24.32
CA THR B 610 86.59 -16.86 -25.35
C THR B 610 85.84 -18.06 -25.94
N GLU B 611 86.37 -18.61 -27.02
CA GLU B 611 85.82 -19.81 -27.66
C GLU B 611 85.84 -21.04 -26.75
N ASN B 612 86.67 -21.02 -25.72
CA ASN B 612 86.77 -22.13 -24.78
C ASN B 612 85.93 -21.95 -23.52
N GLN B 613 85.01 -20.99 -23.56
CA GLN B 613 84.13 -20.69 -22.44
C GLN B 613 82.70 -20.63 -22.94
N SER B 614 81.76 -20.68 -22.00
CA SER B 614 80.38 -20.30 -22.28
C SER B 614 79.85 -19.56 -21.07
N PHE B 615 78.58 -19.16 -21.13
CA PHE B 615 77.99 -18.32 -20.08
C PHE B 615 76.63 -18.85 -19.65
N ILE B 616 76.27 -18.55 -18.40
CA ILE B 616 74.93 -18.75 -17.91
C ILE B 616 74.18 -17.50 -18.34
N PRO B 617 73.12 -17.64 -19.15
CA PRO B 617 72.29 -16.50 -19.55
C PRO B 617 71.87 -15.70 -18.31
N PRO B 618 71.95 -14.37 -18.36
CA PRO B 618 71.79 -13.54 -17.16
C PRO B 618 70.42 -13.68 -16.51
N LEU B 619 69.37 -13.92 -17.29
CA LEU B 619 68.04 -14.13 -16.73
C LEU B 619 68.04 -15.38 -15.83
N LEU B 620 68.66 -16.44 -16.32
CA LEU B 620 68.82 -17.67 -15.57
C LEU B 620 69.72 -17.48 -14.33
N ALA B 621 70.86 -16.80 -14.51
CA ALA B 621 71.79 -16.53 -13.41
C ALA B 621 71.15 -15.73 -12.29
N VAL B 622 70.46 -14.63 -12.64
CA VAL B 622 69.81 -13.80 -11.61
C VAL B 622 68.64 -14.52 -10.89
N GLY B 623 67.80 -15.19 -11.67
CA GLY B 623 66.64 -15.90 -11.11
C GLY B 623 67.11 -17.01 -10.17
N ALA B 624 68.12 -17.75 -10.61
CA ALA B 624 68.68 -18.85 -9.81
C ALA B 624 69.25 -18.32 -8.51
N VAL B 625 70.05 -17.26 -8.55
CA VAL B 625 70.57 -16.78 -7.28
C VAL B 625 69.52 -16.11 -6.37
N HIS B 626 68.57 -15.37 -6.96
CA HIS B 626 67.46 -14.76 -6.22
C HIS B 626 66.71 -15.84 -5.43
N HIS B 627 66.29 -16.90 -6.11
CA HIS B 627 65.54 -17.96 -5.44
C HIS B 627 66.34 -18.81 -4.47
N HIS B 628 67.59 -19.11 -4.82
CA HIS B 628 68.44 -19.85 -3.89
C HIS B 628 68.83 -19.06 -2.65
N LEU B 629 69.00 -17.75 -2.79
CA LEU B 629 69.16 -16.87 -1.64
C LEU B 629 67.93 -16.87 -0.72
N ILE B 630 66.73 -16.83 -1.31
CA ILE B 630 65.50 -16.98 -0.52
C ILE B 630 65.52 -18.31 0.26
N ARG B 631 65.73 -19.40 -0.47
CA ARG B 631 65.75 -20.74 0.12
C ARG B 631 66.75 -20.88 1.28
N ALA B 632 67.90 -20.21 1.18
CA ALA B 632 68.90 -20.19 2.26
C ALA B 632 68.61 -19.15 3.33
N GLY B 633 67.57 -18.34 3.14
CA GLY B 633 67.19 -17.32 4.10
C GLY B 633 68.15 -16.15 4.14
N LEU B 634 68.84 -15.92 3.03
CA LEU B 634 69.82 -14.84 2.92
C LEU B 634 69.39 -13.70 2.00
N ARG B 635 68.17 -13.74 1.46
CA ARG B 635 67.78 -12.81 0.39
C ARG B 635 67.84 -11.33 0.79
N LEU B 636 67.51 -11.05 2.04
CA LEU B 636 67.49 -9.68 2.52
C LEU B 636 68.87 -9.17 2.96
N LYS B 637 69.91 -9.98 2.79
CA LYS B 637 71.28 -9.60 3.17
C LYS B 637 72.05 -8.87 2.07
N ALA B 638 71.59 -8.98 0.82
CA ALA B 638 72.30 -8.38 -0.31
C ALA B 638 71.39 -8.06 -1.50
N SER B 639 71.89 -7.20 -2.39
CA SER B 639 71.25 -6.90 -3.66
C SER B 639 72.05 -7.51 -4.81
N LEU B 640 71.39 -7.72 -5.94
CA LEU B 640 72.02 -8.34 -7.10
C LEU B 640 72.10 -7.36 -8.25
N ILE B 641 73.29 -7.22 -8.85
CA ILE B 641 73.45 -6.41 -10.06
C ILE B 641 73.89 -7.34 -11.19
N VAL B 642 73.27 -7.18 -12.35
CA VAL B 642 73.58 -8.00 -13.52
C VAL B 642 74.47 -7.19 -14.48
N ASP B 643 75.72 -7.60 -14.60
CA ASP B 643 76.68 -6.97 -15.47
C ASP B 643 76.84 -7.91 -16.66
N THR B 644 76.06 -7.67 -17.71
CA THR B 644 75.93 -8.63 -18.80
C THR B 644 75.92 -8.05 -20.22
N ALA B 645 76.48 -8.83 -21.15
CA ALA B 645 76.40 -8.54 -22.57
C ALA B 645 75.03 -8.89 -23.15
N GLN B 646 74.36 -9.88 -22.57
CA GLN B 646 73.05 -10.30 -23.08
C GLN B 646 71.90 -9.50 -22.45
N CYS B 647 71.79 -8.23 -22.83
CA CYS B 647 70.70 -7.36 -22.40
C CYS B 647 70.75 -6.07 -23.20
N TRP B 648 69.69 -5.78 -23.95
CA TRP B 648 69.63 -4.54 -24.74
C TRP B 648 68.24 -3.98 -24.93
N SER B 649 67.22 -4.82 -24.86
CA SER B 649 65.88 -4.33 -25.12
C SER B 649 65.11 -4.06 -23.84
N THR B 650 64.04 -3.31 -24.00
CA THR B 650 63.10 -2.98 -22.94
C THR B 650 62.63 -4.22 -22.14
N HIS B 651 62.19 -5.24 -22.85
CA HIS B 651 61.76 -6.52 -22.25
C HIS B 651 62.87 -7.21 -21.45
N HIS B 652 64.12 -7.13 -21.92
CA HIS B 652 65.25 -7.73 -21.19
C HIS B 652 65.43 -7.15 -19.78
N PHE B 653 65.49 -5.82 -19.69
CA PHE B 653 65.65 -5.16 -18.39
C PHE B 653 64.49 -5.50 -17.46
N ALA B 654 63.27 -5.55 -18.03
CA ALA B 654 62.07 -5.92 -17.26
C ALA B 654 62.17 -7.32 -16.69
N CYS B 655 62.52 -8.29 -17.54
CA CYS B 655 62.70 -9.69 -17.10
C CYS B 655 63.71 -9.77 -15.95
N LEU B 656 64.88 -9.16 -16.14
CA LEU B 656 65.93 -9.21 -15.13
C LEU B 656 65.50 -8.68 -13.75
N VAL B 657 64.91 -7.49 -13.72
CA VAL B 657 64.34 -6.92 -12.49
C VAL B 657 63.20 -7.78 -11.92
N GLY B 658 62.34 -8.25 -12.81
CA GLY B 658 61.20 -9.07 -12.43
C GLY B 658 61.61 -10.30 -11.65
N TYR B 659 62.77 -10.85 -12.03
CA TYR B 659 63.35 -12.02 -11.37
C TYR B 659 64.51 -11.78 -10.38
N GLY B 660 64.67 -10.53 -9.90
CA GLY B 660 65.52 -10.31 -8.73
C GLY B 660 66.67 -9.31 -8.83
N ALA B 661 66.94 -8.81 -10.03
CA ALA B 661 68.02 -7.84 -10.23
C ALA B 661 67.63 -6.47 -9.75
N SER B 662 68.50 -5.85 -8.93
CA SER B 662 68.24 -4.49 -8.46
C SER B 662 68.69 -3.46 -9.50
N ALA B 663 69.68 -3.84 -10.30
CA ALA B 663 70.19 -2.97 -11.35
C ALA B 663 70.94 -3.79 -12.40
N ILE B 664 71.17 -3.17 -13.57
CA ILE B 664 71.72 -3.82 -14.75
C ILE B 664 72.76 -2.90 -15.35
N CYS B 665 73.98 -3.40 -15.56
CA CYS B 665 74.93 -2.73 -16.44
C CYS B 665 74.95 -3.46 -17.78
N PRO B 666 74.28 -2.90 -18.78
CA PRO B 666 74.18 -3.57 -20.08
C PRO B 666 75.40 -3.17 -20.89
N TYR B 667 76.56 -3.71 -20.49
CA TYR B 667 77.81 -3.19 -21.03
C TYR B 667 77.96 -3.35 -22.53
N LEU B 668 77.48 -4.46 -23.09
CA LEU B 668 77.63 -4.65 -24.55
C LEU B 668 76.61 -3.81 -25.32
N ALA B 669 75.42 -3.60 -24.73
CA ALA B 669 74.44 -2.68 -25.33
C ALA B 669 75.05 -1.28 -25.49
N LEU B 670 75.67 -0.77 -24.42
CA LEU B 670 76.30 0.56 -24.43
C LEU B 670 77.45 0.63 -25.43
N GLU B 671 78.23 -0.45 -25.50
CA GLU B 671 79.31 -0.56 -26.48
C GLU B 671 78.77 -0.59 -27.93
N SER B 672 77.65 -1.29 -28.13
CA SER B 672 76.99 -1.33 -29.45
C SER B 672 76.63 0.08 -29.93
N VAL B 673 76.16 0.90 -29.00
CA VAL B 673 75.79 2.28 -29.28
C VAL B 673 77.04 3.05 -29.66
N ARG B 674 78.10 2.90 -28.86
CA ARG B 674 79.39 3.52 -29.16
C ARG B 674 79.89 3.17 -30.58
N GLN B 675 79.84 1.89 -30.92
CA GLN B 675 80.42 1.41 -32.17
C GLN B 675 79.56 1.81 -33.38
N TRP B 676 78.24 1.79 -33.21
CA TRP B 676 77.31 2.34 -34.19
C TRP B 676 77.66 3.79 -34.48
N TRP B 677 77.73 4.60 -33.41
CA TRP B 677 78.05 6.02 -33.54
C TRP B 677 79.40 6.26 -34.26
N LEU B 678 80.41 5.48 -33.89
CA LEU B 678 81.76 5.66 -34.41
C LEU B 678 81.97 5.12 -35.83
N ASP B 679 81.08 4.23 -36.26
CA ASP B 679 81.07 3.65 -37.60
C ASP B 679 81.09 4.76 -38.64
N GLU B 680 82.00 4.65 -39.61
CA GLU B 680 82.14 5.67 -40.65
C GLU B 680 80.83 5.89 -41.44
N LYS B 681 80.09 4.81 -41.67
CA LYS B 681 78.81 4.86 -42.39
C LYS B 681 77.80 5.73 -41.66
N THR B 682 77.83 5.67 -40.33
CA THR B 682 76.90 6.39 -39.46
C THR B 682 77.13 7.89 -39.51
N GLN B 683 78.39 8.30 -39.36
CA GLN B 683 78.73 9.72 -39.44
C GLN B 683 78.45 10.27 -40.84
N LYS B 684 78.64 9.42 -41.87
CA LYS B 684 78.28 9.76 -43.25
C LYS B 684 76.77 9.98 -43.41
N LEU B 685 75.97 9.15 -42.75
CA LEU B 685 74.51 9.35 -42.73
C LEU B 685 74.13 10.59 -41.93
N MET B 686 74.88 10.88 -40.86
CA MET B 686 74.70 12.10 -40.10
C MET B 686 75.04 13.36 -40.91
N GLU B 687 76.21 13.39 -41.54
CA GLU B 687 76.63 14.55 -42.32
C GLU B 687 75.73 14.85 -43.54
N ASN B 688 74.73 13.99 -43.78
CA ASN B 688 73.65 14.26 -44.75
C ASN B 688 72.27 13.65 -44.44
N GLY B 689 72.19 12.31 -44.35
CA GLY B 689 70.92 11.59 -44.26
C GLY B 689 70.23 11.41 -42.91
N ARG B 690 70.91 10.74 -41.97
CA ARG B 690 70.47 10.52 -40.57
C ARG B 690 70.46 11.82 -39.76
N LEU B 691 69.81 11.84 -38.59
CA LEU B 691 69.80 13.04 -37.76
C LEU B 691 71.14 13.27 -37.02
N ASP B 692 71.92 14.20 -37.56
CA ASP B 692 73.17 14.68 -36.95
C ASP B 692 72.87 15.82 -36.03
N ARG B 693 72.02 15.52 -35.04
CA ARG B 693 71.81 16.44 -33.94
C ARG B 693 72.47 15.70 -32.81
N ILE B 694 73.33 14.74 -33.18
CA ILE B 694 73.70 13.72 -32.23
C ILE B 694 75.18 13.45 -32.13
N ASP B 695 75.74 13.89 -31.01
CA ASP B 695 77.06 13.48 -30.56
C ASP B 695 76.95 12.18 -29.75
N LEU B 696 78.09 11.63 -29.36
CA LEU B 696 78.13 10.36 -28.66
C LEU B 696 77.37 10.38 -27.31
N PRO B 697 77.59 11.38 -26.45
CA PRO B 697 76.83 11.46 -25.19
C PRO B 697 75.31 11.49 -25.38
N THR B 698 74.83 12.17 -26.42
CA THR B 698 73.40 12.23 -26.70
C THR B 698 72.86 10.86 -27.09
N ALA B 699 73.65 10.10 -27.86
CA ALA B 699 73.25 8.76 -28.29
C ALA B 699 73.11 7.81 -27.10
N LEU B 700 74.08 7.85 -26.18
CA LEU B 700 74.04 7.00 -25.00
C LEU B 700 72.87 7.39 -24.09
N LYS B 701 72.68 8.70 -23.89
CA LYS B 701 71.54 9.25 -23.14
C LYS B 701 70.19 8.86 -23.76
N ASN B 702 70.07 8.99 -25.09
CA ASN B 702 68.87 8.52 -25.80
C ASN B 702 68.61 7.05 -25.52
N TYR B 703 69.68 6.23 -25.55
CA TYR B 703 69.51 4.81 -25.26
C TYR B 703 68.93 4.56 -23.87
N ARG B 704 69.50 5.21 -22.87
CA ARG B 704 69.08 5.01 -21.50
C ARG B 704 67.65 5.50 -21.32
N GLN B 705 67.34 6.63 -21.96
CA GLN B 705 66.01 7.24 -21.96
C GLN B 705 64.96 6.29 -22.53
N SER B 706 65.30 5.64 -23.65
CA SER B 706 64.44 4.63 -24.27
C SER B 706 64.14 3.47 -23.31
N VAL B 707 65.16 3.03 -22.59
CA VAL B 707 64.99 1.90 -21.68
C VAL B 707 64.10 2.33 -20.52
N GLU B 708 64.34 3.52 -20.00
CA GLU B 708 63.57 4.04 -18.88
C GLU B 708 62.09 4.21 -19.24
N ALA B 709 61.83 4.81 -20.40
CA ALA B 709 60.46 4.99 -20.86
C ALA B 709 59.78 3.62 -21.08
N GLY B 710 60.56 2.67 -21.59
CA GLY B 710 60.06 1.33 -21.85
C GLY B 710 59.75 0.52 -20.60
N LEU B 711 60.52 0.74 -19.53
CA LEU B 711 60.20 0.16 -18.22
C LEU B 711 58.92 0.76 -17.60
N PHE B 712 58.78 2.07 -17.70
CA PHE B 712 57.55 2.74 -17.23
C PHE B 712 56.38 2.11 -17.98
N LYS B 713 56.53 1.92 -19.29
CA LYS B 713 55.45 1.32 -20.09
C LYS B 713 55.08 -0.08 -19.60
N ILE B 714 56.09 -0.95 -19.48
CA ILE B 714 55.88 -2.32 -19.02
C ILE B 714 55.23 -2.40 -17.62
N LEU B 715 55.75 -1.65 -16.64
CA LEU B 715 55.11 -1.58 -15.34
C LEU B 715 53.66 -1.10 -15.41
N SER B 716 53.40 -0.09 -16.25
CA SER B 716 52.07 0.51 -16.36
C SER B 716 51.05 -0.46 -16.94
N LYS B 717 51.52 -1.41 -17.74
CA LYS B 717 50.64 -2.45 -18.31
C LYS B 717 49.86 -3.23 -17.24
N MET B 718 50.50 -3.44 -16.09
CA MET B 718 49.90 -4.14 -14.94
C MET B 718 49.34 -3.14 -13.91
N GLY B 719 49.53 -1.85 -14.18
CA GLY B 719 49.09 -0.83 -13.24
C GLY B 719 50.05 -0.57 -12.09
N ILE B 720 51.32 -0.95 -12.26
CA ILE B 720 52.33 -0.82 -11.19
C ILE B 720 53.10 0.50 -11.30
N SER B 721 53.25 1.21 -10.18
CA SER B 721 53.93 2.50 -10.18
C SER B 721 55.45 2.43 -9.98
N LEU B 722 55.90 1.59 -9.04
CA LEU B 722 57.30 1.60 -8.62
C LEU B 722 58.05 0.37 -9.08
N LEU B 723 59.25 0.60 -9.64
CA LEU B 723 60.12 -0.52 -9.98
C LEU B 723 60.41 -1.40 -8.76
N ALA B 724 60.48 -0.78 -7.58
CA ALA B 724 60.68 -1.49 -6.31
C ALA B 724 59.58 -2.53 -6.03
N SER B 725 58.36 -2.29 -6.51
CA SER B 725 57.26 -3.24 -6.39
C SER B 725 57.35 -4.34 -7.46
N TYR B 726 57.74 -3.93 -8.68
CA TYR B 726 57.83 -4.84 -9.82
C TYR B 726 58.98 -5.81 -9.58
N HIS B 727 59.98 -5.34 -8.83
CA HIS B 727 61.22 -6.08 -8.53
C HIS B 727 61.00 -7.52 -8.03
N GLY B 728 60.34 -7.76 -6.92
CA GLY B 728 60.22 -9.19 -6.62
C GLY B 728 59.22 -10.00 -7.46
N ALA B 729 58.45 -9.27 -8.24
CA ALA B 729 57.12 -9.71 -8.58
C ALA B 729 57.37 -10.50 -9.81
N GLN B 730 56.53 -11.38 -10.23
CA GLN B 730 57.18 -12.03 -11.40
C GLN B 730 56.14 -11.93 -12.45
N ILE B 731 56.02 -10.71 -12.99
CA ILE B 731 54.88 -10.31 -13.80
C ILE B 731 55.00 -10.84 -15.23
N PHE B 732 55.10 -12.17 -15.30
CA PHE B 732 55.33 -12.85 -16.57
C PHE B 732 54.62 -14.20 -16.49
N GLU B 733 54.42 -14.79 -17.67
CA GLU B 733 54.01 -16.18 -17.88
C GLU B 733 55.10 -16.75 -18.77
N ALA B 734 55.62 -17.92 -18.43
CA ALA B 734 56.58 -18.60 -19.30
C ALA B 734 55.85 -19.52 -20.26
N ILE B 735 56.32 -19.57 -21.50
CA ILE B 735 55.77 -20.47 -22.50
C ILE B 735 56.88 -21.34 -23.06
N GLY B 736 56.85 -22.62 -22.70
CA GLY B 736 57.83 -23.58 -23.16
C GLY B 736 59.01 -23.83 -22.24
N LEU B 737 58.91 -23.49 -20.96
CA LEU B 737 59.98 -23.90 -20.03
C LEU B 737 59.53 -25.05 -19.10
N GLY B 738 60.38 -26.08 -19.01
CA GLY B 738 60.10 -27.25 -18.19
C GLY B 738 60.02 -26.98 -16.69
N ALA B 739 59.33 -27.86 -15.96
CA ALA B 739 59.07 -27.63 -14.53
C ALA B 739 60.36 -27.50 -13.73
N GLU B 740 61.36 -28.31 -14.06
CA GLU B 740 62.61 -28.34 -13.32
C GLU B 740 63.34 -26.98 -13.43
N LEU B 741 63.44 -26.47 -14.64
CA LEU B 741 64.05 -25.18 -14.88
C LEU B 741 63.31 -24.04 -14.15
N VAL B 742 61.98 -24.06 -14.25
CA VAL B 742 61.14 -23.04 -13.62
C VAL B 742 61.32 -23.03 -12.10
N GLU B 743 61.32 -24.20 -11.48
CA GLU B 743 61.52 -24.35 -10.04
C GLU B 743 62.90 -23.84 -9.57
N TYR B 744 63.92 -24.08 -10.40
CA TYR B 744 65.29 -23.71 -10.03
C TYR B 744 65.47 -22.19 -9.98
N ALA B 745 64.96 -21.50 -10.99
CA ALA B 745 65.31 -20.10 -11.22
C ALA B 745 64.12 -19.13 -11.31
N PHE B 746 62.92 -19.66 -11.51
CA PHE B 746 61.75 -18.83 -11.76
C PHE B 746 60.52 -19.30 -10.96
N ALA B 747 60.77 -19.85 -9.77
CA ALA B 747 59.73 -20.47 -8.95
C ALA B 747 58.46 -19.62 -8.81
N GLY B 748 57.29 -20.23 -9.04
CA GLY B 748 56.01 -19.55 -8.96
C GLY B 748 55.50 -18.90 -10.24
N THR B 749 56.29 -18.98 -11.31
CA THR B 749 55.84 -18.54 -12.63
C THR B 749 55.03 -19.66 -13.25
N THR B 750 53.87 -19.37 -13.82
CA THR B 750 53.16 -20.44 -14.52
C THR B 750 53.82 -20.73 -15.86
N SER B 751 53.85 -22.01 -16.21
CA SER B 751 54.48 -22.52 -17.41
C SER B 751 53.71 -23.77 -17.81
N ARG B 752 52.60 -23.57 -18.50
CA ARG B 752 51.57 -24.59 -18.68
C ARG B 752 51.85 -25.62 -19.73
N VAL B 753 52.86 -25.38 -20.55
CA VAL B 753 53.12 -26.25 -21.68
C VAL B 753 54.42 -27.08 -21.59
N GLY B 754 55.07 -27.03 -20.43
CA GLY B 754 56.34 -27.72 -20.21
C GLY B 754 57.26 -27.89 -21.42
N GLY B 755 58.54 -27.63 -21.26
CA GLY B 755 59.46 -27.79 -22.36
C GLY B 755 60.89 -27.84 -21.91
N LEU B 756 61.59 -26.74 -22.11
CA LEU B 756 63.04 -26.67 -21.93
C LEU B 756 63.56 -27.23 -20.58
N THR B 757 64.56 -28.09 -20.67
CA THR B 757 65.41 -28.45 -19.55
C THR B 757 66.61 -27.52 -19.53
N ILE B 758 67.41 -27.60 -18.46
CA ILE B 758 68.65 -26.84 -18.41
C ILE B 758 69.56 -27.20 -19.59
N ALA B 759 69.63 -28.49 -19.93
CA ALA B 759 70.46 -28.95 -21.05
C ALA B 759 69.97 -28.33 -22.36
N ASP B 760 68.65 -28.13 -22.47
CA ASP B 760 68.06 -27.50 -23.65
C ASP B 760 68.46 -26.04 -23.76
N VAL B 761 68.46 -25.30 -22.63
CA VAL B 761 68.94 -23.92 -22.72
C VAL B 761 70.41 -23.78 -23.09
N ALA B 762 71.25 -24.68 -22.58
CA ALA B 762 72.67 -24.71 -22.93
C ALA B 762 72.88 -24.96 -24.43
N GLY B 763 72.09 -25.87 -24.99
CA GLY B 763 72.15 -26.19 -26.41
C GLY B 763 71.79 -24.99 -27.27
N GLU B 764 70.86 -24.17 -26.78
CA GLU B 764 70.51 -22.95 -27.48
C GLU B 764 71.64 -21.93 -27.42
N VAL B 765 72.27 -21.75 -26.26
CA VAL B 765 73.38 -20.79 -26.23
C VAL B 765 74.53 -21.29 -27.11
N MET B 766 74.70 -22.61 -27.19
CA MET B 766 75.74 -23.21 -28.02
C MET B 766 75.52 -23.02 -29.53
N VAL B 767 74.26 -22.81 -29.94
CA VAL B 767 73.99 -22.46 -31.34
C VAL B 767 74.62 -21.11 -31.67
N PHE B 768 74.37 -20.10 -30.82
CA PHE B 768 75.03 -18.80 -30.94
C PHE B 768 76.56 -18.94 -30.83
N HIS B 769 77.02 -19.81 -29.93
CA HIS B 769 78.47 -20.00 -29.75
C HIS B 769 79.10 -20.44 -31.06
N GLY B 770 78.43 -21.39 -31.73
CA GLY B 770 78.86 -21.88 -33.04
C GLY B 770 78.90 -20.82 -34.12
N MET B 771 77.98 -19.86 -34.03
CA MET B 771 77.90 -18.78 -35.00
C MET B 771 79.03 -17.77 -34.84
N ALA B 772 79.51 -17.61 -33.62
CA ALA B 772 80.55 -16.63 -33.28
C ALA B 772 81.98 -17.15 -33.43
N PHE B 773 82.16 -18.44 -33.18
CA PHE B 773 83.50 -19.03 -33.01
C PHE B 773 83.81 -20.19 -33.97
N LYS B 778 81.72 -11.70 -39.97
CA LYS B 778 81.60 -10.87 -41.17
C LYS B 778 80.55 -9.75 -40.94
N LYS B 779 79.34 -10.20 -40.63
CA LYS B 779 78.27 -9.37 -40.12
C LYS B 779 77.36 -10.30 -39.33
N LEU B 780 76.56 -9.75 -38.43
CA LEU B 780 75.59 -10.53 -37.68
C LEU B 780 74.58 -11.14 -38.65
N GLU B 781 74.14 -12.36 -38.36
CA GLU B 781 73.12 -13.02 -39.17
C GLU B 781 71.79 -12.26 -39.01
N ASN B 782 71.08 -12.06 -40.12
CA ASN B 782 69.73 -11.51 -40.08
C ASN B 782 68.70 -12.65 -40.21
N PHE B 783 68.04 -12.96 -39.11
CA PHE B 783 66.96 -13.93 -39.13
C PHE B 783 65.67 -13.23 -39.61
N GLY B 784 64.61 -13.98 -39.82
CA GLY B 784 63.51 -13.29 -40.44
C GLY B 784 62.49 -12.74 -39.48
N PHE B 785 62.90 -12.18 -38.33
CA PHE B 785 61.99 -12.03 -37.20
C PHE B 785 60.92 -10.94 -37.32
N VAL B 786 61.31 -9.76 -37.80
CA VAL B 786 60.39 -8.62 -37.89
C VAL B 786 59.62 -8.61 -39.22
N ASN B 787 60.34 -8.86 -40.30
CA ASN B 787 59.80 -8.89 -41.65
C ASN B 787 60.29 -10.16 -42.34
N TYR B 788 59.44 -10.74 -43.19
CA TYR B 788 59.79 -11.92 -43.99
C TYR B 788 61.09 -11.75 -44.80
N ARG B 789 61.94 -12.77 -44.72
CA ARG B 789 63.21 -12.83 -45.46
C ARG B 789 63.23 -14.21 -46.08
N PRO B 790 63.62 -14.33 -47.36
CA PRO B 790 63.76 -15.66 -47.97
C PRO B 790 64.32 -16.76 -47.04
N GLY B 791 65.51 -16.62 -46.47
CA GLY B 791 66.03 -17.70 -45.61
C GLY B 791 65.74 -17.64 -44.10
N GLY B 792 64.90 -16.72 -43.67
CA GLY B 792 64.76 -16.43 -42.26
C GLY B 792 63.67 -17.22 -41.54
N GLU B 793 63.28 -16.71 -40.38
CA GLU B 793 62.17 -17.26 -39.61
C GLU B 793 60.89 -17.26 -40.43
N TYR B 794 60.05 -18.26 -40.19
CA TYR B 794 58.75 -18.34 -40.84
C TYR B 794 57.77 -17.27 -40.37
N HIS B 795 57.01 -16.70 -41.32
CA HIS B 795 55.91 -15.78 -41.04
C HIS B 795 54.63 -16.33 -41.70
N MET B 796 53.55 -16.42 -40.94
CA MET B 796 52.27 -16.92 -41.47
C MET B 796 51.78 -16.08 -42.65
N ASN B 797 52.03 -14.77 -42.55
CA ASN B 797 51.71 -13.83 -43.61
C ASN B 797 52.95 -13.29 -44.32
N SER B 798 52.82 -13.13 -45.64
CA SER B 798 53.92 -12.69 -46.51
C SER B 798 53.32 -12.15 -47.81
N PRO B 799 54.03 -11.30 -48.53
CA PRO B 799 53.52 -10.73 -49.79
C PRO B 799 53.07 -11.80 -50.80
N GLU B 800 53.90 -12.83 -51.03
CA GLU B 800 53.61 -13.90 -51.99
C GLU B 800 52.30 -14.64 -51.68
N MET B 801 52.17 -15.03 -50.41
CA MET B 801 51.00 -15.71 -49.88
C MET B 801 49.76 -14.84 -50.07
N SER B 802 49.89 -13.55 -49.75
CA SER B 802 48.78 -12.61 -49.82
C SER B 802 48.26 -12.49 -51.25
N LYS B 803 49.17 -12.37 -52.18
CA LYS B 803 48.82 -12.17 -53.59
C LYS B 803 48.16 -13.38 -54.24
N SER B 804 48.53 -14.59 -53.80
CA SER B 804 47.84 -15.79 -54.30
C SER B 804 46.43 -15.90 -53.71
N LEU B 805 46.26 -15.53 -52.43
CA LEU B 805 44.91 -15.46 -51.87
C LEU B 805 44.04 -14.48 -52.65
N HIS B 806 44.60 -13.31 -52.97
CA HIS B 806 43.78 -12.27 -53.59
C HIS B 806 43.28 -12.65 -54.97
N LYS B 807 44.08 -13.41 -55.72
CA LYS B 807 43.68 -13.84 -57.04
C LYS B 807 42.64 -14.96 -57.01
N ALA B 808 42.72 -15.84 -56.00
CA ALA B 808 41.72 -16.87 -55.80
C ALA B 808 40.37 -16.21 -55.57
N VAL B 809 40.40 -15.20 -54.70
CA VAL B 809 39.21 -14.50 -54.25
C VAL B 809 38.63 -13.57 -55.35
N ALA B 810 39.51 -13.11 -56.25
CA ALA B 810 39.10 -12.22 -57.35
C ALA B 810 38.41 -12.97 -58.48
N ALA B 811 38.86 -14.21 -58.72
CA ALA B 811 38.39 -15.03 -59.84
C ALA B 811 36.93 -15.52 -59.72
N TYR B 812 36.49 -15.80 -58.49
CA TYR B 812 35.05 -16.06 -58.15
C TYR B 812 34.92 -16.67 -56.75
N ASP B 825 44.15 -23.88 -59.17
CA ASP B 825 43.56 -22.62 -58.73
C ASP B 825 44.63 -21.76 -58.04
N HIS B 826 44.35 -20.45 -57.94
CA HIS B 826 45.17 -19.58 -57.13
C HIS B 826 45.06 -19.96 -55.64
N TYR B 827 43.91 -20.54 -55.26
CA TYR B 827 43.68 -20.93 -53.89
C TYR B 827 44.59 -22.07 -53.47
N GLU B 828 44.83 -22.96 -54.43
CA GLU B 828 45.69 -24.13 -54.28
C GLU B 828 47.12 -23.72 -53.90
N LEU B 829 47.70 -22.81 -54.67
CA LEU B 829 48.99 -22.21 -54.33
C LEU B 829 49.02 -21.49 -52.98
N TYR B 830 47.88 -20.95 -52.56
CA TYR B 830 47.77 -20.28 -51.28
C TYR B 830 47.75 -21.26 -50.11
N ARG B 831 46.88 -22.25 -50.23
CA ARG B 831 46.70 -23.28 -49.21
C ARG B 831 47.99 -24.05 -48.92
N GLN B 832 48.91 -23.98 -49.88
CA GLN B 832 50.18 -24.71 -49.88
C GLN B 832 51.34 -23.90 -49.31
N TYR B 833 51.21 -22.57 -49.25
CA TYR B 833 52.14 -21.76 -48.46
C TYR B 833 51.93 -22.14 -47.00
N LEU B 834 50.66 -22.37 -46.64
CA LEU B 834 50.28 -22.61 -45.25
C LEU B 834 50.61 -24.01 -44.72
N LYS B 835 50.28 -25.05 -45.49
CA LYS B 835 50.51 -26.42 -45.00
C LYS B 835 52.00 -26.72 -44.90
N ASP B 836 52.78 -26.22 -45.86
CA ASP B 836 54.23 -26.34 -45.87
C ASP B 836 54.94 -25.73 -44.65
N ARG B 837 54.19 -24.99 -43.85
CA ARG B 837 54.73 -24.25 -42.71
C ARG B 837 55.38 -25.16 -41.65
N PRO B 838 56.39 -24.67 -40.92
CA PRO B 838 56.93 -25.42 -39.79
C PRO B 838 56.00 -25.20 -38.61
N VAL B 839 56.19 -25.92 -37.51
CA VAL B 839 55.33 -25.76 -36.34
C VAL B 839 55.43 -24.30 -35.89
N THR B 840 54.26 -23.64 -35.72
CA THR B 840 54.19 -22.20 -35.46
C THR B 840 53.35 -21.88 -34.20
N ALA B 841 52.16 -22.46 -34.12
CA ALA B 841 51.27 -22.27 -32.96
C ALA B 841 51.07 -23.57 -32.16
N LEU B 842 50.57 -23.46 -30.94
CA LEU B 842 50.31 -24.64 -30.13
C LEU B 842 49.38 -25.64 -30.82
N ARG B 843 48.36 -25.13 -31.53
CA ARG B 843 47.41 -25.98 -32.23
C ARG B 843 48.07 -26.83 -33.32
N ASP B 844 49.21 -26.36 -33.83
CA ASP B 844 50.00 -27.13 -34.81
C ASP B 844 50.53 -28.46 -34.26
N LEU B 845 50.62 -28.58 -32.93
CA LEU B 845 51.06 -29.84 -32.31
C LEU B 845 49.94 -30.88 -32.18
N LEU B 846 48.72 -30.46 -32.50
CA LEU B 846 47.52 -31.29 -32.35
C LEU B 846 46.92 -31.77 -33.68
N ASP B 847 46.14 -32.84 -33.62
CA ASP B 847 45.44 -33.39 -34.77
C ASP B 847 44.12 -33.99 -34.26
N PHE B 848 43.28 -34.47 -35.16
CA PHE B 848 42.00 -35.06 -34.79
C PHE B 848 42.05 -36.56 -34.54
N ASN B 849 41.20 -36.99 -33.64
CA ASN B 849 41.02 -38.38 -33.30
C ASN B 849 39.52 -38.61 -33.26
N ALA B 850 38.93 -38.86 -34.43
CA ALA B 850 37.48 -39.00 -34.59
C ALA B 850 36.87 -40.12 -33.74
N ASP B 851 35.67 -39.89 -33.21
CA ASP B 851 34.95 -40.86 -32.41
C ASP B 851 33.71 -41.39 -33.13
N GLN B 852 33.55 -40.99 -34.40
CA GLN B 852 32.42 -41.41 -35.22
C GLN B 852 32.87 -41.60 -36.68
N PRO B 853 32.17 -42.42 -37.47
CA PRO B 853 32.53 -42.60 -38.89
C PRO B 853 32.25 -41.31 -39.66
N ALA B 854 32.98 -41.08 -40.76
CA ALA B 854 32.76 -39.90 -41.60
C ALA B 854 31.37 -39.97 -42.21
N ILE B 855 30.74 -38.81 -42.38
CA ILE B 855 29.44 -38.76 -43.04
C ILE B 855 29.58 -38.06 -44.38
N SER B 856 28.55 -38.19 -45.22
CA SER B 856 28.47 -37.45 -46.46
C SER B 856 28.44 -35.94 -46.24
N LEU B 857 29.11 -35.22 -47.14
CA LEU B 857 29.14 -33.76 -47.14
C LEU B 857 27.75 -33.12 -47.21
N GLU B 858 26.82 -33.77 -47.92
CA GLU B 858 25.44 -33.32 -48.03
C GLU B 858 24.67 -33.33 -46.68
N GLU B 859 25.16 -34.06 -45.69
CA GLU B 859 24.54 -34.07 -44.35
C GLU B 859 24.95 -32.85 -43.49
N VAL B 860 26.05 -32.20 -43.88
CA VAL B 860 26.63 -31.13 -43.08
C VAL B 860 25.88 -29.81 -43.31
N GLU B 861 25.76 -29.02 -42.23
CA GLU B 861 25.12 -27.71 -42.26
C GLU B 861 25.72 -26.81 -43.34
N SER B 862 24.91 -25.87 -43.84
CA SER B 862 25.29 -25.04 -44.97
C SER B 862 26.39 -24.02 -44.65
N VAL B 863 27.11 -23.62 -45.69
CA VAL B 863 28.05 -22.52 -45.64
C VAL B 863 27.34 -21.28 -45.07
N GLU B 864 26.08 -21.08 -45.47
CA GLU B 864 25.30 -19.91 -45.05
C GLU B 864 25.09 -19.89 -43.54
N SER B 865 24.92 -21.09 -42.95
CA SER B 865 24.79 -21.25 -41.50
C SER B 865 26.11 -21.05 -40.74
N ILE B 866 27.22 -21.52 -41.31
CA ILE B 866 28.53 -21.46 -40.65
C ILE B 866 29.06 -20.03 -40.63
N VAL B 867 28.87 -19.35 -41.74
CA VAL B 867 29.30 -17.98 -41.97
C VAL B 867 28.74 -16.97 -40.93
N LYS B 868 27.56 -17.26 -40.38
CA LYS B 868 26.98 -16.42 -39.32
C LYS B 868 27.79 -16.38 -38.01
N ARG B 869 28.69 -17.35 -37.82
CA ARG B 869 29.60 -17.34 -36.67
C ARG B 869 30.87 -16.50 -36.89
N PHE B 870 31.10 -16.03 -38.12
CA PHE B 870 32.30 -15.26 -38.42
C PHE B 870 32.14 -13.77 -38.12
N CYS B 871 33.23 -13.15 -37.63
CA CYS B 871 33.30 -11.71 -37.42
C CYS B 871 34.61 -11.20 -37.96
N THR B 872 34.53 -10.01 -38.51
CA THR B 872 35.68 -9.34 -39.00
C THR B 872 36.32 -8.48 -37.86
N GLY B 873 35.54 -7.99 -36.93
CA GLY B 873 36.24 -7.45 -35.77
C GLY B 873 37.05 -6.14 -35.95
N GLY B 874 37.31 -5.50 -34.82
CA GLY B 874 37.33 -4.06 -34.79
C GLY B 874 38.65 -3.49 -35.22
N MET B 875 38.76 -3.08 -36.48
CA MET B 875 39.91 -2.31 -36.94
C MET B 875 39.46 -0.87 -37.12
N SER B 876 40.15 0.08 -36.47
CA SER B 876 39.59 1.42 -36.40
C SER B 876 39.48 2.06 -37.77
N LEU B 877 38.48 2.93 -37.90
CA LEU B 877 38.43 3.77 -39.09
C LEU B 877 39.74 4.58 -39.32
N GLY B 878 40.36 5.20 -38.33
CA GLY B 878 41.72 5.72 -38.66
C GLY B 878 42.90 4.80 -39.09
N ALA B 879 43.07 3.65 -38.43
CA ALA B 879 44.06 2.69 -38.89
C ALA B 879 43.81 2.26 -40.35
N LEU B 880 42.55 1.95 -40.66
CA LEU B 880 42.12 1.63 -42.02
C LEU B 880 41.53 2.83 -42.72
N SER B 881 41.71 2.89 -44.03
CA SER B 881 40.95 3.81 -44.90
C SER B 881 39.48 3.46 -44.82
N ARG B 882 38.63 4.44 -45.11
CA ARG B 882 37.19 4.17 -45.14
C ARG B 882 36.82 3.17 -46.26
N GLU B 883 37.57 3.19 -47.35
CA GLU B 883 37.39 2.23 -48.45
C GLU B 883 37.51 0.79 -47.90
N ALA B 884 38.58 0.52 -47.17
CA ALA B 884 38.86 -0.80 -46.63
C ALA B 884 37.87 -1.18 -45.53
N HIS B 885 37.53 -0.21 -44.69
CA HIS B 885 36.66 -0.40 -43.53
C HIS B 885 35.21 -0.65 -43.94
N GLU B 886 34.70 0.17 -44.87
CA GLU B 886 33.33 0.06 -45.36
C GLU B 886 33.11 -1.20 -46.19
N THR B 887 34.13 -1.58 -46.96
CA THR B 887 34.06 -2.78 -47.80
C THR B 887 33.86 -4.04 -46.94
N LEU B 888 34.58 -4.14 -45.83
CA LEU B 888 34.37 -5.26 -44.91
C LEU B 888 32.96 -5.29 -44.36
N ALA B 889 32.47 -4.13 -43.91
CA ALA B 889 31.14 -4.04 -43.34
C ALA B 889 30.11 -4.57 -44.34
N ILE B 890 30.17 -4.07 -45.58
CA ILE B 890 29.18 -4.47 -46.60
C ILE B 890 29.23 -5.98 -46.82
N ALA B 891 30.44 -6.51 -46.91
CA ALA B 891 30.63 -7.95 -47.07
C ALA B 891 29.98 -8.72 -45.92
N MET B 892 30.31 -8.35 -44.67
CA MET B 892 29.81 -9.09 -43.54
C MET B 892 28.28 -9.04 -43.42
N ASN B 893 27.70 -7.86 -43.69
CA ASN B 893 26.24 -7.72 -43.69
C ASN B 893 25.56 -8.53 -44.80
N ARG B 894 26.20 -8.63 -45.97
CA ARG B 894 25.70 -9.49 -47.04
C ARG B 894 25.66 -10.95 -46.58
N LEU B 895 26.68 -11.37 -45.83
CA LEU B 895 26.78 -12.72 -45.30
C LEU B 895 25.79 -13.03 -44.18
N GLY B 896 25.24 -12.00 -43.55
CA GLY B 896 24.49 -12.17 -42.33
C GLY B 896 25.43 -12.46 -41.17
N ALA B 897 26.72 -12.14 -41.36
CA ALA B 897 27.72 -12.22 -40.30
C ALA B 897 27.86 -10.85 -39.63
N LYS B 898 29.04 -10.54 -39.08
CA LYS B 898 29.23 -9.27 -38.39
C LYS B 898 30.60 -8.65 -38.65
N SER B 899 30.61 -7.34 -38.87
CA SER B 899 31.81 -6.53 -38.80
C SER B 899 31.79 -5.64 -37.53
N ASN B 900 32.92 -5.00 -37.24
CA ASN B 900 33.12 -4.30 -36.00
C ASN B 900 33.73 -2.93 -36.29
N SER B 901 33.10 -1.89 -35.79
CA SER B 901 33.70 -0.57 -35.84
C SER B 901 34.62 -0.56 -34.66
N GLY B 902 35.90 -0.85 -34.85
CA GLY B 902 36.92 -0.56 -33.85
C GLY B 902 36.73 0.79 -33.20
N GLU B 903 37.82 1.43 -32.77
CA GLU B 903 37.72 2.49 -31.78
C GLU B 903 37.78 3.91 -32.32
N GLY B 904 37.53 4.09 -33.61
CA GLY B 904 37.50 5.43 -34.18
C GLY B 904 36.13 6.01 -34.50
N GLY B 905 35.07 5.49 -33.87
CA GLY B 905 33.71 5.93 -34.16
C GLY B 905 33.19 5.45 -35.50
N GLU B 906 32.07 6.01 -35.96
CA GLU B 906 31.54 5.66 -37.27
C GLU B 906 30.77 6.83 -37.87
N ASP B 907 30.96 7.02 -39.18
CA ASP B 907 30.25 8.04 -39.95
C ASP B 907 28.77 7.66 -40.01
N VAL B 908 27.91 8.59 -39.58
CA VAL B 908 26.46 8.37 -39.55
C VAL B 908 25.84 8.01 -40.90
N VAL B 909 26.46 8.44 -41.99
CA VAL B 909 25.96 8.12 -43.34
C VAL B 909 25.81 6.60 -43.58
N ARG B 910 26.58 5.83 -42.81
CA ARG B 910 26.64 4.38 -42.93
C ARG B 910 25.44 3.65 -42.32
N TYR B 911 24.70 4.36 -41.48
CA TYR B 911 23.59 3.78 -40.75
C TYR B 911 22.40 3.42 -41.64
N LEU B 912 22.32 4.05 -42.81
CA LEU B 912 21.21 3.82 -43.72
C LEU B 912 21.55 2.82 -44.81
N THR B 913 20.53 2.06 -45.24
CA THR B 913 20.67 1.08 -46.30
C THR B 913 20.81 1.77 -47.68
N LEU B 914 21.67 1.23 -48.53
CA LEU B 914 21.90 1.83 -49.86
C LEU B 914 20.72 1.64 -50.81
N ASP B 915 20.26 2.75 -51.37
CA ASP B 915 19.09 2.85 -52.24
C ASP B 915 19.47 3.17 -53.68
N ASP B 916 20.70 3.64 -53.85
CA ASP B 916 21.03 4.45 -55.02
C ASP B 916 22.12 3.87 -55.91
N VAL B 917 22.32 2.56 -55.85
CA VAL B 917 23.33 1.88 -56.66
C VAL B 917 22.95 1.83 -58.16
N ASP B 918 23.82 2.35 -59.02
CA ASP B 918 23.61 2.27 -60.47
C ASP B 918 24.00 0.91 -61.06
N SER B 919 23.88 0.78 -62.38
CA SER B 919 24.14 -0.48 -63.09
C SER B 919 25.61 -0.93 -63.08
N GLU B 920 26.52 -0.03 -62.72
CA GLU B 920 27.94 -0.35 -62.67
C GLU B 920 28.45 -0.69 -61.26
N GLY B 921 27.54 -0.79 -60.30
CA GLY B 921 27.90 -1.09 -58.91
C GLY B 921 28.32 0.11 -58.07
N ASN B 922 28.06 1.33 -58.57
CA ASN B 922 28.47 2.57 -57.89
C ASN B 922 27.32 3.31 -57.21
N SER B 923 27.60 3.88 -56.04
CA SER B 923 26.61 4.66 -55.30
C SER B 923 27.11 6.10 -55.05
N PRO B 924 26.34 7.10 -55.46
CA PRO B 924 26.64 8.50 -55.11
C PRO B 924 26.83 8.73 -53.61
N THR B 925 26.12 7.96 -52.78
CA THR B 925 26.23 8.03 -51.31
C THR B 925 27.60 7.61 -50.78
N LEU B 926 28.18 6.55 -51.37
CA LEU B 926 29.52 6.08 -51.03
C LEU B 926 30.32 5.88 -52.33
N PRO B 927 30.70 6.99 -52.96
CA PRO B 927 31.25 6.97 -54.33
C PRO B 927 32.66 6.40 -54.45
N HIS B 928 33.36 6.26 -53.33
CA HIS B 928 34.72 5.72 -53.26
C HIS B 928 34.74 4.18 -53.20
N LEU B 929 33.55 3.58 -53.13
CA LEU B 929 33.41 2.11 -53.10
C LEU B 929 33.08 1.53 -54.46
N HIS B 930 33.29 0.22 -54.59
CA HIS B 930 33.09 -0.49 -55.86
C HIS B 930 32.32 -1.79 -55.67
N GLY B 931 31.61 -2.21 -56.72
CA GLY B 931 30.86 -3.46 -56.72
C GLY B 931 29.74 -3.54 -55.70
N LEU B 932 28.97 -2.47 -55.58
CA LEU B 932 27.87 -2.42 -54.62
C LEU B 932 26.59 -2.97 -55.22
N GLN B 933 25.57 -3.18 -54.39
CA GLN B 933 24.24 -3.55 -54.85
C GLN B 933 23.18 -3.03 -53.90
N ASN B 934 21.98 -2.82 -54.42
CA ASN B 934 20.93 -2.11 -53.69
C ASN B 934 20.54 -2.62 -52.28
N GLY B 935 20.69 -3.90 -52.01
CA GLY B 935 20.52 -4.30 -50.59
C GLY B 935 21.56 -3.86 -49.53
N ASP B 936 22.68 -3.31 -49.97
CA ASP B 936 23.86 -3.15 -49.11
C ASP B 936 23.75 -2.18 -47.94
N THR B 937 24.52 -2.47 -46.89
CA THR B 937 24.74 -1.50 -45.82
C THR B 937 26.13 -1.60 -45.23
N ALA B 938 26.73 -0.43 -45.00
CA ALA B 938 28.07 -0.34 -44.46
C ALA B 938 28.05 -0.18 -42.93
N ASN B 939 26.87 -0.33 -42.34
CA ASN B 939 26.71 -0.23 -40.89
C ASN B 939 27.42 -1.35 -40.14
N SER B 940 28.36 -1.00 -39.24
CA SER B 940 29.03 -2.01 -38.40
C SER B 940 28.02 -2.56 -37.40
N ALA B 941 27.75 -3.86 -37.49
CA ALA B 941 26.89 -4.57 -36.52
C ALA B 941 27.39 -4.44 -35.08
N ILE B 942 28.71 -4.51 -34.89
CA ILE B 942 29.32 -4.36 -33.56
C ILE B 942 29.93 -2.97 -33.46
N LYS B 943 29.48 -2.20 -32.47
CA LYS B 943 30.07 -0.89 -32.17
C LYS B 943 30.95 -1.03 -30.94
N GLN B 944 32.17 -0.53 -31.03
CA GLN B 944 33.14 -0.72 -29.97
C GLN B 944 33.17 0.48 -29.03
N ILE B 945 33.32 0.21 -27.74
CA ILE B 945 33.58 1.23 -26.74
C ILE B 945 34.99 0.96 -26.17
N ALA B 946 35.95 1.81 -26.53
CA ALA B 946 37.33 1.71 -26.06
C ALA B 946 37.67 2.86 -25.09
N SER B 947 38.87 2.83 -24.49
CA SER B 947 39.21 3.81 -23.46
C SER B 947 39.17 5.27 -23.92
N GLY B 948 39.38 5.51 -25.21
CA GLY B 948 39.34 6.85 -25.76
C GLY B 948 37.93 7.38 -26.03
N ARG B 949 36.94 6.48 -26.15
CA ARG B 949 35.55 6.89 -26.37
C ARG B 949 35.36 7.73 -27.64
N PHE B 950 36.23 7.55 -28.63
CA PHE B 950 36.18 8.41 -29.80
C PHE B 950 34.88 8.29 -30.56
N GLY B 951 34.43 7.08 -30.88
CA GLY B 951 33.14 7.05 -31.58
C GLY B 951 31.90 7.57 -30.83
N VAL B 952 32.01 7.67 -29.51
CA VAL B 952 30.95 7.15 -28.65
C VAL B 952 29.85 8.13 -28.29
N THR B 953 28.77 7.97 -29.04
CA THR B 953 27.69 8.90 -29.15
C THR B 953 26.41 8.06 -28.93
N PRO B 954 25.29 8.63 -28.43
CA PRO B 954 24.03 7.85 -28.31
C PRO B 954 23.56 7.17 -29.61
N GLU B 955 23.57 7.89 -30.72
CA GLU B 955 23.08 7.32 -31.96
C GLU B 955 24.04 6.21 -32.49
N TYR B 956 25.33 6.34 -32.21
CA TYR B 956 26.35 5.32 -32.51
C TYR B 956 26.02 4.02 -31.73
N LEU B 957 25.80 4.15 -30.44
CA LEU B 957 25.42 3.00 -29.60
C LEU B 957 24.09 2.38 -30.03
N MET B 958 23.15 3.21 -30.48
CA MET B 958 21.85 2.72 -30.94
C MET B 958 21.94 2.06 -32.33
N SER B 959 22.99 2.35 -33.08
CA SER B 959 23.15 1.78 -34.42
C SER B 959 23.76 0.38 -34.36
N GLY B 960 24.26 -0.02 -33.20
CA GLY B 960 24.87 -1.33 -33.06
C GLY B 960 23.87 -2.43 -32.70
N LYS B 961 23.98 -3.57 -33.40
CA LYS B 961 23.29 -4.80 -32.97
C LYS B 961 23.95 -5.33 -31.70
N GLN B 962 25.27 -5.14 -31.58
CA GLN B 962 26.03 -5.53 -30.40
C GLN B 962 27.01 -4.42 -30.06
N LEU B 963 27.45 -4.40 -28.80
CA LEU B 963 28.35 -3.37 -28.28
C LEU B 963 29.53 -4.04 -27.59
N GLU B 964 30.74 -3.70 -28.02
CA GLU B 964 31.94 -4.36 -27.49
C GLU B 964 32.70 -3.42 -26.59
N ILE B 965 32.94 -3.84 -25.35
CA ILE B 965 33.89 -3.12 -24.49
C ILE B 965 35.29 -3.69 -24.75
N LYS B 966 36.18 -2.88 -25.33
CA LYS B 966 37.52 -3.34 -25.65
C LYS B 966 38.49 -3.11 -24.47
N MET B 967 38.87 -4.17 -23.76
CA MET B 967 39.80 -3.99 -22.62
C MET B 967 41.24 -4.01 -23.12
N ALA B 968 41.49 -4.85 -24.12
CA ALA B 968 42.84 -5.06 -24.62
C ALA B 968 42.81 -5.69 -26.00
N GLN B 969 43.88 -5.48 -26.75
CA GLN B 969 44.09 -6.16 -28.02
C GLN B 969 45.41 -6.94 -27.98
N GLY B 970 45.49 -8.01 -28.78
CA GLY B 970 46.57 -8.98 -28.67
C GLY B 970 47.95 -8.41 -28.94
N ALA B 971 48.00 -7.43 -29.84
CA ALA B 971 49.28 -6.78 -30.16
C ALA B 971 49.91 -5.98 -29.01
N LYS B 972 49.09 -5.31 -28.20
CA LYS B 972 49.65 -4.46 -27.15
C LYS B 972 48.73 -4.40 -25.92
N PRO B 973 48.56 -5.54 -25.26
CA PRO B 973 47.60 -5.62 -24.15
C PRO B 973 47.85 -4.69 -22.96
N GLY B 974 49.06 -4.34 -22.55
CA GLY B 974 48.92 -3.36 -21.44
C GLY B 974 48.42 -1.91 -21.73
N GLU B 975 48.04 -1.64 -22.98
CA GLU B 975 48.16 -0.26 -23.50
C GLU B 975 46.90 0.25 -24.19
N GLY B 976 46.86 1.55 -24.47
CA GLY B 976 45.76 2.15 -25.18
C GLY B 976 46.05 2.11 -26.67
N GLY B 977 44.99 2.25 -27.47
CA GLY B 977 45.10 2.44 -28.91
C GLY B 977 46.02 3.61 -29.24
N GLN B 978 46.51 3.57 -30.48
CA GLN B 978 47.56 4.41 -30.95
C GLN B 978 47.22 4.81 -32.38
N LEU B 979 47.10 6.11 -32.67
CA LEU B 979 46.99 6.56 -34.07
C LEU B 979 47.95 7.71 -34.30
N PRO B 980 48.95 7.49 -35.16
CA PRO B 980 49.92 8.53 -35.49
C PRO B 980 49.19 9.79 -36.00
N GLY B 981 49.66 10.98 -35.60
CA GLY B 981 49.04 12.24 -35.98
C GLY B 981 48.96 12.48 -37.46
N LYS B 982 49.94 11.97 -38.21
CA LYS B 982 49.89 12.04 -39.67
C LYS B 982 48.67 11.34 -40.30
N LYS B 983 48.07 10.39 -39.57
CA LYS B 983 46.86 9.71 -40.04
C LYS B 983 45.55 10.35 -39.55
N VAL B 984 45.66 11.33 -38.65
CA VAL B 984 44.48 12.05 -38.17
C VAL B 984 44.18 13.17 -39.17
N SER B 985 43.45 12.79 -40.23
CA SER B 985 43.01 13.72 -41.26
C SER B 985 41.84 14.56 -40.73
N GLU B 986 41.42 15.56 -41.51
CA GLU B 986 40.24 16.36 -41.13
C GLU B 986 39.02 15.46 -40.92
N TYR B 987 38.89 14.44 -41.77
CA TYR B 987 37.78 13.49 -41.68
C TYR B 987 37.84 12.70 -40.36
N ILE B 988 39.02 12.17 -40.03
CA ILE B 988 39.20 11.45 -38.77
C ILE B 988 38.95 12.37 -37.55
N ALA B 989 39.45 13.59 -37.61
CA ALA B 989 39.32 14.50 -36.47
C ALA B 989 37.83 14.78 -36.23
N MET B 990 37.05 14.80 -37.31
CA MET B 990 35.61 15.04 -37.29
C MET B 990 34.85 13.88 -36.63
N LEU B 991 35.12 12.65 -37.06
CA LEU B 991 34.56 11.46 -36.44
C LEU B 991 34.90 11.34 -34.94
N ARG B 992 36.15 11.65 -34.61
CA ARG B 992 36.64 11.51 -33.23
C ARG B 992 36.46 12.74 -32.34
N ARG B 993 36.01 13.84 -32.94
CA ARG B 993 35.94 15.16 -32.27
C ARG B 993 37.31 15.47 -31.59
N SER B 994 38.36 15.42 -32.39
CA SER B 994 39.70 15.71 -31.90
C SER B 994 40.32 16.74 -32.86
N LYS B 995 41.58 17.09 -32.64
CA LYS B 995 42.25 18.11 -33.46
C LYS B 995 43.04 17.48 -34.64
N PRO B 996 42.80 17.95 -35.87
CA PRO B 996 43.46 17.39 -37.07
C PRO B 996 44.98 17.11 -36.99
N GLY B 997 45.80 17.95 -36.38
CA GLY B 997 47.22 17.54 -36.41
C GLY B 997 47.71 16.30 -35.62
N VAL B 998 46.90 15.87 -34.66
CA VAL B 998 47.46 15.45 -33.39
C VAL B 998 47.39 13.94 -33.12
N THR B 999 48.56 13.35 -32.88
CA THR B 999 48.68 11.96 -32.44
C THR B 999 47.70 11.68 -31.29
N LEU B 1000 46.91 10.61 -31.43
CA LEU B 1000 46.02 10.12 -30.39
C LEU B 1000 46.56 8.86 -29.72
N ILE B 1001 47.10 9.02 -28.52
CA ILE B 1001 47.39 7.85 -27.70
C ILE B 1001 46.27 7.74 -26.68
N SER B 1002 45.47 6.69 -26.79
CA SER B 1002 44.33 6.55 -25.89
C SER B 1002 44.84 6.19 -24.50
N PRO B 1003 44.07 6.49 -23.47
CA PRO B 1003 44.44 6.08 -22.10
C PRO B 1003 44.57 4.56 -22.09
N PRO B 1004 45.57 3.99 -21.42
CA PRO B 1004 45.60 2.54 -21.19
C PRO B 1004 44.36 1.98 -20.47
N PRO B 1005 43.90 2.56 -19.36
CA PRO B 1005 42.65 2.06 -18.77
C PRO B 1005 41.38 2.74 -19.35
N HIS B 1006 40.22 2.09 -19.30
CA HIS B 1006 38.96 2.82 -19.28
C HIS B 1006 38.87 3.50 -17.90
N HIS B 1007 38.76 4.82 -17.86
CA HIS B 1007 38.78 5.52 -16.57
C HIS B 1007 37.51 5.30 -15.79
N ASP B 1008 36.65 4.58 -16.49
CA ASP B 1008 35.41 3.94 -16.14
C ASP B 1008 35.47 2.59 -15.43
N ILE B 1009 36.61 1.94 -15.52
CA ILE B 1009 36.68 0.51 -15.13
C ILE B 1009 38.00 0.28 -14.38
N TYR B 1010 37.90 0.32 -13.06
CA TYR B 1010 39.06 0.14 -12.18
C TYR B 1010 38.90 -1.14 -11.33
N SER B 1011 37.84 -1.91 -11.60
CA SER B 1011 37.48 -3.11 -10.86
C SER B 1011 36.36 -3.85 -11.59
N ILE B 1012 36.12 -5.09 -11.18
CA ILE B 1012 35.01 -5.86 -11.75
C ILE B 1012 33.65 -5.18 -11.58
N GLU B 1013 33.40 -4.57 -10.43
CA GLU B 1013 32.10 -3.95 -10.22
C GLU B 1013 31.91 -2.71 -11.13
N ASP B 1014 33.02 -2.05 -11.49
CA ASP B 1014 32.96 -0.92 -12.42
C ASP B 1014 32.66 -1.39 -13.85
N LEU B 1015 33.23 -2.52 -14.24
CA LEU B 1015 32.89 -3.15 -15.52
C LEU B 1015 31.40 -3.50 -15.55
N ALA B 1016 30.90 -4.08 -14.47
CA ALA B 1016 29.46 -4.35 -14.35
C ALA B 1016 28.62 -3.08 -14.53
N GLN B 1017 29.11 -1.96 -13.98
CA GLN B 1017 28.46 -0.67 -14.18
C GLN B 1017 28.43 -0.26 -15.66
N LEU B 1018 29.55 -0.40 -16.37
CA LEU B 1018 29.56 -0.02 -17.80
C LEU B 1018 28.65 -0.94 -18.60
N ILE B 1019 28.70 -2.22 -18.31
CA ILE B 1019 27.77 -3.18 -18.94
C ILE B 1019 26.31 -2.77 -18.67
N TYR B 1020 26.03 -2.40 -17.43
CA TYR B 1020 24.72 -1.89 -17.06
C TYR B 1020 24.35 -0.65 -17.88
N ASP B 1021 25.29 0.29 -18.04
CA ASP B 1021 25.04 1.53 -18.81
C ASP B 1021 24.69 1.23 -20.27
N LEU B 1022 25.35 0.22 -20.84
CA LEU B 1022 25.11 -0.15 -22.24
C LEU B 1022 23.76 -0.84 -22.43
N HIS B 1023 23.44 -1.80 -21.56
CA HIS B 1023 22.11 -2.42 -21.56
C HIS B 1023 21.04 -1.35 -21.27
N GLN B 1024 21.41 -0.35 -20.48
CA GLN B 1024 20.49 0.73 -20.18
C GLN B 1024 20.11 1.54 -21.44
N ILE B 1025 21.09 2.00 -22.21
CA ILE B 1025 20.79 2.82 -23.39
C ILE B 1025 20.16 1.99 -24.51
N ASN B 1026 20.65 0.75 -24.68
CA ASN B 1026 20.21 -0.13 -25.76
C ASN B 1026 19.99 -1.55 -25.23
N PRO B 1027 18.82 -1.77 -24.62
CA PRO B 1027 18.48 -3.04 -23.95
C PRO B 1027 18.46 -4.23 -24.89
N GLU B 1028 18.32 -3.98 -26.20
CA GLU B 1028 18.28 -5.02 -27.22
C GLU B 1028 19.67 -5.48 -27.71
N ALA B 1029 20.72 -4.75 -27.35
CA ALA B 1029 22.06 -5.10 -27.84
C ALA B 1029 22.84 -6.00 -26.88
N GLN B 1030 23.39 -7.09 -27.41
CA GLN B 1030 24.30 -7.94 -26.64
C GLN B 1030 25.58 -7.16 -26.38
N VAL B 1031 26.12 -7.32 -25.18
CA VAL B 1031 27.36 -6.66 -24.80
C VAL B 1031 28.54 -7.65 -24.74
N SER B 1032 29.58 -7.45 -25.54
CA SER B 1032 30.79 -8.26 -25.40
C SER B 1032 31.87 -7.51 -24.64
N VAL B 1033 32.79 -8.29 -24.06
CA VAL B 1033 33.98 -7.74 -23.42
C VAL B 1033 35.16 -8.44 -24.08
N LYS B 1034 36.06 -7.65 -24.65
CA LYS B 1034 37.21 -8.18 -25.36
C LYS B 1034 38.43 -8.22 -24.45
N LEU B 1035 38.93 -9.43 -24.23
CA LEU B 1035 40.08 -9.70 -23.37
C LEU B 1035 41.19 -10.32 -24.21
N VAL B 1036 42.41 -10.26 -23.70
CA VAL B 1036 43.56 -10.91 -24.32
C VAL B 1036 44.04 -12.07 -23.44
N ALA B 1037 44.36 -13.19 -24.07
CA ALA B 1037 44.82 -14.38 -23.38
C ALA B 1037 46.06 -14.12 -22.53
N GLU B 1038 46.06 -14.67 -21.31
CA GLU B 1038 47.22 -14.70 -20.41
C GLU B 1038 46.73 -15.49 -19.24
N ILE B 1039 47.62 -16.15 -18.52
CA ILE B 1039 47.20 -16.88 -17.33
C ILE B 1039 46.40 -15.92 -16.43
N GLY B 1040 45.29 -16.40 -15.87
CA GLY B 1040 44.42 -15.54 -15.05
C GLY B 1040 43.20 -14.98 -15.79
N ILE B 1041 43.19 -15.09 -17.11
CA ILE B 1041 41.97 -14.73 -17.87
C ILE B 1041 40.73 -15.56 -17.44
N GLY B 1042 40.94 -16.78 -16.92
CA GLY B 1042 39.83 -17.63 -16.52
C GLY B 1042 39.03 -17.00 -15.39
N THR B 1043 39.75 -16.68 -14.33
CA THR B 1043 39.22 -15.97 -13.17
C THR B 1043 38.54 -14.64 -13.60
N ILE B 1044 39.22 -13.88 -14.44
CA ILE B 1044 38.66 -12.63 -14.93
C ILE B 1044 37.35 -12.86 -15.70
N ALA B 1045 37.34 -13.82 -16.63
CA ALA B 1045 36.13 -14.16 -17.41
C ALA B 1045 34.97 -14.57 -16.52
N ALA B 1046 35.25 -15.31 -15.45
CA ALA B 1046 34.18 -15.64 -14.48
C ALA B 1046 33.57 -14.37 -13.85
N GLY B 1047 34.40 -13.40 -13.48
CA GLY B 1047 33.92 -12.10 -13.03
C GLY B 1047 33.07 -11.44 -14.12
N VAL B 1048 33.57 -11.48 -15.35
CA VAL B 1048 32.90 -10.85 -16.49
C VAL B 1048 31.49 -11.46 -16.70
N ALA B 1049 31.37 -12.79 -16.63
CA ALA B 1049 30.04 -13.43 -16.69
C ALA B 1049 29.12 -12.98 -15.53
N LYS B 1050 29.68 -12.90 -14.32
CA LYS B 1050 28.90 -12.42 -13.18
C LYS B 1050 28.52 -10.93 -13.31
N ALA B 1051 29.28 -10.20 -14.11
CA ALA B 1051 29.02 -8.79 -14.39
C ALA B 1051 27.94 -8.53 -15.47
N ASN B 1052 27.24 -9.59 -15.89
CA ASN B 1052 26.12 -9.54 -16.84
C ASN B 1052 26.51 -9.36 -18.32
N ALA B 1053 27.76 -9.63 -18.67
CA ALA B 1053 28.13 -9.62 -20.10
C ALA B 1053 27.41 -10.73 -20.88
N ASP B 1054 27.13 -10.49 -22.15
CA ASP B 1054 26.49 -11.47 -23.04
C ASP B 1054 27.52 -12.30 -23.80
N ILE B 1055 28.69 -11.71 -24.03
CA ILE B 1055 29.72 -12.31 -24.89
C ILE B 1055 31.09 -11.98 -24.33
N ILE B 1056 32.00 -12.95 -24.40
CA ILE B 1056 33.42 -12.70 -24.10
C ILE B 1056 34.26 -13.07 -25.29
N GLN B 1057 35.07 -12.13 -25.75
CA GLN B 1057 36.01 -12.41 -26.81
C GLN B 1057 37.42 -12.58 -26.22
N ILE B 1058 38.07 -13.69 -26.57
CA ILE B 1058 39.46 -13.95 -26.18
C ILE B 1058 40.36 -13.69 -27.39
N SER B 1059 41.25 -12.69 -27.30
CA SER B 1059 42.16 -12.39 -28.40
C SER B 1059 43.54 -12.94 -28.12
N GLY B 1060 44.14 -13.58 -29.12
CA GLY B 1060 45.48 -14.13 -28.98
C GLY B 1060 46.59 -13.11 -29.17
N HIS B 1061 47.79 -13.44 -28.67
CA HIS B 1061 48.98 -12.57 -28.69
C HIS B 1061 49.38 -12.19 -30.11
N ASP B 1062 48.80 -12.96 -31.02
CA ASP B 1062 49.04 -13.03 -32.44
C ASP B 1062 48.49 -11.91 -33.35
N GLY B 1063 47.45 -11.24 -32.84
CA GLY B 1063 46.61 -10.36 -33.62
C GLY B 1063 47.32 -9.15 -34.21
N GLY B 1064 46.80 -8.70 -35.36
CA GLY B 1064 47.34 -7.54 -36.06
C GLY B 1064 47.06 -6.22 -35.36
N THR B 1065 47.56 -5.15 -35.97
CA THR B 1065 47.46 -3.80 -35.43
C THR B 1065 47.96 -2.84 -36.48
N GLY B 1066 47.46 -1.60 -36.43
CA GLY B 1066 47.93 -0.58 -37.34
C GLY B 1066 49.13 0.18 -36.79
N ALA B 1067 49.41 0.06 -35.49
CA ALA B 1067 50.56 0.71 -34.84
C ALA B 1067 50.65 0.23 -33.39
N SER B 1068 51.76 -0.42 -33.04
CA SER B 1068 52.06 -0.86 -31.67
C SER B 1068 53.57 -0.82 -31.47
N PRO B 1069 54.03 -0.72 -30.22
CA PRO B 1069 55.45 -0.96 -29.92
C PRO B 1069 55.84 -2.36 -30.36
N LEU B 1070 57.00 -2.45 -30.99
CA LEU B 1070 57.58 -3.72 -31.45
C LEU B 1070 57.79 -4.66 -30.28
N SER B 1071 58.17 -4.10 -29.13
CA SER B 1071 58.33 -4.88 -27.89
C SER B 1071 57.01 -5.56 -27.51
N SER B 1072 55.92 -4.82 -27.52
CA SER B 1072 54.59 -5.37 -27.16
C SER B 1072 54.12 -6.44 -28.15
N ILE B 1073 54.37 -6.22 -29.44
CA ILE B 1073 54.02 -7.21 -30.47
C ILE B 1073 54.71 -8.55 -30.20
N LYS B 1074 55.97 -8.47 -29.76
CA LYS B 1074 56.78 -9.67 -29.55
C LYS B 1074 56.70 -10.26 -28.13
N HIS B 1075 56.32 -9.46 -27.15
CA HIS B 1075 56.51 -9.89 -25.76
C HIS B 1075 55.33 -9.80 -24.79
N ALA B 1076 54.18 -9.29 -25.23
CA ALA B 1076 53.08 -9.16 -24.29
C ALA B 1076 51.85 -9.87 -24.82
N GLY B 1077 51.30 -10.79 -24.01
CA GLY B 1077 50.12 -11.56 -24.40
C GLY B 1077 50.46 -13.03 -24.68
N SER B 1078 49.48 -13.91 -24.52
CA SER B 1078 49.66 -15.35 -24.69
C SER B 1078 48.81 -15.92 -25.84
N PRO B 1079 49.12 -17.15 -26.30
CA PRO B 1079 48.33 -17.81 -27.37
C PRO B 1079 46.84 -17.92 -27.03
N TRP B 1080 45.98 -17.75 -28.02
CA TRP B 1080 44.55 -17.91 -27.75
C TRP B 1080 44.21 -19.33 -27.33
N GLU B 1081 44.98 -20.33 -27.80
CA GLU B 1081 44.71 -21.72 -27.41
C GLU B 1081 44.62 -21.81 -25.89
N LEU B 1082 45.58 -21.18 -25.21
CA LEU B 1082 45.60 -21.18 -23.74
C LEU B 1082 44.46 -20.35 -23.15
N GLY B 1083 44.20 -19.17 -23.73
CA GLY B 1083 43.10 -18.32 -23.27
C GLY B 1083 41.70 -18.89 -23.42
N VAL B 1084 41.37 -19.44 -24.59
CA VAL B 1084 39.98 -19.87 -24.90
C VAL B 1084 39.67 -21.07 -24.02
N THR B 1085 40.65 -21.95 -23.99
CA THR B 1085 40.62 -23.16 -23.21
C THR B 1085 40.49 -22.85 -21.69
N GLU B 1086 41.27 -21.89 -21.19
CA GLU B 1086 41.21 -21.49 -19.77
C GLU B 1086 39.84 -20.87 -19.44
N VAL B 1087 39.36 -19.97 -20.30
CA VAL B 1087 38.05 -19.35 -20.09
C VAL B 1087 36.92 -20.39 -20.16
N HIS B 1088 36.96 -21.24 -21.19
CA HIS B 1088 35.93 -22.27 -21.31
C HIS B 1088 35.87 -23.17 -20.07
N ARG B 1089 37.03 -23.64 -19.62
CA ARG B 1089 37.15 -24.53 -18.44
C ARG B 1089 36.63 -23.86 -17.16
N VAL B 1090 37.08 -22.63 -16.91
CA VAL B 1090 36.73 -21.95 -15.65
C VAL B 1090 35.24 -21.61 -15.58
N LEU B 1091 34.68 -21.17 -16.70
CA LEU B 1091 33.25 -20.86 -16.77
C LEU B 1091 32.39 -22.10 -16.56
N MET B 1092 32.81 -23.20 -17.18
CA MET B 1092 32.11 -24.47 -17.00
C MET B 1092 32.12 -24.96 -15.56
N GLU B 1093 33.27 -24.86 -14.91
CA GLU B 1093 33.42 -25.39 -13.56
C GLU B 1093 32.66 -24.53 -12.53
N ASN B 1094 32.44 -23.25 -12.86
CA ASN B 1094 31.66 -22.34 -12.01
C ASN B 1094 30.17 -22.33 -12.39
N GLN B 1095 29.80 -23.17 -13.35
CA GLN B 1095 28.44 -23.24 -13.90
C GLN B 1095 27.96 -21.89 -14.46
N LEU B 1096 28.89 -21.18 -15.11
CA LEU B 1096 28.66 -19.86 -15.68
C LEU B 1096 28.68 -19.87 -17.22
N ARG B 1097 28.95 -21.03 -17.82
CA ARG B 1097 29.19 -21.14 -19.27
C ARG B 1097 28.01 -20.72 -20.14
N ASP B 1098 26.79 -20.98 -19.67
CA ASP B 1098 25.58 -20.61 -20.40
C ASP B 1098 25.34 -19.10 -20.45
N ARG B 1099 26.02 -18.35 -19.59
CA ARG B 1099 25.80 -16.90 -19.49
C ARG B 1099 26.48 -16.09 -20.60
N VAL B 1100 27.48 -16.68 -21.25
CA VAL B 1100 28.22 -15.96 -22.28
C VAL B 1100 28.47 -16.81 -23.50
N LEU B 1101 28.50 -16.18 -24.67
CA LEU B 1101 29.04 -16.81 -25.87
C LEU B 1101 30.54 -16.46 -25.96
N LEU B 1102 31.37 -17.42 -26.35
CA LEU B 1102 32.81 -17.22 -26.43
C LEU B 1102 33.25 -16.99 -27.87
N ARG B 1103 33.92 -15.87 -28.11
CA ARG B 1103 34.49 -15.54 -29.41
C ARG B 1103 36.02 -15.59 -29.30
N ALA B 1104 36.67 -16.05 -30.35
CA ALA B 1104 38.15 -16.08 -30.39
C ALA B 1104 38.73 -15.42 -31.65
N ASP B 1105 39.88 -14.75 -31.51
CA ASP B 1105 40.63 -14.27 -32.67
C ASP B 1105 42.15 -14.28 -32.42
N GLY B 1106 42.91 -13.96 -33.45
CA GLY B 1106 44.36 -14.02 -33.41
C GLY B 1106 44.90 -15.10 -34.32
N GLY B 1107 45.35 -14.68 -35.50
CA GLY B 1107 45.96 -15.57 -36.48
C GLY B 1107 45.01 -16.59 -37.15
N LEU B 1108 43.71 -16.36 -37.11
CA LEU B 1108 42.76 -17.26 -37.76
C LEU B 1108 42.71 -16.95 -39.25
N LYS B 1109 42.80 -18.00 -40.05
CA LYS B 1109 42.92 -17.87 -41.49
C LYS B 1109 42.06 -18.88 -42.18
N THR B 1110 41.86 -20.02 -41.54
CA THR B 1110 41.57 -21.26 -42.26
C THR B 1110 40.40 -22.05 -41.59
N GLY B 1111 39.73 -22.92 -42.35
CA GLY B 1111 38.72 -23.80 -41.78
C GLY B 1111 39.21 -24.66 -40.64
N TRP B 1112 40.45 -25.16 -40.77
CA TRP B 1112 41.12 -25.93 -39.73
C TRP B 1112 41.30 -25.09 -38.44
N ASP B 1113 41.67 -23.82 -38.60
CA ASP B 1113 41.80 -22.87 -37.49
C ASP B 1113 40.46 -22.74 -36.73
N VAL B 1114 39.37 -22.59 -37.48
CA VAL B 1114 38.04 -22.44 -36.91
C VAL B 1114 37.64 -23.71 -36.13
N VAL B 1115 37.89 -24.88 -36.70
CA VAL B 1115 37.51 -26.15 -36.07
C VAL B 1115 38.30 -26.37 -34.78
N MET B 1116 39.59 -26.02 -34.82
CA MET B 1116 40.45 -26.04 -33.63
C MET B 1116 39.93 -25.11 -32.54
N ALA B 1117 39.52 -23.91 -32.95
CA ALA B 1117 38.99 -22.95 -31.98
C ALA B 1117 37.69 -23.48 -31.37
N ALA B 1118 36.85 -24.08 -32.22
CA ALA B 1118 35.57 -24.64 -31.80
C ALA B 1118 35.77 -25.76 -30.78
N LEU B 1119 36.66 -26.70 -31.12
CA LEU B 1119 36.97 -27.81 -30.20
C LEU B 1119 37.46 -27.31 -28.84
N MET B 1120 38.21 -26.21 -28.83
CA MET B 1120 38.71 -25.65 -27.58
C MET B 1120 37.68 -24.80 -26.79
N GLY B 1121 36.50 -24.57 -27.39
CA GLY B 1121 35.42 -23.89 -26.69
C GLY B 1121 34.78 -22.69 -27.37
N ALA B 1122 35.33 -22.19 -28.47
CA ALA B 1122 34.78 -20.96 -29.08
C ALA B 1122 33.59 -21.23 -30.02
N GLU B 1123 32.59 -20.39 -29.91
CA GLU B 1123 31.38 -20.44 -30.74
C GLU B 1123 31.41 -19.46 -31.91
N GLU B 1124 32.21 -18.41 -31.83
CA GLU B 1124 32.38 -17.46 -32.94
C GLU B 1124 33.87 -17.14 -33.14
N TYR B 1125 34.21 -16.65 -34.32
CA TYR B 1125 35.57 -16.63 -34.81
C TYR B 1125 35.81 -15.30 -35.52
N GLY B 1126 36.84 -14.58 -35.06
CA GLY B 1126 37.15 -13.25 -35.55
C GLY B 1126 38.37 -13.25 -36.47
N PHE B 1127 38.31 -12.40 -37.49
CA PHE B 1127 39.35 -12.32 -38.51
C PHE B 1127 39.69 -10.85 -38.78
N GLY B 1128 40.95 -10.48 -38.59
CA GLY B 1128 41.40 -9.13 -38.87
C GLY B 1128 42.31 -9.07 -40.08
N SER B 1129 43.60 -9.36 -39.86
CA SER B 1129 44.63 -9.32 -40.91
C SER B 1129 44.23 -10.06 -42.20
N ILE B 1130 43.71 -11.29 -42.07
CA ILE B 1130 43.36 -12.07 -43.25
C ILE B 1130 42.22 -11.44 -44.07
N ALA B 1131 41.30 -10.78 -43.37
CA ALA B 1131 40.21 -10.08 -44.07
C ALA B 1131 40.76 -8.92 -44.90
N MET B 1132 41.74 -8.22 -44.31
CA MET B 1132 42.42 -7.13 -44.99
C MET B 1132 43.14 -7.67 -46.22
N ILE B 1133 43.74 -8.86 -46.10
CA ILE B 1133 44.40 -9.50 -47.25
C ILE B 1133 43.41 -9.81 -48.37
N ALA B 1134 42.26 -10.38 -48.02
CA ALA B 1134 41.21 -10.67 -48.99
C ALA B 1134 40.76 -9.41 -49.74
N GLU B 1135 40.93 -8.26 -49.09
CA GLU B 1135 40.63 -6.92 -49.59
C GLU B 1135 41.77 -6.26 -50.37
N GLY B 1136 42.95 -6.88 -50.39
CA GLY B 1136 44.04 -6.34 -51.18
C GLY B 1136 45.32 -5.99 -50.43
N CYS B 1137 45.33 -6.11 -49.11
CA CYS B 1137 46.57 -5.96 -48.34
C CYS B 1137 47.63 -6.94 -48.88
N ILE B 1138 48.84 -6.41 -49.11
CA ILE B 1138 49.99 -7.19 -49.59
C ILE B 1138 51.09 -7.35 -48.54
N MET B 1139 50.72 -7.14 -47.28
CA MET B 1139 51.63 -7.36 -46.16
C MET B 1139 52.93 -6.52 -46.28
N ALA B 1140 52.79 -5.25 -46.69
CA ALA B 1140 53.93 -4.34 -46.75
C ALA B 1140 54.45 -4.04 -45.34
N ARG B 1141 53.53 -4.12 -44.36
CA ARG B 1141 53.83 -3.79 -42.97
C ARG B 1141 54.37 -2.38 -42.79
N VAL B 1142 53.67 -1.42 -43.39
CA VAL B 1142 53.97 -0.01 -43.15
C VAL B 1142 52.69 0.69 -42.71
N CYS B 1143 51.80 -0.05 -42.03
CA CYS B 1143 50.50 0.47 -41.62
C CYS B 1143 50.60 1.74 -40.79
N HIS B 1144 51.62 1.83 -39.94
CA HIS B 1144 51.77 2.93 -38.97
C HIS B 1144 52.36 4.19 -39.60
N THR B 1145 52.67 4.06 -40.87
CA THR B 1145 53.48 4.98 -41.61
C THR B 1145 52.61 5.94 -42.52
N ASN B 1146 51.35 5.56 -42.73
CA ASN B 1146 50.43 6.23 -43.67
C ASN B 1146 50.76 6.05 -45.16
N ASN B 1147 51.76 5.22 -45.46
CA ASN B 1147 52.19 5.01 -46.84
C ASN B 1147 51.74 3.69 -47.48
N CYS B 1148 50.73 3.02 -46.90
CA CYS B 1148 50.26 1.74 -47.42
C CYS B 1148 50.09 1.81 -48.96
N PRO B 1149 50.79 0.94 -49.72
CA PRO B 1149 50.81 1.03 -51.18
C PRO B 1149 49.54 0.57 -51.92
N VAL B 1150 48.55 0.13 -51.17
CA VAL B 1150 47.40 -0.53 -51.74
C VAL B 1150 46.09 0.13 -51.20
N GLY B 1151 46.26 1.20 -50.43
CA GLY B 1151 45.16 2.04 -50.01
C GLY B 1151 44.31 1.49 -48.90
N VAL B 1152 44.89 0.56 -48.13
CA VAL B 1152 44.15 -0.13 -47.08
C VAL B 1152 44.36 0.54 -45.72
N ALA B 1153 45.61 0.71 -45.30
CA ALA B 1153 45.95 1.25 -43.99
C ALA B 1153 46.51 2.69 -44.08
N THR B 1154 45.80 3.54 -44.79
CA THR B 1154 46.27 4.90 -45.08
C THR B 1154 45.11 5.86 -45.19
N GLN B 1155 45.35 7.10 -44.75
CA GLN B 1155 44.41 8.17 -44.97
C GLN B 1155 44.80 9.09 -46.14
N GLN B 1156 45.93 8.80 -46.81
CA GLN B 1156 46.36 9.61 -47.96
C GLN B 1156 45.33 9.42 -49.07
N GLU B 1157 44.71 10.51 -49.53
CA GLU B 1157 43.67 10.47 -50.57
C GLU B 1157 44.15 9.80 -51.85
N ARG B 1158 45.36 10.18 -52.26
CA ARG B 1158 45.97 9.66 -53.47
C ARG B 1158 46.36 8.17 -53.37
N LEU B 1159 46.46 7.63 -52.15
CA LEU B 1159 46.71 6.20 -51.97
C LEU B 1159 45.39 5.40 -51.87
N ARG B 1160 44.42 5.95 -51.15
CA ARG B 1160 43.06 5.40 -51.10
C ARG B 1160 42.45 5.13 -52.49
N GLN B 1161 42.79 5.96 -53.47
CA GLN B 1161 42.35 5.81 -54.85
C GLN B 1161 42.82 4.49 -55.48
N ARG B 1162 43.89 3.92 -54.94
CA ARG B 1162 44.38 2.64 -55.45
C ARG B 1162 43.52 1.46 -54.97
N PHE B 1163 42.71 1.67 -53.93
CA PHE B 1163 41.94 0.58 -53.35
C PHE B 1163 41.04 -0.03 -54.39
N LYS B 1164 41.42 -1.24 -54.76
CA LYS B 1164 40.57 -2.16 -55.45
C LYS B 1164 40.18 -3.06 -54.31
N GLY B 1165 38.99 -3.61 -54.42
CA GLY B 1165 38.40 -4.29 -53.30
C GLY B 1165 36.93 -4.07 -53.55
N VAL B 1166 36.22 -5.18 -53.75
CA VAL B 1166 34.77 -5.15 -53.76
C VAL B 1166 34.32 -6.06 -52.61
N PRO B 1167 33.19 -5.76 -52.00
CA PRO B 1167 32.66 -6.62 -50.93
C PRO B 1167 32.55 -8.10 -51.31
N GLY B 1168 32.18 -8.38 -52.56
CA GLY B 1168 32.10 -9.74 -53.07
C GLY B 1168 33.36 -10.59 -52.90
N GLN B 1169 34.53 -9.96 -52.96
CA GLN B 1169 35.81 -10.64 -52.73
C GLN B 1169 35.91 -11.23 -51.34
N VAL B 1170 35.51 -10.47 -50.33
CA VAL B 1170 35.62 -10.99 -48.97
C VAL B 1170 34.47 -11.95 -48.64
N VAL B 1171 33.32 -11.73 -49.26
CA VAL B 1171 32.23 -12.70 -49.22
C VAL B 1171 32.76 -14.06 -49.69
N ASN B 1172 33.43 -14.06 -50.85
CA ASN B 1172 33.99 -15.31 -51.39
C ASN B 1172 35.01 -15.94 -50.47
N PHE B 1173 35.85 -15.12 -49.85
CA PHE B 1173 36.84 -15.62 -48.89
C PHE B 1173 36.19 -16.44 -47.80
N PHE B 1174 35.19 -15.86 -47.12
CA PHE B 1174 34.53 -16.56 -46.02
C PHE B 1174 33.77 -17.82 -46.46
N TYR B 1175 33.27 -17.82 -47.69
CA TYR B 1175 32.71 -19.05 -48.25
C TYR B 1175 33.77 -20.15 -48.41
N PHE B 1176 34.99 -19.77 -48.84
CA PHE B 1176 36.10 -20.75 -48.94
C PHE B 1176 36.34 -21.42 -47.56
N ILE B 1177 36.42 -20.60 -46.52
CA ILE B 1177 36.69 -21.04 -45.15
C ILE B 1177 35.58 -21.94 -44.60
N ALA B 1178 34.35 -21.50 -44.84
CA ALA B 1178 33.16 -22.24 -44.42
C ALA B 1178 33.04 -23.61 -45.12
N GLU B 1179 33.44 -23.68 -46.38
CA GLU B 1179 33.48 -24.97 -47.07
C GLU B 1179 34.51 -25.94 -46.49
N GLU B 1180 35.65 -25.40 -46.08
CA GLU B 1180 36.66 -26.21 -45.39
C GLU B 1180 36.15 -26.70 -44.04
N VAL B 1181 35.45 -25.83 -43.30
CA VAL B 1181 34.79 -26.27 -42.07
C VAL B 1181 33.85 -27.44 -42.36
N ARG B 1182 33.11 -27.35 -43.46
CA ARG B 1182 32.16 -28.40 -43.83
C ARG B 1182 32.85 -29.74 -44.05
N SER B 1183 34.01 -29.70 -44.75
CA SER B 1183 34.76 -30.93 -45.04
C SER B 1183 35.27 -31.59 -43.75
N LEU B 1184 35.69 -30.76 -42.81
CA LEU B 1184 36.21 -31.23 -41.52
C LEU B 1184 35.12 -31.84 -40.64
N LEU B 1185 33.95 -31.19 -40.59
CA LEU B 1185 32.79 -31.75 -39.93
C LEU B 1185 32.39 -33.10 -40.52
N ALA B 1186 32.42 -33.20 -41.86
CA ALA B 1186 32.12 -34.47 -42.53
C ALA B 1186 33.12 -35.57 -42.17
N HIS B 1187 34.40 -35.21 -42.11
CA HIS B 1187 35.44 -36.13 -41.69
C HIS B 1187 35.23 -36.59 -40.25
N LEU B 1188 34.82 -35.68 -39.38
CA LEU B 1188 34.62 -36.00 -37.96
C LEU B 1188 33.31 -36.77 -37.68
N GLY B 1189 32.41 -36.79 -38.66
CA GLY B 1189 31.14 -37.47 -38.52
C GLY B 1189 30.01 -36.68 -37.88
N TYR B 1190 30.19 -35.37 -37.74
CA TYR B 1190 29.16 -34.50 -37.16
C TYR B 1190 28.54 -33.55 -38.19
N ARG B 1191 27.27 -33.23 -37.98
CA ARG B 1191 26.50 -32.43 -38.91
C ARG B 1191 26.77 -30.92 -38.81
N SER B 1192 27.20 -30.47 -37.64
CA SER B 1192 27.19 -29.05 -37.33
C SER B 1192 28.29 -28.67 -36.33
N LEU B 1193 28.73 -27.42 -36.41
CA LEU B 1193 29.69 -26.86 -35.48
C LEU B 1193 29.15 -26.93 -34.04
N ASP B 1194 27.82 -26.72 -33.89
CA ASP B 1194 27.13 -26.84 -32.59
C ASP B 1194 27.40 -28.17 -31.90
N ASP B 1195 27.63 -29.21 -32.72
CA ASP B 1195 27.89 -30.56 -32.21
C ASP B 1195 29.29 -30.76 -31.66
N ILE B 1196 30.26 -29.96 -32.12
CA ILE B 1196 31.65 -30.20 -31.75
C ILE B 1196 32.27 -29.17 -30.82
N ILE B 1197 31.59 -28.05 -30.58
CA ILE B 1197 32.16 -27.04 -29.69
C ILE B 1197 32.47 -27.62 -28.30
N GLY B 1198 33.72 -27.41 -27.86
CA GLY B 1198 34.19 -27.91 -26.59
C GLY B 1198 34.60 -29.37 -26.50
N ARG B 1199 34.47 -30.12 -27.60
CA ARG B 1199 34.80 -31.55 -27.64
C ARG B 1199 36.31 -31.82 -27.80
N THR B 1200 37.02 -31.47 -26.74
CA THR B 1200 38.46 -31.57 -26.62
C THR B 1200 38.94 -33.05 -26.60
N ASP B 1201 38.00 -33.95 -26.34
CA ASP B 1201 38.26 -35.39 -26.39
C ASP B 1201 38.48 -35.86 -27.84
N LEU B 1202 38.15 -35.01 -28.81
CA LEU B 1202 38.49 -35.29 -30.22
C LEU B 1202 39.88 -34.79 -30.65
N LEU B 1203 40.67 -34.27 -29.72
CA LEU B 1203 42.04 -33.86 -30.03
C LEU B 1203 43.06 -34.90 -29.56
N LYS B 1204 44.19 -34.97 -30.25
CA LYS B 1204 45.34 -35.75 -29.81
C LYS B 1204 46.65 -35.06 -30.20
N VAL B 1205 47.76 -35.50 -29.62
CA VAL B 1205 49.06 -34.94 -29.94
C VAL B 1205 49.55 -35.61 -31.23
N ARG B 1206 49.95 -34.79 -32.20
CA ARG B 1206 50.51 -35.28 -33.47
C ARG B 1206 51.77 -36.09 -33.21
N SER B 1207 51.91 -37.20 -33.92
CA SER B 1207 53.05 -38.09 -33.76
C SER B 1207 54.17 -37.88 -34.79
N ASP B 1208 53.94 -37.02 -35.77
CA ASP B 1208 54.94 -36.75 -36.80
C ASP B 1208 55.73 -35.44 -36.58
N VAL B 1209 55.60 -34.86 -35.39
CA VAL B 1209 56.25 -33.59 -35.06
C VAL B 1209 57.44 -33.79 -34.12
N GLN B 1210 58.64 -33.43 -34.59
CA GLN B 1210 59.82 -33.40 -33.71
C GLN B 1210 60.27 -31.95 -33.54
N LEU B 1211 60.31 -31.49 -32.29
CA LEU B 1211 60.75 -30.12 -32.02
C LEU B 1211 62.28 -30.03 -32.04
N SER B 1212 62.77 -28.87 -32.47
CA SER B 1212 64.20 -28.57 -32.57
C SER B 1212 64.89 -28.46 -31.20
N LYS B 1213 64.20 -27.83 -30.25
CA LYS B 1213 64.80 -27.37 -29.00
C LYS B 1213 64.55 -28.21 -27.74
N THR B 1214 63.47 -29.00 -27.72
CA THR B 1214 63.15 -29.95 -26.63
C THR B 1214 62.52 -31.19 -27.17
N GLN B 1215 62.35 -32.18 -26.31
CA GLN B 1215 61.71 -33.44 -26.69
C GLN B 1215 60.23 -33.23 -27.02
N ASN B 1216 59.49 -32.61 -26.11
CA ASN B 1216 58.05 -32.46 -26.28
C ASN B 1216 57.51 -31.39 -25.37
N LEU B 1217 56.30 -30.95 -25.66
CA LEU B 1217 55.55 -30.08 -24.78
C LEU B 1217 54.55 -30.91 -23.97
N THR B 1218 54.06 -30.33 -22.87
CA THR B 1218 52.97 -30.89 -22.08
C THR B 1218 51.69 -30.16 -22.44
N LEU B 1219 50.71 -30.90 -22.95
CA LEU B 1219 49.51 -30.28 -23.50
C LEU B 1219 48.19 -30.61 -22.77
N ASP B 1220 48.31 -31.09 -21.52
CA ASP B 1220 47.14 -31.25 -20.63
C ASP B 1220 46.26 -29.99 -20.57
N CYS B 1221 46.89 -28.81 -20.60
CA CYS B 1221 46.15 -27.55 -20.52
C CYS B 1221 45.14 -27.43 -21.67
N LEU B 1222 45.46 -28.04 -22.81
CA LEU B 1222 44.60 -27.99 -23.97
C LEU B 1222 43.64 -29.16 -24.08
N LEU B 1223 44.06 -30.33 -23.58
CA LEU B 1223 43.26 -31.53 -23.69
C LEU B 1223 42.35 -31.83 -22.49
N ASN B 1224 42.73 -31.36 -21.30
CA ASN B 1224 41.96 -31.71 -20.09
C ASN B 1224 40.85 -30.68 -19.81
N LEU B 1225 39.81 -30.73 -20.64
CA LEU B 1225 38.67 -29.83 -20.51
C LEU B 1225 37.46 -30.64 -20.04
N PRO B 1226 36.45 -30.00 -19.43
CA PRO B 1226 35.27 -30.72 -18.94
C PRO B 1226 34.61 -31.51 -20.06
N ASP B 1227 34.11 -32.71 -19.74
CA ASP B 1227 33.44 -33.53 -20.75
C ASP B 1227 32.15 -32.85 -21.20
N THR B 1228 31.88 -33.00 -22.49
CA THR B 1228 30.93 -32.18 -23.16
C THR B 1228 30.17 -33.05 -24.20
N LYS B 1229 30.41 -34.36 -24.11
CA LYS B 1229 29.73 -35.37 -24.94
C LYS B 1229 28.21 -35.40 -24.78
N GLN B 1230 27.73 -35.33 -23.52
CA GLN B 1230 26.28 -35.29 -23.23
C GLN B 1230 25.84 -33.91 -22.73
N ASN B 1231 26.65 -33.29 -21.88
CA ASN B 1231 26.36 -31.99 -21.31
C ASN B 1231 26.60 -30.85 -22.30
N ARG B 1232 25.52 -30.35 -22.92
CA ARG B 1232 25.65 -29.34 -23.99
C ARG B 1232 24.71 -28.14 -23.84
N GLN B 1233 23.97 -28.06 -22.72
CA GLN B 1233 22.97 -27.00 -22.54
C GLN B 1233 23.57 -25.58 -22.36
N TRP B 1234 24.86 -25.51 -22.02
CA TRP B 1234 25.60 -24.24 -21.94
C TRP B 1234 25.68 -23.51 -23.30
N LEU B 1235 25.31 -24.21 -24.37
CA LEU B 1235 25.29 -23.62 -25.71
C LEU B 1235 24.03 -22.77 -25.95
N ASN B 1236 23.03 -22.94 -25.08
CA ASN B 1236 21.81 -22.15 -25.21
C ASN B 1236 21.94 -20.91 -24.34
N HIS B 1237 22.00 -19.76 -24.99
CA HIS B 1237 22.13 -18.48 -24.30
C HIS B 1237 20.82 -17.70 -24.34
N GLU B 1238 20.55 -16.95 -23.27
CA GLU B 1238 19.46 -15.95 -23.28
C GLU B 1238 19.78 -14.95 -24.40
N PRO B 1239 18.76 -14.45 -25.14
CA PRO B 1239 19.02 -13.50 -26.22
C PRO B 1239 19.86 -12.26 -25.79
N VAL B 1240 19.51 -11.58 -24.69
CA VAL B 1240 20.32 -10.48 -24.12
C VAL B 1240 19.99 -10.39 -22.63
N HIS B 1241 20.99 -10.23 -21.77
CA HIS B 1241 20.70 -10.07 -20.34
C HIS B 1241 20.07 -8.71 -20.00
N SER B 1242 19.16 -8.72 -19.03
CA SER B 1242 18.43 -7.52 -18.58
C SER B 1242 19.09 -6.83 -17.37
N ASN B 1243 18.88 -5.52 -17.25
CA ASN B 1243 19.26 -4.77 -16.06
C ASN B 1243 18.28 -5.02 -14.91
N GLY B 1244 17.18 -5.70 -15.19
CA GLY B 1244 16.05 -5.76 -14.28
C GLY B 1244 15.27 -4.45 -14.29
N PRO B 1245 14.25 -4.32 -13.43
CA PRO B 1245 13.42 -3.10 -13.37
C PRO B 1245 14.27 -1.87 -13.04
N VAL B 1246 13.96 -0.77 -13.72
CA VAL B 1246 14.81 0.40 -13.66
C VAL B 1246 13.86 1.63 -13.62
N LEU B 1247 14.26 2.69 -12.91
CA LEU B 1247 13.43 3.90 -12.85
C LEU B 1247 13.03 4.46 -14.23
N ASP B 1248 13.98 4.48 -15.18
CA ASP B 1248 13.70 4.90 -16.55
C ASP B 1248 12.51 4.16 -17.18
N ASP B 1249 12.29 2.91 -16.76
CA ASP B 1249 11.14 2.15 -17.25
C ASP B 1249 9.81 2.80 -16.86
N ASP B 1250 9.73 3.34 -15.64
CA ASP B 1250 8.54 4.04 -15.17
C ASP B 1250 8.40 5.38 -15.88
N ILE B 1251 9.53 6.04 -16.11
CA ILE B 1251 9.55 7.30 -16.86
C ILE B 1251 9.05 7.08 -18.28
N LEU B 1252 9.60 6.09 -18.98
CA LEU B 1252 9.18 5.81 -20.35
C LEU B 1252 7.74 5.30 -20.47
N ALA B 1253 7.21 4.74 -19.39
CA ALA B 1253 5.83 4.24 -19.37
C ALA B 1253 4.80 5.36 -19.21
N ASP B 1254 5.25 6.53 -18.74
CA ASP B 1254 4.38 7.71 -18.55
C ASP B 1254 3.87 8.20 -19.92
N PRO B 1255 2.55 8.30 -20.08
CA PRO B 1255 1.96 8.74 -21.36
C PRO B 1255 2.43 10.14 -21.79
N ASP B 1256 2.71 11.02 -20.83
CA ASP B 1256 3.24 12.36 -21.13
C ASP B 1256 4.63 12.30 -21.77
N ILE B 1257 5.47 11.35 -21.35
CA ILE B 1257 6.82 11.21 -21.86
C ILE B 1257 6.76 10.63 -23.27
N GLN B 1258 5.88 9.65 -23.44
CA GLN B 1258 5.69 9.05 -24.76
C GLN B 1258 5.25 10.12 -25.77
N GLU B 1259 4.32 10.95 -25.35
CA GLU B 1259 3.80 12.04 -26.19
C GLU B 1259 4.92 13.03 -26.57
N ALA B 1260 5.78 13.36 -25.59
CA ALA B 1260 6.90 14.27 -25.83
C ALA B 1260 7.88 13.70 -26.84
N ILE B 1261 8.25 12.43 -26.68
CA ILE B 1261 9.11 11.76 -27.65
C ILE B 1261 8.46 11.72 -29.04
N ASN B 1262 7.23 11.20 -29.12
CA ASN B 1262 6.57 11.00 -30.42
C ASN B 1262 6.16 12.27 -31.16
N HIS B 1263 5.67 13.27 -30.42
CA HIS B 1263 5.22 14.51 -31.02
C HIS B 1263 6.19 15.69 -30.89
N GLN B 1264 7.34 15.46 -30.27
CA GLN B 1264 8.40 16.49 -30.13
C GLN B 1264 7.91 17.70 -29.32
N THR B 1265 7.23 17.35 -28.24
CA THR B 1265 6.49 18.23 -27.37
C THR B 1265 7.31 18.48 -26.08
N THR B 1266 6.73 19.26 -25.15
CA THR B 1266 7.27 19.55 -23.82
C THR B 1266 6.67 18.63 -22.73
N ALA B 1267 7.53 18.10 -21.87
CA ALA B 1267 7.08 17.38 -20.68
C ALA B 1267 7.99 17.65 -19.47
N THR B 1268 7.39 17.58 -18.27
CA THR B 1268 8.09 17.81 -17.00
C THR B 1268 7.65 16.82 -15.96
N LYS B 1269 8.60 16.22 -15.26
CA LYS B 1269 8.32 15.18 -14.27
C LYS B 1269 9.29 15.31 -13.11
N THR B 1270 8.88 14.84 -11.94
CA THR B 1270 9.72 14.89 -10.75
C THR B 1270 9.71 13.53 -10.07
N TYR B 1271 10.90 13.06 -9.69
CA TYR B 1271 11.06 11.76 -9.02
C TYR B 1271 12.06 11.82 -7.87
N ARG B 1272 11.79 11.05 -6.83
CA ARG B 1272 12.79 10.76 -5.80
C ARG B 1272 13.77 9.69 -6.28
N LEU B 1273 15.04 9.86 -5.94
CA LEU B 1273 16.14 8.97 -6.37
C LEU B 1273 16.85 8.45 -5.14
N VAL B 1274 17.37 7.23 -5.23
CA VAL B 1274 18.33 6.71 -4.24
C VAL B 1274 19.56 6.16 -4.99
N ASN B 1275 20.64 5.87 -4.26
CA ASN B 1275 21.92 5.51 -4.90
C ASN B 1275 21.87 4.22 -5.74
N THR B 1276 20.85 3.39 -5.49
CA THR B 1276 20.51 2.23 -6.34
C THR B 1276 19.99 2.59 -7.70
N ASP B 1277 19.50 3.83 -7.85
CA ASP B 1277 19.04 4.30 -9.17
C ASP B 1277 20.23 4.76 -9.98
N ARG B 1278 20.68 3.89 -10.88
CA ARG B 1278 21.87 4.11 -11.67
C ARG B 1278 21.53 4.41 -13.12
N THR B 1279 22.43 5.16 -13.77
CA THR B 1279 22.32 5.47 -15.20
C THR B 1279 20.97 6.14 -15.52
N VAL B 1280 20.50 7.01 -14.64
CA VAL B 1280 19.18 7.58 -14.88
C VAL B 1280 19.19 8.62 -16.00
N GLY B 1281 18.13 8.57 -16.81
CA GLY B 1281 17.99 9.40 -17.99
C GLY B 1281 18.44 8.69 -19.27
N THR B 1282 19.38 7.78 -19.10
CA THR B 1282 20.04 7.12 -20.21
C THR B 1282 19.15 6.25 -21.12
N ARG B 1283 18.20 5.51 -20.53
CA ARG B 1283 17.30 4.72 -21.36
C ARG B 1283 16.38 5.62 -22.19
N LEU B 1284 16.02 6.76 -21.61
CA LEU B 1284 15.27 7.77 -22.35
C LEU B 1284 16.10 8.36 -23.51
N SER B 1285 17.38 8.67 -23.28
CA SER B 1285 18.26 9.17 -24.36
C SER B 1285 18.30 8.18 -25.50
N GLY B 1286 18.43 6.89 -25.16
CA GLY B 1286 18.45 5.82 -26.14
C GLY B 1286 17.20 5.78 -26.98
N ALA B 1287 16.05 5.95 -26.33
CA ALA B 1287 14.78 5.93 -27.04
C ALA B 1287 14.68 7.09 -28.03
N ILE B 1288 15.06 8.30 -27.61
CA ILE B 1288 15.08 9.49 -28.48
C ILE B 1288 16.06 9.30 -29.66
N ALA B 1289 17.29 8.86 -29.37
CA ALA B 1289 18.33 8.67 -30.39
C ALA B 1289 17.96 7.60 -31.40
N LYS B 1290 17.26 6.56 -30.93
CA LYS B 1290 16.80 5.51 -31.83
C LYS B 1290 15.85 6.10 -32.90
N LYS B 1291 15.02 7.06 -32.48
CA LYS B 1291 14.04 7.64 -33.40
C LYS B 1291 14.59 8.81 -34.24
N TYR B 1292 15.48 9.60 -33.63
CA TYR B 1292 15.86 10.92 -34.15
C TYR B 1292 17.38 11.13 -34.37
N GLY B 1293 18.22 10.15 -34.04
CA GLY B 1293 19.65 10.39 -33.97
C GLY B 1293 20.04 11.33 -32.83
N ASN B 1294 21.24 11.87 -32.87
CA ASN B 1294 21.71 12.77 -31.81
C ASN B 1294 21.04 14.14 -31.83
N ASN B 1295 20.59 14.58 -33.00
CA ASN B 1295 20.22 16.00 -33.22
C ASN B 1295 18.87 16.28 -33.88
N GLY B 1296 18.04 15.26 -34.09
CA GLY B 1296 16.77 15.46 -34.79
C GLY B 1296 15.62 15.85 -33.88
N PHE B 1297 15.75 15.57 -32.59
CA PHE B 1297 14.67 15.82 -31.60
C PHE B 1297 14.43 17.32 -31.35
N GLU B 1298 13.20 17.75 -31.56
CA GLU B 1298 12.83 19.14 -31.34
C GLU B 1298 12.07 19.36 -30.03
N GLY B 1299 11.88 18.28 -29.27
CA GLY B 1299 11.14 18.35 -28.03
C GLY B 1299 11.98 18.80 -26.86
N ASN B 1300 11.35 18.83 -25.69
CA ASN B 1300 11.99 19.32 -24.49
C ASN B 1300 11.43 18.56 -23.28
N ILE B 1301 12.21 17.60 -22.79
CA ILE B 1301 11.83 16.86 -21.59
C ILE B 1301 12.69 17.33 -20.42
N THR B 1302 12.00 17.72 -19.34
CA THR B 1302 12.64 18.15 -18.11
C THR B 1302 12.37 17.14 -17.01
N LEU B 1303 13.43 16.56 -16.47
CA LEU B 1303 13.33 15.65 -15.34
C LEU B 1303 14.00 16.19 -14.08
N ASN B 1304 13.19 16.37 -13.06
CA ASN B 1304 13.65 16.85 -11.77
C ASN B 1304 13.78 15.69 -10.76
N PHE B 1305 14.98 15.49 -10.23
CA PHE B 1305 15.24 14.43 -9.27
C PHE B 1305 15.67 15.01 -7.92
N GLN B 1306 15.34 14.29 -6.84
CA GLN B 1306 15.73 14.68 -5.51
C GLN B 1306 16.30 13.44 -4.81
N GLY B 1307 17.52 13.58 -4.27
CA GLY B 1307 18.15 12.47 -3.56
C GLY B 1307 19.61 12.31 -3.95
N ALA B 1308 20.17 11.14 -3.62
CA ALA B 1308 21.53 10.80 -4.04
C ALA B 1308 21.50 9.87 -5.25
N ALA B 1309 21.95 10.36 -6.39
CA ALA B 1309 21.96 9.59 -7.63
C ALA B 1309 23.06 8.57 -7.62
N GLY B 1310 22.77 7.38 -8.14
CA GLY B 1310 23.80 6.37 -8.34
C GLY B 1310 24.73 6.72 -9.49
N GLN B 1311 25.65 5.82 -9.78
CA GLN B 1311 26.60 5.96 -10.89
C GLN B 1311 25.95 6.31 -12.21
N SER B 1312 26.66 7.11 -13.01
CA SER B 1312 26.30 7.37 -14.40
C SER B 1312 25.00 8.19 -14.57
N PHE B 1313 24.69 9.04 -13.60
CA PHE B 1313 23.58 9.98 -13.72
C PHE B 1313 23.70 10.85 -14.97
N GLY B 1314 22.69 10.78 -15.84
CA GLY B 1314 22.68 11.54 -17.08
C GLY B 1314 23.63 11.08 -18.17
N ALA B 1315 24.14 9.85 -18.07
CA ALA B 1315 25.01 9.30 -19.12
C ALA B 1315 24.35 9.43 -20.49
N PHE B 1316 25.14 9.82 -21.48
CA PHE B 1316 24.66 9.89 -22.86
C PHE B 1316 23.45 10.82 -23.08
N ASN B 1317 23.37 11.86 -22.25
CA ASN B 1317 22.31 12.86 -22.39
C ASN B 1317 22.32 13.52 -23.77
N LEU B 1318 21.13 13.83 -24.28
CA LEU B 1318 20.96 14.42 -25.63
C LEU B 1318 20.30 15.80 -25.55
N ASP B 1319 20.50 16.62 -26.58
CA ASP B 1319 19.71 17.84 -26.70
C ASP B 1319 18.22 17.51 -26.57
N GLY B 1320 17.48 18.38 -25.89
CA GLY B 1320 16.06 18.14 -25.63
C GLY B 1320 15.80 17.46 -24.30
N MET B 1321 16.86 17.10 -23.59
CA MET B 1321 16.73 16.59 -22.22
C MET B 1321 17.42 17.48 -21.18
N THR B 1322 16.64 17.88 -20.20
CA THR B 1322 17.11 18.73 -19.12
C THR B 1322 16.97 17.94 -17.82
N LEU B 1323 18.10 17.57 -17.22
CA LEU B 1323 18.06 16.82 -15.97
C LEU B 1323 18.50 17.69 -14.78
N HIS B 1324 17.62 17.80 -13.78
CA HIS B 1324 17.93 18.58 -12.57
C HIS B 1324 18.05 17.61 -11.42
N LEU B 1325 19.10 17.75 -10.60
CA LEU B 1325 19.27 16.89 -9.44
C LEU B 1325 19.51 17.75 -8.22
N GLN B 1326 18.64 17.61 -7.22
CA GLN B 1326 18.83 18.27 -5.94
C GLN B 1326 19.29 17.20 -4.95
N GLY B 1327 20.53 17.33 -4.46
CA GLY B 1327 21.13 16.34 -3.57
C GLY B 1327 22.60 16.18 -3.90
N GLU B 1328 22.98 14.97 -4.33
CA GLU B 1328 24.36 14.70 -4.78
C GLU B 1328 24.39 13.52 -5.75
N ALA B 1329 25.51 13.35 -6.45
CA ALA B 1329 25.65 12.22 -7.34
C ALA B 1329 26.95 11.46 -7.12
N ASN B 1330 26.95 10.21 -7.52
CA ASN B 1330 28.16 9.43 -7.44
C ASN B 1330 29.03 9.58 -8.71
N ASP B 1331 29.72 8.54 -9.15
CA ASP B 1331 30.67 8.73 -10.27
C ASP B 1331 30.04 8.84 -11.65
N TYR B 1332 30.83 9.38 -12.59
CA TYR B 1332 30.51 9.33 -14.02
C TYR B 1332 29.27 10.13 -14.42
N VAL B 1333 29.02 11.24 -13.74
CA VAL B 1333 27.92 12.10 -14.11
C VAL B 1333 28.15 12.56 -15.55
N GLY B 1334 27.12 12.44 -16.39
CA GLY B 1334 27.23 12.85 -17.79
C GLY B 1334 28.28 12.12 -18.61
N LYS B 1335 28.57 10.86 -18.25
CA LYS B 1335 29.46 10.00 -19.03
C LYS B 1335 28.94 9.94 -20.46
N GLY B 1336 29.79 10.24 -21.45
CA GLY B 1336 29.36 10.19 -22.84
C GLY B 1336 28.26 11.18 -23.23
N MET B 1337 28.03 12.20 -22.41
CA MET B 1337 27.00 13.20 -22.69
C MET B 1337 27.16 13.79 -24.11
N ASN B 1338 26.05 13.95 -24.84
CA ASN B 1338 26.11 14.44 -26.21
C ASN B 1338 25.44 15.81 -26.38
N GLY B 1339 24.53 16.14 -25.46
CA GLY B 1339 23.81 17.39 -25.56
C GLY B 1339 22.93 17.57 -24.34
N GLY B 1340 22.10 18.60 -24.38
CA GLY B 1340 21.18 18.87 -23.28
C GLY B 1340 21.85 19.50 -22.07
N GLU B 1341 21.19 19.43 -20.92
CA GLU B 1341 21.70 20.05 -19.72
C GLU B 1341 21.54 19.16 -18.49
N ILE B 1342 22.60 19.09 -17.70
CA ILE B 1342 22.56 18.48 -16.36
C ILE B 1342 22.89 19.54 -15.32
N VAL B 1343 22.04 19.65 -14.32
CA VAL B 1343 22.14 20.70 -13.33
C VAL B 1343 22.05 20.09 -11.93
N ILE B 1344 23.10 20.24 -11.13
CA ILE B 1344 23.16 19.59 -9.83
C ILE B 1344 23.38 20.61 -8.71
N VAL B 1345 22.51 20.54 -7.70
CA VAL B 1345 22.51 21.51 -6.61
C VAL B 1345 22.28 20.74 -5.30
N PRO B 1346 22.74 21.29 -4.17
CA PRO B 1346 22.50 20.64 -2.88
C PRO B 1346 21.05 20.82 -2.42
N HIS B 1347 20.63 20.04 -1.45
CA HIS B 1347 19.32 20.21 -0.83
C HIS B 1347 19.20 21.61 -0.20
N PRO B 1348 18.04 22.26 -0.35
CA PRO B 1348 17.78 23.59 0.22
C PRO B 1348 18.10 23.71 1.71
N GLN B 1349 17.88 22.63 2.45
CA GLN B 1349 18.08 22.65 3.91
C GLN B 1349 19.54 22.52 4.36
N ALA B 1350 20.46 22.22 3.45
CA ALA B 1350 21.89 22.20 3.78
C ALA B 1350 22.37 23.63 4.03
N SER B 1351 23.19 23.81 5.04
CA SER B 1351 23.71 25.15 5.31
C SER B 1351 25.20 25.30 4.97
N PHE B 1352 25.88 24.19 4.66
CA PHE B 1352 27.29 24.24 4.30
C PHE B 1352 27.47 25.01 2.98
N ALA B 1353 28.62 25.69 2.85
CA ALA B 1353 28.93 26.42 1.61
C ALA B 1353 29.12 25.45 0.47
N PRO B 1354 28.25 25.45 -0.54
CA PRO B 1354 28.33 24.43 -1.60
C PRO B 1354 29.70 24.34 -2.29
N GLU B 1355 30.39 25.47 -2.46
CA GLU B 1355 31.69 25.49 -3.19
C GLU B 1355 32.79 24.71 -2.48
N ASP B 1356 32.65 24.53 -1.17
CA ASP B 1356 33.67 23.85 -0.38
C ASP B 1356 33.38 22.37 -0.27
N ASN B 1357 32.29 21.93 -0.89
CA ASN B 1357 31.81 20.56 -0.65
C ASN B 1357 31.59 19.71 -1.90
N VAL B 1358 31.89 18.42 -1.77
CA VAL B 1358 31.80 17.48 -2.88
C VAL B 1358 30.34 17.21 -3.20
N ILE B 1359 29.99 17.31 -4.48
CA ILE B 1359 28.62 17.02 -4.94
C ILE B 1359 28.57 15.99 -6.08
N ILE B 1360 29.73 15.74 -6.69
CA ILE B 1360 29.83 14.86 -7.84
C ILE B 1360 31.16 14.09 -7.75
N GLY B 1361 31.23 12.92 -8.40
CA GLY B 1361 32.35 11.99 -8.25
C GLY B 1361 33.43 12.04 -9.31
N ASN B 1362 33.96 10.86 -9.60
CA ASN B 1362 35.11 10.69 -10.49
C ASN B 1362 34.69 10.56 -11.93
N THR B 1363 35.58 10.94 -12.85
CA THR B 1363 35.43 10.61 -14.27
C THR B 1363 34.09 11.15 -14.85
N CYS B 1364 33.68 12.33 -14.38
CA CYS B 1364 32.48 12.94 -14.92
C CYS B 1364 32.80 13.50 -16.32
N LEU B 1365 31.79 13.47 -17.20
CA LEU B 1365 31.90 13.93 -18.59
C LEU B 1365 32.90 13.13 -19.44
N TYR B 1366 33.22 11.92 -19.00
CA TYR B 1366 34.14 11.04 -19.71
C TYR B 1366 33.71 10.92 -21.16
N GLY B 1367 34.55 11.39 -22.08
CA GLY B 1367 34.24 11.22 -23.48
C GLY B 1367 33.06 12.02 -23.99
N ALA B 1368 32.69 13.09 -23.28
CA ALA B 1368 31.55 13.93 -23.68
C ALA B 1368 31.75 14.54 -25.06
N THR B 1369 30.66 14.54 -25.82
CA THR B 1369 30.69 14.99 -27.20
C THR B 1369 29.78 16.22 -27.37
N GLY B 1370 29.38 16.79 -26.24
CA GLY B 1370 28.55 17.99 -26.24
C GLY B 1370 27.83 18.08 -24.92
N GLY B 1371 26.89 19.03 -24.80
CA GLY B 1371 26.10 19.20 -23.58
C GLY B 1371 26.76 20.15 -22.60
N ASN B 1372 25.98 20.57 -21.59
CA ASN B 1372 26.42 21.51 -20.57
C ASN B 1372 26.07 20.90 -19.22
N LEU B 1373 27.05 20.85 -18.34
CA LEU B 1373 26.85 20.45 -16.94
C LEU B 1373 27.14 21.63 -16.00
N TYR B 1374 26.26 21.83 -15.02
CA TYR B 1374 26.43 22.86 -14.02
C TYR B 1374 26.24 22.17 -12.68
N ALA B 1375 27.33 22.06 -11.92
CA ALA B 1375 27.31 21.48 -10.58
C ALA B 1375 27.71 22.51 -9.52
N ASN B 1376 26.79 22.79 -8.61
CA ASN B 1376 27.03 23.71 -7.51
C ASN B 1376 27.82 23.01 -6.40
N GLY B 1377 29.07 22.66 -6.69
CA GLY B 1377 29.91 21.96 -5.72
C GLY B 1377 31.12 21.34 -6.39
N ARG B 1378 31.88 20.54 -5.64
CA ARG B 1378 33.13 19.98 -6.14
C ARG B 1378 32.98 18.59 -6.77
N ALA B 1379 33.86 18.32 -7.73
CA ALA B 1379 34.03 17.01 -8.34
C ALA B 1379 35.26 16.21 -7.84
N GLY B 1380 35.33 14.94 -8.23
CA GLY B 1380 36.42 14.05 -7.88
C GLY B 1380 37.55 14.11 -8.90
N GLU B 1381 38.22 12.99 -9.17
CA GLU B 1381 39.33 13.08 -10.15
C GLU B 1381 38.86 12.93 -11.58
N ARG B 1382 39.76 13.27 -12.51
CA ARG B 1382 39.51 13.00 -13.94
C ARG B 1382 38.23 13.70 -14.40
N PHE B 1383 37.98 14.89 -13.85
CA PHE B 1383 36.85 15.66 -14.35
C PHE B 1383 37.08 16.05 -15.80
N ALA B 1384 36.07 15.77 -16.62
CA ALA B 1384 36.11 15.98 -18.06
C ALA B 1384 37.27 15.20 -18.75
N VAL B 1385 37.55 13.99 -18.27
CA VAL B 1385 38.76 13.21 -18.63
C VAL B 1385 39.28 13.33 -20.07
N ARG B 1386 38.44 12.76 -20.94
CA ARG B 1386 38.60 12.67 -22.39
C ARG B 1386 37.45 13.50 -23.02
N ASN B 1387 37.22 14.70 -22.49
CA ASN B 1387 36.16 15.57 -23.00
C ASN B 1387 36.45 15.97 -24.45
N SER B 1388 35.45 15.86 -25.32
CA SER B 1388 35.61 16.23 -26.72
C SER B 1388 34.89 17.53 -27.07
N VAL B 1389 33.67 17.73 -26.58
CA VAL B 1389 32.93 18.97 -26.85
C VAL B 1389 32.00 19.39 -25.70
N GLY B 1390 32.09 18.72 -24.55
CA GLY B 1390 31.31 19.11 -23.39
C GLY B 1390 31.69 20.48 -22.83
N LYS B 1391 30.71 21.18 -22.26
CA LYS B 1391 30.97 22.40 -21.50
C LYS B 1391 30.52 22.15 -20.07
N ALA B 1392 31.26 22.67 -19.10
CA ALA B 1392 30.85 22.53 -17.70
C ALA B 1392 31.33 23.66 -16.79
N VAL B 1393 30.58 23.87 -15.71
CA VAL B 1393 31.00 24.78 -14.65
C VAL B 1393 30.83 24.01 -13.34
N ILE B 1394 31.94 23.85 -12.63
CA ILE B 1394 31.95 23.22 -11.31
C ILE B 1394 32.72 24.11 -10.34
N GLU B 1395 32.81 23.72 -9.07
CA GLU B 1395 33.37 24.62 -8.06
C GLU B 1395 34.61 24.07 -7.37
N GLY B 1396 35.21 23.04 -7.95
CA GLY B 1396 36.46 22.48 -7.44
C GLY B 1396 36.59 21.05 -7.94
N ALA B 1397 37.81 20.49 -7.90
CA ALA B 1397 38.05 19.14 -8.37
C ALA B 1397 39.27 18.50 -7.70
N GLY B 1398 39.37 17.17 -7.84
CA GLY B 1398 40.56 16.45 -7.44
C GLY B 1398 41.61 16.48 -8.54
N ASP B 1399 42.41 15.42 -8.62
CA ASP B 1399 43.55 15.37 -9.55
C ASP B 1399 43.08 15.13 -10.98
N HIS B 1400 43.98 15.44 -11.93
CA HIS B 1400 43.84 15.07 -13.35
C HIS B 1400 42.68 15.76 -14.09
N CYS B 1401 42.38 16.99 -13.72
CA CYS B 1401 41.30 17.72 -14.36
C CYS B 1401 41.62 17.93 -15.85
N CYS B 1402 40.60 17.72 -16.70
CA CYS B 1402 40.71 17.86 -18.15
C CYS B 1402 41.72 16.89 -18.78
N GLU B 1403 42.04 15.80 -18.10
CA GLU B 1403 43.08 14.86 -18.59
C GLU B 1403 43.12 14.55 -20.10
N TYR B 1404 42.13 14.02 -20.74
CA TYR B 1404 42.59 13.83 -22.17
C TYR B 1404 41.86 14.77 -23.13
N MET B 1405 41.55 15.97 -22.65
CA MET B 1405 40.61 16.86 -23.33
C MET B 1405 41.07 17.31 -24.72
N THR B 1406 40.15 17.23 -25.70
CA THR B 1406 40.43 17.66 -27.06
C THR B 1406 39.54 18.81 -27.56
N GLY B 1407 38.57 19.23 -26.76
CA GLY B 1407 37.66 20.30 -27.17
C GLY B 1407 36.72 20.66 -26.04
N GLY B 1408 35.81 21.59 -26.29
CA GLY B 1408 34.91 22.03 -25.23
C GLY B 1408 35.52 23.08 -24.33
N VAL B 1409 34.81 23.37 -23.25
CA VAL B 1409 35.14 24.48 -22.38
C VAL B 1409 34.73 24.10 -20.96
N ILE B 1410 35.70 24.16 -20.05
CA ILE B 1410 35.52 23.74 -18.68
C ILE B 1410 35.88 24.91 -17.73
N VAL B 1411 35.00 25.18 -16.76
CA VAL B 1411 35.18 26.27 -15.81
C VAL B 1411 35.19 25.68 -14.38
N VAL B 1412 36.24 25.96 -13.61
CA VAL B 1412 36.38 25.43 -12.26
C VAL B 1412 36.54 26.58 -11.27
N LEU B 1413 35.52 26.80 -10.46
CA LEU B 1413 35.44 27.95 -9.57
C LEU B 1413 35.98 27.65 -8.17
N GLY B 1414 37.05 26.85 -8.10
CA GLY B 1414 37.71 26.57 -6.83
C GLY B 1414 38.90 25.65 -6.99
N PRO B 1415 39.54 25.27 -5.89
CA PRO B 1415 40.81 24.53 -5.97
C PRO B 1415 40.66 23.20 -6.70
N VAL B 1416 41.77 22.81 -7.32
CA VAL B 1416 41.86 21.67 -8.19
C VAL B 1416 43.11 20.92 -7.71
N GLY B 1417 43.16 19.61 -7.92
CA GLY B 1417 44.33 18.80 -7.55
C GLY B 1417 45.43 18.91 -8.60
N ARG B 1418 46.46 18.10 -8.47
CA ARG B 1418 47.63 18.14 -9.35
C ARG B 1418 47.45 17.38 -10.67
N ASN B 1419 48.43 17.51 -11.58
CA ASN B 1419 48.36 16.89 -12.90
C ASN B 1419 47.23 17.44 -13.79
N VAL B 1420 46.93 18.74 -13.66
CA VAL B 1420 45.91 19.39 -14.50
C VAL B 1420 46.38 19.42 -15.97
N GLY B 1421 45.46 19.10 -16.88
CA GLY B 1421 45.70 19.20 -18.31
C GLY B 1421 46.71 18.23 -18.91
N ALA B 1422 46.94 17.09 -18.25
CA ALA B 1422 47.83 16.06 -18.78
C ALA B 1422 47.21 15.49 -20.07
N GLY B 1423 47.97 15.47 -21.17
CA GLY B 1423 47.46 14.97 -22.44
C GLY B 1423 46.33 15.79 -23.05
N MET B 1424 46.13 17.01 -22.56
CA MET B 1424 45.06 17.86 -23.03
C MET B 1424 45.56 18.60 -24.26
N THR B 1425 44.81 18.51 -25.34
CA THR B 1425 45.34 18.83 -26.63
C THR B 1425 44.43 19.80 -27.39
N GLY B 1426 43.27 20.08 -26.80
CA GLY B 1426 42.26 20.89 -27.44
C GLY B 1426 41.30 21.42 -26.41
N GLY B 1427 40.49 22.41 -26.79
CA GLY B 1427 39.56 23.04 -25.87
C GLY B 1427 40.25 24.00 -24.93
N LEU B 1428 39.46 24.60 -24.04
CA LEU B 1428 39.93 25.63 -23.15
C LEU B 1428 39.35 25.38 -21.79
N ALA B 1429 40.13 25.69 -20.76
CA ALA B 1429 39.69 25.52 -19.38
C ALA B 1429 40.05 26.74 -18.56
N TYR B 1430 39.17 27.11 -17.63
CA TYR B 1430 39.35 28.30 -16.80
C TYR B 1430 39.37 27.89 -15.34
N PHE B 1431 40.37 28.36 -14.59
CA PHE B 1431 40.52 27.93 -13.20
C PHE B 1431 40.66 29.12 -12.31
N LEU B 1432 39.77 29.22 -11.33
CA LEU B 1432 39.87 30.31 -10.35
C LEU B 1432 40.95 29.91 -9.34
N ASP B 1433 41.97 30.74 -9.19
CA ASP B 1433 42.97 30.39 -8.17
C ASP B 1433 43.27 31.48 -7.15
N GLU B 1434 42.55 31.39 -6.03
CA GLU B 1434 42.62 32.39 -4.96
C GLU B 1434 43.75 32.11 -3.99
N VAL B 1435 44.39 30.95 -4.15
CA VAL B 1435 45.49 30.55 -3.26
C VAL B 1435 46.82 30.90 -3.90
N GLY B 1436 46.92 30.67 -5.21
CA GLY B 1436 48.08 31.07 -5.98
C GLY B 1436 48.99 29.92 -6.37
N ASP B 1437 48.63 28.70 -6.00
CA ASP B 1437 49.52 27.56 -6.23
C ASP B 1437 49.20 26.72 -7.49
N LEU B 1438 48.25 27.16 -8.30
CA LEU B 1438 47.92 26.43 -9.54
C LEU B 1438 49.08 26.13 -10.50
N PRO B 1439 49.98 27.10 -10.77
CA PRO B 1439 51.13 26.84 -11.65
C PRO B 1439 51.99 25.63 -11.23
N GLU B 1440 52.05 25.36 -9.93
CA GLU B 1440 52.76 24.19 -9.39
C GLU B 1440 52.01 22.87 -9.70
N LYS B 1441 50.71 22.98 -10.01
CA LYS B 1441 49.83 21.82 -10.10
C LYS B 1441 49.46 21.36 -11.52
N ILE B 1442 49.93 22.10 -12.51
CA ILE B 1442 49.69 21.80 -13.90
C ILE B 1442 50.63 20.70 -14.33
N ASN B 1443 50.19 19.85 -15.25
CA ASN B 1443 51.11 19.04 -16.04
C ASN B 1443 51.64 19.91 -17.20
N PRO B 1444 52.95 20.20 -17.23
CA PRO B 1444 53.49 21.17 -18.19
C PRO B 1444 53.81 20.62 -19.59
N GLU B 1445 53.45 19.36 -19.87
CA GLU B 1445 53.82 18.74 -21.14
C GLU B 1445 53.21 19.44 -22.37
N ILE B 1446 51.97 19.92 -22.27
CA ILE B 1446 51.25 20.48 -23.42
C ILE B 1446 50.67 21.88 -23.17
N ILE B 1447 49.85 22.02 -22.13
CA ILE B 1447 49.15 23.27 -21.92
C ILE B 1447 50.04 24.38 -21.40
N THR B 1448 49.64 25.59 -21.74
CA THR B 1448 50.16 26.81 -21.17
C THR B 1448 49.06 27.42 -20.31
N LEU B 1449 49.44 27.99 -19.16
CA LEU B 1449 48.55 28.79 -18.35
C LEU B 1449 48.79 30.27 -18.65
N GLN B 1450 47.72 31.04 -18.76
CA GLN B 1450 47.85 32.49 -18.93
C GLN B 1450 46.70 33.18 -18.24
N ARG B 1451 46.93 34.44 -17.83
CA ARG B 1451 45.87 35.29 -17.36
C ARG B 1451 44.97 35.63 -18.53
N ILE B 1452 43.70 35.96 -18.24
CA ILE B 1452 42.74 36.24 -19.29
C ILE B 1452 43.01 37.62 -19.86
N THR B 1453 43.47 37.65 -21.11
CA THR B 1453 43.82 38.86 -21.82
C THR B 1453 42.77 39.23 -22.88
N ALA B 1454 42.26 38.21 -23.58
CA ALA B 1454 41.36 38.39 -24.71
C ALA B 1454 39.94 38.71 -24.23
N SER B 1455 39.35 39.79 -24.74
CA SER B 1455 37.99 40.14 -24.35
C SER B 1455 37.02 38.99 -24.62
N LYS B 1456 37.27 38.26 -25.70
CA LYS B 1456 36.45 37.11 -26.03
C LYS B 1456 36.57 35.98 -24.98
N GLY B 1457 37.78 35.77 -24.46
CA GLY B 1457 38.00 34.84 -23.36
C GLY B 1457 37.24 35.28 -22.13
N GLU B 1458 37.34 36.57 -21.78
CA GLU B 1458 36.60 37.16 -20.67
C GLU B 1458 35.09 36.94 -20.81
N GLU B 1459 34.57 37.17 -22.01
CA GLU B 1459 33.15 37.05 -22.27
C GLU B 1459 32.66 35.60 -22.25
N GLN B 1460 33.48 34.67 -22.75
CA GLN B 1460 33.19 33.24 -22.68
C GLN B 1460 33.07 32.76 -21.21
N LEU B 1461 34.04 33.15 -20.39
CA LEU B 1461 34.02 32.79 -18.97
C LEU B 1461 32.78 33.38 -18.27
N LYS B 1462 32.53 34.66 -18.50
CA LYS B 1462 31.46 35.38 -17.83
C LYS B 1462 30.11 34.77 -18.19
N SER B 1463 29.92 34.47 -19.47
CA SER B 1463 28.67 33.89 -19.93
C SER B 1463 28.41 32.50 -19.28
N LEU B 1464 29.45 31.68 -19.17
CA LEU B 1464 29.30 30.37 -18.50
C LEU B 1464 28.93 30.51 -17.03
N ILE B 1465 29.59 31.44 -16.34
CA ILE B 1465 29.31 31.66 -14.93
C ILE B 1465 27.92 32.26 -14.76
N THR B 1466 27.55 33.18 -15.65
CA THR B 1466 26.19 33.74 -15.64
C THR B 1466 25.15 32.63 -15.78
N ALA B 1467 25.36 31.72 -16.72
CA ALA B 1467 24.45 30.59 -16.91
C ALA B 1467 24.43 29.66 -15.69
N HIS B 1468 25.60 29.43 -15.11
CA HIS B 1468 25.72 28.63 -13.90
C HIS B 1468 24.89 29.17 -12.74
N VAL B 1469 24.94 30.49 -12.53
CA VAL B 1469 24.13 31.16 -11.51
C VAL B 1469 22.63 31.08 -11.84
N GLU B 1470 22.29 31.30 -13.11
CA GLU B 1470 20.91 31.20 -13.55
C GLU B 1470 20.31 29.82 -13.25
N HIS B 1471 21.07 28.75 -13.51
CA HIS B 1471 20.59 27.38 -13.32
C HIS B 1471 20.60 26.90 -11.88
N THR B 1472 21.55 27.42 -11.11
CA THR B 1472 22.01 26.84 -9.85
C THR B 1472 21.75 27.73 -8.62
N GLY B 1473 21.78 29.05 -8.82
CA GLY B 1473 21.79 30.01 -7.72
C GLY B 1473 23.13 30.07 -6.98
N SER B 1474 24.18 29.49 -7.56
CA SER B 1474 25.51 29.36 -6.96
C SER B 1474 25.97 30.61 -6.21
N PRO B 1475 26.04 30.53 -4.87
CA PRO B 1475 26.59 31.64 -4.09
C PRO B 1475 28.00 32.07 -4.53
N LYS B 1476 28.88 31.13 -4.87
CA LYS B 1476 30.24 31.48 -5.30
C LYS B 1476 30.18 32.22 -6.64
N GLY B 1477 29.45 31.67 -7.60
CA GLY B 1477 29.19 32.36 -8.86
C GLY B 1477 28.65 33.78 -8.65
N LYS B 1478 27.66 33.90 -7.76
CA LYS B 1478 27.08 35.21 -7.47
C LYS B 1478 28.14 36.15 -6.93
N ALA B 1479 29.03 35.66 -6.07
CA ALA B 1479 30.09 36.50 -5.52
C ALA B 1479 31.05 36.96 -6.61
N ILE B 1480 31.41 36.05 -7.51
CA ILE B 1480 32.33 36.34 -8.59
C ILE B 1480 31.75 37.45 -9.47
N LEU B 1481 30.50 37.24 -9.91
CA LEU B 1481 29.81 38.22 -10.74
C LEU B 1481 29.67 39.59 -10.05
N ALA B 1482 29.40 39.61 -8.75
CA ALA B 1482 29.26 40.87 -8.02
C ALA B 1482 30.55 41.68 -7.88
N ASN B 1483 31.70 41.01 -7.93
CA ASN B 1483 32.99 41.70 -7.87
C ASN B 1483 33.92 41.21 -8.98
N TRP B 1484 33.41 41.32 -10.21
CA TRP B 1484 34.00 40.73 -11.40
C TRP B 1484 35.46 41.18 -11.57
N SER B 1485 35.69 42.48 -11.45
CA SER B 1485 37.03 43.05 -11.55
C SER B 1485 38.06 42.47 -10.59
N ASP B 1486 37.66 42.16 -9.35
CA ASP B 1486 38.58 41.56 -8.39
C ASP B 1486 38.90 40.11 -8.73
N TYR B 1487 37.90 39.36 -9.21
CA TYR B 1487 38.07 37.93 -9.44
C TYR B 1487 38.72 37.58 -10.78
N LEU B 1488 38.49 38.41 -11.80
CA LEU B 1488 38.96 38.12 -13.16
C LEU B 1488 40.48 37.87 -13.19
N GLY B 1489 41.24 38.72 -12.51
CA GLY B 1489 42.69 38.60 -12.43
C GLY B 1489 43.23 37.42 -11.62
N LYS B 1490 42.36 36.71 -10.92
CA LYS B 1490 42.76 35.49 -10.18
C LYS B 1490 42.47 34.19 -10.96
N PHE B 1491 41.86 34.30 -12.14
CA PHE B 1491 41.68 33.16 -13.04
C PHE B 1491 42.94 32.89 -13.84
N TRP B 1492 43.16 31.62 -14.13
CA TRP B 1492 44.13 31.18 -15.12
C TRP B 1492 43.38 30.50 -16.28
N GLN B 1493 43.81 30.77 -17.51
CA GLN B 1493 43.22 30.12 -18.67
C GLN B 1493 44.22 29.09 -19.17
N ALA B 1494 43.78 27.83 -19.26
CA ALA B 1494 44.59 26.75 -19.77
C ALA B 1494 44.43 26.63 -21.28
N VAL B 1495 45.54 26.73 -22.00
CA VAL B 1495 45.55 26.84 -23.45
C VAL B 1495 46.51 25.84 -24.10
N PRO B 1496 45.96 24.84 -24.79
CA PRO B 1496 46.79 23.92 -25.58
C PRO B 1496 47.23 24.59 -26.89
N PRO B 1497 48.31 24.09 -27.48
CA PRO B 1497 48.76 24.58 -28.79
C PRO B 1497 47.97 23.98 -29.94
N SER B 1498 46.66 24.11 -29.88
CA SER B 1498 45.78 24.01 -31.04
C SER B 1498 44.84 25.22 -30.91
N GLU B 1499 44.81 25.79 -29.71
CA GLU B 1499 43.92 26.91 -29.37
C GLU B 1499 44.65 28.27 -29.24
N LYS B 1500 45.97 28.29 -29.47
CA LYS B 1500 46.85 29.48 -29.36
C LYS B 1500 46.28 30.70 -30.08
N ASP B 1501 45.71 30.46 -31.25
CA ASP B 1501 45.25 31.55 -32.09
C ASP B 1501 43.72 31.68 -32.17
N SER B 1502 43.03 31.03 -31.25
CA SER B 1502 41.59 31.23 -31.12
C SER B 1502 41.34 32.63 -30.56
N PRO B 1503 40.21 33.23 -30.92
CA PRO B 1503 39.83 34.53 -30.38
C PRO B 1503 39.72 34.54 -28.84
N GLU B 1504 39.27 33.47 -28.22
CA GLU B 1504 39.11 33.50 -26.76
C GLU B 1504 40.43 33.40 -26.00
N ALA B 1505 41.47 32.91 -26.68
CA ALA B 1505 42.80 32.82 -26.07
C ALA B 1505 43.75 33.94 -26.50
N ASN B 1506 43.44 34.63 -27.59
CA ASN B 1506 44.36 35.61 -28.14
C ASN B 1506 43.64 36.87 -28.64
N ASN B 1507 44.08 38.02 -28.12
CA ASN B 1507 43.66 39.35 -28.60
C ASN B 1507 42.52 39.95 -27.76
N1 FMN C . -49.76 3.00 -1.69
C2 FMN C . -50.43 3.85 -0.86
O2 FMN C . -50.93 3.40 0.15
N3 FMN C . -50.53 5.19 -1.17
C4 FMN C . -49.93 5.74 -2.29
O4 FMN C . -50.48 6.75 -2.75
C4A FMN C . -49.26 4.86 -3.15
N5 FMN C . -48.68 5.30 -4.30
C5A FMN C . -48.31 4.38 -5.28
C6 FMN C . -47.83 4.84 -6.51
C7 FMN C . -47.28 3.93 -7.43
C7M FMN C . -47.03 4.41 -8.83
C8 FMN C . -47.24 2.58 -7.12
C8M FMN C . -47.13 1.54 -8.21
C9 FMN C . -47.70 2.13 -5.88
C9A FMN C . -48.24 3.02 -4.96
N10 FMN C . -48.55 2.59 -3.67
C10 FMN C . -49.18 3.49 -2.84
C1' FMN C . -48.67 1.11 -3.35
C2' FMN C . -49.95 0.46 -3.91
O2' FMN C . -51.06 0.92 -3.17
C3' FMN C . -49.96 -1.08 -3.79
O3' FMN C . -49.91 -1.41 -2.41
C4' FMN C . -48.85 -1.79 -4.59
O4' FMN C . -48.76 -1.23 -5.89
C5' FMN C . -49.13 -3.30 -4.67
O5' FMN C . -48.07 -4.03 -5.25
P FMN C . -47.92 -4.31 -6.84
O1P FMN C . -47.52 -3.00 -7.52
O2P FMN C . -46.90 -5.35 -6.95
O3P FMN C . -49.26 -4.76 -7.42
FE1 F3S D . -43.97 2.35 -16.04
FE3 F3S D . -43.59 4.84 -16.76
FE4 F3S D . -42.88 4.07 -14.25
S1 F3S D . -43.32 3.12 -18.06
S2 F3S D . -42.31 1.96 -14.62
S3 F3S D . -44.93 4.12 -15.12
S4 F3S D . -41.81 5.53 -15.60
C1 AKG E . -45.46 6.43 -3.93
O1 AKG E . -45.19 5.20 -3.51
O2 AKG E . -45.45 6.67 -5.21
C2 AKG E . -45.77 7.57 -2.94
O5 AKG E . -44.96 7.73 -1.89
C3 AKG E . -46.95 8.47 -3.22
C4 AKG E . -47.04 9.49 -2.12
C5 AKG E . -47.54 10.80 -2.66
O3 AKG E . -47.47 11.85 -1.88
O4 AKG E . -48.02 10.98 -3.90
N1 FMN F . 41.35 -4.02 -32.10
C2 FMN F . 40.51 -3.21 -31.37
O2 FMN F . 39.88 -3.67 -30.41
N3 FMN F . 40.36 -1.89 -31.75
C4 FMN F . 41.07 -1.35 -32.80
O4 FMN F . 40.53 -0.36 -33.34
C4A FMN F . 41.89 -2.19 -33.55
N5 FMN F . 42.60 -1.71 -34.64
C5A FMN F . 43.14 -2.62 -35.54
C6 FMN F . 43.71 -2.13 -36.71
C7 FMN F . 44.44 -2.98 -37.53
C7M FMN F . 44.84 -2.48 -38.90
C8 FMN F . 44.58 -4.32 -37.19
C8M FMN F . 45.10 -5.32 -38.17
C9 FMN F . 43.99 -4.81 -36.00
C9A FMN F . 43.28 -3.97 -35.18
N10 FMN F . 42.86 -4.40 -33.91
C10 FMN F . 42.05 -3.53 -33.19
C1' FMN F . 42.82 -5.88 -33.59
C2' FMN F . 41.63 -6.61 -34.20
O2' FMN F . 40.42 -6.15 -33.60
C3' FMN F . 41.71 -8.14 -34.00
O3' FMN F . 41.67 -8.43 -32.60
C4' FMN F . 42.92 -8.78 -34.66
O4' FMN F . 43.16 -8.21 -35.93
C5' FMN F . 42.72 -10.29 -34.86
O5' FMN F . 43.94 -10.94 -35.17
P FMN F . 44.32 -11.25 -36.70
O1P FMN F . 44.70 -9.89 -37.31
O2P FMN F . 45.50 -12.14 -36.69
O3P FMN F . 43.14 -11.81 -37.50
FE1 F3S G . 48.82 -4.42 -45.58
FE3 F3S G . 49.11 -1.89 -46.26
FE4 F3S G . 49.57 -2.59 -43.73
S1 F3S G . 49.73 -3.65 -47.49
S2 F3S G . 50.34 -4.66 -44.00
S3 F3S G . 47.62 -2.71 -44.80
S4 F3S G . 50.66 -1.06 -44.96
C1 AKG H . 45.63 -0.32 -33.82
O1 AKG H . 45.90 -1.49 -33.27
O2 AKG H . 45.83 -0.11 -35.11
C2 AKG H . 45.09 0.84 -32.97
O5 AKG H . 45.66 1.04 -31.77
C3 AKG H . 43.98 1.69 -33.53
C4 AKG H . 43.50 2.65 -32.46
C5 AKG H . 43.07 3.96 -33.04
O3 AKG H . 43.03 4.99 -32.22
O4 AKG H . 42.74 4.14 -34.30
#